data_5TJR
#
_entry.id   5TJR
#
_cell.length_a   115.891
_cell.length_b   156.631
_cell.length_c   192.246
_cell.angle_alpha   90.00
_cell.angle_beta   90.00
_cell.angle_gamma   90.00
#
_symmetry.space_group_name_H-M   'P 21 21 21'
#
loop_
_entity.id
_entity.type
_entity.pdbx_description
1 polymer 'Methylmalonate-semialdehyde dehydrogenase'
2 non-polymer "ADENOSINE-5'-DIPHOSPHATE"
3 water water
#
_entity_poly.entity_id   1
_entity_poly.type   'polypeptide(L)'
_entity_poly.pdbx_seq_one_letter_code
;MRGSHHHHHHGMASMTGGQQMGRDLYDDDDKGSMTLIKHLIGGELIADTGRTADVFNPSTGEAVRKVPLADRETMQQAID
AAKAAFPAWRNTPPAKRAQVLFRFKQLLEANEERIVKLISEEHGKTIEDAAGELKRGIENVEYATAAPEILKGEYSRNVG
PNIDAWSDFQPIGVVAGITPFNFPAMVPLWMYPLAIACGNTFILKPSERDPSSTLLIAELFHEAGLPKGVLNVVHGDKGA
VDALIEAPEVKALSFVGSTPIAEYIYSEGTKRGKRVQALGGAKNHAVLMPDADLDNAVSALMGAAYGSCGERCMAISVAV
CVGDQIADALVQKLVPQIKGLKIGAGTSCGLDMGPLVTGAARDKVTGYIDTGVAQGAELVVDGRGYKVAGHENGFFLGGT
LFDRVTPEMTIYKEEIFGPVLCIVRVNSLEEAMQLINDHEYGNGTCIFTRDGEAARLFCDEIEVGMVGVNVPLPVPVAYH
SFGGWKRSLFGDLHAYGPDGVRFYTKRKAITQRWPQRKSHEAAQFAFPSNS
;
_entity_poly.pdbx_strand_id   A,B,C,D,E,F
#
# COMPACT_ATOMS: atom_id res chain seq x y z
N MET A 34 25.21 34.95 -44.49
CA MET A 34 24.43 34.05 -45.39
C MET A 34 22.97 33.99 -44.91
N THR A 35 22.66 33.02 -44.03
CA THR A 35 21.26 32.80 -43.55
C THR A 35 20.84 33.88 -42.50
N LEU A 36 19.55 33.98 -42.24
CA LEU A 36 19.03 34.75 -41.08
C LEU A 36 18.03 33.88 -40.30
N ILE A 37 18.10 33.94 -38.97
CA ILE A 37 17.26 33.13 -38.09
C ILE A 37 15.98 33.92 -37.79
N LYS A 38 14.85 33.20 -37.86
CA LYS A 38 13.51 33.75 -37.67
C LYS A 38 13.01 33.54 -36.23
N HIS A 39 12.10 34.40 -35.77
CA HIS A 39 11.38 34.20 -34.51
C HIS A 39 10.34 33.09 -34.70
N LEU A 40 9.84 32.54 -33.59
CA LEU A 40 8.75 31.56 -33.64
C LEU A 40 7.58 32.04 -32.80
N ILE A 41 6.91 33.08 -33.25
CA ILE A 41 5.73 33.61 -32.58
C ILE A 41 4.45 33.02 -33.18
N GLY A 42 3.45 32.82 -32.35
CA GLY A 42 2.14 32.34 -32.78
C GLY A 42 2.09 31.15 -33.71
N GLY A 43 3.07 30.26 -33.61
CA GLY A 43 3.10 29.05 -34.46
C GLY A 43 3.72 29.18 -35.85
N GLU A 44 4.08 30.40 -36.26
CA GLU A 44 4.76 30.63 -37.54
C GLU A 44 6.10 31.30 -37.33
N LEU A 45 6.98 31.14 -38.31
CA LEU A 45 8.32 31.75 -38.29
C LEU A 45 8.27 33.16 -38.84
N ILE A 46 8.62 34.15 -38.02
CA ILE A 46 8.56 35.55 -38.40
C ILE A 46 10.01 36.00 -38.74
N ALA A 47 10.12 36.85 -39.76
CA ALA A 47 11.38 37.48 -40.12
C ALA A 47 11.34 38.93 -39.60
N ASP A 48 12.28 39.27 -38.73
CA ASP A 48 12.40 40.63 -38.19
C ASP A 48 13.58 41.27 -38.92
N THR A 49 13.40 42.53 -39.34
CA THR A 49 14.47 43.36 -39.87
C THR A 49 14.39 44.71 -39.14
N GLY A 50 15.47 45.03 -38.44
CA GLY A 50 15.54 46.17 -37.53
C GLY A 50 16.98 46.11 -37.02
N ARG A 51 17.18 46.20 -35.71
CA ARG A 51 18.52 45.92 -35.16
C ARG A 51 18.93 44.48 -35.45
N THR A 52 20.22 44.21 -35.57
CA THR A 52 20.72 42.86 -35.86
C THR A 52 22.19 42.71 -35.47
N ALA A 53 22.52 41.59 -34.82
CA ALA A 53 23.89 41.19 -34.53
C ALA A 53 24.24 39.92 -35.32
N ASP A 54 25.44 39.40 -35.10
CA ASP A 54 25.96 38.29 -35.84
C ASP A 54 26.26 37.12 -34.91
N VAL A 55 25.95 35.91 -35.36
CA VAL A 55 26.37 34.70 -34.68
C VAL A 55 27.69 34.28 -35.29
N PHE A 56 28.72 34.14 -34.46
CA PHE A 56 30.05 33.70 -34.91
C PHE A 56 30.18 32.20 -34.60
N ASN A 57 31.29 31.59 -35.01
CA ASN A 57 31.55 30.19 -34.73
C ASN A 57 32.98 29.96 -34.45
N PRO A 58 33.46 30.27 -33.26
CA PRO A 58 34.88 29.81 -32.92
C PRO A 58 34.98 28.29 -33.03
N SER A 59 36.09 27.75 -33.43
CA SER A 59 37.42 28.35 -33.55
C SER A 59 37.62 29.27 -34.76
N THR A 60 36.69 29.39 -35.69
CA THR A 60 36.86 30.20 -36.92
C THR A 60 36.62 31.72 -36.69
N GLY A 61 35.65 32.03 -35.83
CA GLY A 61 35.19 33.40 -35.60
C GLY A 61 34.73 34.06 -36.89
N GLU A 62 34.68 33.30 -38.01
CA GLU A 62 33.96 33.75 -39.21
C GLU A 62 32.46 33.76 -38.92
N ALA A 63 31.84 34.95 -39.00
CA ALA A 63 30.40 35.12 -38.63
C ALA A 63 29.53 34.31 -39.61
N VAL A 64 28.61 33.49 -39.07
CA VAL A 64 27.88 32.49 -39.86
C VAL A 64 26.42 32.89 -40.13
N ARG A 65 25.75 33.56 -39.18
CA ARG A 65 24.38 34.02 -39.36
C ARG A 65 24.10 35.37 -38.70
N LYS A 66 22.88 35.90 -38.90
CA LYS A 66 22.41 37.10 -38.22
C LYS A 66 21.21 36.81 -37.28
N VAL A 67 21.10 37.62 -36.22
CA VAL A 67 20.06 37.47 -35.19
C VAL A 67 19.29 38.76 -35.00
N PRO A 68 17.95 38.69 -34.89
CA PRO A 68 17.19 39.94 -34.77
C PRO A 68 16.95 40.42 -33.34
N LEU A 69 17.55 41.55 -32.96
CA LEU A 69 17.30 42.13 -31.64
C LEU A 69 15.93 42.79 -31.63
N ALA A 70 14.99 42.18 -30.90
CA ALA A 70 13.57 42.53 -31.05
C ALA A 70 13.14 43.73 -30.23
N ASP A 71 12.19 44.48 -30.78
CA ASP A 71 11.60 45.66 -30.11
C ASP A 71 10.45 45.20 -29.23
N ARG A 72 9.91 46.14 -28.46
CA ARG A 72 8.73 45.87 -27.62
C ARG A 72 7.50 45.40 -28.43
N GLU A 73 7.38 45.86 -29.67
CA GLU A 73 6.24 45.49 -30.53
C GLU A 73 6.33 44.00 -30.89
N THR A 74 7.53 43.56 -31.30
CA THR A 74 7.74 42.19 -31.66
C THR A 74 7.55 41.25 -30.44
N MET A 75 7.80 41.76 -29.24
CA MET A 75 7.56 40.97 -28.04
C MET A 75 6.08 40.91 -27.71
N GLN A 76 5.43 42.07 -27.72
CA GLN A 76 3.99 42.14 -27.50
C GLN A 76 3.23 41.21 -28.41
N GLN A 77 3.75 40.96 -29.62
CA GLN A 77 3.21 39.93 -30.48
C GLN A 77 3.17 38.59 -29.75
N ALA A 78 4.35 38.18 -29.26
CA ALA A 78 4.51 36.89 -28.54
C ALA A 78 3.62 36.84 -27.30
N ILE A 79 3.64 37.89 -26.51
CA ILE A 79 2.82 37.96 -25.32
C ILE A 79 1.33 37.74 -25.68
N ASP A 80 0.83 38.50 -26.67
CA ASP A 80 -0.55 38.36 -27.11
C ASP A 80 -0.83 36.93 -27.60
N ALA A 81 0.11 36.36 -28.37
CA ALA A 81 -0.03 34.99 -28.85
C ALA A 81 -0.18 34.00 -27.70
N ALA A 82 0.65 34.17 -26.66
CA ALA A 82 0.65 33.26 -25.52
C ALA A 82 -0.59 33.45 -24.67
N LYS A 83 -0.93 34.70 -24.40
CA LYS A 83 -2.18 35.05 -23.70
C LYS A 83 -3.41 34.43 -24.39
N ALA A 84 -3.42 34.40 -25.72
CA ALA A 84 -4.52 33.82 -26.49
C ALA A 84 -4.56 32.31 -26.38
N ALA A 85 -3.40 31.66 -26.46
CA ALA A 85 -3.33 30.19 -26.41
C ALA A 85 -3.68 29.60 -25.03
N PHE A 86 -3.52 30.41 -23.97
CA PHE A 86 -3.60 29.92 -22.60
C PHE A 86 -4.92 29.24 -22.21
N PRO A 87 -6.08 29.90 -22.44
CA PRO A 87 -7.32 29.26 -21.97
C PRO A 87 -7.61 27.89 -22.60
N ALA A 88 -7.37 27.74 -23.89
CA ALA A 88 -7.53 26.43 -24.53
C ALA A 88 -6.59 25.41 -23.92
N TRP A 89 -5.33 25.80 -23.76
CA TRP A 89 -4.30 24.87 -23.31
C TRP A 89 -4.52 24.46 -21.87
N ARG A 90 -4.93 25.43 -21.05
CA ARG A 90 -5.22 25.18 -19.65
C ARG A 90 -6.27 24.08 -19.51
N ASN A 91 -7.24 24.07 -20.41
CA ASN A 91 -8.30 23.07 -20.34
C ASN A 91 -8.04 21.81 -21.15
N THR A 92 -6.89 21.72 -21.79
CA THR A 92 -6.52 20.50 -22.44
C THR A 92 -6.35 19.39 -21.38
N PRO A 93 -6.89 18.19 -21.64
CA PRO A 93 -6.74 17.11 -20.67
C PRO A 93 -5.28 16.77 -20.36
N PRO A 94 -4.97 16.49 -19.07
CA PRO A 94 -3.67 16.02 -18.65
C PRO A 94 -3.06 14.97 -19.58
N ALA A 95 -3.85 13.96 -19.92
CA ALA A 95 -3.34 12.87 -20.75
C ALA A 95 -2.98 13.31 -22.17
N LYS A 96 -3.65 14.34 -22.69
CA LYS A 96 -3.32 14.86 -24.02
C LYS A 96 -2.03 15.66 -23.97
N ARG A 97 -1.83 16.41 -22.89
CA ARG A 97 -0.58 17.14 -22.70
C ARG A 97 0.57 16.16 -22.54
N ALA A 98 0.38 15.14 -21.71
CA ALA A 98 1.38 14.08 -21.61
C ALA A 98 1.70 13.48 -23.00
N GLN A 99 0.67 13.33 -23.83
CA GLN A 99 0.84 12.70 -25.13
C GLN A 99 1.76 13.51 -26.05
N VAL A 100 1.50 14.81 -26.15
CA VAL A 100 2.31 15.68 -27.00
C VAL A 100 3.77 15.76 -26.51
N LEU A 101 3.97 15.73 -25.20
CA LEU A 101 5.33 15.70 -24.64
C LEU A 101 6.06 14.41 -24.99
N PHE A 102 5.36 13.28 -24.93
CA PHE A 102 5.98 11.99 -25.24
C PHE A 102 6.47 11.96 -26.70
N ARG A 103 5.72 12.54 -27.62
CA ARG A 103 6.17 12.61 -29.01
C ARG A 103 7.32 13.58 -29.17
N PHE A 104 7.30 14.66 -28.40
CA PHE A 104 8.40 15.61 -28.38
C PHE A 104 9.70 14.91 -27.98
N LYS A 105 9.65 14.06 -26.96
CA LYS A 105 10.81 13.26 -26.56
C LYS A 105 11.32 12.40 -27.72
N GLN A 106 10.41 11.78 -28.46
CA GLN A 106 10.78 10.89 -29.57
C GLN A 106 11.42 11.69 -30.69
N LEU A 107 10.80 12.80 -31.08
CA LEU A 107 11.34 13.61 -32.16
C LEU A 107 12.70 14.24 -31.83
N LEU A 108 13.04 14.37 -30.55
CA LEU A 108 14.39 14.80 -30.16
C LEU A 108 15.37 13.64 -30.29
N GLU A 109 15.02 12.47 -29.73
CA GLU A 109 15.85 11.29 -29.91
C GLU A 109 16.00 10.87 -31.39
N ALA A 110 15.10 11.35 -32.25
CA ALA A 110 15.21 11.13 -33.69
C ALA A 110 16.21 12.06 -34.33
N ASN A 111 16.10 13.35 -34.08
CA ASN A 111 17.00 14.34 -34.66
C ASN A 111 18.26 14.68 -33.84
N GLU A 112 18.83 13.75 -33.07
CA GLU A 112 19.97 14.09 -32.19
C GLU A 112 21.15 14.65 -32.99
N GLU A 113 21.59 13.86 -34.00
CA GLU A 113 22.74 14.22 -34.79
C GLU A 113 22.61 15.65 -35.30
N ARG A 114 21.44 15.97 -35.85
CA ARG A 114 21.21 17.28 -36.43
C ARG A 114 21.33 18.42 -35.42
N ILE A 115 20.86 18.16 -34.20
CA ILE A 115 20.84 19.16 -33.13
C ILE A 115 22.24 19.37 -32.64
N VAL A 116 22.87 18.28 -32.23
CA VAL A 116 24.20 18.37 -31.63
C VAL A 116 25.14 19.15 -32.55
N LYS A 117 25.07 18.88 -33.86
CA LYS A 117 25.83 19.64 -34.85
C LYS A 117 25.62 21.14 -34.67
N LEU A 118 24.36 21.55 -34.57
CA LEU A 118 24.00 22.96 -34.41
C LEU A 118 24.47 23.60 -33.09
N ILE A 119 24.70 22.76 -32.07
CA ILE A 119 25.22 23.23 -30.79
C ILE A 119 26.72 23.50 -30.94
N SER A 120 27.47 22.45 -31.31
CA SER A 120 28.93 22.54 -31.51
C SER A 120 29.31 23.63 -32.49
N GLU A 121 28.43 23.91 -33.46
CA GLU A 121 28.73 24.89 -34.47
C GLU A 121 28.69 26.33 -33.95
N GLU A 122 27.72 26.70 -33.12
CA GLU A 122 27.63 28.09 -32.65
C GLU A 122 28.17 28.32 -31.24
N HIS A 123 28.21 27.28 -30.42
CA HIS A 123 28.80 27.38 -29.07
C HIS A 123 30.25 26.95 -29.04
N GLY A 124 30.57 25.94 -29.84
CA GLY A 124 31.95 25.46 -29.96
C GLY A 124 32.27 24.53 -28.83
N LYS A 125 31.90 23.27 -28.96
CA LYS A 125 32.24 22.30 -27.93
C LYS A 125 32.16 20.91 -28.49
N THR A 126 32.97 20.03 -27.94
CA THR A 126 33.00 18.64 -28.35
C THR A 126 31.58 18.10 -28.53
N ILE A 127 31.38 17.49 -29.69
CA ILE A 127 30.12 16.88 -30.06
C ILE A 127 29.68 15.88 -28.96
N GLU A 128 30.64 15.19 -28.35
CA GLU A 128 30.36 14.28 -27.23
C GLU A 128 29.75 15.01 -26.03
N ASP A 129 30.25 16.20 -25.72
CA ASP A 129 29.67 17.06 -24.68
C ASP A 129 28.28 17.53 -25.11
N ALA A 130 28.18 18.07 -26.32
CA ALA A 130 26.90 18.54 -26.84
C ALA A 130 25.82 17.43 -26.82
N ALA A 131 26.17 16.20 -27.15
CA ALA A 131 25.24 15.09 -27.10
C ALA A 131 24.85 14.74 -25.66
N GLY A 132 25.80 14.83 -24.74
CA GLY A 132 25.53 14.59 -23.32
C GLY A 132 24.61 15.64 -22.70
N GLU A 133 24.72 16.88 -23.20
CA GLU A 133 23.81 17.95 -22.80
C GLU A 133 22.37 17.62 -23.20
N LEU A 134 22.19 17.25 -24.46
CA LEU A 134 20.86 16.93 -24.99
C LEU A 134 20.27 15.72 -24.28
N LYS A 135 21.09 14.74 -23.96
CA LYS A 135 20.62 13.60 -23.17
C LYS A 135 20.00 14.08 -21.84
N ARG A 136 20.59 15.12 -21.25
CA ARG A 136 20.05 15.71 -20.02
C ARG A 136 18.72 16.44 -20.31
N GLY A 137 18.70 17.25 -21.36
CA GLY A 137 17.47 17.91 -21.79
C GLY A 137 16.31 16.93 -21.98
N ILE A 138 16.62 15.80 -22.58
CA ILE A 138 15.64 14.76 -22.78
C ILE A 138 15.20 14.17 -21.45
N GLU A 139 16.10 14.04 -20.48
CA GLU A 139 15.67 13.58 -19.15
C GLU A 139 14.64 14.57 -18.57
N ASN A 140 14.86 15.86 -18.81
CA ASN A 140 13.93 16.88 -18.37
C ASN A 140 12.57 16.74 -19.06
N VAL A 141 12.59 16.42 -20.36
CA VAL A 141 11.33 16.21 -21.08
C VAL A 141 10.64 14.95 -20.57
N GLU A 142 11.40 13.89 -20.32
CA GLU A 142 10.82 12.68 -19.77
C GLU A 142 10.16 12.94 -18.40
N TYR A 143 10.76 13.79 -17.57
CA TYR A 143 10.16 14.08 -16.26
C TYR A 143 8.85 14.87 -16.42
N ALA A 144 8.83 15.79 -17.38
CA ALA A 144 7.66 16.62 -17.61
C ALA A 144 6.46 15.80 -18.06
N THR A 145 6.69 14.72 -18.79
CA THR A 145 5.58 13.92 -19.30
C THR A 145 4.75 13.34 -18.13
N ALA A 146 5.38 13.09 -16.99
CA ALA A 146 4.70 12.53 -15.83
C ALA A 146 4.23 13.56 -14.79
N ALA A 147 4.29 14.85 -15.10
CA ALA A 147 3.86 15.88 -14.17
C ALA A 147 2.35 15.97 -14.00
N PRO A 148 1.58 15.85 -15.11
CA PRO A 148 0.12 15.71 -14.97
C PRO A 148 -0.40 14.69 -13.92
N GLU A 149 0.32 13.59 -13.69
CA GLU A 149 -0.12 12.61 -12.70
C GLU A 149 -0.07 13.11 -11.25
N ILE A 150 1.05 13.71 -10.87
CA ILE A 150 1.20 14.24 -9.50
C ILE A 150 0.39 15.52 -9.23
N LEU A 151 -0.34 15.99 -10.24
CA LEU A 151 -1.10 17.23 -10.16
C LEU A 151 -2.61 17.07 -9.96
N LYS A 152 -3.13 15.86 -9.76
CA LYS A 152 -4.62 15.77 -9.58
C LYS A 152 -5.02 16.04 -8.14
N GLY A 153 -6.19 16.64 -7.96
CA GLY A 153 -6.68 17.11 -6.66
C GLY A 153 -8.00 16.43 -6.25
N GLU A 154 -8.50 16.81 -5.07
CA GLU A 154 -9.56 16.10 -4.39
C GLU A 154 -10.92 16.79 -4.51
N TYR A 155 -11.99 16.02 -4.30
CA TYR A 155 -13.38 16.47 -4.37
C TYR A 155 -14.18 15.94 -3.23
N SER A 156 -15.08 16.72 -2.68
CA SER A 156 -15.98 16.27 -1.62
C SER A 156 -17.36 16.82 -1.83
N ARG A 157 -18.33 15.95 -2.12
CA ARG A 157 -19.73 16.39 -2.24
C ARG A 157 -20.31 16.53 -0.86
N ASN A 158 -21.10 17.58 -0.68
CA ASN A 158 -21.72 17.89 0.59
C ASN A 158 -20.77 17.84 1.80
N VAL A 159 -19.71 18.64 1.76
CA VAL A 159 -18.83 18.87 2.93
C VAL A 159 -19.62 19.64 3.97
N GLY A 160 -20.56 20.46 3.51
CA GLY A 160 -21.65 20.99 4.31
C GLY A 160 -22.95 20.86 3.52
N PRO A 161 -24.09 21.16 4.16
CA PRO A 161 -25.39 21.03 3.51
C PRO A 161 -25.43 21.73 2.14
N ASN A 162 -25.50 20.93 1.09
CA ASN A 162 -25.51 21.45 -0.26
C ASN A 162 -24.30 22.32 -0.62
N ILE A 163 -23.16 22.02 0.00
CA ILE A 163 -21.92 22.74 -0.23
C ILE A 163 -20.82 21.77 -0.65
N ASP A 164 -20.38 21.86 -1.89
CA ASP A 164 -19.24 21.04 -2.32
C ASP A 164 -17.95 21.78 -2.10
N ALA A 165 -16.87 21.03 -1.99
CA ALA A 165 -15.53 21.59 -1.79
C ALA A 165 -14.55 20.84 -2.65
N TRP A 166 -13.59 21.52 -3.24
CA TRP A 166 -12.50 20.83 -3.89
C TRP A 166 -11.23 21.64 -3.88
N SER A 167 -10.14 20.96 -4.21
CA SER A 167 -8.81 21.56 -4.23
C SER A 167 -8.14 21.18 -5.54
N ASP A 168 -7.45 22.15 -6.12
CA ASP A 168 -6.89 22.01 -7.45
C ASP A 168 -5.51 22.62 -7.50
N PHE A 169 -4.72 22.16 -8.45
CA PHE A 169 -3.41 22.78 -8.71
C PHE A 169 -3.50 23.33 -10.13
N GLN A 170 -3.53 24.64 -10.27
CA GLN A 170 -3.77 25.26 -11.54
C GLN A 170 -2.48 25.86 -12.10
N PRO A 171 -2.39 26.03 -13.41
CA PRO A 171 -1.31 26.84 -13.96
C PRO A 171 -1.52 28.32 -13.65
N ILE A 172 -0.46 29.10 -13.78
CA ILE A 172 -0.51 30.51 -13.38
C ILE A 172 -0.82 31.45 -14.52
N GLY A 173 -0.48 31.04 -15.75
CA GLY A 173 -0.79 31.85 -16.93
C GLY A 173 0.32 31.83 -17.98
N VAL A 174 0.79 33.01 -18.34
CA VAL A 174 1.85 33.14 -19.33
C VAL A 174 3.15 33.37 -18.58
N VAL A 175 4.17 32.58 -18.91
CA VAL A 175 5.46 32.66 -18.21
C VAL A 175 6.58 32.74 -19.22
N ALA A 176 7.72 33.27 -18.77
CA ALA A 176 8.86 33.48 -19.65
C ALA A 176 10.15 32.97 -19.06
N GLY A 177 11.05 32.57 -19.95
CA GLY A 177 12.35 32.02 -19.57
C GLY A 177 13.48 32.61 -20.39
N ILE A 178 14.53 33.06 -19.71
CA ILE A 178 15.66 33.72 -20.33
C ILE A 178 16.92 32.88 -20.11
N THR A 179 17.49 32.39 -21.19
CA THR A 179 18.46 31.28 -21.18
C THR A 179 19.89 31.74 -21.54
N PRO A 180 20.92 31.04 -21.03
CA PRO A 180 22.29 31.45 -21.26
C PRO A 180 22.97 30.78 -22.45
N PHE A 181 24.23 31.19 -22.68
CA PHE A 181 25.08 30.75 -23.80
C PHE A 181 25.49 29.28 -23.69
N ASN A 182 26.08 28.90 -22.56
CA ASN A 182 26.33 27.50 -22.27
C ASN A 182 24.97 26.84 -22.13
N PHE A 183 24.84 25.64 -22.64
CA PHE A 183 23.56 24.94 -22.66
C PHE A 183 22.40 25.66 -23.39
N PRO A 184 22.47 25.78 -24.72
CA PRO A 184 21.28 26.25 -25.44
C PRO A 184 20.22 25.14 -25.61
N ALA A 185 20.58 23.89 -25.39
CA ALA A 185 19.61 22.82 -25.47
C ALA A 185 18.93 22.56 -24.12
N MET A 186 19.71 22.25 -23.09
CA MET A 186 19.19 21.69 -21.86
C MET A 186 18.50 22.71 -20.97
N VAL A 187 19.05 23.90 -20.82
CA VAL A 187 18.42 24.87 -19.92
C VAL A 187 17.00 25.26 -20.35
N PRO A 188 16.76 25.48 -21.65
CA PRO A 188 15.35 25.68 -22.01
C PRO A 188 14.48 24.45 -21.75
N LEU A 189 14.95 23.28 -22.13
CA LEU A 189 14.22 22.03 -21.86
C LEU A 189 14.06 21.72 -20.37
N TRP A 190 14.80 22.41 -19.52
CA TRP A 190 14.61 22.35 -18.08
C TRP A 190 13.50 23.29 -17.59
N MET A 191 13.21 24.32 -18.36
CA MET A 191 12.14 25.28 -18.05
C MET A 191 10.79 24.94 -18.73
N TYR A 192 10.70 25.08 -20.06
CA TYR A 192 9.38 25.13 -20.69
C TYR A 192 8.59 23.82 -20.75
N PRO A 193 9.23 22.67 -20.96
CA PRO A 193 8.42 21.45 -20.95
C PRO A 193 7.64 21.24 -19.65
N LEU A 194 8.29 21.44 -18.52
CA LEU A 194 7.60 21.34 -17.23
C LEU A 194 6.49 22.40 -17.09
N ALA A 195 6.77 23.63 -17.49
CA ALA A 195 5.80 24.72 -17.38
C ALA A 195 4.58 24.49 -18.26
N ILE A 196 4.82 23.94 -19.44
CA ILE A 196 3.75 23.62 -20.39
C ILE A 196 2.97 22.39 -19.93
N ALA A 197 3.67 21.39 -19.41
CA ALA A 197 2.99 20.23 -18.84
C ALA A 197 2.03 20.62 -17.73
N CYS A 198 2.40 21.63 -16.95
CA CYS A 198 1.53 22.14 -15.90
C CYS A 198 0.37 22.97 -16.44
N GLY A 199 0.43 23.34 -17.72
CA GLY A 199 -0.69 24.00 -18.38
C GLY A 199 -0.48 25.49 -18.62
N ASN A 200 0.74 26.00 -18.45
CA ASN A 200 1.02 27.39 -18.78
C ASN A 200 1.37 27.52 -20.26
N THR A 201 1.60 28.76 -20.68
CA THR A 201 2.19 29.07 -21.98
C THR A 201 3.48 29.85 -21.77
N PHE A 202 4.36 29.74 -22.76
CA PHE A 202 5.75 30.09 -22.58
C PHE A 202 6.30 31.00 -23.65
N ILE A 203 7.02 32.03 -23.21
CA ILE A 203 7.86 32.84 -24.07
C ILE A 203 9.32 32.63 -23.69
N LEU A 204 10.09 32.14 -24.65
CA LEU A 204 11.50 31.82 -24.46
C LEU A 204 12.36 32.81 -25.19
N LYS A 205 13.19 33.52 -24.45
CA LYS A 205 14.15 34.48 -25.00
C LYS A 205 15.57 33.90 -24.78
N PRO A 206 16.09 33.14 -25.76
CA PRO A 206 17.38 32.47 -25.57
C PRO A 206 18.59 33.40 -25.82
N SER A 207 19.79 32.82 -25.76
CA SER A 207 21.01 33.58 -25.98
C SER A 207 21.16 33.99 -27.45
N GLU A 208 21.58 35.23 -27.68
CA GLU A 208 21.87 35.73 -29.04
C GLU A 208 23.03 34.98 -29.70
N ARG A 209 23.92 34.42 -28.89
CA ARG A 209 25.16 33.85 -29.39
C ARG A 209 25.10 32.43 -29.91
N ASP A 210 24.01 31.72 -29.69
CA ASP A 210 23.88 30.35 -30.21
C ASP A 210 22.43 29.92 -30.37
N PRO A 211 21.59 30.84 -30.86
CA PRO A 211 20.16 30.62 -30.81
C PRO A 211 19.57 29.66 -31.83
N SER A 212 20.35 29.10 -32.74
CA SER A 212 19.77 28.25 -33.77
C SER A 212 19.36 26.89 -33.22
N SER A 213 20.21 26.28 -32.40
CA SER A 213 19.91 24.97 -31.84
C SER A 213 18.66 24.99 -30.95
N THR A 214 18.50 26.08 -30.19
CA THR A 214 17.34 26.23 -29.33
C THR A 214 16.06 26.27 -30.18
N LEU A 215 16.10 27.05 -31.25
CA LEU A 215 14.92 27.26 -32.09
C LEU A 215 14.49 25.99 -32.79
N LEU A 216 15.47 25.21 -33.25
CA LEU A 216 15.15 23.94 -33.87
C LEU A 216 14.29 23.09 -32.91
N ILE A 217 14.73 22.98 -31.65
CA ILE A 217 14.04 22.13 -30.67
C ILE A 217 12.65 22.67 -30.38
N ALA A 218 12.49 23.99 -30.37
CA ALA A 218 11.15 24.60 -30.30
C ALA A 218 10.25 24.10 -31.44
N GLU A 219 10.77 24.15 -32.66
CA GLU A 219 10.00 23.74 -33.85
C GLU A 219 9.61 22.29 -33.77
N LEU A 220 10.54 21.43 -33.37
CA LEU A 220 10.20 20.02 -33.19
C LEU A 220 9.02 19.82 -32.23
N PHE A 221 8.88 20.69 -31.24
CA PHE A 221 7.77 20.60 -30.30
C PHE A 221 6.46 20.88 -31.02
N HIS A 222 6.44 21.94 -31.84
CA HIS A 222 5.28 22.23 -32.71
C HIS A 222 4.97 21.04 -33.64
N GLU A 223 6.01 20.48 -34.26
CA GLU A 223 5.85 19.27 -35.07
C GLU A 223 5.30 18.09 -34.28
N ALA A 224 5.60 18.00 -32.98
CA ALA A 224 5.05 16.90 -32.17
C ALA A 224 3.55 17.05 -31.90
N GLY A 225 3.01 18.26 -32.07
CA GLY A 225 1.58 18.50 -31.90
C GLY A 225 1.17 19.70 -31.05
N LEU A 226 2.12 20.50 -30.60
CA LEU A 226 1.82 21.56 -29.66
C LEU A 226 1.01 22.63 -30.36
N PRO A 227 -0.14 23.04 -29.81
CA PRO A 227 -0.87 24.18 -30.34
C PRO A 227 -0.06 25.45 -30.54
N LYS A 228 -0.54 26.28 -31.47
CA LYS A 228 0.14 27.51 -31.80
C LYS A 228 0.04 28.46 -30.61
N GLY A 229 1.14 29.13 -30.29
CA GLY A 229 1.16 30.14 -29.23
C GLY A 229 1.56 29.63 -27.85
N VAL A 230 1.58 28.31 -27.66
CA VAL A 230 1.86 27.72 -26.36
C VAL A 230 3.35 27.86 -26.03
N LEU A 231 4.19 27.66 -27.04
CA LEU A 231 5.61 28.01 -26.96
C LEU A 231 5.96 29.03 -28.02
N ASN A 232 6.56 30.14 -27.60
CA ASN A 232 7.08 31.15 -28.52
C ASN A 232 8.54 31.45 -28.23
N VAL A 233 9.34 31.61 -29.29
CA VAL A 233 10.75 31.97 -29.20
C VAL A 233 10.99 33.36 -29.79
N VAL A 234 11.50 34.27 -28.98
CA VAL A 234 11.75 35.65 -29.39
C VAL A 234 13.22 35.97 -29.12
N HIS A 235 13.99 36.21 -30.19
CA HIS A 235 15.41 36.58 -30.03
C HIS A 235 15.56 38.05 -29.72
N GLY A 236 16.63 38.41 -29.02
CA GLY A 236 16.86 39.79 -28.58
C GLY A 236 17.96 39.93 -27.56
N ASP A 237 17.96 41.03 -26.80
CA ASP A 237 18.93 41.23 -25.71
C ASP A 237 18.31 42.14 -24.65
N LYS A 238 19.08 42.91 -23.87
CA LYS A 238 18.57 43.71 -22.77
C LYS A 238 17.21 44.39 -23.02
N GLY A 239 17.00 44.87 -24.23
CA GLY A 239 15.70 45.39 -24.66
C GLY A 239 14.59 44.36 -24.54
N ALA A 240 14.76 43.26 -25.26
CA ALA A 240 13.86 42.11 -25.19
C ALA A 240 13.58 41.65 -23.75
N VAL A 241 14.62 41.57 -22.93
CA VAL A 241 14.48 41.12 -21.56
C VAL A 241 13.69 42.14 -20.74
N ASP A 242 14.07 43.42 -20.86
CA ASP A 242 13.33 44.50 -20.20
C ASP A 242 11.86 44.49 -20.58
N ALA A 243 11.59 44.15 -21.83
CA ALA A 243 10.20 43.99 -22.30
C ALA A 243 9.42 42.98 -21.45
N LEU A 244 9.99 41.78 -21.30
CA LEU A 244 9.40 40.74 -20.48
C LEU A 244 9.32 41.14 -19.00
N ILE A 245 10.34 41.81 -18.48
CA ILE A 245 10.27 42.26 -17.09
C ILE A 245 9.13 43.29 -16.89
N GLU A 246 8.85 44.09 -17.93
CA GLU A 246 7.83 45.14 -17.86
C GLU A 246 6.40 44.63 -18.10
N ALA A 247 6.25 43.75 -19.09
CA ALA A 247 4.93 43.18 -19.47
C ALA A 247 4.12 42.67 -18.25
N PRO A 248 2.95 43.28 -17.95
CA PRO A 248 2.17 42.81 -16.80
C PRO A 248 1.39 41.49 -17.02
N GLU A 249 1.33 41.02 -18.27
CA GLU A 249 0.67 39.75 -18.56
C GLU A 249 1.51 38.56 -18.11
N VAL A 250 2.86 38.67 -18.20
CA VAL A 250 3.73 37.53 -17.85
C VAL A 250 3.80 37.43 -16.33
N LYS A 251 3.55 36.25 -15.79
CA LYS A 251 3.36 36.06 -14.36
C LYS A 251 4.57 35.49 -13.64
N ALA A 252 5.46 34.85 -14.38
CA ALA A 252 6.67 34.29 -13.82
C ALA A 252 7.81 34.41 -14.82
N LEU A 253 9.00 34.55 -14.25
CA LEU A 253 10.18 34.85 -14.99
C LEU A 253 11.29 33.94 -14.45
N SER A 254 11.97 33.28 -15.37
CA SER A 254 12.95 32.26 -15.02
C SER A 254 14.25 32.53 -15.75
N PHE A 255 15.35 32.59 -15.01
CA PHE A 255 16.62 33.02 -15.57
C PHE A 255 17.78 32.20 -15.08
N VAL A 256 18.68 31.85 -15.99
CA VAL A 256 19.98 31.30 -15.65
C VAL A 256 21.06 32.01 -16.45
N GLY A 257 22.05 32.58 -15.78
CA GLY A 257 23.17 33.25 -16.44
C GLY A 257 24.17 33.84 -15.43
N SER A 258 24.50 35.11 -15.59
CA SER A 258 25.50 35.75 -14.74
C SER A 258 24.88 36.48 -13.57
N THR A 259 25.67 36.69 -12.53
CA THR A 259 25.15 37.18 -11.25
C THR A 259 24.61 38.60 -11.28
N PRO A 260 25.23 39.50 -12.08
CA PRO A 260 24.68 40.86 -12.13
C PRO A 260 23.31 40.90 -12.81
N ILE A 261 23.19 40.22 -13.94
CA ILE A 261 21.92 40.12 -14.66
C ILE A 261 20.86 39.38 -13.83
N ALA A 262 21.29 38.37 -13.08
CA ALA A 262 20.36 37.63 -12.23
C ALA A 262 19.79 38.52 -11.16
N GLU A 263 20.65 39.27 -10.45
CA GLU A 263 20.20 40.20 -9.40
C GLU A 263 19.21 41.19 -9.98
N TYR A 264 19.54 41.68 -11.18
CA TYR A 264 18.68 42.62 -11.89
C TYR A 264 17.27 42.06 -12.04
N ILE A 265 17.17 40.96 -12.76
CA ILE A 265 15.89 40.32 -13.09
C ILE A 265 15.16 39.92 -11.81
N TYR A 266 15.88 39.44 -10.81
CA TYR A 266 15.23 39.07 -9.57
C TYR A 266 14.53 40.27 -8.93
N SER A 267 15.30 41.31 -8.62
CA SER A 267 14.79 42.46 -7.90
C SER A 267 13.72 43.22 -8.70
N GLU A 268 14.02 43.51 -9.97
CA GLU A 268 13.11 44.28 -10.81
C GLU A 268 11.85 43.47 -11.17
N GLY A 269 11.98 42.15 -11.31
CA GLY A 269 10.84 41.28 -11.49
C GLY A 269 9.97 41.22 -10.24
N THR A 270 10.59 40.87 -9.11
CA THR A 270 9.84 40.71 -7.87
C THR A 270 9.13 42.01 -7.47
N LYS A 271 9.78 43.15 -7.69
CA LYS A 271 9.17 44.43 -7.37
C LYS A 271 7.88 44.67 -8.16
N ARG A 272 7.75 44.03 -9.33
CA ARG A 272 6.53 44.14 -10.13
C ARG A 272 5.58 42.95 -10.00
N GLY A 273 5.58 42.31 -8.82
CA GLY A 273 4.65 41.23 -8.52
C GLY A 273 4.87 39.90 -9.21
N LYS A 274 5.92 39.76 -10.01
CA LYS A 274 6.19 38.51 -10.73
C LYS A 274 6.88 37.51 -9.82
N ARG A 275 6.71 36.22 -10.14
CA ARG A 275 7.52 35.17 -9.56
C ARG A 275 8.83 35.08 -10.31
N VAL A 276 9.96 35.10 -9.61
CA VAL A 276 11.24 35.06 -10.29
C VAL A 276 12.13 33.96 -9.75
N GLN A 277 12.62 33.14 -10.67
CA GLN A 277 13.56 32.08 -10.38
C GLN A 277 14.83 32.49 -11.10
N ALA A 278 15.94 32.55 -10.36
CA ALA A 278 17.18 33.10 -10.89
C ALA A 278 18.42 32.34 -10.39
N LEU A 279 19.16 31.77 -11.33
CA LEU A 279 20.47 31.20 -11.06
C LEU A 279 21.54 32.09 -11.65
N GLY A 280 22.41 32.62 -10.80
CA GLY A 280 23.52 33.48 -11.24
C GLY A 280 24.87 32.85 -10.98
N GLY A 281 25.78 32.92 -11.94
CA GLY A 281 27.14 32.39 -11.83
C GLY A 281 27.84 32.63 -10.49
N ALA A 282 28.55 31.63 -9.97
CA ALA A 282 29.18 31.73 -8.65
C ALA A 282 30.48 30.92 -8.63
N LYS A 283 31.06 30.72 -7.45
CA LYS A 283 32.26 29.90 -7.28
C LYS A 283 32.08 28.79 -6.26
N ASN A 284 32.31 27.55 -6.69
CA ASN A 284 32.27 26.43 -5.77
C ASN A 284 33.61 26.25 -5.07
N HIS A 285 33.53 25.93 -3.78
CA HIS A 285 34.68 25.84 -2.91
C HIS A 285 34.91 24.40 -2.49
N ALA A 286 36.18 23.98 -2.48
CA ALA A 286 36.59 22.73 -1.82
C ALA A 286 37.33 23.10 -0.52
N VAL A 287 37.10 22.35 0.54
CA VAL A 287 37.87 22.51 1.78
C VAL A 287 38.87 21.36 1.90
N LEU A 288 40.11 21.68 2.24
CA LEU A 288 41.12 20.66 2.54
C LEU A 288 41.50 20.73 4.00
N MET A 289 41.20 19.68 4.76
CA MET A 289 41.70 19.59 6.13
C MET A 289 43.17 19.13 6.11
N PRO A 290 43.86 19.26 7.26
CA PRO A 290 45.28 18.83 7.28
C PRO A 290 45.49 17.35 6.97
N ASP A 291 44.57 16.52 7.43
CA ASP A 291 44.64 15.07 7.20
C ASP A 291 44.16 14.59 5.82
N ALA A 292 43.88 15.51 4.91
CA ALA A 292 43.31 15.12 3.63
C ALA A 292 44.23 14.19 2.86
N ASP A 293 43.65 13.21 2.18
CA ASP A 293 44.42 12.37 1.27
C ASP A 293 44.70 13.19 0.04
N LEU A 294 45.94 13.65 -0.08
CA LEU A 294 46.29 14.62 -1.10
C LEU A 294 46.05 14.17 -2.52
N ASP A 295 46.35 12.91 -2.84
CA ASP A 295 46.17 12.44 -4.23
C ASP A 295 44.72 12.43 -4.61
N ASN A 296 43.86 12.15 -3.63
CA ASN A 296 42.42 12.18 -3.83
C ASN A 296 41.92 13.61 -4.09
N ALA A 297 42.37 14.57 -3.27
CA ALA A 297 41.97 15.98 -3.44
C ALA A 297 42.50 16.53 -4.76
N VAL A 298 43.77 16.25 -5.03
CA VAL A 298 44.40 16.74 -6.26
C VAL A 298 43.70 16.19 -7.49
N SER A 299 43.28 14.94 -7.43
CA SER A 299 42.54 14.35 -8.51
C SER A 299 41.24 15.12 -8.78
N ALA A 300 40.50 15.44 -7.72
CA ALA A 300 39.27 16.21 -7.86
C ALA A 300 39.53 17.62 -8.39
N LEU A 301 40.52 18.30 -7.80
CA LEU A 301 40.83 19.67 -8.19
C LEU A 301 41.33 19.74 -9.63
N MET A 302 42.12 18.74 -10.05
CA MET A 302 42.65 18.73 -11.40
C MET A 302 41.60 18.44 -12.44
N GLY A 303 40.65 17.60 -12.10
CA GLY A 303 39.50 17.33 -12.97
C GLY A 303 38.58 18.55 -13.02
N ALA A 304 38.38 19.21 -11.87
CA ALA A 304 37.46 20.34 -11.75
C ALA A 304 37.94 21.65 -12.34
N ALA A 305 39.21 22.00 -12.10
CA ALA A 305 39.75 23.29 -12.51
C ALA A 305 40.45 23.24 -13.88
N TYR A 306 41.05 22.10 -14.23
CA TYR A 306 41.83 21.98 -15.47
C TYR A 306 41.42 20.82 -16.43
N GLY A 307 40.98 19.69 -15.90
CA GLY A 307 40.73 18.46 -16.70
C GLY A 307 39.44 18.42 -17.48
N GLU A 311 32.04 20.24 -19.43
CA GLU A 311 30.72 19.95 -18.89
C GLU A 311 30.54 18.53 -18.31
N ARG A 312 31.57 17.69 -18.40
CA ARG A 312 31.55 16.32 -17.83
C ARG A 312 32.43 16.16 -16.54
N CYS A 313 32.23 17.03 -15.54
CA CYS A 313 33.15 17.22 -14.42
C CYS A 313 32.42 17.77 -13.17
N MET A 314 33.19 18.34 -12.24
CA MET A 314 32.74 19.35 -11.27
C MET A 314 33.37 20.72 -11.56
N ALA A 315 32.70 21.77 -11.15
CA ALA A 315 33.22 23.12 -11.17
C ALA A 315 33.71 23.45 -9.78
N ILE A 316 35.00 23.75 -9.65
CA ILE A 316 35.58 24.24 -8.39
C ILE A 316 36.56 25.32 -8.77
N SER A 317 36.50 26.47 -8.11
CA SER A 317 37.44 27.57 -8.43
C SER A 317 38.27 28.04 -7.22
N VAL A 318 37.97 27.51 -6.03
CA VAL A 318 38.65 27.94 -4.83
C VAL A 318 38.89 26.73 -3.97
N ALA A 319 40.12 26.61 -3.47
CA ALA A 319 40.49 25.57 -2.54
C ALA A 319 40.85 26.23 -1.21
N VAL A 320 39.98 26.08 -0.23
CA VAL A 320 40.20 26.63 1.10
C VAL A 320 41.00 25.59 1.88
N CYS A 321 42.22 25.93 2.25
CA CYS A 321 43.09 25.02 3.00
C CYS A 321 43.14 25.38 4.48
N VAL A 322 42.86 24.43 5.35
CA VAL A 322 42.99 24.66 6.79
C VAL A 322 44.43 24.35 7.21
N GLY A 323 45.15 25.39 7.59
CA GLY A 323 46.57 25.29 7.96
C GLY A 323 47.47 25.47 6.76
N ASP A 324 48.70 25.92 7.05
CA ASP A 324 49.67 26.17 5.98
C ASP A 324 50.30 24.89 5.42
N GLN A 325 50.42 23.86 6.22
CA GLN A 325 51.10 22.62 5.83
C GLN A 325 50.42 22.02 4.61
N ILE A 326 49.10 21.78 4.74
CA ILE A 326 48.32 21.17 3.64
C ILE A 326 48.30 22.03 2.39
N ALA A 327 48.30 23.36 2.58
CA ALA A 327 48.37 24.28 1.45
C ALA A 327 49.72 24.18 0.73
N ASP A 328 50.82 24.25 1.46
CA ASP A 328 52.16 24.11 0.88
C ASP A 328 52.26 22.77 0.14
N ALA A 329 51.78 21.70 0.79
CA ALA A 329 51.77 20.39 0.17
C ALA A 329 50.91 20.30 -1.09
N LEU A 330 49.73 20.91 -1.05
CA LEU A 330 48.84 20.91 -2.22
C LEU A 330 49.51 21.58 -3.42
N VAL A 331 50.14 22.72 -3.16
CA VAL A 331 50.82 23.48 -4.22
C VAL A 331 51.91 22.64 -4.86
N GLN A 332 52.71 21.98 -4.00
CA GLN A 332 53.78 21.09 -4.45
C GLN A 332 53.30 20.05 -5.45
N LYS A 333 52.13 19.47 -5.19
CA LYS A 333 51.58 18.47 -6.10
C LYS A 333 50.89 19.08 -7.32
N LEU A 334 50.21 20.22 -7.15
CA LEU A 334 49.47 20.81 -8.27
C LEU A 334 50.37 21.30 -9.41
N VAL A 335 51.48 21.95 -9.06
CA VAL A 335 52.29 22.66 -10.05
C VAL A 335 52.76 21.76 -11.21
N PRO A 336 53.40 20.60 -10.90
CA PRO A 336 53.79 19.68 -11.98
C PRO A 336 52.65 19.29 -12.91
N GLN A 337 51.48 18.99 -12.33
CA GLN A 337 50.36 18.49 -13.10
C GLN A 337 49.69 19.58 -13.95
N ILE A 338 49.83 20.84 -13.59
CA ILE A 338 49.38 21.93 -14.44
C ILE A 338 50.21 22.08 -15.73
N LYS A 339 51.24 21.30 -15.93
CA LYS A 339 51.90 21.11 -17.18
C LYS A 339 51.45 19.82 -17.94
N GLY A 340 50.31 19.95 -18.62
CA GLY A 340 49.67 18.86 -19.35
C GLY A 340 50.12 18.85 -20.81
N ALA A 360 42.93 42.67 -26.18
CA ALA A 360 41.56 43.14 -26.47
C ALA A 360 40.51 42.28 -25.75
N ALA A 361 40.01 41.21 -26.39
CA ALA A 361 39.26 40.15 -25.67
C ALA A 361 40.17 39.35 -24.71
N ARG A 362 41.44 39.18 -25.13
CA ARG A 362 42.53 38.63 -24.29
C ARG A 362 42.74 39.47 -23.03
N ASP A 363 42.73 40.80 -23.17
CA ASP A 363 43.02 41.77 -22.15
C ASP A 363 42.25 41.64 -20.82
N LYS A 364 41.07 41.02 -20.85
CA LYS A 364 40.32 40.62 -19.64
C LYS A 364 41.10 39.74 -18.69
N VAL A 365 41.80 38.73 -19.21
CA VAL A 365 42.48 37.76 -18.33
C VAL A 365 43.78 38.31 -17.79
N THR A 366 44.53 38.97 -18.65
CA THR A 366 45.77 39.63 -18.24
C THR A 366 45.44 40.66 -17.14
N GLY A 367 44.34 41.40 -17.30
CA GLY A 367 43.91 42.36 -16.32
C GLY A 367 43.62 41.71 -14.98
N TYR A 368 42.92 40.58 -15.05
CA TYR A 368 42.57 39.80 -13.87
C TYR A 368 43.81 39.33 -13.11
N ILE A 369 44.74 38.69 -13.82
CA ILE A 369 45.95 38.17 -13.23
C ILE A 369 46.79 39.32 -12.65
N ASP A 370 46.97 40.36 -13.45
CA ASP A 370 47.78 41.51 -13.02
C ASP A 370 47.25 42.14 -11.73
N THR A 371 45.94 42.33 -11.64
CA THR A 371 45.34 42.82 -10.38
C THR A 371 45.68 41.92 -9.21
N GLY A 372 45.67 40.60 -9.44
CA GLY A 372 45.94 39.62 -8.40
C GLY A 372 47.32 39.83 -7.80
N VAL A 373 48.31 39.94 -8.68
CA VAL A 373 49.68 40.19 -8.24
C VAL A 373 49.75 41.50 -7.46
N ALA A 374 49.17 42.54 -8.04
CA ALA A 374 49.13 43.87 -7.43
C ALA A 374 48.60 43.88 -6.01
N GLN A 375 47.57 43.11 -5.72
CA GLN A 375 46.96 43.11 -4.38
C GLN A 375 47.57 42.10 -3.41
N GLY A 376 48.64 41.41 -3.82
CA GLY A 376 49.46 40.62 -2.90
C GLY A 376 49.27 39.12 -2.92
N ALA A 377 48.58 38.60 -3.94
CA ALA A 377 48.47 37.16 -4.10
C ALA A 377 49.74 36.64 -4.73
N GLU A 378 50.04 35.37 -4.49
CA GLU A 378 51.23 34.73 -5.01
C GLU A 378 50.84 34.01 -6.29
N LEU A 379 51.35 34.49 -7.42
CA LEU A 379 51.05 33.87 -8.71
C LEU A 379 52.02 32.71 -8.90
N VAL A 380 51.54 31.48 -8.69
CA VAL A 380 52.41 30.31 -8.65
C VAL A 380 52.59 29.70 -10.02
N VAL A 381 51.55 29.69 -10.84
CA VAL A 381 51.65 29.22 -12.22
C VAL A 381 50.87 30.21 -13.07
N ASP A 382 51.56 30.80 -14.04
CA ASP A 382 50.99 31.83 -14.90
C ASP A 382 50.72 31.14 -16.22
N GLY A 383 49.44 31.04 -16.59
CA GLY A 383 49.05 30.28 -17.75
C GLY A 383 49.05 30.99 -19.09
N ARG A 384 49.62 32.19 -19.16
CA ARG A 384 49.59 32.96 -20.41
C ARG A 384 50.64 32.45 -21.39
N LEU A 397 45.42 30.88 -23.36
CA LEU A 397 45.36 30.67 -21.91
C LEU A 397 45.56 29.18 -21.52
N GLY A 398 46.46 28.98 -20.55
CA GLY A 398 46.69 27.73 -19.87
C GLY A 398 46.33 27.81 -18.40
N GLY A 399 46.59 26.70 -17.72
CA GLY A 399 46.37 26.60 -16.28
C GLY A 399 47.06 27.67 -15.44
N THR A 400 46.27 28.40 -14.65
CA THR A 400 46.79 29.42 -13.77
C THR A 400 46.47 29.05 -12.33
N LEU A 401 47.43 29.26 -11.43
CA LEU A 401 47.26 28.97 -10.01
C LEU A 401 47.69 30.16 -9.17
N PHE A 402 46.80 30.57 -8.26
CA PHE A 402 47.07 31.64 -7.31
C PHE A 402 47.05 31.08 -5.91
N ASP A 403 48.01 31.52 -5.11
CA ASP A 403 48.05 31.13 -3.70
C ASP A 403 47.90 32.39 -2.87
N ARG A 404 47.62 32.21 -1.59
CA ARG A 404 47.59 33.30 -0.61
C ARG A 404 46.55 34.35 -0.96
N VAL A 405 45.40 33.86 -1.40
CA VAL A 405 44.30 34.68 -1.85
C VAL A 405 43.40 34.92 -0.65
N THR A 406 42.78 36.09 -0.62
CA THR A 406 41.97 36.55 0.48
C THR A 406 40.64 37.03 -0.08
N PRO A 407 39.58 37.08 0.71
CA PRO A 407 38.29 37.49 0.14
C PRO A 407 38.18 38.98 -0.21
N GLU A 408 39.13 39.81 0.22
CA GLU A 408 39.14 41.24 -0.15
C GLU A 408 39.73 41.47 -1.51
N MET A 409 40.44 40.49 -2.08
CA MET A 409 41.00 40.66 -3.41
C MET A 409 39.94 40.61 -4.49
N THR A 410 40.24 41.28 -5.59
CA THR A 410 39.40 41.27 -6.76
C THR A 410 39.37 39.88 -7.40
N ILE A 411 40.48 39.16 -7.38
CA ILE A 411 40.49 37.81 -7.97
C ILE A 411 39.58 36.82 -7.27
N TYR A 412 39.23 37.09 -6.02
CA TYR A 412 38.23 36.28 -5.31
C TYR A 412 36.82 36.72 -5.64
N LYS A 413 36.58 38.04 -5.72
CA LYS A 413 35.23 38.59 -5.92
C LYS A 413 34.73 38.45 -7.34
N GLU A 414 35.61 38.59 -8.32
CA GLU A 414 35.22 38.62 -9.73
C GLU A 414 35.45 37.27 -10.35
N GLU A 415 34.47 36.77 -11.09
CA GLU A 415 34.62 35.47 -11.73
C GLU A 415 35.24 35.68 -13.08
N ILE A 416 36.05 34.74 -13.49
CA ILE A 416 36.84 34.87 -14.70
C ILE A 416 36.65 33.62 -15.54
N PHE A 417 36.56 33.79 -16.85
CA PHE A 417 36.59 32.65 -17.75
C PHE A 417 37.98 32.00 -17.73
N GLY A 418 38.01 30.68 -17.67
CA GLY A 418 39.24 29.95 -17.91
C GLY A 418 39.72 29.13 -16.73
N PRO A 419 40.78 28.33 -16.95
CA PRO A 419 41.32 27.40 -15.95
C PRO A 419 42.10 28.13 -14.84
N VAL A 420 41.39 28.61 -13.84
CA VAL A 420 42.01 29.34 -12.76
C VAL A 420 41.57 28.79 -11.42
N LEU A 421 42.53 28.43 -10.57
CA LEU A 421 42.25 28.00 -9.21
C LEU A 421 42.92 28.95 -8.22
N CYS A 422 42.21 29.30 -7.16
CA CYS A 422 42.75 30.14 -6.10
C CYS A 422 42.79 29.32 -4.83
N ILE A 423 43.91 29.41 -4.14
CA ILE A 423 44.07 28.76 -2.84
C ILE A 423 43.89 29.85 -1.78
N VAL A 424 43.04 29.59 -0.81
CA VAL A 424 42.82 30.49 0.31
C VAL A 424 43.21 29.75 1.58
N ARG A 425 44.13 30.33 2.32
CA ARG A 425 44.66 29.73 3.55
C ARG A 425 43.86 30.26 4.70
N VAL A 426 43.50 29.37 5.61
CA VAL A 426 42.62 29.69 6.70
C VAL A 426 43.06 28.84 7.91
N ASN A 427 42.72 29.26 9.14
CA ASN A 427 43.20 28.59 10.33
C ASN A 427 42.36 27.54 10.99
N SER A 428 41.08 27.55 10.70
CA SER A 428 40.15 26.59 11.31
C SER A 428 39.08 26.19 10.30
N LEU A 429 38.42 25.08 10.60
CA LEU A 429 37.28 24.66 9.80
C LEU A 429 36.14 25.67 9.90
N GLU A 430 35.95 26.22 11.09
CA GLU A 430 34.90 27.22 11.32
C GLU A 430 35.09 28.39 10.37
N GLU A 431 36.34 28.86 10.27
CA GLU A 431 36.68 29.95 9.37
C GLU A 431 36.40 29.56 7.92
N ALA A 432 36.74 28.35 7.52
CA ALA A 432 36.46 27.89 6.15
C ALA A 432 34.98 27.87 5.85
N MET A 433 34.19 27.37 6.80
CA MET A 433 32.74 27.28 6.61
C MET A 433 32.13 28.67 6.57
N GLN A 434 32.62 29.55 7.45
CA GLN A 434 32.14 30.91 7.46
C GLN A 434 32.51 31.62 6.16
N LEU A 435 33.73 31.39 5.66
CA LEU A 435 34.11 31.94 4.37
C LEU A 435 33.10 31.54 3.28
N ILE A 436 32.80 30.24 3.17
CA ILE A 436 31.92 29.75 2.11
C ILE A 436 30.49 30.26 2.28
N ASN A 437 29.98 30.19 3.52
CA ASN A 437 28.61 30.60 3.83
C ASN A 437 28.35 32.10 3.67
N ASP A 438 29.34 32.94 3.96
CA ASP A 438 29.16 34.40 3.94
C ASP A 438 29.18 35.05 2.58
N HIS A 439 29.43 34.31 1.52
CA HIS A 439 29.41 34.87 0.16
C HIS A 439 28.22 34.30 -0.63
N GLU A 440 28.10 34.62 -1.91
CA GLU A 440 26.93 34.13 -2.70
C GLU A 440 27.25 32.67 -3.02
N TYR A 441 26.90 31.81 -2.08
CA TYR A 441 27.36 30.41 -2.11
C TYR A 441 26.77 29.64 -3.27
N GLY A 442 27.54 28.70 -3.78
CA GLY A 442 27.18 27.97 -4.97
C GLY A 442 26.28 26.78 -4.74
N ASN A 443 26.35 25.85 -5.69
CA ASN A 443 25.48 24.70 -5.75
C ASN A 443 26.22 23.39 -5.48
N GLY A 444 27.49 23.47 -5.09
CA GLY A 444 28.29 22.29 -4.80
C GLY A 444 29.49 22.66 -3.95
N THR A 445 29.87 21.76 -3.08
CA THR A 445 31.05 21.94 -2.28
C THR A 445 31.57 20.61 -1.80
N CYS A 446 32.88 20.56 -1.56
CA CYS A 446 33.55 19.35 -1.10
C CYS A 446 34.34 19.62 0.15
N ILE A 447 34.52 18.59 0.95
CA ILE A 447 35.51 18.61 2.01
C ILE A 447 36.38 17.37 1.89
N PHE A 448 37.69 17.55 2.01
CA PHE A 448 38.63 16.44 1.96
C PHE A 448 39.29 16.26 3.32
N THR A 449 39.06 15.09 3.91
CA THR A 449 39.46 14.77 5.27
C THR A 449 39.27 13.29 5.56
N ARG A 450 39.98 12.81 6.57
CA ARG A 450 39.82 11.48 7.09
C ARG A 450 39.01 11.46 8.37
N ASP A 451 38.78 12.63 8.96
CA ASP A 451 38.11 12.76 10.24
C ASP A 451 36.59 12.71 10.08
N GLY A 452 35.94 11.82 10.82
CA GLY A 452 34.49 11.68 10.78
C GLY A 452 33.78 12.85 11.39
N GLU A 453 34.33 13.41 12.47
CA GLU A 453 33.70 14.53 13.16
C GLU A 453 33.70 15.80 12.33
N ALA A 454 34.83 16.06 11.68
CA ALA A 454 34.94 17.17 10.74
C ALA A 454 33.90 17.06 9.63
N ALA A 455 33.87 15.92 8.96
CA ALA A 455 32.92 15.71 7.88
C ALA A 455 31.48 15.91 8.35
N ARG A 456 31.13 15.37 9.52
CA ARG A 456 29.75 15.51 10.00
C ARG A 456 29.41 16.96 10.20
N LEU A 457 30.33 17.69 10.81
CA LEU A 457 30.13 19.10 11.11
C LEU A 457 30.01 19.90 9.84
N PHE A 458 30.88 19.64 8.88
CA PHE A 458 30.82 20.33 7.59
C PHE A 458 29.47 20.14 6.94
N CYS A 459 29.00 18.90 6.90
CA CYS A 459 27.68 18.60 6.30
C CYS A 459 26.55 19.27 7.05
N ASP A 460 26.66 19.38 8.36
CA ASP A 460 25.64 20.06 9.17
C ASP A 460 25.61 21.57 8.95
N GLU A 461 26.76 22.23 9.01
CA GLU A 461 26.79 23.69 9.06
C GLU A 461 27.01 24.42 7.76
N ILE A 462 27.52 23.75 6.73
CA ILE A 462 27.65 24.39 5.43
C ILE A 462 26.24 24.64 4.90
N GLU A 463 26.03 25.69 4.11
CA GLU A 463 24.69 26.02 3.58
C GLU A 463 24.49 25.61 2.13
N VAL A 464 25.52 25.04 1.51
CA VAL A 464 25.40 24.60 0.13
C VAL A 464 24.57 23.33 0.11
N GLY A 465 23.74 23.20 -0.92
CA GLY A 465 22.74 22.16 -0.97
C GLY A 465 23.27 20.76 -1.26
N MET A 466 24.30 20.66 -2.10
CA MET A 466 24.96 19.39 -2.37
C MET A 466 26.38 19.39 -1.84
N VAL A 467 26.74 18.34 -1.11
CA VAL A 467 28.04 18.24 -0.49
C VAL A 467 28.71 16.93 -0.82
N GLY A 468 30.01 16.98 -1.09
CA GLY A 468 30.80 15.82 -1.40
C GLY A 468 31.90 15.66 -0.37
N VAL A 469 31.98 14.50 0.25
CA VAL A 469 33.00 14.20 1.23
C VAL A 469 34.00 13.27 0.58
N ASN A 470 35.22 13.78 0.35
CA ASN A 470 36.26 13.10 -0.40
C ASN A 470 35.85 12.62 -1.80
N VAL A 471 34.83 13.27 -2.35
CA VAL A 471 34.32 12.88 -3.66
C VAL A 471 33.76 14.12 -4.35
N PRO A 472 34.03 14.27 -5.66
CA PRO A 472 33.49 15.42 -6.36
C PRO A 472 32.02 15.18 -6.72
N LEU A 473 31.31 16.24 -7.11
CA LEU A 473 29.88 16.17 -7.39
C LEU A 473 29.61 16.46 -8.86
N PRO A 474 28.52 15.88 -9.43
CA PRO A 474 28.20 16.11 -10.85
C PRO A 474 27.51 17.46 -11.09
N VAL A 475 28.25 18.55 -10.87
CA VAL A 475 27.77 19.92 -10.90
C VAL A 475 28.78 20.72 -11.74
N PRO A 476 28.63 20.72 -13.06
CA PRO A 476 29.70 21.24 -13.93
C PRO A 476 29.80 22.76 -14.04
N VAL A 477 28.79 23.49 -13.59
CA VAL A 477 28.83 24.95 -13.55
C VAL A 477 28.30 25.41 -12.21
N ALA A 478 28.94 26.44 -11.66
CA ALA A 478 28.55 26.94 -10.34
C ALA A 478 27.52 28.05 -10.47
N TYR A 479 26.42 27.92 -9.71
CA TYR A 479 25.36 28.92 -9.68
C TYR A 479 24.93 29.15 -8.25
N HIS A 480 24.56 30.40 -7.99
CA HIS A 480 23.88 30.81 -6.76
C HIS A 480 22.42 30.99 -7.13
N SER A 481 21.54 30.64 -6.20
CA SER A 481 20.09 30.67 -6.43
C SER A 481 19.52 31.84 -5.62
N PHE A 482 18.77 32.72 -6.26
CA PHE A 482 18.15 33.87 -5.59
C PHE A 482 16.72 33.62 -5.12
N GLY A 483 16.37 34.34 -4.06
CA GLY A 483 14.99 34.41 -3.60
C GLY A 483 14.46 33.16 -2.96
N GLY A 484 13.15 33.04 -2.93
CA GLY A 484 12.44 31.88 -2.36
C GLY A 484 11.95 30.85 -3.38
N TRP A 485 11.90 31.24 -4.66
CA TRP A 485 11.52 30.31 -5.72
C TRP A 485 12.79 29.64 -6.21
N LYS A 486 13.20 28.60 -5.50
CA LYS A 486 14.53 28.00 -5.71
C LYS A 486 14.43 26.69 -6.45
N ARG A 487 15.22 26.56 -7.50
CA ARG A 487 15.28 25.36 -8.32
C ARG A 487 16.73 24.96 -8.51
N SER A 488 17.00 23.67 -8.45
CA SER A 488 18.32 23.12 -8.66
C SER A 488 18.42 22.72 -10.11
N LEU A 489 19.55 23.01 -10.75
CA LEU A 489 19.70 22.71 -12.16
C LEU A 489 20.27 21.32 -12.37
N PHE A 490 21.11 20.87 -11.45
CA PHE A 490 21.88 19.64 -11.63
C PHE A 490 21.52 18.52 -10.67
N GLY A 491 20.59 18.76 -9.73
CA GLY A 491 20.09 17.70 -8.87
C GLY A 491 19.35 16.55 -9.58
N ASP A 492 18.99 15.52 -8.82
CA ASP A 492 18.14 14.44 -9.33
C ASP A 492 16.79 15.07 -9.68
N LEU A 493 16.37 14.91 -10.92
CA LEU A 493 15.11 15.52 -11.38
C LEU A 493 13.93 15.13 -10.52
N HIS A 494 13.84 13.85 -10.17
CA HIS A 494 12.76 13.35 -9.33
C HIS A 494 12.78 13.93 -7.94
N ALA A 495 13.95 14.37 -7.47
CA ALA A 495 14.05 14.99 -6.15
C ALA A 495 13.74 16.48 -6.14
N TYR A 496 14.21 17.21 -7.15
CA TYR A 496 14.02 18.68 -7.19
C TYR A 496 12.94 19.14 -8.19
N GLY A 497 12.34 18.20 -8.91
CA GLY A 497 11.24 18.50 -9.82
C GLY A 497 10.04 19.17 -9.18
N PRO A 498 9.59 18.68 -8.02
CA PRO A 498 8.47 19.35 -7.34
C PRO A 498 8.65 20.82 -7.11
N ASP A 499 9.88 21.28 -6.92
CA ASP A 499 10.12 22.71 -6.77
C ASP A 499 9.75 23.47 -8.07
N GLY A 500 10.08 22.86 -9.22
CA GLY A 500 9.67 23.38 -10.52
C GLY A 500 8.17 23.42 -10.66
N VAL A 501 7.53 22.31 -10.32
CA VAL A 501 6.08 22.21 -10.37
C VAL A 501 5.42 23.29 -9.52
N ARG A 502 5.97 23.56 -8.34
CA ARG A 502 5.38 24.53 -7.48
C ARG A 502 5.58 25.96 -8.00
N PHE A 503 6.69 26.20 -8.69
CA PHE A 503 6.97 27.50 -9.29
C PHE A 503 6.00 27.83 -10.41
N TYR A 504 5.58 26.81 -11.16
CA TYR A 504 4.70 27.01 -12.31
C TYR A 504 3.22 26.74 -12.03
N THR A 505 2.84 26.55 -10.75
CA THR A 505 1.45 26.30 -10.39
C THR A 505 1.03 27.11 -9.19
N LYS A 506 -0.28 27.19 -9.01
CA LYS A 506 -0.88 27.87 -7.87
C LYS A 506 -1.91 26.93 -7.30
N ARG A 507 -1.96 26.82 -5.97
CA ARG A 507 -2.91 25.97 -5.30
C ARG A 507 -4.22 26.74 -5.12
N LYS A 508 -5.34 26.06 -5.31
CA LYS A 508 -6.61 26.66 -5.03
C LYS A 508 -7.53 25.76 -4.23
N ALA A 509 -8.29 26.35 -3.32
CA ALA A 509 -9.29 25.68 -2.52
C ALA A 509 -10.64 26.34 -2.76
N ILE A 510 -11.55 25.60 -3.38
CA ILE A 510 -12.86 26.10 -3.73
C ILE A 510 -13.95 25.50 -2.86
N THR A 511 -14.86 26.34 -2.40
CA THR A 511 -16.07 25.89 -1.71
C THR A 511 -17.24 26.48 -2.49
N GLN A 512 -18.25 25.66 -2.79
CA GLN A 512 -19.31 26.03 -3.72
C GLN A 512 -20.70 25.61 -3.27
N ARG A 513 -21.65 26.50 -3.49
CA ARG A 513 -23.06 26.27 -3.23
C ARG A 513 -23.85 27.01 -4.28
N TRP A 514 -24.89 26.38 -4.79
CA TRP A 514 -25.82 27.03 -5.70
C TRP A 514 -27.11 27.30 -4.92
N PRO A 515 -27.33 28.56 -4.54
CA PRO A 515 -28.44 28.85 -3.67
C PRO A 515 -29.77 28.55 -4.38
N GLN A 516 -30.72 28.03 -3.61
CA GLN A 516 -31.90 27.36 -4.19
C GLN A 516 -33.01 28.31 -4.53
N ARG A 517 -33.87 27.87 -5.43
CA ARG A 517 -35.15 28.54 -5.68
C ARG A 517 -36.24 27.60 -5.15
N LYS A 518 -37.41 28.17 -4.89
CA LYS A 518 -38.56 27.39 -4.43
C LYS A 518 -39.25 26.63 -5.58
N SER A 519 -39.23 27.21 -6.78
CA SER A 519 -39.86 26.64 -7.97
C SER A 519 -39.00 26.94 -9.21
N HIS A 520 -39.09 26.12 -10.25
CA HIS A 520 -38.26 26.28 -11.45
C HIS A 520 -39.10 26.33 -12.72
N GLU A 521 -40.11 27.21 -12.70
CA GLU A 521 -40.88 27.53 -13.90
C GLU A 521 -40.06 28.31 -14.88
N ALA A 522 -40.41 28.23 -16.16
CA ALA A 522 -39.67 28.91 -17.23
C ALA A 522 -39.42 30.40 -16.97
N ALA A 523 -40.36 31.06 -16.26
CA ALA A 523 -40.23 32.46 -15.90
C ALA A 523 -38.96 32.82 -15.08
N GLN A 524 -38.34 31.84 -14.43
CA GLN A 524 -37.16 32.07 -13.62
C GLN A 524 -35.82 32.00 -14.39
N PHE A 525 -35.86 31.83 -15.69
CA PHE A 525 -34.64 31.74 -16.51
C PHE A 525 -34.68 32.80 -17.65
N ALA A 526 -33.61 32.89 -18.43
CA ALA A 526 -33.42 34.02 -19.38
C ALA A 526 -33.55 33.63 -20.87
N PHE A 527 -33.97 34.57 -21.72
CA PHE A 527 -33.87 34.36 -23.17
C PHE A 527 -32.94 35.30 -23.91
N MET B 34 -48.70 1.94 29.59
CA MET B 34 -49.07 0.76 28.75
C MET B 34 -50.59 0.62 28.63
N THR B 35 -51.18 1.30 27.62
CA THR B 35 -52.59 1.09 27.22
C THR B 35 -52.73 0.94 25.69
N LEU B 36 -52.39 1.99 24.93
CA LEU B 36 -52.40 1.92 23.45
C LEU B 36 -51.06 2.38 22.87
N ILE B 37 -50.55 1.65 21.87
CA ILE B 37 -49.28 1.96 21.23
C ILE B 37 -49.51 2.91 20.06
N LYS B 38 -48.65 3.92 19.99
CA LYS B 38 -48.79 5.02 19.02
C LYS B 38 -47.90 4.80 17.78
N HIS B 39 -48.31 5.36 16.64
CA HIS B 39 -47.45 5.43 15.46
C HIS B 39 -46.35 6.47 15.67
N LEU B 40 -45.29 6.40 14.87
CA LEU B 40 -44.24 7.42 14.88
C LEU B 40 -44.08 8.03 13.50
N ILE B 41 -45.07 8.80 13.07
CA ILE B 41 -45.01 9.51 11.79
C ILE B 41 -44.50 10.94 11.99
N GLY B 42 -43.76 11.43 11.00
CA GLY B 42 -43.29 12.82 10.99
C GLY B 42 -42.64 13.33 12.27
N GLY B 43 -42.00 12.45 13.05
CA GLY B 43 -41.31 12.86 14.26
C GLY B 43 -42.14 12.92 15.54
N GLU B 44 -43.50 12.87 15.44
CA GLU B 44 -44.40 12.89 16.58
C GLU B 44 -45.15 11.55 16.70
N LEU B 45 -45.58 11.25 17.92
CA LEU B 45 -46.29 9.99 18.20
C LEU B 45 -47.79 10.22 17.97
N ILE B 46 -48.38 9.48 17.03
CA ILE B 46 -49.78 9.65 16.69
C ILE B 46 -50.60 8.52 17.34
N ALA B 47 -51.81 8.84 17.80
CA ALA B 47 -52.76 7.85 18.29
C ALA B 47 -53.81 7.61 17.20
N ASP B 48 -53.92 6.37 16.73
CA ASP B 48 -54.92 5.97 15.74
C ASP B 48 -56.01 5.22 16.51
N THR B 49 -57.27 5.50 16.19
CA THR B 49 -58.41 4.71 16.64
C THR B 49 -59.28 4.41 15.41
N GLY B 50 -59.46 3.13 15.14
CA GLY B 50 -60.10 2.63 13.91
C GLY B 50 -60.11 1.12 14.11
N ARG B 51 -59.66 0.33 13.13
CA ARG B 51 -59.42 -1.09 13.39
C ARG B 51 -58.35 -1.28 14.48
N THR B 52 -58.42 -2.36 15.23
CA THR B 52 -57.46 -2.63 16.30
C THR B 52 -57.40 -4.11 16.69
N ALA B 53 -56.17 -4.63 16.87
CA ALA B 53 -55.95 -5.96 17.44
C ALA B 53 -55.29 -5.83 18.81
N ASP B 54 -55.08 -6.98 19.46
CA ASP B 54 -54.50 -7.03 20.79
C ASP B 54 -53.17 -7.74 20.78
N VAL B 55 -52.21 -7.19 21.51
CA VAL B 55 -50.92 -7.86 21.71
C VAL B 55 -51.02 -8.66 22.99
N PHE B 56 -50.78 -9.97 22.91
CA PHE B 56 -50.81 -10.84 24.08
C PHE B 56 -49.41 -11.01 24.65
N ASN B 57 -49.35 -11.63 25.83
CA ASN B 57 -48.08 -11.96 26.47
C ASN B 57 -47.96 -13.49 26.39
N PRO B 58 -47.15 -14.00 25.43
CA PRO B 58 -47.09 -15.46 25.25
C PRO B 58 -46.92 -16.30 26.52
N SER B 59 -46.04 -15.90 27.46
CA SER B 59 -45.86 -16.57 28.73
C SER B 59 -46.99 -16.41 29.77
N THR B 60 -47.92 -15.46 29.60
CA THR B 60 -49.07 -15.30 30.51
C THR B 60 -50.36 -15.80 29.83
N GLY B 61 -50.61 -15.34 28.62
CA GLY B 61 -51.86 -15.60 27.89
C GLY B 61 -52.71 -14.31 27.78
N GLU B 62 -52.59 -13.45 28.79
CA GLU B 62 -53.38 -12.25 28.91
C GLU B 62 -52.93 -11.24 27.87
N ALA B 63 -53.89 -10.73 27.07
CA ALA B 63 -53.68 -9.51 26.25
C ALA B 63 -53.22 -8.31 27.09
N VAL B 64 -52.11 -7.67 26.67
CA VAL B 64 -51.51 -6.56 27.44
C VAL B 64 -51.83 -5.17 26.83
N ARG B 65 -51.87 -5.07 25.50
CA ARG B 65 -52.05 -3.76 24.82
C ARG B 65 -52.78 -3.91 23.50
N LYS B 66 -53.14 -2.78 22.91
CA LYS B 66 -53.84 -2.71 21.62
C LYS B 66 -52.98 -2.00 20.54
N VAL B 67 -53.14 -2.45 19.31
CA VAL B 67 -52.32 -2.01 18.16
C VAL B 67 -53.22 -1.52 17.02
N PRO B 68 -52.86 -0.37 16.41
CA PRO B 68 -53.75 0.19 15.39
C PRO B 68 -53.50 -0.28 13.97
N LEU B 69 -54.43 -1.03 13.39
CA LEU B 69 -54.32 -1.46 12.01
C LEU B 69 -54.63 -0.29 11.08
N ALA B 70 -53.60 0.23 10.40
CA ALA B 70 -53.71 1.55 9.77
C ALA B 70 -54.34 1.54 8.40
N ASP B 71 -55.06 2.66 8.13
CA ASP B 71 -55.72 2.88 6.85
C ASP B 71 -54.73 3.44 5.83
N ARG B 72 -55.13 3.50 4.56
CA ARG B 72 -54.30 4.12 3.53
C ARG B 72 -53.97 5.60 3.80
N GLU B 73 -54.86 6.30 4.48
CA GLU B 73 -54.65 7.71 4.83
C GLU B 73 -53.53 7.85 5.84
N THR B 74 -53.57 7.02 6.88
CA THR B 74 -52.53 7.04 7.91
C THR B 74 -51.16 6.65 7.32
N MET B 75 -51.14 5.83 6.27
CA MET B 75 -49.89 5.50 5.62
C MET B 75 -49.40 6.63 4.74
N GLN B 76 -50.29 7.18 3.93
CA GLN B 76 -49.98 8.35 3.10
C GLN B 76 -49.40 9.48 3.91
N GLN B 77 -49.81 9.60 5.18
CA GLN B 77 -49.16 10.52 6.08
C GLN B 77 -47.66 10.25 6.15
N ALA B 78 -47.32 9.00 6.47
CA ALA B 78 -45.91 8.56 6.58
C ALA B 78 -45.14 8.76 5.29
N ILE B 79 -45.74 8.33 4.18
CA ILE B 79 -45.11 8.49 2.89
C ILE B 79 -44.79 9.97 2.62
N ASP B 80 -45.78 10.84 2.80
CA ASP B 80 -45.57 12.28 2.62
C ASP B 80 -44.49 12.82 3.55
N ALA B 81 -44.51 12.38 4.81
CA ALA B 81 -43.47 12.78 5.77
C ALA B 81 -42.09 12.40 5.30
N ALA B 82 -41.95 11.17 4.78
CA ALA B 82 -40.65 10.67 4.34
C ALA B 82 -40.20 11.35 3.06
N LYS B 83 -41.12 11.47 2.11
CA LYS B 83 -40.88 12.23 0.87
C LYS B 83 -40.39 13.67 1.15
N ALA B 84 -40.95 14.29 2.18
CA ALA B 84 -40.56 15.65 2.58
C ALA B 84 -39.17 15.70 3.20
N ALA B 85 -38.87 14.74 4.08
CA ALA B 85 -37.57 14.72 4.77
C ALA B 85 -36.39 14.39 3.85
N PHE B 86 -36.67 13.73 2.71
CA PHE B 86 -35.62 13.18 1.87
C PHE B 86 -34.60 14.17 1.33
N PRO B 87 -35.04 15.28 0.68
CA PRO B 87 -34.03 16.17 0.09
C PRO B 87 -33.04 16.78 1.10
N ALA B 88 -33.52 17.19 2.26
CA ALA B 88 -32.62 17.67 3.31
C ALA B 88 -31.64 16.58 3.74
N TRP B 89 -32.16 15.39 3.97
CA TRP B 89 -31.35 14.30 4.51
C TRP B 89 -30.33 13.83 3.50
N ARG B 90 -30.74 13.78 2.24
CA ARG B 90 -29.86 13.37 1.16
C ARG B 90 -28.65 14.26 1.10
N ASN B 91 -28.81 15.54 1.38
CA ASN B 91 -27.69 16.48 1.36
C ASN B 91 -26.99 16.68 2.67
N THR B 92 -27.43 15.97 3.71
CA THR B 92 -26.68 15.99 4.95
C THR B 92 -25.28 15.38 4.72
N PRO B 93 -24.23 16.02 5.25
CA PRO B 93 -22.89 15.46 5.09
C PRO B 93 -22.76 14.04 5.63
N PRO B 94 -22.03 13.17 4.90
CA PRO B 94 -21.74 11.81 5.34
C PRO B 94 -21.31 11.75 6.82
N ALA B 95 -20.39 12.62 7.22
CA ALA B 95 -19.89 12.61 8.58
C ALA B 95 -20.96 12.95 9.62
N LYS B 96 -21.95 13.75 9.24
CA LYS B 96 -23.03 14.09 10.17
C LYS B 96 -23.99 12.92 10.31
N ARG B 97 -24.24 12.20 9.21
CA ARG B 97 -25.05 11.00 9.26
C ARG B 97 -24.35 9.94 10.10
N ALA B 98 -23.05 9.74 9.88
CA ALA B 98 -22.28 8.84 10.72
C ALA B 98 -22.40 9.25 12.20
N GLN B 99 -22.42 10.55 12.48
CA GLN B 99 -22.46 11.05 13.85
C GLN B 99 -23.75 10.64 14.56
N VAL B 100 -24.89 10.87 13.92
CA VAL B 100 -26.18 10.53 14.51
C VAL B 100 -26.33 9.01 14.73
N LEU B 101 -25.77 8.22 13.82
CA LEU B 101 -25.76 6.76 14.01
C LEU B 101 -24.92 6.33 15.20
N PHE B 102 -23.77 6.96 15.38
CA PHE B 102 -22.88 6.61 16.49
C PHE B 102 -23.56 6.88 17.83
N ARG B 103 -24.34 7.95 17.93
CA ARG B 103 -25.08 8.20 19.17
C ARG B 103 -26.23 7.24 19.35
N PHE B 104 -26.84 6.85 18.23
CA PHE B 104 -27.88 5.82 18.26
C PHE B 104 -27.34 4.52 18.83
N LYS B 105 -26.14 4.11 18.43
CA LYS B 105 -25.50 2.94 18.99
C LYS B 105 -25.32 3.06 20.51
N GLN B 106 -24.91 4.24 20.98
CA GLN B 106 -24.70 4.45 22.43
C GLN B 106 -26.00 4.38 23.19
N LEU B 107 -27.01 5.08 22.69
CA LEU B 107 -28.32 5.08 23.36
C LEU B 107 -28.99 3.71 23.39
N LEU B 108 -28.62 2.80 22.49
CA LEU B 108 -29.10 1.42 22.56
C LEU B 108 -28.32 0.64 23.62
N GLU B 109 -27.00 0.74 23.60
CA GLU B 109 -26.17 0.12 24.65
C GLU B 109 -26.47 0.69 26.04
N ALA B 110 -27.10 1.87 26.11
CA ALA B 110 -27.55 2.46 27.37
C ALA B 110 -28.85 1.83 27.85
N ASN B 111 -29.85 1.78 26.98
CA ASN B 111 -31.16 1.23 27.34
C ASN B 111 -31.34 -0.28 27.07
N GLU B 112 -30.31 -1.12 27.15
CA GLU B 112 -30.50 -2.55 26.77
C GLU B 112 -31.56 -3.22 27.65
N GLU B 113 -31.36 -3.14 28.95
CA GLU B 113 -32.25 -3.80 29.92
C GLU B 113 -33.69 -3.47 29.60
N ARG B 114 -33.99 -2.19 29.36
CA ARG B 114 -35.36 -1.77 29.09
C ARG B 114 -35.96 -2.41 27.84
N ILE B 115 -35.12 -2.54 26.81
CA ILE B 115 -35.53 -3.08 25.51
C ILE B 115 -35.76 -4.57 25.65
N VAL B 116 -34.75 -5.26 26.12
CA VAL B 116 -34.78 -6.71 26.22
C VAL B 116 -36.06 -7.14 26.95
N LYS B 117 -36.39 -6.45 28.06
CA LYS B 117 -37.61 -6.72 28.78
C LYS B 117 -38.82 -6.67 27.85
N LEU B 118 -38.90 -5.62 27.04
CA LEU B 118 -40.01 -5.44 26.09
C LEU B 118 -40.07 -6.51 24.97
N ILE B 119 -38.94 -7.14 24.68
CA ILE B 119 -38.89 -8.23 23.71
C ILE B 119 -39.47 -9.50 24.35
N SER B 120 -38.86 -9.93 25.45
CA SER B 120 -39.32 -11.13 26.20
C SER B 120 -40.77 -11.04 26.61
N GLU B 121 -41.27 -9.83 26.82
CA GLU B 121 -42.64 -9.64 27.25
C GLU B 121 -43.67 -9.92 26.14
N GLU B 122 -43.43 -9.46 24.92
CA GLU B 122 -44.43 -9.63 23.86
C GLU B 122 -44.12 -10.78 22.88
N HIS B 123 -42.85 -11.18 22.78
CA HIS B 123 -42.48 -12.34 21.99
C HIS B 123 -42.42 -13.60 22.79
N GLY B 124 -41.95 -13.49 24.03
CA GLY B 124 -41.79 -14.62 24.93
C GLY B 124 -40.55 -15.39 24.59
N LYS B 125 -39.41 -14.94 25.11
CA LYS B 125 -38.19 -15.69 24.94
C LYS B 125 -37.24 -15.33 26.07
N THR B 126 -36.32 -16.27 26.32
CA THR B 126 -35.26 -16.08 27.28
C THR B 126 -34.64 -14.69 27.11
N ILE B 127 -34.55 -13.98 28.23
CA ILE B 127 -33.93 -12.65 28.25
C ILE B 127 -32.50 -12.74 27.68
N GLU B 128 -31.80 -13.86 27.94
CA GLU B 128 -30.47 -14.09 27.39
C GLU B 128 -30.49 -14.16 25.86
N ASP B 129 -31.51 -14.80 25.28
CA ASP B 129 -31.70 -14.78 23.82
C ASP B 129 -32.02 -13.36 23.33
N ALA B 130 -32.99 -12.72 23.97
CA ALA B 130 -33.36 -11.36 23.58
C ALA B 130 -32.18 -10.39 23.63
N ALA B 131 -31.31 -10.51 24.63
CA ALA B 131 -30.12 -9.66 24.71
C ALA B 131 -29.12 -9.97 23.61
N GLY B 132 -28.99 -11.26 23.26
CA GLY B 132 -28.11 -11.68 22.17
C GLY B 132 -28.58 -11.18 20.81
N GLU B 133 -29.90 -11.11 20.65
CA GLU B 133 -30.50 -10.52 19.44
C GLU B 133 -30.10 -9.05 19.30
N LEU B 134 -30.30 -8.28 20.36
CA LEU B 134 -30.01 -6.86 20.33
C LEU B 134 -28.51 -6.60 20.12
N LYS B 135 -27.66 -7.43 20.70
CA LYS B 135 -26.23 -7.34 20.43
C LYS B 135 -25.94 -7.42 18.92
N ARG B 136 -26.70 -8.26 18.22
CA ARG B 136 -26.58 -8.39 16.77
C ARG B 136 -27.09 -7.12 16.07
N GLY B 137 -28.27 -6.64 16.48
CA GLY B 137 -28.81 -5.39 15.96
C GLY B 137 -27.81 -4.23 16.07
N ILE B 138 -27.15 -4.17 17.21
CA ILE B 138 -26.14 -3.16 17.45
C ILE B 138 -24.94 -3.37 16.51
N GLU B 139 -24.57 -4.62 16.22
CA GLU B 139 -23.49 -4.84 15.23
C GLU B 139 -23.92 -4.27 13.87
N ASN B 140 -25.20 -4.39 13.54
CA ASN B 140 -25.72 -3.82 12.30
C ASN B 140 -25.64 -2.30 12.32
N VAL B 141 -25.93 -1.69 13.47
CA VAL B 141 -25.82 -0.23 13.58
C VAL B 141 -24.34 0.18 13.49
N GLU B 142 -23.45 -0.56 14.14
CA GLU B 142 -22.03 -0.25 14.05
C GLU B 142 -21.54 -0.34 12.59
N TYR B 143 -22.04 -1.29 11.80
CA TYR B 143 -21.62 -1.39 10.40
C TYR B 143 -22.11 -0.18 9.59
N ALA B 144 -23.34 0.25 9.88
CA ALA B 144 -23.95 1.36 9.15
C ALA B 144 -23.20 2.66 9.37
N THR B 145 -22.61 2.84 10.55
CA THR B 145 -21.89 4.08 10.83
C THR B 145 -20.72 4.29 9.87
N ALA B 146 -20.13 3.19 9.38
CA ALA B 146 -19.00 3.26 8.45
C ALA B 146 -19.36 3.14 6.98
N ALA B 147 -20.65 3.19 6.64
CA ALA B 147 -21.07 3.08 5.23
C ALA B 147 -20.77 4.32 4.41
N PRO B 148 -20.99 5.55 4.98
CA PRO B 148 -20.49 6.75 4.30
C PRO B 148 -19.04 6.73 3.76
N GLU B 149 -18.13 6.02 4.41
CA GLU B 149 -16.74 5.95 3.94
C GLU B 149 -16.59 5.18 2.61
N ILE B 150 -17.19 4.00 2.51
CA ILE B 150 -17.10 3.20 1.29
C ILE B 150 -17.95 3.73 0.12
N LEU B 151 -18.64 4.86 0.36
CA LEU B 151 -19.55 5.45 -0.62
C LEU B 151 -19.00 6.71 -1.33
N LYS B 152 -17.73 7.05 -1.14
CA LYS B 152 -17.16 8.21 -1.83
C LYS B 152 -16.77 7.87 -3.27
N GLY B 153 -16.92 8.86 -4.14
CA GLY B 153 -16.69 8.69 -5.57
C GLY B 153 -15.61 9.60 -6.11
N GLU B 154 -15.38 9.50 -7.42
CA GLU B 154 -14.19 10.12 -8.04
C GLU B 154 -14.56 11.39 -8.80
N TYR B 155 -13.58 12.30 -8.92
CA TYR B 155 -13.68 13.54 -9.69
C TYR B 155 -12.51 13.69 -10.62
N SER B 156 -12.77 14.17 -11.83
CA SER B 156 -11.70 14.38 -12.78
C SER B 156 -11.93 15.65 -13.56
N ARG B 157 -11.06 16.65 -13.37
N ARG B 157 -11.05 16.65 -13.37
CA ARG B 157 -11.14 17.89 -14.14
CA ARG B 157 -11.14 17.89 -14.14
C ARG B 157 -10.55 17.65 -15.52
C ARG B 157 -10.55 17.65 -15.52
N ASN B 158 -11.21 18.25 -16.51
CA ASN B 158 -10.80 18.14 -17.89
C ASN B 158 -10.50 16.72 -18.36
N VAL B 159 -11.46 15.81 -18.23
CA VAL B 159 -11.42 14.47 -18.83
C VAL B 159 -11.49 14.62 -20.35
N GLY B 160 -12.17 15.67 -20.79
CA GLY B 160 -12.06 16.19 -22.14
C GLY B 160 -11.94 17.70 -22.09
N PRO B 161 -11.71 18.34 -23.24
CA PRO B 161 -11.53 19.79 -23.27
C PRO B 161 -12.64 20.55 -22.57
N ASN B 162 -12.32 21.14 -21.43
CA ASN B 162 -13.31 21.86 -20.64
C ASN B 162 -14.52 21.00 -20.21
N ILE B 163 -14.30 19.70 -20.03
CA ILE B 163 -15.34 18.78 -19.64
C ILE B 163 -14.93 18.02 -18.38
N ASP B 164 -15.62 18.27 -17.29
CA ASP B 164 -15.36 17.52 -16.05
C ASP B 164 -16.24 16.31 -16.01
N ALA B 165 -15.79 15.30 -15.27
CA ALA B 165 -16.55 14.06 -15.10
C ALA B 165 -16.50 13.65 -13.65
N TRP B 166 -17.59 13.14 -13.12
CA TRP B 166 -17.52 12.50 -11.83
C TRP B 166 -18.54 11.41 -11.68
N SER B 167 -18.37 10.62 -10.62
CA SER B 167 -19.27 9.53 -10.30
C SER B 167 -19.58 9.60 -8.81
N ASP B 168 -20.84 9.31 -8.48
CA ASP B 168 -21.31 9.35 -7.12
C ASP B 168 -22.19 8.12 -6.84
N PHE B 169 -22.38 7.80 -5.58
CA PHE B 169 -23.35 6.80 -5.18
C PHE B 169 -24.44 7.48 -4.39
N GLN B 170 -25.63 7.54 -4.96
CA GLN B 170 -26.70 8.31 -4.38
C GLN B 170 -27.72 7.38 -3.74
N PRO B 171 -28.48 7.93 -2.77
CA PRO B 171 -29.64 7.23 -2.29
C PRO B 171 -30.74 7.20 -3.33
N ILE B 172 -31.69 6.29 -3.15
CA ILE B 172 -32.74 6.08 -4.16
C ILE B 172 -34.01 6.84 -3.86
N GLY B 173 -34.25 7.14 -2.58
CA GLY B 173 -35.42 7.94 -2.20
C GLY B 173 -36.07 7.44 -0.91
N VAL B 174 -37.37 7.17 -0.98
CA VAL B 174 -38.11 6.71 0.17
C VAL B 174 -38.27 5.21 0.06
N VAL B 175 -37.91 4.49 1.12
CA VAL B 175 -37.91 3.03 1.10
C VAL B 175 -38.62 2.51 2.32
N ALA B 176 -39.10 1.26 2.22
CA ALA B 176 -39.90 0.66 3.28
C ALA B 176 -39.45 -0.74 3.61
N GLY B 177 -39.65 -1.10 4.88
CA GLY B 177 -39.26 -2.40 5.41
C GLY B 177 -40.36 -3.03 6.23
N ILE B 178 -40.67 -4.29 5.94
CA ILE B 178 -41.73 -5.03 6.59
C ILE B 178 -41.13 -6.21 7.37
N THR B 179 -41.29 -6.18 8.69
CA THR B 179 -40.50 -7.00 9.61
C THR B 179 -41.34 -8.12 10.28
N PRO B 180 -40.71 -9.24 10.66
CA PRO B 180 -41.45 -10.36 11.22
C PRO B 180 -41.50 -10.38 12.76
N PHE B 181 -42.20 -11.39 13.27
CA PHE B 181 -42.46 -11.60 14.69
C PHE B 181 -41.21 -11.96 15.48
N ASN B 182 -40.54 -13.01 15.07
CA ASN B 182 -39.19 -13.32 15.58
C ASN B 182 -38.27 -12.17 15.20
N PHE B 183 -37.41 -11.78 16.10
CA PHE B 183 -36.56 -10.62 15.90
C PHE B 183 -37.26 -9.28 15.64
N PRO B 184 -37.96 -8.72 16.64
CA PRO B 184 -38.45 -7.35 16.47
C PRO B 184 -37.35 -6.29 16.67
N ALA B 185 -36.21 -6.69 17.24
CA ALA B 185 -35.10 -5.76 17.39
C ALA B 185 -34.18 -5.78 16.18
N MET B 186 -33.62 -6.95 15.87
CA MET B 186 -32.47 -7.05 14.95
C MET B 186 -32.86 -6.88 13.49
N VAL B 187 -33.96 -7.47 13.05
CA VAL B 187 -34.30 -7.38 11.64
C VAL B 187 -34.55 -5.92 11.18
N PRO B 188 -35.24 -5.10 11.98
CA PRO B 188 -35.32 -3.70 11.55
C PRO B 188 -33.95 -3.02 11.56
N LEU B 189 -33.16 -3.22 12.62
CA LEU B 189 -31.81 -2.66 12.68
C LEU B 189 -30.86 -3.19 11.60
N TRP B 190 -31.24 -4.27 10.96
CA TRP B 190 -30.52 -4.78 9.78
C TRP B 190 -30.92 -4.07 8.49
N MET B 191 -32.13 -3.49 8.46
CA MET B 191 -32.61 -2.71 7.33
C MET B 191 -32.34 -1.19 7.44
N TYR B 192 -33.02 -0.50 8.35
CA TYR B 192 -33.09 0.96 8.26
C TYR B 192 -31.83 1.74 8.57
N PRO B 193 -31.03 1.32 9.56
CA PRO B 193 -29.78 2.09 9.79
C PRO B 193 -28.89 2.17 8.56
N LEU B 194 -28.70 1.05 7.86
CA LEU B 194 -27.92 1.07 6.63
C LEU B 194 -28.58 1.94 5.55
N ALA B 195 -29.89 1.84 5.39
CA ALA B 195 -30.61 2.61 4.37
C ALA B 195 -30.57 4.09 4.63
N ILE B 196 -30.64 4.46 5.90
CA ILE B 196 -30.56 5.85 6.32
C ILE B 196 -29.13 6.38 6.22
N ALA B 197 -28.16 5.56 6.60
CA ALA B 197 -26.75 5.95 6.42
C ALA B 197 -26.43 6.27 4.97
N CYS B 198 -27.05 5.52 4.06
CA CYS B 198 -26.88 5.78 2.63
C CYS B 198 -27.62 7.01 2.15
N GLY B 199 -28.51 7.55 2.97
CA GLY B 199 -29.16 8.83 2.70
C GLY B 199 -30.62 8.69 2.27
N ASN B 200 -31.24 7.52 2.42
CA ASN B 200 -32.65 7.37 2.13
C ASN B 200 -33.47 7.76 3.35
N THR B 201 -34.80 7.73 3.18
CA THR B 201 -35.73 7.81 4.29
C THR B 201 -36.59 6.54 4.32
N PHE B 202 -37.08 6.22 5.50
CA PHE B 202 -37.57 4.90 5.81
C PHE B 202 -38.95 4.87 6.44
N ILE B 203 -39.80 4.01 5.91
CA ILE B 203 -41.06 3.65 6.55
C ILE B 203 -40.98 2.18 6.99
N LEU B 204 -41.11 1.97 8.29
CA LEU B 204 -41.03 0.65 8.90
C LEU B 204 -42.38 0.21 9.37
N LYS B 205 -42.85 -0.90 8.82
CA LYS B 205 -44.12 -1.51 9.19
C LYS B 205 -43.80 -2.84 9.90
N PRO B 206 -43.64 -2.82 11.24
CA PRO B 206 -43.22 -4.03 11.96
C PRO B 206 -44.36 -5.00 12.23
N SER B 207 -44.07 -6.07 12.98
CA SER B 207 -45.09 -7.07 13.29
C SER B 207 -46.10 -6.52 14.30
N GLU B 208 -47.37 -6.80 14.07
CA GLU B 208 -48.47 -6.43 14.99
C GLU B 208 -48.34 -7.12 16.34
N ARG B 209 -47.68 -8.27 16.37
CA ARG B 209 -47.66 -9.13 17.54
C ARG B 209 -46.61 -8.81 18.58
N ASP B 210 -45.66 -7.92 18.30
CA ASP B 210 -44.66 -7.55 19.30
C ASP B 210 -44.06 -6.18 19.01
N PRO B 211 -44.90 -5.24 18.60
CA PRO B 211 -44.38 -3.99 18.05
C PRO B 211 -43.85 -2.96 19.03
N SER B 212 -43.93 -3.20 20.34
CA SER B 212 -43.51 -2.17 21.29
C SER B 212 -42.00 -2.03 21.35
N SER B 213 -41.28 -3.15 21.37
CA SER B 213 -39.81 -3.10 21.42
C SER B 213 -39.21 -2.41 20.18
N THR B 214 -39.80 -2.65 19.02
CA THR B 214 -39.33 -2.04 17.78
C THR B 214 -39.49 -0.53 17.89
N LEU B 215 -40.66 -0.07 18.35
CA LEU B 215 -40.98 1.35 18.39
C LEU B 215 -40.09 2.10 19.36
N LEU B 216 -39.76 1.48 20.48
CA LEU B 216 -38.85 2.10 21.42
C LEU B 216 -37.53 2.43 20.72
N ILE B 217 -36.98 1.47 19.97
CA ILE B 217 -35.68 1.64 19.31
C ILE B 217 -35.78 2.75 18.24
N ALA B 218 -36.92 2.84 17.55
CA ALA B 218 -37.15 3.96 16.64
C ALA B 218 -37.03 5.29 17.38
N GLU B 219 -37.71 5.42 18.53
CA GLU B 219 -37.71 6.65 19.30
C GLU B 219 -36.32 7.02 19.75
N LEU B 220 -35.57 6.06 20.25
CA LEU B 220 -34.18 6.33 20.63
C LEU B 220 -33.36 6.92 19.48
N PHE B 221 -33.68 6.54 18.24
CA PHE B 221 -32.98 7.09 17.08
C PHE B 221 -33.29 8.57 16.94
N HIS B 222 -34.57 8.94 17.06
CA HIS B 222 -34.98 10.35 17.10
C HIS B 222 -34.29 11.10 18.24
N GLU B 223 -34.27 10.51 19.43
CA GLU B 223 -33.53 11.07 20.55
C GLU B 223 -32.04 11.25 20.27
N ALA B 224 -31.45 10.38 19.46
CA ALA B 224 -30.02 10.51 19.12
C ALA B 224 -29.74 11.71 18.19
N GLY B 225 -30.77 12.22 17.52
CA GLY B 225 -30.64 13.40 16.65
C GLY B 225 -31.23 13.30 15.26
N LEU B 226 -31.93 12.22 14.94
CA LEU B 226 -32.39 12.01 13.59
C LEU B 226 -33.48 13.01 13.27
N PRO B 227 -33.38 13.74 12.15
CA PRO B 227 -34.46 14.61 11.72
C PRO B 227 -35.83 13.92 11.62
N LYS B 228 -36.86 14.74 11.72
CA LYS B 228 -38.22 14.27 11.69
C LYS B 228 -38.53 13.76 10.28
N GLY B 229 -39.19 12.61 10.19
CA GLY B 229 -39.62 12.08 8.90
C GLY B 229 -38.64 11.09 8.25
N VAL B 230 -37.41 11.03 8.75
CA VAL B 230 -36.38 10.19 8.15
C VAL B 230 -36.65 8.72 8.47
N LEU B 231 -37.08 8.46 9.70
CA LEU B 231 -37.61 7.15 10.08
C LEU B 231 -39.05 7.31 10.57
N ASN B 232 -39.96 6.55 9.97
CA ASN B 232 -41.35 6.49 10.42
C ASN B 232 -41.76 5.05 10.71
N VAL B 233 -42.53 4.85 11.78
CA VAL B 233 -43.07 3.55 12.16
C VAL B 233 -44.60 3.56 12.05
N VAL B 234 -45.15 2.70 11.21
CA VAL B 234 -46.59 2.62 10.98
C VAL B 234 -47.04 1.18 11.25
N HIS B 235 -47.86 1.00 12.28
CA HIS B 235 -48.38 -0.35 12.61
C HIS B 235 -49.58 -0.69 11.73
N GLY B 236 -49.81 -1.98 11.51
CA GLY B 236 -50.86 -2.40 10.58
C GLY B 236 -50.79 -3.88 10.21
N ASP B 237 -51.41 -4.22 9.09
CA ASP B 237 -51.49 -5.60 8.60
C ASP B 237 -51.53 -5.58 7.06
N LYS B 238 -52.08 -6.63 6.44
CA LYS B 238 -52.18 -6.74 4.97
C LYS B 238 -52.59 -5.42 4.29
N GLY B 239 -53.49 -4.67 4.92
CA GLY B 239 -53.87 -3.34 4.44
C GLY B 239 -52.67 -2.41 4.35
N ALA B 240 -52.05 -2.18 5.51
CA ALA B 240 -50.80 -1.40 5.60
C ALA B 240 -49.75 -1.81 4.56
N VAL B 241 -49.53 -3.12 4.41
CA VAL B 241 -48.51 -3.62 3.50
C VAL B 241 -48.92 -3.35 2.06
N ASP B 242 -50.17 -3.67 1.72
CA ASP B 242 -50.69 -3.37 0.38
C ASP B 242 -50.57 -1.89 0.05
N ALA B 243 -50.74 -1.04 1.07
CA ALA B 243 -50.53 0.40 0.89
C ALA B 243 -49.12 0.72 0.37
N LEU B 244 -48.12 0.19 1.07
CA LEU B 244 -46.72 0.36 0.67
C LEU B 244 -46.43 -0.28 -0.69
N ILE B 245 -47.01 -1.46 -0.97
CA ILE B 245 -46.80 -2.07 -2.28
C ILE B 245 -47.41 -1.20 -3.40
N GLU B 246 -48.49 -0.48 -3.09
CA GLU B 246 -49.20 0.34 -4.09
C GLU B 246 -48.57 1.73 -4.29
N ALA B 247 -48.17 2.37 -3.18
CA ALA B 247 -47.56 3.71 -3.20
C ALA B 247 -46.44 3.87 -4.25
N PRO B 248 -46.64 4.76 -5.26
CA PRO B 248 -45.57 4.93 -6.27
C PRO B 248 -44.36 5.76 -5.81
N GLU B 249 -44.47 6.43 -4.66
CA GLU B 249 -43.34 7.18 -4.12
C GLU B 249 -42.26 6.26 -3.54
N VAL B 250 -42.67 5.13 -2.95
CA VAL B 250 -41.73 4.22 -2.29
C VAL B 250 -40.98 3.43 -3.38
N LYS B 251 -39.65 3.43 -3.30
CA LYS B 251 -38.81 2.94 -4.38
C LYS B 251 -38.26 1.56 -4.16
N ALA B 252 -38.19 1.14 -2.89
CA ALA B 252 -37.68 -0.16 -2.54
C ALA B 252 -38.41 -0.71 -1.34
N LEU B 253 -38.51 -2.03 -1.33
CA LEU B 253 -39.34 -2.74 -0.40
C LEU B 253 -38.54 -3.92 0.09
N SER B 254 -38.49 -4.07 1.41
CA SER B 254 -37.61 -5.06 2.04
C SER B 254 -38.41 -5.88 3.04
N PHE B 255 -38.35 -7.20 2.92
CA PHE B 255 -39.20 -8.08 3.71
C PHE B 255 -38.50 -9.31 4.20
N VAL B 256 -38.77 -9.66 5.45
CA VAL B 256 -38.39 -10.98 5.98
C VAL B 256 -39.58 -11.56 6.74
N GLY B 257 -39.99 -12.77 6.38
CA GLY B 257 -41.07 -13.48 7.05
C GLY B 257 -41.35 -14.84 6.43
N SER B 258 -42.61 -15.10 6.09
CA SER B 258 -42.99 -16.40 5.56
C SER B 258 -42.99 -16.42 4.03
N THR B 259 -42.88 -17.61 3.47
CA THR B 259 -42.64 -17.77 2.04
C THR B 259 -43.82 -17.34 1.16
N PRO B 260 -45.07 -17.54 1.61
CA PRO B 260 -46.19 -17.08 0.78
C PRO B 260 -46.25 -15.56 0.70
N ILE B 261 -46.11 -14.91 1.84
CA ILE B 261 -46.11 -13.45 1.92
C ILE B 261 -44.89 -12.87 1.17
N ALA B 262 -43.76 -13.55 1.25
CA ALA B 262 -42.57 -13.10 0.54
C ALA B 262 -42.77 -13.13 -0.96
N GLU B 263 -43.28 -14.24 -1.48
CA GLU B 263 -43.56 -14.36 -2.93
C GLU B 263 -44.53 -13.27 -3.37
N TYR B 264 -45.52 -13.00 -2.52
CA TYR B 264 -46.50 -11.95 -2.78
C TYR B 264 -45.80 -10.63 -3.02
N ILE B 265 -45.11 -10.16 -1.98
CA ILE B 265 -44.46 -8.85 -2.00
C ILE B 265 -43.40 -8.78 -3.09
N TYR B 266 -42.68 -9.88 -3.32
CA TYR B 266 -41.70 -9.87 -4.39
C TYR B 266 -42.34 -9.62 -5.73
N SER B 267 -43.27 -10.47 -6.14
CA SER B 267 -43.89 -10.38 -7.48
C SER B 267 -44.68 -9.11 -7.67
N GLU B 268 -45.54 -8.79 -6.69
CA GLU B 268 -46.40 -7.60 -6.81
C GLU B 268 -45.59 -6.30 -6.70
N GLY B 269 -44.53 -6.31 -5.90
CA GLY B 269 -43.61 -5.19 -5.84
C GLY B 269 -42.85 -5.00 -7.14
N THR B 270 -42.16 -6.06 -7.58
CA THR B 270 -41.32 -5.98 -8.79
C THR B 270 -42.16 -5.60 -10.01
N LYS B 271 -43.39 -6.11 -10.09
CA LYS B 271 -44.22 -5.76 -11.25
C LYS B 271 -44.59 -4.28 -11.24
N ARG B 272 -44.48 -3.58 -10.12
CA ARG B 272 -44.69 -2.13 -10.09
C ARG B 272 -43.40 -1.33 -10.04
N GLY B 273 -42.33 -1.85 -10.65
CA GLY B 273 -41.06 -1.12 -10.77
C GLY B 273 -40.24 -0.94 -9.51
N LYS B 274 -40.67 -1.49 -8.37
CA LYS B 274 -39.93 -1.35 -7.12
C LYS B 274 -38.78 -2.35 -7.05
N ARG B 275 -37.77 -2.00 -6.26
CA ARG B 275 -36.73 -2.95 -5.86
C ARG B 275 -37.25 -3.75 -4.68
N VAL B 276 -37.17 -5.06 -4.75
CA VAL B 276 -37.67 -5.88 -3.65
C VAL B 276 -36.67 -6.87 -3.16
N GLN B 277 -36.44 -6.84 -1.85
CA GLN B 277 -35.55 -7.77 -1.18
C GLN B 277 -36.46 -8.56 -0.26
N ALA B 278 -36.37 -9.88 -0.37
CA ALA B 278 -37.36 -10.77 0.29
C ALA B 278 -36.74 -12.07 0.77
N LEU B 279 -36.79 -12.27 2.09
CA LEU B 279 -36.41 -13.53 2.71
C LEU B 279 -37.67 -14.23 3.21
N GLY B 280 -37.94 -15.42 2.69
CA GLY B 280 -39.08 -16.22 3.10
C GLY B 280 -38.66 -17.51 3.78
N GLY B 281 -39.32 -17.86 4.88
CA GLY B 281 -39.05 -19.11 5.64
C GLY B 281 -38.84 -20.35 4.78
N ALA B 282 -37.87 -21.19 5.17
CA ALA B 282 -37.52 -22.36 4.37
C ALA B 282 -37.08 -23.51 5.27
N LYS B 283 -36.52 -24.58 4.69
CA LYS B 283 -35.94 -25.68 5.44
C LYS B 283 -34.51 -25.98 5.10
N ASN B 284 -33.62 -25.97 6.09
CA ASN B 284 -32.23 -26.35 5.84
C ASN B 284 -32.05 -27.86 5.92
N HIS B 285 -31.22 -28.37 5.01
CA HIS B 285 -31.03 -29.80 4.85
C HIS B 285 -29.61 -30.18 5.26
N ALA B 286 -29.48 -31.30 5.95
CA ALA B 286 -28.18 -31.98 6.14
C ALA B 286 -28.14 -33.23 5.25
N VAL B 287 -27.00 -33.49 4.65
CA VAL B 287 -26.81 -34.73 3.90
C VAL B 287 -25.90 -35.66 4.69
N LEU B 288 -26.29 -36.94 4.81
CA LEU B 288 -25.43 -37.97 5.40
C LEU B 288 -24.99 -38.94 4.33
N MET B 289 -23.69 -39.00 4.09
CA MET B 289 -23.16 -40.06 3.24
C MET B 289 -23.03 -41.37 4.03
N PRO B 290 -22.83 -42.50 3.33
CA PRO B 290 -22.69 -43.78 4.06
C PRO B 290 -21.51 -43.81 5.04
N ASP B 291 -20.41 -43.16 4.67
CA ASP B 291 -19.22 -43.13 5.52
C ASP B 291 -19.25 -42.08 6.63
N ALA B 292 -20.38 -41.43 6.86
CA ALA B 292 -20.43 -40.34 7.84
C ALA B 292 -20.07 -40.84 9.22
N ASP B 293 -19.34 -40.03 9.98
CA ASP B 293 -19.09 -40.31 11.38
C ASP B 293 -20.37 -40.01 12.12
N LEU B 294 -21.08 -41.07 12.51
CA LEU B 294 -22.42 -40.92 13.03
C LEU B 294 -22.53 -40.08 14.29
N ASP B 295 -21.59 -40.22 15.20
CA ASP B 295 -21.66 -39.48 16.48
C ASP B 295 -21.52 -37.98 16.21
N ASN B 296 -20.71 -37.64 15.20
CA ASN B 296 -20.53 -36.27 14.78
C ASN B 296 -21.80 -35.70 14.14
N ALA B 297 -22.43 -36.47 13.24
CA ALA B 297 -23.69 -36.03 12.59
C ALA B 297 -24.80 -35.92 13.61
N VAL B 298 -24.92 -36.91 14.48
CA VAL B 298 -25.96 -36.93 15.50
C VAL B 298 -25.81 -35.74 16.44
N SER B 299 -24.57 -35.39 16.78
CA SER B 299 -24.32 -34.24 17.60
C SER B 299 -24.85 -32.95 16.94
N ALA B 300 -24.58 -32.78 15.64
CA ALA B 300 -25.08 -31.62 14.91
C ALA B 300 -26.59 -31.61 14.82
N LEU B 301 -27.17 -32.76 14.45
CA LEU B 301 -28.62 -32.86 14.32
C LEU B 301 -29.34 -32.65 15.62
N MET B 302 -28.77 -33.14 16.71
CA MET B 302 -29.38 -33.02 18.04
C MET B 302 -29.33 -31.59 18.54
N GLY B 303 -28.24 -30.88 18.24
CA GLY B 303 -28.14 -29.47 18.56
C GLY B 303 -29.06 -28.62 17.70
N ALA B 304 -29.18 -28.99 16.41
CA ALA B 304 -29.97 -28.20 15.44
C ALA B 304 -31.47 -28.40 15.53
N ALA B 305 -31.92 -29.64 15.71
CA ALA B 305 -33.34 -29.97 15.70
C ALA B 305 -33.97 -29.99 17.10
N TYR B 306 -33.21 -30.35 18.13
CA TYR B 306 -33.73 -30.50 19.49
C TYR B 306 -33.01 -29.70 20.61
N GLY B 307 -31.71 -29.46 20.49
CA GLY B 307 -30.88 -28.92 21.59
C GLY B 307 -30.97 -27.43 21.83
N CYS B 313 -25.55 -22.35 17.11
CA CYS B 313 -26.76 -23.20 16.95
C CYS B 313 -27.40 -23.01 15.55
N MET B 314 -27.82 -24.13 14.93
CA MET B 314 -28.25 -24.14 13.54
C MET B 314 -29.69 -24.59 13.42
N ALA B 315 -30.34 -24.17 12.34
CA ALA B 315 -31.65 -24.64 11.96
C ALA B 315 -31.46 -25.76 10.91
N ILE B 316 -31.89 -26.98 11.24
CA ILE B 316 -31.95 -28.08 10.28
C ILE B 316 -33.26 -28.79 10.50
N SER B 317 -34.01 -29.06 9.45
CA SER B 317 -35.28 -29.77 9.59
C SER B 317 -35.40 -31.05 8.76
N VAL B 318 -34.41 -31.32 7.91
CA VAL B 318 -34.45 -32.49 7.05
C VAL B 318 -33.06 -33.10 6.99
N ALA B 319 -32.99 -34.41 7.16
CA ALA B 319 -31.76 -35.14 7.03
C ALA B 319 -31.87 -36.09 5.84
N VAL B 320 -31.19 -35.75 4.75
CA VAL B 320 -31.18 -36.55 3.55
C VAL B 320 -30.10 -37.61 3.72
N CYS B 321 -30.50 -38.88 3.77
CA CYS B 321 -29.54 -39.98 3.91
C CYS B 321 -29.29 -40.68 2.58
N VAL B 322 -28.03 -40.81 2.18
CA VAL B 322 -27.71 -41.57 0.97
C VAL B 322 -27.54 -43.04 1.34
N GLY B 323 -28.46 -43.86 0.86
CA GLY B 323 -28.49 -45.28 1.19
C GLY B 323 -29.32 -45.58 2.43
N ASP B 324 -29.84 -46.78 2.49
CA ASP B 324 -30.68 -47.19 3.62
C ASP B 324 -29.88 -47.50 4.88
N GLN B 325 -28.63 -47.98 4.72
CA GLN B 325 -27.81 -48.39 5.86
C GLN B 325 -27.63 -47.23 6.84
N ILE B 326 -27.12 -46.12 6.33
CA ILE B 326 -26.86 -44.92 7.15
C ILE B 326 -28.13 -44.35 7.77
N ALA B 327 -29.23 -44.44 7.04
CA ALA B 327 -30.53 -44.02 7.58
C ALA B 327 -30.99 -44.90 8.75
N ASP B 328 -30.97 -46.22 8.55
CA ASP B 328 -31.33 -47.16 9.63
C ASP B 328 -30.42 -46.92 10.85
N ALA B 329 -29.13 -46.77 10.59
CA ALA B 329 -28.17 -46.48 11.65
C ALA B 329 -28.41 -45.15 12.36
N LEU B 330 -28.73 -44.10 11.60
CA LEU B 330 -29.01 -42.80 12.18
C LEU B 330 -30.21 -42.87 13.13
N VAL B 331 -31.27 -43.56 12.69
CA VAL B 331 -32.48 -43.71 13.51
C VAL B 331 -32.16 -44.40 14.83
N GLN B 332 -31.37 -45.49 14.72
CA GLN B 332 -30.94 -46.24 15.89
C GLN B 332 -30.28 -45.37 16.95
N LYS B 333 -29.45 -44.43 16.52
CA LYS B 333 -28.79 -43.51 17.44
C LYS B 333 -29.67 -42.36 17.90
N LEU B 334 -30.53 -41.85 17.02
CA LEU B 334 -31.35 -40.67 17.37
C LEU B 334 -32.38 -40.97 18.47
N VAL B 335 -33.05 -42.13 18.37
CA VAL B 335 -34.20 -42.43 19.21
C VAL B 335 -33.89 -42.35 20.72
N PRO B 336 -32.83 -43.05 21.20
CA PRO B 336 -32.44 -42.93 22.60
C PRO B 336 -32.21 -41.49 23.08
N GLN B 337 -31.53 -40.70 22.25
CA GLN B 337 -31.16 -39.35 22.65
C GLN B 337 -32.32 -38.38 22.63
N ILE B 338 -33.37 -38.66 21.87
CA ILE B 338 -34.57 -37.84 21.92
C ILE B 338 -35.39 -38.20 23.15
N LYS B 339 -35.35 -39.45 23.67
CA LYS B 339 -35.93 -39.75 24.93
C LYS B 339 -35.08 -39.16 26.04
N GLY B 340 -33.78 -38.95 25.80
CA GLY B 340 -32.89 -38.32 26.77
C GLY B 340 -33.19 -36.88 27.21
N LEU B 341 -33.89 -36.11 26.39
CA LEU B 341 -34.03 -34.69 26.64
C LEU B 341 -35.11 -34.39 27.67
N GLY B 359 -54.34 -24.30 21.95
CA GLY B 359 -55.69 -24.75 21.59
C GLY B 359 -55.94 -25.01 20.10
N ALA B 360 -55.77 -23.97 19.29
CA ALA B 360 -55.73 -24.12 17.84
C ALA B 360 -54.30 -24.51 17.43
N ALA B 361 -53.31 -24.07 18.22
CA ALA B 361 -51.91 -24.51 18.00
C ALA B 361 -51.71 -25.99 18.34
N ARG B 362 -52.44 -26.48 19.36
CA ARG B 362 -52.54 -27.92 19.67
C ARG B 362 -53.10 -28.71 18.48
N ASP B 363 -54.18 -28.18 17.90
CA ASP B 363 -54.78 -28.79 16.67
C ASP B 363 -53.86 -28.64 15.45
N LYS B 364 -53.04 -27.56 15.40
CA LYS B 364 -52.08 -27.36 14.28
C LYS B 364 -51.05 -28.47 14.20
N VAL B 365 -50.50 -28.87 15.36
CA VAL B 365 -49.42 -29.84 15.37
C VAL B 365 -49.94 -31.25 15.18
N THR B 366 -51.04 -31.55 15.86
CA THR B 366 -51.70 -32.84 15.69
C THR B 366 -52.07 -33.04 14.22
N GLY B 367 -52.57 -32.00 13.57
CA GLY B 367 -52.91 -32.05 12.16
C GLY B 367 -51.72 -32.36 11.30
N TYR B 368 -50.60 -31.69 11.62
CA TYR B 368 -49.34 -31.91 10.90
C TYR B 368 -48.88 -33.36 11.00
N ILE B 369 -48.80 -33.87 12.22
CA ILE B 369 -48.33 -35.22 12.47
C ILE B 369 -49.28 -36.24 11.83
N ASP B 370 -50.58 -36.04 12.06
CA ASP B 370 -51.58 -36.95 11.51
C ASP B 370 -51.51 -37.05 9.98
N THR B 371 -51.37 -35.93 9.30
CA THR B 371 -51.20 -35.96 7.84
C THR B 371 -49.97 -36.81 7.45
N GLY B 372 -48.89 -36.70 8.23
CA GLY B 372 -47.68 -37.42 7.95
C GLY B 372 -47.89 -38.91 7.93
N VAL B 373 -48.54 -39.40 8.97
CA VAL B 373 -48.86 -40.82 9.06
C VAL B 373 -49.76 -41.23 7.89
N ALA B 374 -50.80 -40.44 7.66
CA ALA B 374 -51.74 -40.68 6.57
C ALA B 374 -51.10 -40.87 5.21
N GLN B 375 -50.07 -40.08 4.90
CA GLN B 375 -49.44 -40.16 3.57
C GLN B 375 -48.27 -41.16 3.49
N GLY B 376 -48.03 -41.92 4.57
CA GLY B 376 -47.13 -43.07 4.52
C GLY B 376 -45.74 -42.88 5.10
N ALA B 377 -45.54 -41.83 5.86
CA ALA B 377 -44.29 -41.64 6.57
C ALA B 377 -44.32 -42.51 7.81
N GLU B 378 -43.13 -42.88 8.29
CA GLU B 378 -42.99 -43.69 9.48
C GLU B 378 -42.75 -42.75 10.66
N LEU B 379 -43.71 -42.68 11.57
CA LEU B 379 -43.59 -41.84 12.76
C LEU B 379 -42.78 -42.61 13.80
N VAL B 380 -41.51 -42.29 13.97
CA VAL B 380 -40.60 -43.09 14.78
C VAL B 380 -40.61 -42.63 16.23
N VAL B 381 -40.69 -41.33 16.46
CA VAL B 381 -40.80 -40.78 17.82
C VAL B 381 -41.85 -39.70 17.76
N ASP B 382 -42.90 -39.87 18.55
CA ASP B 382 -44.02 -38.93 18.62
C ASP B 382 -43.82 -38.15 19.88
N GLY B 383 -43.56 -36.85 19.74
CA GLY B 383 -43.19 -35.99 20.85
C GLY B 383 -44.30 -35.38 21.65
N ARG B 384 -45.55 -35.74 21.39
CA ARG B 384 -46.67 -35.14 22.13
C ARG B 384 -46.79 -35.72 23.54
N GLY B 385 -47.05 -34.87 24.53
CA GLY B 385 -46.90 -35.30 25.92
C GLY B 385 -47.46 -34.31 26.90
N TYR B 386 -47.15 -34.52 28.18
CA TYR B 386 -47.60 -33.62 29.21
C TYR B 386 -46.49 -32.99 30.00
N LYS B 387 -46.85 -32.35 31.12
CA LYS B 387 -45.85 -31.89 32.10
C LYS B 387 -46.44 -31.90 33.50
N PHE B 395 -49.81 -29.81 27.85
CA PHE B 395 -49.70 -30.14 26.42
C PHE B 395 -48.52 -29.51 25.67
N PHE B 396 -47.36 -30.15 25.77
CA PHE B 396 -46.16 -29.70 25.04
C PHE B 396 -45.91 -30.59 23.83
N LEU B 397 -45.04 -30.13 22.93
CA LEU B 397 -44.55 -30.98 21.86
C LEU B 397 -43.05 -31.15 22.03
N GLY B 398 -42.65 -32.33 22.47
CA GLY B 398 -41.27 -32.78 22.54
C GLY B 398 -40.73 -33.20 21.20
N GLY B 399 -39.53 -33.76 21.22
CA GLY B 399 -38.90 -34.21 20.00
C GLY B 399 -39.66 -35.24 19.17
N THR B 400 -39.91 -34.88 17.91
CA THR B 400 -40.61 -35.73 16.99
C THR B 400 -39.68 -36.10 15.83
N LEU B 401 -39.73 -37.37 15.42
CA LEU B 401 -38.91 -37.86 14.32
C LEU B 401 -39.76 -38.62 13.32
N PHE B 402 -39.63 -38.25 12.05
CA PHE B 402 -40.29 -38.93 10.94
C PHE B 402 -39.24 -39.54 10.04
N ASP B 403 -39.50 -40.77 9.60
CA ASP B 403 -38.62 -41.44 8.65
C ASP B 403 -39.41 -41.69 7.37
N ARG B 404 -38.71 -42.02 6.31
CA ARG B 404 -39.32 -42.45 5.05
C ARG B 404 -40.20 -41.35 4.44
N VAL B 405 -39.69 -40.13 4.54
CA VAL B 405 -40.38 -38.94 4.12
C VAL B 405 -39.97 -38.67 2.68
N THR B 406 -40.90 -38.10 1.92
CA THR B 406 -40.73 -37.82 0.51
C THR B 406 -41.10 -36.35 0.29
N PRO B 407 -40.61 -35.74 -0.80
CA PRO B 407 -40.97 -34.32 -1.01
C PRO B 407 -42.43 -34.05 -1.41
N GLU B 408 -43.19 -35.04 -1.72
CA GLU B 408 -44.63 -34.89 -2.07
C GLU B 408 -45.48 -34.84 -0.83
N MET B 409 -44.95 -35.28 0.31
CA MET B 409 -45.72 -35.20 1.56
C MET B 409 -45.85 -33.78 2.06
N THR B 410 -46.94 -33.56 2.78
CA THR B 410 -47.22 -32.27 3.39
C THR B 410 -46.21 -31.99 4.50
N ILE B 411 -45.77 -33.01 5.24
CA ILE B 411 -44.80 -32.75 6.31
C ILE B 411 -43.44 -32.26 5.81
N TYR B 412 -43.12 -32.50 4.54
CA TYR B 412 -41.94 -31.91 3.93
C TYR B 412 -42.19 -30.49 3.44
N LYS B 413 -43.36 -30.24 2.85
CA LYS B 413 -43.66 -28.96 2.22
C LYS B 413 -44.01 -27.87 3.22
N GLU B 414 -44.69 -28.23 4.30
CA GLU B 414 -45.16 -27.25 5.29
C GLU B 414 -44.19 -27.20 6.45
N GLU B 415 -43.83 -26.00 6.87
CA GLU B 415 -42.97 -25.88 8.03
C GLU B 415 -43.88 -25.79 9.23
N ILE B 416 -43.42 -26.36 10.32
CA ILE B 416 -44.09 -26.48 11.57
C ILE B 416 -43.19 -25.98 12.67
N PHE B 417 -43.76 -25.27 13.64
CA PHE B 417 -42.80 -24.68 14.65
C PHE B 417 -42.49 -25.72 15.64
N GLY B 418 -41.24 -25.91 16.02
CA GLY B 418 -40.88 -26.87 17.09
C GLY B 418 -40.06 -28.04 16.60
N PRO B 419 -39.68 -28.91 17.54
CA PRO B 419 -38.62 -29.90 17.36
C PRO B 419 -38.99 -31.07 16.48
N VAL B 420 -38.91 -30.89 15.18
CA VAL B 420 -39.29 -31.93 14.24
C VAL B 420 -38.20 -32.14 13.21
N LEU B 421 -37.74 -33.38 13.07
CA LEU B 421 -36.81 -33.74 12.01
C LEU B 421 -37.45 -34.78 11.09
N CYS B 422 -37.23 -34.63 9.80
CA CYS B 422 -37.67 -35.61 8.80
C CYS B 422 -36.46 -36.21 8.15
N ILE B 423 -36.45 -37.54 8.04
CA ILE B 423 -35.41 -38.25 7.34
C ILE B 423 -35.94 -38.58 5.94
N VAL B 424 -35.16 -38.24 4.93
CA VAL B 424 -35.49 -38.57 3.55
C VAL B 424 -34.39 -39.47 3.02
N ARG B 425 -34.80 -40.65 2.54
CA ARG B 425 -33.87 -41.65 2.02
C ARG B 425 -33.73 -41.45 0.54
N VAL B 426 -32.50 -41.53 0.07
CA VAL B 426 -32.18 -41.24 -1.32
C VAL B 426 -31.03 -42.17 -1.73
N ASN B 427 -30.85 -42.41 -3.02
CA ASN B 427 -29.89 -43.43 -3.48
C ASN B 427 -28.52 -42.94 -3.90
N SER B 428 -28.38 -41.65 -4.21
CA SER B 428 -27.11 -41.10 -4.63
C SER B 428 -26.93 -39.69 -4.10
N LEU B 429 -25.69 -39.23 -4.12
CA LEU B 429 -25.39 -37.84 -3.76
C LEU B 429 -26.06 -36.89 -4.73
N GLU B 430 -26.04 -37.25 -6.01
CA GLU B 430 -26.66 -36.41 -7.06
C GLU B 430 -28.13 -36.17 -6.73
N GLU B 431 -28.82 -37.24 -6.34
CA GLU B 431 -30.22 -37.16 -5.96
C GLU B 431 -30.38 -36.23 -4.74
N ALA B 432 -29.51 -36.36 -3.75
CA ALA B 432 -29.58 -35.49 -2.56
C ALA B 432 -29.40 -34.03 -2.92
N MET B 433 -28.42 -33.75 -3.77
CA MET B 433 -28.14 -32.36 -4.16
C MET B 433 -29.29 -31.81 -5.00
N GLN B 434 -29.83 -32.65 -5.88
CA GLN B 434 -30.95 -32.25 -6.70
C GLN B 434 -32.16 -32.01 -5.83
N LEU B 435 -32.38 -32.86 -4.83
CA LEU B 435 -33.48 -32.61 -3.88
C LEU B 435 -33.34 -31.23 -3.26
N ILE B 436 -32.17 -30.90 -2.73
CA ILE B 436 -31.98 -29.61 -2.03
C ILE B 436 -32.10 -28.43 -2.98
N ASN B 437 -31.45 -28.53 -4.13
CA ASN B 437 -31.44 -27.45 -5.13
C ASN B 437 -32.79 -27.17 -5.78
N ASP B 438 -33.61 -28.20 -5.98
CA ASP B 438 -34.89 -28.05 -6.69
C ASP B 438 -36.03 -27.48 -5.88
N HIS B 439 -35.83 -27.21 -4.61
CA HIS B 439 -36.88 -26.60 -3.77
C HIS B 439 -36.47 -25.18 -3.39
N GLU B 440 -37.24 -24.53 -2.51
CA GLU B 440 -36.88 -23.18 -2.11
C GLU B 440 -35.74 -23.30 -1.12
N TYR B 441 -34.50 -23.43 -1.64
CA TYR B 441 -33.34 -23.79 -0.84
C TYR B 441 -33.00 -22.72 0.17
N GLY B 442 -32.50 -23.15 1.31
CA GLY B 442 -32.29 -22.23 2.42
C GLY B 442 -30.97 -21.51 2.40
N ASN B 443 -30.55 -21.11 3.58
CA ASN B 443 -29.37 -20.27 3.77
C ASN B 443 -28.23 -21.02 4.47
N GLY B 444 -28.38 -22.33 4.66
CA GLY B 444 -27.38 -23.16 5.28
C GLY B 444 -27.60 -24.62 4.90
N THR B 445 -26.51 -25.36 4.78
CA THR B 445 -26.61 -26.78 4.57
C THR B 445 -25.32 -27.44 5.00
N CYS B 446 -25.43 -28.72 5.37
CA CYS B 446 -24.31 -29.52 5.81
C CYS B 446 -24.19 -30.79 5.03
N ILE B 447 -22.98 -31.30 4.94
CA ILE B 447 -22.77 -32.66 4.47
C ILE B 447 -21.88 -33.36 5.48
N PHE B 448 -22.21 -34.60 5.82
CA PHE B 448 -21.40 -35.42 6.70
C PHE B 448 -20.83 -36.60 5.95
N THR B 449 -19.50 -36.62 5.91
CA THR B 449 -18.75 -37.62 5.13
C THR B 449 -17.28 -37.53 5.47
N ARG B 450 -16.58 -38.64 5.18
CA ARG B 450 -15.14 -38.70 5.30
C ARG B 450 -14.44 -38.57 3.97
N ASP B 451 -15.21 -38.64 2.88
CA ASP B 451 -14.68 -38.61 1.53
C ASP B 451 -14.41 -37.18 1.07
N GLY B 452 -13.19 -36.93 0.62
CA GLY B 452 -12.80 -35.61 0.13
C GLY B 452 -13.49 -35.24 -1.16
N GLU B 453 -13.64 -36.22 -2.06
CA GLU B 453 -14.25 -35.97 -3.37
C GLU B 453 -15.72 -35.64 -3.28
N ALA B 454 -16.43 -36.36 -2.41
CA ALA B 454 -17.83 -36.06 -2.12
C ALA B 454 -18.00 -34.64 -1.61
N ALA B 455 -17.24 -34.31 -0.57
CA ALA B 455 -17.33 -32.96 -0.01
C ALA B 455 -17.02 -31.88 -1.06
N ARG B 456 -16.00 -32.08 -1.88
CA ARG B 456 -15.67 -31.05 -2.87
C ARG B 456 -16.82 -30.87 -3.83
N LEU B 457 -17.40 -31.99 -4.28
CA LEU B 457 -18.49 -31.95 -5.23
C LEU B 457 -19.71 -31.27 -4.63
N PHE B 458 -20.03 -31.62 -3.39
CA PHE B 458 -21.17 -31.00 -2.70
C PHE B 458 -21.00 -29.50 -2.63
N CYS B 459 -19.81 -29.05 -2.21
CA CYS B 459 -19.54 -27.61 -2.12
C CYS B 459 -19.61 -26.92 -3.48
N ASP B 460 -19.20 -27.61 -4.54
CA ASP B 460 -19.28 -27.05 -5.89
C ASP B 460 -20.71 -26.95 -6.41
N GLU B 461 -21.50 -28.01 -6.30
CA GLU B 461 -22.79 -28.06 -7.00
C GLU B 461 -24.01 -27.68 -6.17
N ILE B 462 -23.92 -27.68 -4.85
CA ILE B 462 -25.04 -27.23 -4.05
C ILE B 462 -25.21 -25.72 -4.30
N GLU B 463 -26.43 -25.20 -4.23
CA GLU B 463 -26.67 -23.77 -4.50
C GLU B 463 -26.81 -22.91 -3.24
N VAL B 464 -26.74 -23.53 -2.08
CA VAL B 464 -26.85 -22.84 -0.82
C VAL B 464 -25.58 -22.06 -0.58
N GLY B 465 -25.72 -20.86 -0.03
CA GLY B 465 -24.62 -19.93 0.10
C GLY B 465 -23.59 -20.26 1.15
N MET B 466 -24.04 -20.81 2.28
CA MET B 466 -23.16 -21.25 3.35
C MET B 466 -23.22 -22.76 3.51
N VAL B 467 -22.06 -23.39 3.57
CA VAL B 467 -21.95 -24.83 3.60
C VAL B 467 -21.06 -25.27 4.76
N GLY B 468 -21.49 -26.32 5.44
CA GLY B 468 -20.74 -26.88 6.54
C GLY B 468 -20.40 -28.32 6.24
N VAL B 469 -19.12 -28.65 6.28
CA VAL B 469 -18.66 -30.00 6.02
C VAL B 469 -18.27 -30.59 7.36
N ASN B 470 -19.03 -31.59 7.79
CA ASN B 470 -18.94 -32.20 9.13
C ASN B 470 -19.07 -31.21 10.28
N VAL B 471 -19.68 -30.05 10.03
CA VAL B 471 -19.78 -29.04 11.04
C VAL B 471 -21.04 -28.19 10.81
N PRO B 472 -21.77 -27.86 11.88
CA PRO B 472 -22.94 -27.02 11.73
C PRO B 472 -22.55 -25.56 11.57
N LEU B 473 -23.49 -24.71 11.13
CA LEU B 473 -23.23 -23.31 10.81
C LEU B 473 -24.06 -22.41 11.72
N PRO B 474 -23.59 -21.15 12.00
CA PRO B 474 -24.34 -20.22 12.85
C PRO B 474 -25.49 -19.53 12.09
N VAL B 475 -26.51 -20.32 11.74
CA VAL B 475 -27.64 -19.88 10.94
C VAL B 475 -28.91 -20.39 11.64
N PRO B 476 -29.42 -19.64 12.63
CA PRO B 476 -30.46 -20.19 13.50
C PRO B 476 -31.87 -20.27 12.93
N VAL B 477 -32.14 -19.60 11.81
CA VAL B 477 -33.44 -19.68 11.15
C VAL B 477 -33.21 -19.82 9.65
N ALA B 478 -34.02 -20.65 9.02
CA ALA B 478 -33.86 -20.92 7.59
C ALA B 478 -34.70 -19.94 6.76
N TYR B 479 -34.06 -19.32 5.77
CA TYR B 479 -34.73 -18.43 4.83
C TYR B 479 -34.24 -18.69 3.42
N HIS B 480 -35.16 -18.54 2.49
CA HIS B 480 -34.89 -18.52 1.06
C HIS B 480 -34.92 -17.07 0.63
N SER B 481 -34.05 -16.73 -0.31
CA SER B 481 -33.90 -15.36 -0.78
C SER B 481 -34.47 -15.28 -2.19
N PHE B 482 -35.38 -14.33 -2.43
CA PHE B 482 -35.97 -14.15 -3.76
C PHE B 482 -35.27 -13.09 -4.60
N GLY B 483 -35.35 -13.27 -5.90
CA GLY B 483 -34.95 -12.25 -6.87
C GLY B 483 -33.46 -12.09 -6.98
N GLY B 484 -33.06 -10.96 -7.52
CA GLY B 484 -31.64 -10.57 -7.69
C GLY B 484 -31.11 -9.59 -6.64
N TRP B 485 -32.00 -8.97 -5.87
CA TRP B 485 -31.60 -8.11 -4.77
C TRP B 485 -31.49 -8.98 -3.53
N LYS B 486 -30.34 -9.65 -3.41
CA LYS B 486 -30.14 -10.67 -2.40
C LYS B 486 -29.28 -10.16 -1.27
N ARG B 487 -29.75 -10.41 -0.05
CA ARG B 487 -29.05 -10.12 1.16
C ARG B 487 -29.01 -11.36 2.06
N SER B 488 -27.91 -11.51 2.76
CA SER B 488 -27.78 -12.54 3.79
C SER B 488 -28.12 -11.93 5.12
N LEU B 489 -28.87 -12.63 5.94
CA LEU B 489 -29.24 -12.11 7.25
C LEU B 489 -28.22 -12.46 8.30
N PHE B 490 -27.57 -13.63 8.15
CA PHE B 490 -26.71 -14.16 9.21
C PHE B 490 -25.24 -14.24 8.88
N GLY B 491 -24.86 -13.91 7.63
CA GLY B 491 -23.44 -13.85 7.28
C GLY B 491 -22.63 -12.76 8.04
N ASP B 492 -21.32 -12.74 7.80
CA ASP B 492 -20.46 -11.70 8.33
C ASP B 492 -20.90 -10.37 7.71
N LEU B 493 -21.22 -9.41 8.57
CA LEU B 493 -21.71 -8.12 8.10
C LEU B 493 -20.75 -7.46 7.11
N HIS B 494 -19.45 -7.50 7.41
CA HIS B 494 -18.44 -6.91 6.52
C HIS B 494 -18.36 -7.62 5.19
N ALA B 495 -18.77 -8.87 5.13
CA ALA B 495 -18.76 -9.62 3.87
C ALA B 495 -20.02 -9.40 3.02
N TYR B 496 -21.19 -9.37 3.64
CA TYR B 496 -22.45 -9.24 2.90
C TYR B 496 -23.08 -7.83 2.99
N GLY B 497 -22.45 -6.93 3.73
CA GLY B 497 -22.90 -5.54 3.82
C GLY B 497 -22.98 -4.80 2.50
N PRO B 498 -21.96 -4.92 1.65
CA PRO B 498 -22.04 -4.29 0.33
C PRO B 498 -23.29 -4.60 -0.45
N ASP B 499 -23.85 -5.80 -0.31
CA ASP B 499 -25.09 -6.11 -0.98
C ASP B 499 -26.23 -5.21 -0.49
N GLY B 500 -26.25 -4.95 0.82
CA GLY B 500 -27.20 -4.01 1.41
C GLY B 500 -27.01 -2.61 0.84
N VAL B 501 -25.76 -2.17 0.83
CA VAL B 501 -25.42 -0.86 0.30
C VAL B 501 -25.85 -0.70 -1.14
N ARG B 502 -25.69 -1.75 -1.94
CA ARG B 502 -26.05 -1.66 -3.34
C ARG B 502 -27.57 -1.65 -3.52
N PHE B 503 -28.30 -2.32 -2.62
CA PHE B 503 -29.75 -2.31 -2.67
C PHE B 503 -30.33 -0.94 -2.38
N TYR B 504 -29.67 -0.18 -1.50
CA TYR B 504 -30.17 1.13 -1.08
C TYR B 504 -29.51 2.31 -1.80
N THR B 505 -28.73 2.05 -2.85
CA THR B 505 -28.08 3.11 -3.61
C THR B 505 -28.17 2.91 -5.10
N LYS B 506 -27.92 3.97 -5.82
CA LYS B 506 -27.87 3.95 -7.28
C LYS B 506 -26.62 4.67 -7.68
N ARG B 507 -25.93 4.17 -8.71
CA ARG B 507 -24.72 4.80 -9.21
C ARG B 507 -25.10 5.89 -10.18
N LYS B 508 -24.40 7.02 -10.11
CA LYS B 508 -24.65 8.09 -11.05
C LYS B 508 -23.35 8.63 -11.63
N ALA B 509 -23.37 8.88 -12.94
CA ALA B 509 -22.17 9.20 -13.71
C ALA B 509 -22.42 10.47 -14.47
N ILE B 510 -21.76 11.55 -14.06
CA ILE B 510 -22.01 12.86 -14.60
C ILE B 510 -20.85 13.33 -15.47
N THR B 511 -21.18 13.90 -16.62
CA THR B 511 -20.21 14.58 -17.46
C THR B 511 -20.72 16.00 -17.66
N GLN B 512 -19.86 16.99 -17.48
CA GLN B 512 -20.30 18.39 -17.37
C GLN B 512 -19.38 19.36 -18.12
N ARG B 513 -20.01 20.31 -18.79
CA ARG B 513 -19.33 21.37 -19.50
C ARG B 513 -20.17 22.61 -19.39
N TRP B 514 -19.54 23.74 -19.17
CA TRP B 514 -20.25 25.03 -19.19
C TRP B 514 -19.81 25.74 -20.46
N PRO B 515 -20.68 25.76 -21.48
CA PRO B 515 -20.25 26.29 -22.76
C PRO B 515 -19.94 27.79 -22.63
N GLN B 516 -18.89 28.22 -23.34
CA GLN B 516 -18.28 29.51 -23.11
C GLN B 516 -19.00 30.65 -23.82
N ARG B 517 -18.79 31.85 -23.31
CA ARG B 517 -19.16 33.08 -23.98
C ARG B 517 -17.89 33.78 -24.41
N LYS B 518 -18.02 34.67 -25.39
CA LYS B 518 -16.88 35.45 -25.87
C LYS B 518 -16.53 36.62 -24.92
N SER B 519 -17.55 37.18 -24.26
CA SER B 519 -17.39 38.29 -23.32
C SER B 519 -18.33 38.13 -22.12
N HIS B 520 -17.97 38.72 -20.98
CA HIS B 520 -18.79 38.59 -19.75
C HIS B 520 -19.18 39.93 -19.16
N GLU B 521 -19.60 40.84 -20.04
CA GLU B 521 -20.13 42.14 -19.64
C GLU B 521 -21.52 41.95 -19.05
N ALA B 522 -21.92 42.90 -18.21
CA ALA B 522 -23.20 42.81 -17.47
C ALA B 522 -24.41 42.55 -18.36
N ALA B 523 -24.37 43.04 -19.61
CA ALA B 523 -25.42 42.79 -20.60
C ALA B 523 -25.73 41.30 -20.89
N GLN B 524 -24.81 40.40 -20.57
CA GLN B 524 -24.96 38.97 -20.83
C GLN B 524 -25.63 38.20 -19.68
N PHE B 525 -26.13 38.90 -18.66
CA PHE B 525 -26.79 38.25 -17.51
C PHE B 525 -28.17 38.92 -17.28
N ALA B 526 -28.89 38.69 -16.17
CA ALA B 526 -30.32 38.94 -16.05
C ALA B 526 -30.72 40.09 -15.09
N PHE B 527 -31.95 40.07 -14.56
CA PHE B 527 -32.58 41.21 -13.89
C PHE B 527 -32.78 40.94 -12.33
N THR C 35 -25.62 -19.37 -50.19
CA THR C 35 -25.05 -20.25 -49.14
C THR C 35 -26.02 -20.41 -47.93
N LEU C 36 -25.69 -21.35 -47.02
CA LEU C 36 -26.46 -21.57 -45.80
C LEU C 36 -25.56 -21.52 -44.55
N ILE C 37 -26.04 -20.83 -43.50
CA ILE C 37 -25.25 -20.66 -42.27
C ILE C 37 -25.51 -21.82 -41.31
N LYS C 38 -24.43 -22.31 -40.73
CA LYS C 38 -24.46 -23.52 -39.89
C LYS C 38 -24.51 -23.17 -38.39
N HIS C 39 -25.10 -24.04 -37.58
CA HIS C 39 -25.02 -23.94 -36.11
C HIS C 39 -23.62 -24.32 -35.65
N LEU C 40 -23.27 -23.94 -34.43
CA LEU C 40 -21.96 -24.31 -33.84
C LEU C 40 -22.19 -25.00 -32.50
N ILE C 41 -22.77 -26.20 -32.55
CA ILE C 41 -23.00 -27.00 -31.35
C ILE C 41 -21.86 -28.00 -31.12
N GLY C 42 -21.55 -28.27 -29.87
CA GLY C 42 -20.53 -29.23 -29.48
C GLY C 42 -19.20 -29.15 -30.20
N GLY C 43 -18.78 -27.95 -30.60
CA GLY C 43 -17.49 -27.77 -31.29
C GLY C 43 -17.46 -27.98 -32.81
N GLU C 44 -18.53 -28.44 -33.39
CA GLU C 44 -18.61 -28.71 -34.84
C GLU C 44 -19.78 -27.95 -35.45
N LEU C 45 -19.67 -27.64 -36.73
CA LEU C 45 -20.68 -26.91 -37.47
C LEU C 45 -21.76 -27.83 -37.99
N ILE C 46 -23.00 -27.63 -37.57
CA ILE C 46 -24.13 -28.47 -37.97
C ILE C 46 -24.94 -27.73 -39.04
N ALA C 47 -25.44 -28.48 -40.03
CA ALA C 47 -26.36 -27.95 -41.03
C ALA C 47 -27.78 -28.40 -40.66
N ASP C 48 -28.66 -27.43 -40.44
CA ASP C 48 -30.08 -27.70 -40.15
C ASP C 48 -30.86 -27.40 -41.43
N THR C 49 -31.80 -28.27 -41.78
CA THR C 49 -32.81 -27.98 -42.82
C THR C 49 -34.19 -28.34 -42.23
N GLY C 50 -35.06 -27.35 -42.21
CA GLY C 50 -36.36 -27.45 -41.52
C GLY C 50 -37.01 -26.09 -41.79
N ARG C 51 -37.52 -25.39 -40.78
CA ARG C 51 -37.94 -24.00 -40.98
C ARG C 51 -36.71 -23.15 -41.39
N THR C 52 -36.92 -22.08 -42.16
CA THR C 52 -35.82 -21.22 -42.59
C THR C 52 -36.32 -19.83 -43.02
N ALA C 53 -35.58 -18.80 -42.60
CA ALA C 53 -35.80 -17.43 -43.08
C ALA C 53 -34.60 -16.97 -43.93
N ASP C 54 -34.73 -15.77 -44.48
CA ASP C 54 -33.70 -15.23 -45.36
C ASP C 54 -33.09 -13.98 -44.75
N VAL C 55 -31.77 -13.88 -44.85
CA VAL C 55 -31.06 -12.69 -44.41
C VAL C 55 -30.91 -11.78 -45.61
N PHE C 56 -31.37 -10.55 -45.50
CA PHE C 56 -31.26 -9.57 -46.62
C PHE C 56 -30.02 -8.70 -46.43
N ASN C 57 -29.64 -8.01 -47.49
CA ASN C 57 -28.51 -7.09 -47.49
C ASN C 57 -29.08 -5.64 -47.48
N PRO C 58 -29.51 -5.26 -46.28
CA PRO C 58 -30.35 -4.15 -45.90
C PRO C 58 -29.97 -2.75 -46.34
N SER C 59 -28.73 -2.47 -46.78
CA SER C 59 -28.48 -1.30 -47.66
C SER C 59 -29.17 -1.46 -49.07
N THR C 60 -29.07 -2.67 -49.61
CA THR C 60 -29.45 -2.99 -51.01
C THR C 60 -30.52 -4.05 -50.91
N GLY C 61 -31.64 -3.76 -50.25
CA GLY C 61 -32.65 -4.78 -49.86
C GLY C 61 -32.97 -6.08 -50.60
N GLU C 62 -32.01 -7.00 -50.67
CA GLU C 62 -32.06 -8.21 -51.50
C GLU C 62 -31.41 -9.39 -50.76
N ALA C 63 -32.16 -10.48 -50.56
CA ALA C 63 -31.77 -11.62 -49.76
C ALA C 63 -30.41 -12.25 -50.19
N VAL C 64 -29.48 -12.39 -49.25
CA VAL C 64 -28.16 -12.94 -49.52
C VAL C 64 -27.89 -14.32 -48.96
N ARG C 65 -28.59 -14.81 -47.95
CA ARG C 65 -28.36 -16.16 -47.36
C ARG C 65 -29.63 -16.63 -46.61
N LYS C 66 -29.59 -17.89 -46.20
CA LYS C 66 -30.68 -18.50 -45.41
C LYS C 66 -30.21 -18.94 -44.01
N VAL C 67 -31.14 -18.86 -43.03
CA VAL C 67 -30.85 -19.12 -41.62
C VAL C 67 -31.81 -20.15 -41.05
N PRO C 68 -31.30 -21.11 -40.24
CA PRO C 68 -32.18 -22.18 -39.76
C PRO C 68 -32.90 -21.90 -38.43
N LEU C 69 -34.21 -21.78 -38.48
CA LEU C 69 -35.02 -21.62 -37.27
C LEU C 69 -35.11 -22.94 -36.55
N ALA C 70 -34.43 -23.09 -35.41
CA ALA C 70 -34.19 -24.40 -34.80
C ALA C 70 -35.33 -24.85 -33.90
N ASP C 71 -35.54 -26.15 -33.85
CA ASP C 71 -36.56 -26.80 -33.00
C ASP C 71 -35.94 -27.06 -31.64
N ARG C 72 -36.80 -27.51 -30.72
CA ARG C 72 -36.37 -27.86 -29.36
C ARG C 72 -35.31 -28.96 -29.33
N GLU C 73 -35.32 -29.87 -30.30
CA GLU C 73 -34.34 -30.97 -30.33
C GLU C 73 -32.97 -30.42 -30.67
N THR C 74 -32.90 -29.55 -31.66
CA THR C 74 -31.62 -28.93 -32.03
C THR C 74 -31.05 -28.07 -30.87
N MET C 75 -31.93 -27.51 -30.04
CA MET C 75 -31.47 -26.77 -28.88
C MET C 75 -30.98 -27.68 -27.78
N GLN C 76 -31.79 -28.71 -27.46
CA GLN C 76 -31.40 -29.72 -26.48
C GLN C 76 -30.04 -30.32 -26.79
N GLN C 77 -29.68 -30.39 -28.08
CA GLN C 77 -28.33 -30.76 -28.44
C GLN C 77 -27.32 -29.83 -27.77
N ALA C 78 -27.49 -28.52 -28.00
CA ALA C 78 -26.62 -27.49 -27.43
C ALA C 78 -26.59 -27.53 -25.90
N ILE C 79 -27.76 -27.61 -25.31
CA ILE C 79 -27.85 -27.69 -23.86
C ILE C 79 -27.05 -28.87 -23.32
N ASP C 80 -27.26 -30.06 -23.89
CA ASP C 80 -26.53 -31.26 -23.49
C ASP C 80 -25.02 -31.07 -23.68
N ALA C 81 -24.63 -30.47 -24.82
CA ALA C 81 -23.21 -30.19 -25.09
C ALA C 81 -22.61 -29.30 -24.02
N ALA C 82 -23.34 -28.26 -23.62
CA ALA C 82 -22.84 -27.31 -22.64
C ALA C 82 -22.81 -27.92 -21.25
N LYS C 83 -23.88 -28.61 -20.88
CA LYS C 83 -23.94 -29.37 -19.63
C LYS C 83 -22.76 -30.34 -19.49
N ALA C 84 -22.37 -30.97 -20.59
CA ALA C 84 -21.24 -31.90 -20.59
C ALA C 84 -19.90 -31.19 -20.42
N ALA C 85 -19.71 -30.08 -21.11
CA ALA C 85 -18.45 -29.33 -21.04
C ALA C 85 -18.18 -28.68 -19.68
N PHE C 86 -19.25 -28.41 -18.92
CA PHE C 86 -19.16 -27.60 -17.71
C PHE C 86 -18.20 -28.09 -16.63
N PRO C 87 -18.30 -29.37 -16.19
CA PRO C 87 -17.43 -29.76 -15.07
C PRO C 87 -15.93 -29.67 -15.36
N ALA C 88 -15.50 -30.05 -16.56
CA ALA C 88 -14.09 -29.86 -16.94
C ALA C 88 -13.70 -28.39 -16.93
N TRP C 89 -14.56 -27.56 -17.52
CA TRP C 89 -14.24 -26.14 -17.70
C TRP C 89 -14.21 -25.43 -16.38
N ARG C 90 -15.15 -25.78 -15.51
CA ARG C 90 -15.23 -25.19 -14.18
C ARG C 90 -13.92 -25.39 -13.43
N ASN C 91 -13.29 -26.54 -13.62
CA ASN C 91 -12.04 -26.83 -12.92
C ASN C 91 -10.80 -26.46 -13.69
N THR C 92 -10.95 -25.87 -14.87
CA THR C 92 -9.80 -25.36 -15.58
C THR C 92 -9.15 -24.22 -14.76
N PRO C 93 -7.83 -24.21 -14.64
CA PRO C 93 -7.17 -23.15 -13.90
C PRO C 93 -7.48 -21.75 -14.41
N PRO C 94 -7.68 -20.78 -13.50
CA PRO C 94 -7.85 -19.39 -13.86
C PRO C 94 -6.90 -18.90 -14.94
N ALA C 95 -5.61 -19.19 -14.77
CA ALA C 95 -4.61 -18.71 -15.72
C ALA C 95 -4.75 -19.33 -17.10
N LYS C 96 -5.29 -20.54 -17.19
CA LYS C 96 -5.50 -21.18 -18.49
C LYS C 96 -6.69 -20.56 -19.19
N ARG C 97 -7.73 -20.22 -18.43
CA ARG C 97 -8.89 -19.52 -18.98
C ARG C 97 -8.46 -18.14 -19.46
N ALA C 98 -7.71 -17.42 -18.63
CA ALA C 98 -7.14 -16.15 -19.07
C ALA C 98 -6.34 -16.32 -20.37
N GLN C 99 -5.62 -17.41 -20.49
CA GLN C 99 -4.74 -17.63 -21.66
C GLN C 99 -5.53 -17.74 -22.94
N VAL C 100 -6.58 -18.58 -22.94
CA VAL C 100 -7.41 -18.76 -24.13
C VAL C 100 -8.13 -17.48 -24.53
N LEU C 101 -8.54 -16.67 -23.55
CA LEU C 101 -9.16 -15.37 -23.83
C LEU C 101 -8.17 -14.41 -24.49
N PHE C 102 -6.92 -14.40 -24.00
CA PHE C 102 -5.90 -13.51 -24.55
C PHE C 102 -5.64 -13.83 -26.03
N ARG C 103 -5.65 -15.10 -26.41
CA ARG C 103 -5.47 -15.45 -27.81
C ARG C 103 -6.70 -15.12 -28.63
N PHE C 104 -7.87 -15.25 -28.02
CA PHE C 104 -9.11 -14.83 -28.65
C PHE C 104 -9.07 -13.35 -29.02
N LYS C 105 -8.57 -12.52 -28.11
CA LYS C 105 -8.40 -11.09 -28.39
C LYS C 105 -7.49 -10.87 -29.59
N GLN C 106 -6.39 -11.62 -29.67
CA GLN C 106 -5.44 -11.47 -30.78
C GLN C 106 -6.05 -11.89 -32.10
N LEU C 107 -6.69 -13.05 -32.12
CA LEU C 107 -7.32 -13.54 -33.34
C LEU C 107 -8.46 -12.66 -33.84
N LEU C 108 -9.07 -11.84 -32.96
CA LEU C 108 -10.04 -10.85 -33.42
C LEU C 108 -9.34 -9.64 -34.01
N GLU C 109 -8.33 -9.11 -33.32
CA GLU C 109 -7.51 -8.04 -33.89
C GLU C 109 -6.79 -8.45 -35.17
N ALA C 110 -6.65 -9.74 -35.43
CA ALA C 110 -6.11 -10.24 -36.69
C ALA C 110 -7.15 -10.21 -37.81
N ASN C 111 -8.32 -10.78 -37.56
CA ASN C 111 -9.38 -10.86 -38.57
C ASN C 111 -10.39 -9.68 -38.60
N GLU C 112 -10.00 -8.46 -38.23
CA GLU C 112 -10.98 -7.36 -38.14
C GLU C 112 -11.62 -7.08 -39.50
N GLU C 113 -10.80 -6.87 -40.53
CA GLU C 113 -11.30 -6.52 -41.85
C GLU C 113 -12.38 -7.50 -42.28
N ARG C 114 -12.12 -8.80 -42.09
CA ARG C 114 -13.07 -9.81 -42.54
C ARG C 114 -14.40 -9.74 -41.80
N ILE C 115 -14.33 -9.43 -40.51
CA ILE C 115 -15.49 -9.37 -39.63
C ILE C 115 -16.32 -8.16 -39.98
N VAL C 116 -15.67 -7.01 -39.94
CA VAL C 116 -16.36 -5.74 -40.15
C VAL C 116 -17.15 -5.79 -41.45
N LYS C 117 -16.54 -6.34 -42.50
CA LYS C 117 -17.24 -6.55 -43.77
C LYS C 117 -18.55 -7.28 -43.56
N LEU C 118 -18.50 -8.38 -42.82
CA LEU C 118 -19.69 -9.20 -42.54
C LEU C 118 -20.76 -8.51 -41.70
N ILE C 119 -20.36 -7.49 -40.93
CA ILE C 119 -21.32 -6.71 -40.15
C ILE C 119 -22.05 -5.74 -41.09
N SER C 120 -21.28 -4.88 -41.76
CA SER C 120 -21.83 -3.89 -42.73
C SER C 120 -22.67 -4.55 -43.80
N GLU C 121 -22.36 -5.79 -44.15
CA GLU C 121 -23.09 -6.49 -45.19
C GLU C 121 -24.51 -6.89 -44.78
N GLU C 122 -24.69 -7.43 -43.58
CA GLU C 122 -26.03 -7.89 -43.17
C GLU C 122 -26.81 -6.92 -42.28
N HIS C 123 -26.09 -6.05 -41.57
CA HIS C 123 -26.75 -5.00 -40.77
C HIS C 123 -26.89 -3.70 -41.52
N GLY C 124 -25.91 -3.38 -42.34
CA GLY C 124 -25.95 -2.18 -43.18
C GLY C 124 -25.54 -0.98 -42.38
N LYS C 125 -24.24 -0.75 -42.26
CA LYS C 125 -23.77 0.45 -41.59
C LYS C 125 -22.34 0.71 -41.96
N THR C 126 -21.97 1.99 -41.92
CA THR C 126 -20.63 2.43 -42.24
C THR C 126 -19.60 1.49 -41.59
N ILE C 127 -18.67 1.04 -42.42
CA ILE C 127 -17.58 0.18 -41.97
C ILE C 127 -16.83 0.82 -40.81
N GLU C 128 -16.71 2.14 -40.81
CA GLU C 128 -16.10 2.88 -39.68
C GLU C 128 -16.87 2.67 -38.37
N ASP C 129 -18.19 2.68 -38.44
CA ASP C 129 -19.05 2.35 -37.27
C ASP C 129 -18.85 0.88 -36.88
N ALA C 130 -18.99 -0.01 -37.86
CA ALA C 130 -18.81 -1.44 -37.59
C ALA C 130 -17.44 -1.76 -36.94
N ALA C 131 -16.39 -1.10 -37.38
CA ALA C 131 -15.05 -1.29 -36.78
C ALA C 131 -14.99 -0.74 -35.36
N GLY C 132 -15.67 0.39 -35.12
CA GLY C 132 -15.76 0.97 -33.78
C GLY C 132 -16.53 0.09 -32.80
N GLU C 133 -17.54 -0.62 -33.32
CA GLU C 133 -18.28 -1.60 -32.54
C GLU C 133 -17.35 -2.73 -32.07
N LEU C 134 -16.62 -3.30 -33.02
CA LEU C 134 -15.71 -4.40 -32.72
C LEU C 134 -14.61 -3.99 -31.75
N LYS C 135 -14.11 -2.77 -31.90
CA LYS C 135 -13.14 -2.24 -30.94
C LYS C 135 -13.70 -2.29 -29.51
N ARG C 136 -15.00 -2.03 -29.36
CA ARG C 136 -15.68 -2.12 -28.08
C ARG C 136 -15.77 -3.58 -27.62
N GLY C 137 -16.20 -4.46 -28.52
CA GLY C 137 -16.24 -5.91 -28.22
C GLY C 137 -14.91 -6.42 -27.71
N ILE C 138 -13.85 -5.97 -28.35
CA ILE C 138 -12.51 -6.34 -27.93
C ILE C 138 -12.19 -5.77 -26.56
N GLU C 139 -12.66 -4.57 -26.23
CA GLU C 139 -12.46 -4.06 -24.87
C GLU C 139 -13.15 -4.99 -23.87
N ASN C 140 -14.31 -5.53 -24.23
CA ASN C 140 -15.02 -6.48 -23.39
C ASN C 140 -14.22 -7.75 -23.21
N VAL C 141 -13.59 -8.23 -24.28
CA VAL C 141 -12.75 -9.42 -24.18
C VAL C 141 -11.52 -9.13 -23.33
N GLU C 142 -10.91 -7.97 -23.51
CA GLU C 142 -9.76 -7.60 -22.69
C GLU C 142 -10.15 -7.55 -21.19
N TYR C 143 -11.34 -7.07 -20.86
CA TYR C 143 -11.76 -7.02 -19.44
C TYR C 143 -11.95 -8.44 -18.89
N ALA C 144 -12.50 -9.33 -19.71
CA ALA C 144 -12.77 -10.69 -19.27
C ALA C 144 -11.49 -11.45 -18.97
N THR C 145 -10.41 -11.14 -19.66
CA THR C 145 -9.15 -11.85 -19.44
C THR C 145 -8.66 -11.65 -18.00
N ALA C 146 -8.97 -10.51 -17.40
CA ALA C 146 -8.56 -10.19 -16.03
C ALA C 146 -9.60 -10.51 -14.94
N ALA C 147 -10.68 -11.21 -15.29
CA ALA C 147 -11.73 -11.53 -14.33
C ALA C 147 -11.33 -12.60 -13.36
N PRO C 148 -10.63 -13.67 -13.82
CA PRO C 148 -10.02 -14.62 -12.85
C PRO C 148 -9.27 -14.03 -11.64
N GLU C 149 -8.61 -12.88 -11.81
CA GLU C 149 -7.88 -12.25 -10.69
C GLU C 149 -8.79 -11.74 -9.58
N ILE C 150 -9.82 -10.99 -9.94
CA ILE C 150 -10.76 -10.43 -8.96
C ILE C 150 -11.71 -11.49 -8.34
N LEU C 151 -11.56 -12.74 -8.77
CA LEU C 151 -12.40 -13.84 -8.32
C LEU C 151 -11.76 -14.78 -7.28
N LYS C 152 -10.57 -14.45 -6.79
CA LYS C 152 -9.89 -15.24 -5.77
C LYS C 152 -10.46 -14.82 -4.40
N GLY C 153 -10.53 -15.81 -3.52
CA GLY C 153 -11.12 -15.63 -2.20
C GLY C 153 -10.15 -15.97 -1.09
N GLU C 154 -10.69 -16.05 0.15
CA GLU C 154 -9.87 -16.24 1.32
C GLU C 154 -9.79 -17.65 1.82
N TYR C 155 -8.68 -17.97 2.52
CA TYR C 155 -8.51 -19.24 3.23
C TYR C 155 -8.01 -18.99 4.63
N SER C 156 -8.54 -19.72 5.59
CA SER C 156 -8.10 -19.59 6.97
C SER C 156 -8.01 -20.94 7.64
N ARG C 157 -6.81 -21.36 8.01
CA ARG C 157 -6.62 -22.62 8.72
C ARG C 157 -6.94 -22.38 10.18
N ASN C 158 -7.61 -23.35 10.78
CA ASN C 158 -8.04 -23.29 12.17
C ASN C 158 -8.71 -21.96 12.58
N VAL C 159 -9.79 -21.60 11.89
CA VAL C 159 -10.65 -20.48 12.30
C VAL C 159 -11.36 -20.86 13.57
N GLY C 160 -11.60 -22.17 13.73
CA GLY C 160 -11.93 -22.78 15.01
C GLY C 160 -11.11 -24.05 15.18
N PRO C 161 -11.20 -24.67 16.36
CA PRO C 161 -10.39 -25.86 16.64
C PRO C 161 -10.51 -26.93 15.56
N ASN C 162 -9.46 -27.14 14.79
CA ASN C 162 -9.46 -28.08 13.70
C ASN C 162 -10.57 -27.85 12.66
N ILE C 163 -10.93 -26.58 12.46
CA ILE C 163 -11.96 -26.19 11.52
C ILE C 163 -11.41 -25.14 10.56
N ASP C 164 -11.28 -25.50 9.30
CA ASP C 164 -10.87 -24.54 8.29
C ASP C 164 -12.08 -23.85 7.70
N ALA C 165 -11.85 -22.67 7.15
CA ALA C 165 -12.91 -21.88 6.52
C ALA C 165 -12.39 -21.25 5.27
N TRP C 166 -13.20 -21.20 4.23
CA TRP C 166 -12.83 -20.43 3.07
C TRP C 166 -14.03 -19.90 2.32
N SER C 167 -13.76 -18.98 1.40
CA SER C 167 -14.80 -18.28 0.66
C SER C 167 -14.38 -18.22 -0.79
N ASP C 168 -15.33 -18.45 -1.68
CA ASP C 168 -15.05 -18.69 -3.09
C ASP C 168 -16.12 -18.06 -3.93
N PHE C 169 -15.80 -17.81 -5.19
CA PHE C 169 -16.80 -17.35 -6.16
C PHE C 169 -16.86 -18.39 -7.23
N GLN C 170 -17.96 -19.11 -7.32
CA GLN C 170 -18.08 -20.22 -8.27
C GLN C 170 -18.94 -19.84 -9.44
N PRO C 171 -18.74 -20.49 -10.58
CA PRO C 171 -19.70 -20.34 -11.67
C PRO C 171 -21.02 -21.02 -11.36
N ILE C 172 -22.07 -20.64 -12.08
CA ILE C 172 -23.41 -21.13 -11.77
C ILE C 172 -23.81 -22.34 -12.59
N GLY C 173 -23.22 -22.49 -13.78
CA GLY C 173 -23.51 -23.65 -14.64
C GLY C 173 -23.58 -23.32 -16.11
N VAL C 174 -24.70 -23.68 -16.71
CA VAL C 174 -24.91 -23.42 -18.13
C VAL C 174 -25.78 -22.16 -18.23
N VAL C 175 -25.36 -21.21 -19.05
CA VAL C 175 -26.08 -19.93 -19.18
C VAL C 175 -26.28 -19.62 -20.65
N ALA C 176 -27.28 -18.79 -20.91
CA ALA C 176 -27.63 -18.44 -22.29
C ALA C 176 -27.80 -16.94 -22.48
N GLY C 177 -27.50 -16.51 -23.70
CA GLY C 177 -27.58 -15.10 -24.08
C GLY C 177 -28.28 -14.92 -25.41
N ILE C 178 -29.25 -14.00 -25.44
CA ILE C 178 -30.07 -13.76 -26.62
C ILE C 178 -29.83 -12.33 -27.09
N THR C 179 -29.26 -12.17 -28.29
CA THR C 179 -28.69 -10.89 -28.70
C THR C 179 -29.49 -10.25 -29.85
N PRO C 180 -29.44 -8.90 -29.98
CA PRO C 180 -30.23 -8.20 -30.98
C PRO C 180 -29.50 -7.95 -32.31
N PHE C 181 -30.22 -7.32 -33.23
CA PHE C 181 -29.81 -7.04 -34.62
C PHE C 181 -28.68 -6.01 -34.69
N ASN C 182 -28.88 -4.86 -34.10
CA ASN C 182 -27.83 -3.86 -33.87
C ASN C 182 -26.82 -4.51 -32.97
N PHE C 183 -25.55 -4.27 -33.28
CA PHE C 183 -24.46 -4.93 -32.55
C PHE C 183 -24.47 -6.47 -32.56
N PRO C 184 -24.23 -7.10 -33.73
CA PRO C 184 -24.01 -8.55 -33.70
C PRO C 184 -22.60 -8.93 -33.21
N ALA C 185 -21.68 -7.98 -33.19
CA ALA C 185 -20.34 -8.26 -32.65
C ALA C 185 -20.27 -8.03 -31.15
N MET C 186 -20.56 -6.80 -30.70
CA MET C 186 -20.22 -6.38 -29.36
C MET C 186 -21.14 -6.93 -28.28
N VAL C 187 -22.43 -7.00 -28.52
CA VAL C 187 -23.33 -7.48 -27.46
C VAL C 187 -23.03 -8.92 -27.05
N PRO C 188 -22.76 -9.83 -28.01
CA PRO C 188 -22.34 -11.16 -27.55
C PRO C 188 -21.01 -11.11 -26.81
N LEU C 189 -20.02 -10.40 -27.33
CA LEU C 189 -18.73 -10.26 -26.65
C LEU C 189 -18.81 -9.53 -25.31
N TRP C 190 -19.93 -8.88 -25.04
CA TRP C 190 -20.20 -8.31 -23.72
C TRP C 190 -20.79 -9.35 -22.75
N MET C 191 -21.40 -10.41 -23.27
CA MET C 191 -21.93 -11.49 -22.47
C MET C 191 -20.96 -12.67 -22.28
N TYR C 192 -20.69 -13.44 -23.34
CA TYR C 192 -20.09 -14.77 -23.14
C TYR C 192 -18.63 -14.80 -22.69
N PRO C 193 -17.77 -13.89 -23.18
CA PRO C 193 -16.39 -13.93 -22.66
C PRO C 193 -16.29 -13.80 -21.15
N LEU C 194 -17.03 -12.85 -20.57
CA LEU C 194 -17.07 -12.71 -19.12
C LEU C 194 -17.66 -13.95 -18.44
N ALA C 195 -18.73 -14.50 -18.98
CA ALA C 195 -19.38 -15.66 -18.38
C ALA C 195 -18.51 -16.90 -18.43
N ILE C 196 -17.76 -17.03 -19.51
CA ILE C 196 -16.83 -18.15 -19.69
C ILE C 196 -15.59 -17.95 -18.84
N ALA C 197 -15.09 -16.73 -18.74
CA ALA C 197 -13.97 -16.44 -17.85
C ALA C 197 -14.29 -16.80 -16.40
N CYS C 198 -15.55 -16.60 -16.02
CA CYS C 198 -15.99 -16.99 -14.67
C CYS C 198 -16.16 -18.49 -14.51
N GLY C 199 -16.14 -19.23 -15.61
CA GLY C 199 -16.17 -20.68 -15.58
C GLY C 199 -17.48 -21.32 -15.95
N ASN C 200 -18.42 -20.57 -16.51
CA ASN C 200 -19.69 -21.15 -16.99
C ASN C 200 -19.49 -21.66 -18.42
N THR C 201 -20.55 -22.26 -18.94
CA THR C 201 -20.66 -22.57 -20.37
C THR C 201 -21.88 -21.86 -20.94
N PHE C 202 -21.83 -21.62 -22.25
CA PHE C 202 -22.67 -20.63 -22.88
C PHE C 202 -23.38 -21.15 -24.12
N ILE C 203 -24.67 -20.87 -24.18
CA ILE C 203 -25.45 -21.02 -25.40
C ILE C 203 -25.90 -19.63 -25.88
N LEU C 204 -25.46 -19.30 -27.09
CA LEU C 204 -25.73 -18.01 -27.70
C LEU C 204 -26.72 -18.15 -28.81
N LYS C 205 -27.85 -17.49 -28.68
CA LYS C 205 -28.90 -17.47 -29.70
C LYS C 205 -28.95 -16.04 -30.29
N PRO C 206 -28.18 -15.80 -31.37
CA PRO C 206 -28.12 -14.44 -31.92
C PRO C 206 -29.31 -14.06 -32.80
N SER C 207 -29.25 -12.86 -33.38
CA SER C 207 -30.33 -12.38 -34.25
C SER C 207 -30.32 -13.14 -35.58
N GLU C 208 -31.51 -13.51 -36.05
CA GLU C 208 -31.70 -14.14 -37.36
C GLU C 208 -31.29 -13.24 -38.51
N ARG C 209 -31.33 -11.95 -38.31
CA ARG C 209 -31.17 -10.96 -39.37
C ARG C 209 -29.74 -10.61 -39.73
N ASP C 210 -28.74 -11.00 -38.93
CA ASP C 210 -27.35 -10.72 -39.25
C ASP C 210 -26.39 -11.70 -38.61
N PRO C 211 -26.77 -12.99 -38.58
CA PRO C 211 -26.06 -13.94 -37.75
C PRO C 211 -24.72 -14.46 -38.27
N SER C 212 -24.24 -14.01 -39.39
CA SER C 212 -22.99 -14.51 -39.95
C SER C 212 -21.79 -14.01 -39.13
N SER C 213 -21.77 -12.70 -38.91
CA SER C 213 -20.63 -12.06 -38.24
C SER C 213 -20.44 -12.58 -36.81
N THR C 214 -21.57 -12.85 -36.11
CA THR C 214 -21.49 -13.34 -34.74
C THR C 214 -20.82 -14.73 -34.76
N LEU C 215 -21.24 -15.59 -35.67
CA LEU C 215 -20.77 -16.96 -35.74
C LEU C 215 -19.30 -17.04 -36.07
N LEU C 216 -18.83 -16.16 -36.95
CA LEU C 216 -17.42 -16.14 -37.24
C LEU C 216 -16.62 -15.94 -35.94
N ILE C 217 -17.02 -14.96 -35.13
CA ILE C 217 -16.30 -14.64 -33.89
C ILE C 217 -16.36 -15.81 -32.91
N ALA C 218 -17.48 -16.53 -32.88
CA ALA C 218 -17.57 -17.76 -32.09
C ALA C 218 -16.48 -18.76 -32.53
N GLU C 219 -16.36 -18.97 -33.85
CA GLU C 219 -15.40 -19.94 -34.38
C GLU C 219 -13.98 -19.54 -34.04
N LEU C 220 -13.65 -18.27 -34.19
CA LEU C 220 -12.34 -17.79 -33.79
C LEU C 220 -12.00 -18.12 -32.33
N PHE C 221 -13.01 -18.15 -31.47
CA PHE C 221 -12.79 -18.49 -30.06
C PHE C 221 -12.37 -19.95 -29.94
N HIS C 222 -13.07 -20.84 -30.66
CA HIS C 222 -12.67 -22.24 -30.76
C HIS C 222 -11.26 -22.39 -31.31
N GLU C 223 -10.95 -21.67 -32.38
CA GLU C 223 -9.59 -21.61 -32.93
C GLU C 223 -8.55 -21.12 -31.92
N ALA C 224 -8.94 -20.23 -31.00
CA ALA C 224 -7.99 -19.76 -29.98
C ALA C 224 -7.66 -20.83 -28.94
N GLY C 225 -8.49 -21.87 -28.82
CA GLY C 225 -8.27 -22.97 -27.90
C GLY C 225 -9.41 -23.40 -27.00
N LEU C 226 -10.59 -22.84 -27.19
CA LEU C 226 -11.68 -23.08 -26.26
C LEU C 226 -12.16 -24.53 -26.45
N PRO C 227 -12.26 -25.30 -25.37
CA PRO C 227 -12.87 -26.62 -25.46
C PRO C 227 -14.24 -26.68 -26.12
N LYS C 228 -14.54 -27.86 -26.65
CA LYS C 228 -15.79 -28.09 -27.36
C LYS C 228 -16.93 -28.02 -26.36
N GLY C 229 -18.00 -27.34 -26.73
CA GLY C 229 -19.20 -27.29 -25.88
C GLY C 229 -19.29 -26.10 -24.94
N VAL C 230 -18.16 -25.38 -24.74
CA VAL C 230 -18.11 -24.29 -23.78
C VAL C 230 -18.86 -23.08 -24.33
N LEU C 231 -18.70 -22.83 -25.64
CA LEU C 231 -19.54 -21.89 -26.37
C LEU C 231 -20.29 -22.60 -27.49
N ASN C 232 -21.60 -22.46 -27.51
CA ASN C 232 -22.43 -22.95 -28.61
C ASN C 232 -23.30 -21.87 -29.19
N VAL C 233 -23.44 -21.85 -30.52
CA VAL C 233 -24.27 -20.90 -31.24
C VAL C 233 -25.43 -21.60 -31.92
N VAL C 234 -26.65 -21.25 -31.58
CA VAL C 234 -27.85 -21.90 -32.13
C VAL C 234 -28.76 -20.82 -32.69
N HIS C 235 -28.96 -20.81 -34.02
CA HIS C 235 -29.83 -19.82 -34.66
C HIS C 235 -31.29 -20.21 -34.56
N GLY C 236 -32.18 -19.23 -34.58
CA GLY C 236 -33.61 -19.51 -34.35
C GLY C 236 -34.44 -18.26 -34.10
N ASP C 237 -35.61 -18.44 -33.50
CA ASP C 237 -36.55 -17.35 -33.25
C ASP C 237 -37.33 -17.65 -31.95
N LYS C 238 -38.54 -17.10 -31.79
CA LYS C 238 -39.36 -17.30 -30.59
C LYS C 238 -39.37 -18.75 -30.08
N GLY C 239 -39.37 -19.71 -31.01
CA GLY C 239 -39.25 -21.13 -30.66
C GLY C 239 -37.97 -21.42 -29.91
N ALA C 240 -36.84 -21.13 -30.56
CA ALA C 240 -35.51 -21.25 -29.94
C ALA C 240 -35.44 -20.58 -28.56
N VAL C 241 -35.96 -19.38 -28.44
CA VAL C 241 -35.89 -18.63 -27.18
C VAL C 241 -36.75 -19.32 -26.13
N ASP C 242 -38.00 -19.66 -26.50
CA ASP C 242 -38.87 -20.38 -25.57
C ASP C 242 -38.23 -21.69 -25.10
N ALA C 243 -37.47 -22.33 -25.99
CA ALA C 243 -36.71 -23.52 -25.61
C ALA C 243 -35.76 -23.25 -24.43
N LEU C 244 -34.94 -22.21 -24.57
CA LEU C 244 -34.03 -21.79 -23.51
C LEU C 244 -34.77 -21.33 -22.25
N ILE C 245 -35.88 -20.63 -22.40
CA ILE C 245 -36.66 -20.23 -21.23
C ILE C 245 -37.22 -21.44 -20.48
N GLU C 246 -37.53 -22.50 -21.22
CA GLU C 246 -38.13 -23.72 -20.63
C GLU C 246 -37.09 -24.67 -20.01
N ALA C 247 -35.98 -24.86 -20.72
CA ALA C 247 -34.89 -25.76 -20.27
C ALA C 247 -34.47 -25.54 -18.80
N PRO C 248 -34.66 -26.56 -17.93
CA PRO C 248 -34.28 -26.34 -16.50
C PRO C 248 -32.76 -26.43 -16.22
N GLU C 249 -31.99 -26.87 -17.18
CA GLU C 249 -30.53 -26.90 -17.03
C GLU C 249 -29.90 -25.51 -17.11
N VAL C 250 -30.47 -24.61 -17.94
CA VAL C 250 -29.88 -23.26 -18.08
C VAL C 250 -30.25 -22.43 -16.86
N LYS C 251 -29.26 -21.83 -16.23
CA LYS C 251 -29.41 -21.21 -14.92
C LYS C 251 -29.56 -19.70 -14.98
N ALA C 252 -29.10 -19.08 -16.06
CA ALA C 252 -29.20 -17.66 -16.24
C ALA C 252 -29.42 -17.32 -17.71
N LEU C 253 -30.17 -16.25 -17.90
CA LEU C 253 -30.66 -15.85 -19.19
C LEU C 253 -30.42 -14.36 -19.33
N SER C 254 -29.81 -13.98 -20.43
CA SER C 254 -29.35 -12.60 -20.63
C SER C 254 -29.84 -12.09 -21.97
N PHE C 255 -30.53 -10.95 -21.97
CA PHE C 255 -31.21 -10.47 -23.16
C PHE C 255 -31.06 -8.98 -23.35
N VAL C 256 -30.81 -8.58 -24.59
CA VAL C 256 -30.92 -7.19 -25.00
C VAL C 256 -31.69 -7.11 -26.32
N GLY C 257 -32.76 -6.32 -26.33
CA GLY C 257 -33.56 -6.10 -27.53
C GLY C 257 -34.72 -5.16 -27.28
N SER C 258 -35.93 -5.58 -27.65
CA SER C 258 -37.11 -4.71 -27.52
C SER C 258 -37.85 -4.93 -26.21
N THR C 259 -38.61 -3.93 -25.81
CA THR C 259 -39.20 -3.91 -24.47
C THR C 259 -40.27 -4.98 -24.24
N PRO C 260 -41.07 -5.32 -25.27
CA PRO C 260 -42.06 -6.37 -25.04
C PRO C 260 -41.43 -7.74 -24.85
N ILE C 261 -40.46 -8.06 -25.70
CA ILE C 261 -39.72 -9.32 -25.60
C ILE C 261 -38.90 -9.37 -24.29
N ALA C 262 -38.37 -8.24 -23.86
CA ALA C 262 -37.62 -8.18 -22.63
C ALA C 262 -38.50 -8.50 -21.43
N GLU C 263 -39.66 -7.85 -21.35
CA GLU C 263 -40.62 -8.09 -20.27
C GLU C 263 -41.02 -9.56 -20.23
N TYR C 264 -41.20 -10.13 -21.42
CA TYR C 264 -41.56 -11.54 -21.57
C TYR C 264 -40.52 -12.40 -20.88
N ILE C 265 -39.29 -12.33 -21.39
CA ILE C 265 -38.20 -13.17 -20.92
C ILE C 265 -37.92 -12.92 -19.45
N TYR C 266 -38.01 -11.67 -19.01
CA TYR C 266 -37.78 -11.39 -17.61
C TYR C 266 -38.77 -12.11 -16.72
N SER C 267 -40.06 -11.84 -16.92
CA SER C 267 -41.09 -12.38 -16.04
C SER C 267 -41.18 -13.91 -16.12
N GLU C 268 -41.22 -14.44 -17.35
CA GLU C 268 -41.38 -15.88 -17.51
C GLU C 268 -40.11 -16.64 -17.11
N GLY C 269 -38.95 -16.03 -17.30
CA GLY C 269 -37.70 -16.61 -16.84
C GLY C 269 -37.62 -16.61 -15.34
N THR C 270 -37.83 -15.44 -14.68
CA THR C 270 -37.78 -15.40 -13.23
C THR C 270 -38.81 -16.35 -12.60
N LYS C 271 -39.98 -16.48 -13.22
CA LYS C 271 -41.00 -17.42 -12.79
C LYS C 271 -40.51 -18.86 -12.74
N ARG C 272 -39.51 -19.21 -13.55
CA ARG C 272 -38.93 -20.55 -13.54
C ARG C 272 -37.59 -20.63 -12.80
N GLY C 273 -37.39 -19.77 -11.80
CA GLY C 273 -36.18 -19.81 -10.98
C GLY C 273 -34.86 -19.37 -11.62
N LYS C 274 -34.88 -18.92 -12.87
CA LYS C 274 -33.66 -18.49 -13.56
C LYS C 274 -33.28 -17.07 -13.16
N ARG C 275 -31.99 -16.76 -13.29
CA ARG C 275 -31.52 -15.38 -13.21
C ARG C 275 -31.71 -14.74 -14.57
N VAL C 276 -32.33 -13.56 -14.59
CA VAL C 276 -32.56 -12.91 -15.87
C VAL C 276 -32.06 -11.48 -15.88
N GLN C 277 -31.26 -11.18 -16.89
CA GLN C 277 -30.72 -9.85 -17.13
C GLN C 277 -31.35 -9.40 -18.42
N ALA C 278 -32.01 -8.25 -18.41
CA ALA C 278 -32.81 -7.81 -19.55
C ALA C 278 -32.72 -6.31 -19.79
N LEU C 279 -32.23 -5.96 -20.98
CA LEU C 279 -32.27 -4.57 -21.47
C LEU C 279 -33.30 -4.48 -22.59
N GLY C 280 -34.31 -3.64 -22.40
CA GLY C 280 -35.34 -3.43 -23.43
C GLY C 280 -35.31 -2.01 -23.95
N GLY C 281 -35.44 -1.86 -25.26
CA GLY C 281 -35.47 -0.53 -25.94
C GLY C 281 -36.29 0.54 -25.23
N ALA C 282 -35.78 1.76 -25.22
CA ALA C 282 -36.44 2.86 -24.50
C ALA C 282 -36.19 4.17 -25.24
N LYS C 283 -36.54 5.31 -24.61
CA LYS C 283 -36.28 6.63 -25.21
C LYS C 283 -35.47 7.52 -24.26
N ASN C 284 -34.33 8.01 -24.74
CA ASN C 284 -33.55 8.96 -23.96
C ASN C 284 -34.05 10.38 -24.22
N HIS C 285 -34.08 11.16 -23.13
CA HIS C 285 -34.65 12.48 -23.14
C HIS C 285 -33.54 13.51 -22.93
N ALA C 286 -33.61 14.60 -23.68
CA ALA C 286 -32.82 15.80 -23.39
C ALA C 286 -33.74 16.87 -22.83
N VAL C 287 -33.29 17.61 -21.83
CA VAL C 287 -34.04 18.75 -21.32
C VAL C 287 -33.38 20.04 -21.78
N LEU C 288 -34.19 20.97 -22.31
CA LEU C 288 -33.69 22.32 -22.65
C LEU C 288 -34.31 23.33 -21.71
N MET C 289 -33.48 23.99 -20.92
CA MET C 289 -33.96 25.12 -20.14
C MET C 289 -34.04 26.37 -21.04
N PRO C 290 -34.70 27.44 -20.57
CA PRO C 290 -34.79 28.66 -21.42
C PRO C 290 -33.44 29.28 -21.75
N ASP C 291 -32.51 29.22 -20.80
CA ASP C 291 -31.18 29.78 -20.98
C ASP C 291 -30.21 28.89 -21.77
N ALA C 292 -30.67 27.79 -22.34
CA ALA C 292 -29.79 26.86 -23.01
C ALA C 292 -29.08 27.51 -24.19
N ASP C 293 -27.81 27.18 -24.38
CA ASP C 293 -27.08 27.59 -25.57
C ASP C 293 -27.58 26.72 -26.71
N LEU C 294 -28.40 27.30 -27.56
CA LEU C 294 -29.10 26.54 -28.58
C LEU C 294 -28.20 25.80 -29.56
N ASP C 295 -27.11 26.42 -30.00
CA ASP C 295 -26.23 25.77 -30.97
C ASP C 295 -25.58 24.53 -30.37
N ASN C 296 -25.32 24.60 -29.07
CA ASN C 296 -24.76 23.47 -28.33
C ASN C 296 -25.78 22.33 -28.23
N ALA C 297 -27.04 22.65 -27.89
CA ALA C 297 -28.09 21.64 -27.78
C ALA C 297 -28.38 21.02 -29.14
N VAL C 298 -28.50 21.88 -30.15
CA VAL C 298 -28.80 21.41 -31.50
C VAL C 298 -27.70 20.48 -32.01
N SER C 299 -26.46 20.81 -31.69
CA SER C 299 -25.35 19.96 -32.07
C SER C 299 -25.48 18.56 -31.46
N ALA C 300 -25.83 18.49 -30.18
CA ALA C 300 -26.02 17.20 -29.51
C ALA C 300 -27.20 16.44 -30.10
N LEU C 301 -28.34 17.14 -30.27
CA LEU C 301 -29.54 16.48 -30.79
C LEU C 301 -29.32 15.98 -32.23
N MET C 302 -28.59 16.75 -33.02
CA MET C 302 -28.40 16.42 -34.42
C MET C 302 -27.43 15.30 -34.61
N GLY C 303 -26.48 15.05 -33.66
CA GLY C 303 -25.66 13.87 -33.70
C GLY C 303 -26.41 12.54 -33.66
N ALA C 304 -27.45 12.47 -32.83
CA ALA C 304 -28.37 11.34 -32.71
C ALA C 304 -29.14 10.84 -34.01
N ALA C 305 -28.28 10.21 -34.78
CA ALA C 305 -28.61 9.73 -36.15
C ALA C 305 -29.14 8.28 -36.18
N TYR C 306 -30.05 7.98 -37.09
CA TYR C 306 -30.37 6.58 -37.45
C TYR C 306 -30.15 6.24 -38.97
N GLY C 307 -29.70 5.03 -39.28
CA GLY C 307 -29.54 4.57 -40.66
C GLY C 307 -30.75 3.74 -41.06
N SER C 308 -30.53 2.63 -41.77
CA SER C 308 -31.61 1.76 -42.26
C SER C 308 -32.03 0.76 -41.17
N GLU C 311 -15.84 10.45 -29.87
CA GLU C 311 -16.35 9.14 -29.49
C GLU C 311 -17.79 9.15 -28.93
N ARG C 312 -18.43 10.32 -28.90
CA ARG C 312 -19.68 10.55 -28.15
C ARG C 312 -20.93 10.80 -29.05
N CYS C 313 -21.26 9.81 -29.91
CA CYS C 313 -22.59 9.82 -30.61
C CYS C 313 -23.72 9.24 -29.74
N MET C 314 -24.83 9.97 -29.59
CA MET C 314 -25.85 9.66 -28.58
C MET C 314 -27.21 9.36 -29.22
N ALA C 315 -28.01 8.59 -28.49
CA ALA C 315 -29.40 8.34 -28.84
C ALA C 315 -30.24 9.25 -27.99
N ILE C 316 -30.99 10.12 -28.65
CA ILE C 316 -31.99 10.98 -28.02
C ILE C 316 -33.19 10.94 -28.93
N SER C 317 -34.38 10.68 -28.38
CA SER C 317 -35.59 10.71 -29.21
C SER C 317 -36.66 11.69 -28.74
N VAL C 318 -36.43 12.37 -27.63
CA VAL C 318 -37.37 13.33 -27.10
C VAL C 318 -36.61 14.51 -26.55
N ALA C 319 -37.04 15.70 -26.92
CA ALA C 319 -36.48 16.93 -26.39
C ALA C 319 -37.55 17.64 -25.58
N VAL C 320 -37.41 17.61 -24.26
CA VAL C 320 -38.34 18.25 -23.36
C VAL C 320 -37.91 19.70 -23.22
N CYS C 321 -38.73 20.63 -23.69
CA CYS C 321 -38.40 22.05 -23.60
C CYS C 321 -39.17 22.73 -22.49
N VAL C 322 -38.48 23.42 -21.60
CA VAL C 322 -39.13 24.19 -20.54
C VAL C 322 -39.44 25.59 -21.07
N GLY C 323 -40.74 25.85 -21.23
CA GLY C 323 -41.22 27.09 -21.82
C GLY C 323 -41.33 27.03 -23.34
N ASP C 324 -42.23 27.86 -23.88
CA ASP C 324 -42.50 27.86 -25.31
C ASP C 324 -41.40 28.56 -26.13
N GLN C 325 -40.73 29.55 -25.55
CA GLN C 325 -39.74 30.34 -26.29
C GLN C 325 -38.63 29.45 -26.83
N ILE C 326 -38.02 28.70 -25.91
CA ILE C 326 -36.89 27.81 -26.26
C ILE C 326 -37.32 26.72 -27.25
N ALA C 327 -38.56 26.24 -27.12
CA ALA C 327 -39.11 25.28 -28.06
C ALA C 327 -39.28 25.86 -29.47
N ASP C 328 -39.92 27.03 -29.57
CA ASP C 328 -40.09 27.71 -30.86
C ASP C 328 -38.72 27.95 -31.49
N ALA C 329 -37.77 28.43 -30.68
CA ALA C 329 -36.41 28.65 -31.16
C ALA C 329 -35.71 27.35 -31.62
N LEU C 330 -35.86 26.28 -30.85
CA LEU C 330 -35.26 25.01 -31.21
C LEU C 330 -35.77 24.51 -32.57
N VAL C 331 -37.08 24.61 -32.77
CA VAL C 331 -37.70 24.15 -34.02
C VAL C 331 -37.12 24.93 -35.21
N GLN C 332 -37.02 26.25 -35.03
CA GLN C 332 -36.46 27.13 -36.04
C GLN C 332 -35.09 26.69 -36.53
N LYS C 333 -34.25 26.25 -35.59
CA LYS C 333 -32.92 25.77 -35.93
C LYS C 333 -32.90 24.34 -36.44
N LEU C 334 -33.75 23.48 -35.90
CA LEU C 334 -33.73 22.06 -36.31
C LEU C 334 -34.15 21.82 -37.78
N VAL C 335 -35.18 22.54 -38.22
CA VAL C 335 -35.81 22.28 -39.51
C VAL C 335 -34.81 22.33 -40.69
N PRO C 336 -34.05 23.45 -40.83
CA PRO C 336 -33.03 23.50 -41.90
C PRO C 336 -32.04 22.34 -41.87
N GLN C 337 -31.58 21.98 -40.68
CA GLN C 337 -30.56 20.94 -40.55
C GLN C 337 -31.07 19.55 -40.78
N ILE C 338 -32.37 19.31 -40.65
CA ILE C 338 -32.96 18.02 -41.01
C ILE C 338 -33.05 17.94 -42.57
N LYS C 339 -31.90 18.01 -43.19
CA LYS C 339 -31.64 17.35 -44.51
C LYS C 339 -30.41 16.40 -44.28
N GLY C 340 -30.73 15.25 -43.70
CA GLY C 340 -29.76 14.19 -43.42
C GLY C 340 -29.74 13.18 -44.54
N LEU C 341 -29.06 12.05 -44.28
CA LEU C 341 -28.75 11.03 -45.28
C LEU C 341 -29.49 9.72 -45.00
N ALA C 361 -40.37 -2.27 -42.43
CA ALA C 361 -40.38 -1.25 -41.39
C ALA C 361 -41.00 0.09 -41.89
N ARG C 362 -40.76 0.39 -43.18
CA ARG C 362 -41.25 1.60 -43.85
C ARG C 362 -42.78 1.71 -43.77
N ASP C 363 -43.45 0.62 -44.09
CA ASP C 363 -44.93 0.51 -43.96
C ASP C 363 -45.40 0.59 -42.49
N LYS C 364 -44.58 0.14 -41.55
CA LYS C 364 -44.95 0.17 -40.09
C LYS C 364 -45.13 1.62 -39.60
N VAL C 365 -44.21 2.51 -40.00
CA VAL C 365 -44.09 3.82 -39.44
C VAL C 365 -44.84 4.85 -40.22
N THR C 366 -45.40 4.58 -41.41
CA THR C 366 -46.45 5.47 -41.90
C THR C 366 -47.62 5.50 -40.89
N GLY C 367 -47.95 4.34 -40.34
CA GLY C 367 -49.00 4.23 -39.34
C GLY C 367 -48.68 5.01 -38.10
N TYR C 368 -47.42 4.93 -37.67
CA TYR C 368 -46.93 5.68 -36.52
C TYR C 368 -47.09 7.18 -36.71
N ILE C 369 -46.59 7.70 -37.83
CA ILE C 369 -46.64 9.13 -38.11
C ILE C 369 -48.10 9.58 -38.26
N ASP C 370 -48.88 8.82 -39.02
CA ASP C 370 -50.29 9.14 -39.24
C ASP C 370 -51.07 9.24 -37.93
N THR C 371 -50.87 8.29 -37.02
CA THR C 371 -51.48 8.38 -35.68
C THR C 371 -51.09 9.67 -34.97
N GLY C 372 -49.84 10.07 -35.11
CA GLY C 372 -49.33 11.29 -34.47
C GLY C 372 -50.11 12.51 -34.88
N VAL C 373 -50.28 12.66 -36.18
CA VAL C 373 -51.07 13.78 -36.72
C VAL C 373 -52.50 13.70 -36.20
N ALA C 374 -53.09 12.52 -36.29
CA ALA C 374 -54.45 12.28 -35.82
C ALA C 374 -54.70 12.71 -34.38
N GLN C 375 -53.75 12.47 -33.49
CA GLN C 375 -53.94 12.79 -32.07
C GLN C 375 -53.49 14.22 -31.69
N GLY C 376 -53.09 15.02 -32.68
CA GLY C 376 -52.92 16.46 -32.48
C GLY C 376 -51.51 16.97 -32.34
N ALA C 377 -50.52 16.13 -32.69
CA ALA C 377 -49.13 16.59 -32.72
C ALA C 377 -48.92 17.36 -34.00
N GLU C 378 -47.95 18.26 -33.98
CA GLU C 378 -47.63 19.10 -35.13
C GLU C 378 -46.48 18.43 -35.86
N LEU C 379 -46.75 17.94 -37.06
CA LEU C 379 -45.73 17.27 -37.87
C LEU C 379 -44.96 18.34 -38.62
N VAL C 380 -43.77 18.67 -38.15
CA VAL C 380 -43.02 19.83 -38.64
C VAL C 380 -42.14 19.46 -39.83
N VAL C 381 -41.54 18.27 -39.81
CA VAL C 381 -40.78 17.77 -40.95
C VAL C 381 -41.18 16.30 -41.13
N ASP C 382 -41.66 16.00 -42.33
CA ASP C 382 -42.24 14.71 -42.64
C ASP C 382 -41.20 13.96 -43.45
N GLY C 383 -40.68 12.88 -42.89
CA GLY C 383 -39.58 12.15 -43.56
C GLY C 383 -40.00 11.01 -44.46
N ARG C 384 -41.27 10.95 -44.89
CA ARG C 384 -41.72 9.79 -45.69
C ARG C 384 -41.18 9.84 -47.15
N GLY C 385 -40.79 8.68 -47.68
CA GLY C 385 -39.95 8.60 -48.87
C GLY C 385 -39.13 7.31 -48.81
N LEU C 397 -35.35 8.41 -47.78
CA LEU C 397 -34.73 8.91 -46.56
C LEU C 397 -35.72 9.53 -45.57
N GLY C 398 -35.54 9.23 -44.29
CA GLY C 398 -36.35 9.69 -43.16
C GLY C 398 -36.09 11.12 -42.71
N GLY C 399 -36.10 11.43 -41.44
CA GLY C 399 -35.72 12.71 -40.96
C GLY C 399 -37.07 13.29 -40.66
N THR C 400 -37.61 12.93 -39.51
CA THR C 400 -38.93 13.37 -39.10
C THR C 400 -38.83 14.16 -37.79
N LEU C 401 -39.60 15.24 -37.69
CA LEU C 401 -39.70 16.05 -36.49
C LEU C 401 -41.15 16.28 -36.10
N PHE C 402 -41.48 16.02 -34.85
CA PHE C 402 -42.80 16.25 -34.28
C PHE C 402 -42.69 17.28 -33.17
N ASP C 403 -43.64 18.21 -33.13
CA ASP C 403 -43.72 19.20 -32.07
C ASP C 403 -45.03 19.00 -31.33
N ARG C 404 -45.15 19.57 -30.15
CA ARG C 404 -46.39 19.60 -29.39
C ARG C 404 -46.89 18.22 -29.03
N VAL C 405 -45.93 17.38 -28.65
CA VAL C 405 -46.14 15.99 -28.33
C VAL C 405 -46.41 15.93 -26.83
N THR C 406 -47.26 14.98 -26.45
CA THR C 406 -47.70 14.83 -25.07
C THR C 406 -47.52 13.37 -24.71
N PRO C 407 -47.43 13.04 -23.41
CA PRO C 407 -47.24 11.63 -23.06
C PRO C 407 -48.45 10.71 -23.30
N GLU C 408 -49.64 11.30 -23.56
CA GLU C 408 -50.83 10.52 -23.85
C GLU C 408 -50.88 10.07 -25.29
N MET C 409 -50.08 10.65 -26.16
CA MET C 409 -50.05 10.22 -27.56
C MET C 409 -49.36 8.89 -27.73
N THR C 410 -49.77 8.20 -28.77
CA THR C 410 -49.14 6.94 -29.18
C THR C 410 -47.72 7.18 -29.65
N ILE C 411 -47.43 8.29 -30.31
CA ILE C 411 -46.04 8.53 -30.75
C ILE C 411 -45.04 8.70 -29.60
N TYR C 412 -45.53 9.02 -28.42
CA TYR C 412 -44.68 9.01 -27.23
C TYR C 412 -44.54 7.61 -26.61
N LYS C 413 -45.64 6.87 -26.57
CA LYS C 413 -45.69 5.57 -25.89
C LYS C 413 -45.05 4.45 -26.67
N GLU C 414 -45.17 4.48 -27.99
CA GLU C 414 -44.65 3.43 -28.85
C GLU C 414 -43.27 3.88 -29.39
N GLU C 415 -42.36 2.92 -29.38
CA GLU C 415 -41.01 3.17 -29.77
C GLU C 415 -40.93 2.91 -31.29
N ILE C 416 -40.11 3.71 -31.95
CA ILE C 416 -40.24 3.94 -33.36
C ILE C 416 -38.94 3.68 -34.08
N PHE C 417 -39.01 3.03 -35.23
CA PHE C 417 -37.83 2.88 -36.08
C PHE C 417 -37.43 4.24 -36.62
N GLY C 418 -36.13 4.57 -36.58
CA GLY C 418 -35.56 5.56 -37.49
C GLY C 418 -35.30 6.92 -36.92
N PRO C 419 -34.96 7.87 -37.80
CA PRO C 419 -34.63 9.26 -37.40
C PRO C 419 -35.85 10.08 -37.03
N VAL C 420 -36.33 9.93 -35.82
CA VAL C 420 -37.54 10.63 -35.39
C VAL C 420 -37.29 11.31 -34.05
N LEU C 421 -37.55 12.60 -34.01
CA LEU C 421 -37.38 13.40 -32.78
C LEU C 421 -38.71 14.04 -32.41
N CYS C 422 -39.09 13.99 -31.15
CA CYS C 422 -40.35 14.56 -30.66
C CYS C 422 -40.01 15.64 -29.66
N ILE C 423 -40.63 16.80 -29.82
CA ILE C 423 -40.50 17.89 -28.88
C ILE C 423 -41.69 17.88 -27.96
N VAL C 424 -41.43 17.91 -26.66
CA VAL C 424 -42.48 17.97 -25.66
C VAL C 424 -42.30 19.26 -24.89
N ARG C 425 -43.36 20.07 -24.88
CA ARG C 425 -43.34 21.38 -24.20
C ARG C 425 -43.85 21.20 -22.81
N VAL C 426 -43.18 21.82 -21.87
CA VAL C 426 -43.48 21.64 -20.46
C VAL C 426 -43.20 22.99 -19.76
N ASN C 427 -43.78 23.22 -18.59
CA ASN C 427 -43.71 24.54 -17.94
C ASN C 427 -42.65 24.70 -16.86
N SER C 428 -42.15 23.60 -16.31
CA SER C 428 -41.16 23.66 -15.26
C SER C 428 -40.16 22.52 -15.40
N LEU C 429 -39.01 22.70 -14.74
CA LEU C 429 -38.02 21.64 -14.67
C LEU C 429 -38.58 20.44 -13.92
N GLU C 430 -39.36 20.69 -12.86
CA GLU C 430 -39.95 19.61 -12.07
C GLU C 430 -40.79 18.71 -12.97
N GLU C 431 -41.60 19.35 -13.82
CA GLU C 431 -42.43 18.61 -14.76
C GLU C 431 -41.58 17.80 -15.72
N ALA C 432 -40.49 18.38 -16.23
CA ALA C 432 -39.60 17.65 -17.13
C ALA C 432 -38.98 16.42 -16.46
N MET C 433 -38.53 16.60 -15.21
CA MET C 433 -37.90 15.49 -14.50
C MET C 433 -38.92 14.41 -14.16
N GLN C 434 -40.14 14.85 -13.78
CA GLN C 434 -41.19 13.89 -13.50
C GLN C 434 -41.57 13.14 -14.78
N LEU C 435 -41.65 13.85 -15.89
CA LEU C 435 -41.90 13.18 -17.17
C LEU C 435 -40.89 12.05 -17.42
N ILE C 436 -39.60 12.36 -17.29
CA ILE C 436 -38.55 11.39 -17.58
C ILE C 436 -38.56 10.21 -16.58
N ASN C 437 -38.68 10.55 -15.31
CA ASN C 437 -38.67 9.54 -14.24
C ASN C 437 -39.86 8.60 -14.21
N ASP C 438 -41.03 9.10 -14.59
CA ASP C 438 -42.27 8.30 -14.50
C ASP C 438 -42.47 7.28 -15.59
N HIS C 439 -41.59 7.22 -16.59
CA HIS C 439 -41.71 6.22 -17.65
C HIS C 439 -40.57 5.20 -17.56
N GLU C 440 -40.46 4.27 -18.51
CA GLU C 440 -39.41 3.20 -18.41
C GLU C 440 -38.13 3.89 -18.87
N TYR C 441 -37.48 4.52 -17.89
CA TYR C 441 -36.40 5.46 -18.20
C TYR C 441 -35.18 4.77 -18.76
N GLY C 442 -34.48 5.48 -19.62
CA GLY C 442 -33.36 4.95 -20.35
C GLY C 442 -32.04 4.96 -19.61
N ASN C 443 -30.99 4.94 -20.41
CA ASN C 443 -29.63 4.80 -19.92
C ASN C 443 -28.79 6.07 -20.12
N GLY C 444 -29.42 7.15 -20.55
CA GLY C 444 -28.73 8.42 -20.76
C GLY C 444 -29.71 9.57 -20.80
N THR C 445 -29.28 10.71 -20.31
CA THR C 445 -30.08 11.91 -20.38
C THR C 445 -29.20 13.13 -20.29
N CYS C 446 -29.66 14.23 -20.89
CA CYS C 446 -28.94 15.49 -20.90
C CYS C 446 -29.81 16.60 -20.38
N ILE C 447 -29.16 17.62 -19.85
CA ILE C 447 -29.80 18.90 -19.60
C ILE C 447 -28.95 19.99 -20.19
N PHE C 448 -29.59 20.93 -20.89
CA PHE C 448 -28.90 22.08 -21.46
C PHE C 448 -29.36 23.36 -20.79
N THR C 449 -28.39 24.03 -20.15
CA THR C 449 -28.64 25.20 -19.32
C THR C 449 -27.33 25.86 -18.92
N ARG C 450 -27.42 27.11 -18.53
CA ARG C 450 -26.32 27.87 -17.97
C ARG C 450 -26.41 27.98 -16.46
N ASP C 451 -27.55 27.61 -15.89
CA ASP C 451 -27.80 27.74 -14.47
C ASP C 451 -27.18 26.56 -13.68
N GLY C 452 -26.36 26.88 -12.69
CA GLY C 452 -25.71 25.88 -11.86
C GLY C 452 -26.68 25.14 -10.96
N GLU C 453 -27.65 25.87 -10.41
CA GLU C 453 -28.62 25.28 -9.49
C GLU C 453 -29.55 24.30 -10.19
N ALA C 454 -30.00 24.66 -11.38
CA ALA C 454 -30.79 23.75 -12.21
C ALA C 454 -30.03 22.45 -12.49
N ALA C 455 -28.81 22.58 -13.00
CA ALA C 455 -28.01 21.41 -13.29
C ALA C 455 -27.80 20.53 -12.05
N ARG C 456 -27.51 21.13 -10.91
CA ARG C 456 -27.29 20.33 -9.70
C ARG C 456 -28.54 19.54 -9.36
N LEU C 457 -29.68 20.21 -9.43
CA LEU C 457 -30.95 19.61 -9.10
C LEU C 457 -31.28 18.48 -10.05
N PHE C 458 -31.09 18.71 -11.34
CA PHE C 458 -31.33 17.69 -12.35
C PHE C 458 -30.50 16.46 -12.07
N CYS C 459 -29.21 16.64 -11.80
CA CYS C 459 -28.32 15.52 -11.52
C CYS C 459 -28.72 14.77 -10.24
N ASP C 460 -29.24 15.50 -9.25
CA ASP C 460 -29.68 14.87 -8.01
C ASP C 460 -30.98 14.06 -8.18
N GLU C 461 -31.99 14.65 -8.83
CA GLU C 461 -33.32 14.02 -8.82
C GLU C 461 -33.68 13.18 -10.02
N ILE C 462 -32.97 13.32 -11.14
CA ILE C 462 -33.22 12.45 -12.27
C ILE C 462 -32.80 11.03 -11.88
N GLU C 463 -33.46 9.99 -12.40
CA GLU C 463 -33.15 8.61 -12.03
C GLU C 463 -32.30 7.87 -13.05
N VAL C 464 -31.97 8.54 -14.15
CA VAL C 464 -31.15 7.91 -15.17
C VAL C 464 -29.72 7.85 -14.66
N GLY C 465 -29.04 6.77 -14.99
CA GLY C 465 -27.73 6.47 -14.44
C GLY C 465 -26.59 7.32 -14.96
N MET C 466 -26.62 7.68 -16.24
CA MET C 466 -25.64 8.58 -16.83
C MET C 466 -26.28 9.90 -17.23
N VAL C 467 -25.65 11.00 -16.84
CA VAL C 467 -26.18 12.31 -17.07
C VAL C 467 -25.15 13.21 -17.74
N GLY C 468 -25.62 13.99 -18.71
CA GLY C 468 -24.77 14.92 -19.44
C GLY C 468 -25.27 16.33 -19.26
N VAL C 469 -24.43 17.22 -18.76
CA VAL C 469 -24.79 18.62 -18.58
C VAL C 469 -24.10 19.41 -19.68
N ASN C 470 -24.90 19.94 -20.60
CA ASN C 470 -24.43 20.61 -21.83
C ASN C 470 -23.47 19.79 -22.69
N VAL C 471 -23.55 18.48 -22.54
CA VAL C 471 -22.66 17.60 -23.28
C VAL C 471 -23.40 16.27 -23.52
N PRO C 472 -23.27 15.73 -24.75
CA PRO C 472 -23.93 14.44 -25.02
C PRO C 472 -23.09 13.31 -24.44
N LEU C 473 -23.68 12.12 -24.34
CA LEU C 473 -23.05 10.96 -23.71
C LEU C 473 -22.82 9.86 -24.74
N PRO C 474 -21.76 9.03 -24.56
CA PRO C 474 -21.47 7.96 -25.54
C PRO C 474 -22.35 6.73 -25.35
N VAL C 475 -23.66 6.90 -25.61
CA VAL C 475 -24.70 5.91 -25.37
C VAL C 475 -25.56 5.87 -26.65
N PRO C 476 -25.15 5.08 -27.64
CA PRO C 476 -25.76 5.16 -28.97
C PRO C 476 -27.14 4.51 -29.13
N VAL C 477 -27.56 3.68 -28.17
CA VAL C 477 -28.90 3.11 -28.17
C VAL C 477 -29.51 3.21 -26.78
N ALA C 478 -30.79 3.51 -26.70
CA ALA C 478 -31.49 3.64 -25.45
C ALA C 478 -32.07 2.34 -24.96
N TYR C 479 -31.78 1.99 -23.71
CA TYR C 479 -32.31 0.76 -23.09
C TYR C 479 -32.72 1.05 -21.67
N HIS C 480 -33.79 0.36 -21.27
CA HIS C 480 -34.24 0.32 -19.88
C HIS C 480 -33.81 -1.04 -19.36
N SER C 481 -33.45 -1.09 -18.08
CA SER C 481 -32.93 -2.31 -17.46
C SER C 481 -34.00 -2.84 -16.50
N PHE C 482 -34.35 -4.12 -16.64
CA PHE C 482 -35.33 -4.76 -15.75
C PHE C 482 -34.68 -5.51 -14.59
N GLY C 483 -35.45 -5.66 -13.52
CA GLY C 483 -35.13 -6.52 -12.40
C GLY C 483 -33.99 -6.03 -11.55
N GLY C 484 -33.44 -6.97 -10.79
CA GLY C 484 -32.32 -6.72 -9.85
C GLY C 484 -30.96 -7.15 -10.36
N TRP C 485 -30.93 -7.97 -11.41
CA TRP C 485 -29.69 -8.32 -12.10
C TRP C 485 -29.48 -7.27 -13.17
N LYS C 486 -28.90 -6.17 -12.80
CA LYS C 486 -28.82 -5.00 -13.72
C LYS C 486 -27.42 -4.80 -14.18
N ARG C 487 -27.25 -4.70 -15.51
CA ARG C 487 -25.99 -4.40 -16.13
C ARG C 487 -26.09 -3.22 -17.07
N SER C 488 -25.06 -2.41 -17.12
CA SER C 488 -24.98 -1.29 -18.04
C SER C 488 -24.22 -1.77 -19.27
N LEU C 489 -24.70 -1.40 -20.44
CA LEU C 489 -24.06 -1.83 -21.66
C LEU C 489 -22.97 -0.89 -22.13
N PHE C 490 -23.14 0.40 -21.84
CA PHE C 490 -22.28 1.44 -22.38
C PHE C 490 -21.43 2.17 -21.35
N GLY C 491 -21.58 1.85 -20.06
CA GLY C 491 -20.71 2.38 -19.02
C GLY C 491 -19.22 2.02 -19.13
N ASP C 492 -18.41 2.58 -18.26
CA ASP C 492 -17.00 2.18 -18.14
C ASP C 492 -16.97 0.71 -17.70
N LEU C 493 -16.31 -0.12 -18.51
CA LEU C 493 -16.27 -1.55 -18.21
C LEU C 493 -15.75 -1.86 -16.81
N HIS C 494 -14.70 -1.17 -16.41
CA HIS C 494 -14.11 -1.35 -15.09
C HIS C 494 -15.06 -0.93 -13.97
N ALA C 495 -16.00 -0.05 -14.26
CA ALA C 495 -16.97 0.38 -13.26
C ALA C 495 -18.18 -0.55 -13.15
N TYR C 496 -18.71 -1.01 -14.28
CA TYR C 496 -19.92 -1.85 -14.28
C TYR C 496 -19.64 -3.34 -14.53
N GLY C 497 -18.39 -3.70 -14.75
CA GLY C 497 -18.00 -5.11 -14.91
C GLY C 497 -18.34 -6.01 -13.73
N PRO C 498 -18.07 -5.57 -12.50
CA PRO C 498 -18.47 -6.36 -11.35
C PRO C 498 -19.91 -6.80 -11.31
N ASP C 499 -20.81 -6.00 -11.86
CA ASP C 499 -22.21 -6.43 -11.94
C ASP C 499 -22.36 -7.67 -12.82
N GLY C 500 -21.61 -7.69 -13.92
CA GLY C 500 -21.55 -8.88 -14.80
C GLY C 500 -21.00 -10.08 -14.08
N VAL C 501 -19.88 -9.87 -13.39
CA VAL C 501 -19.25 -10.94 -12.62
C VAL C 501 -20.22 -11.52 -11.59
N ARG C 502 -21.00 -10.66 -10.94
CA ARG C 502 -21.89 -11.13 -9.92
C ARG C 502 -23.08 -11.89 -10.53
N PHE C 503 -23.49 -11.51 -11.74
CA PHE C 503 -24.57 -12.19 -12.43
C PHE C 503 -24.20 -13.60 -12.84
N TYR C 504 -22.92 -13.80 -13.18
CA TYR C 504 -22.44 -15.10 -13.66
C TYR C 504 -21.75 -15.94 -12.58
N THR C 505 -21.82 -15.52 -11.32
CA THR C 505 -21.21 -16.29 -10.23
C THR C 505 -22.11 -16.38 -9.02
N LYS C 506 -21.78 -17.32 -8.15
CA LYS C 506 -22.46 -17.49 -6.88
C LYS C 506 -21.41 -17.56 -5.82
N ARG C 507 -21.68 -16.86 -4.72
CA ARG C 507 -20.72 -16.75 -3.64
C ARG C 507 -20.92 -17.95 -2.72
N LYS C 508 -19.81 -18.51 -2.23
CA LYS C 508 -19.90 -19.60 -1.30
C LYS C 508 -18.97 -19.40 -0.12
N ALA C 509 -19.47 -19.77 1.06
CA ALA C 509 -18.72 -19.76 2.30
C ALA C 509 -18.71 -21.17 2.88
N ILE C 510 -17.53 -21.78 2.89
CA ILE C 510 -17.36 -23.14 3.35
C ILE C 510 -16.65 -23.19 4.70
N THR C 511 -17.16 -24.01 5.59
CA THR C 511 -16.51 -24.32 6.85
C THR C 511 -16.33 -25.83 6.91
N GLN C 512 -15.14 -26.31 7.26
CA GLN C 512 -14.80 -27.71 7.12
C GLN C 512 -14.00 -28.27 8.29
N ARG C 513 -14.36 -29.49 8.67
CA ARG C 513 -13.66 -30.23 9.71
C ARG C 513 -13.69 -31.70 9.30
N TRP C 514 -12.59 -32.39 9.51
CA TRP C 514 -12.54 -33.83 9.30
C TRP C 514 -12.47 -34.46 10.68
N PRO C 515 -13.59 -35.03 11.15
CA PRO C 515 -13.59 -35.54 12.52
C PRO C 515 -12.60 -36.71 12.64
N GLN C 516 -11.93 -36.77 13.78
CA GLN C 516 -10.76 -37.61 13.97
C GLN C 516 -11.12 -39.04 14.33
N ARG C 517 -10.16 -39.93 14.08
CA ARG C 517 -10.22 -41.29 14.57
C ARG C 517 -9.15 -41.43 15.66
N LYS C 518 -9.33 -42.43 16.51
CA LYS C 518 -8.36 -42.72 17.56
C LYS C 518 -7.13 -43.47 17.03
N SER C 519 -7.33 -44.30 16.02
CA SER C 519 -6.25 -45.08 15.38
C SER C 519 -6.48 -45.17 13.87
N HIS C 520 -5.41 -45.38 13.11
CA HIS C 520 -5.49 -45.42 11.64
C HIS C 520 -4.89 -46.68 11.06
N GLU C 521 -5.26 -47.82 11.67
CA GLU C 521 -4.88 -49.14 11.14
C GLU C 521 -5.71 -49.43 9.88
N ALA C 522 -5.18 -50.28 9.02
CA ALA C 522 -5.84 -50.61 7.74
C ALA C 522 -7.31 -51.03 7.88
N ALA C 523 -7.64 -51.67 8.99
CA ALA C 523 -9.04 -52.06 9.30
C ALA C 523 -10.07 -50.92 9.29
N GLN C 524 -9.62 -49.66 9.43
CA GLN C 524 -10.52 -48.52 9.45
C GLN C 524 -10.83 -47.93 8.07
N PHE C 525 -10.37 -48.56 7.00
CA PHE C 525 -10.60 -48.05 5.64
C PHE C 525 -11.24 -49.15 4.76
N ALA C 526 -11.61 -48.82 3.53
CA ALA C 526 -12.41 -49.72 2.67
C ALA C 526 -11.60 -50.31 1.49
N PHE C 527 -11.97 -51.51 1.01
CA PHE C 527 -11.37 -52.08 -0.19
C PHE C 527 -12.32 -52.35 -1.32
N THR D 35 10.65 -24.75 53.13
CA THR D 35 9.73 -25.26 52.08
C THR D 35 10.49 -26.04 50.97
N LEU D 36 9.75 -26.72 50.09
CA LEU D 36 10.30 -27.38 48.90
C LEU D 36 9.52 -26.93 47.65
N ILE D 37 10.26 -26.69 46.56
CA ILE D 37 9.67 -26.19 45.31
C ILE D 37 9.29 -27.40 44.44
N LYS D 38 8.08 -27.29 43.86
CA LYS D 38 7.44 -28.36 43.11
C LYS D 38 7.68 -28.24 41.59
N HIS D 39 7.63 -29.36 40.88
CA HIS D 39 7.60 -29.38 39.41
C HIS D 39 6.24 -28.91 38.92
N LEU D 40 6.16 -28.50 37.65
CA LEU D 40 4.88 -28.15 37.02
C LEU D 40 4.67 -29.02 35.78
N ILE D 41 4.45 -30.31 36.00
CA ILE D 41 4.18 -31.25 34.93
C ILE D 41 2.68 -31.44 34.73
N GLY D 42 2.29 -31.67 33.47
CA GLY D 42 0.88 -31.90 33.12
C GLY D 42 -0.17 -30.96 33.73
N GLY D 43 0.19 -29.72 33.99
CA GLY D 43 -0.76 -28.75 34.55
C GLY D 43 -0.90 -28.69 36.05
N GLU D 44 -0.32 -29.63 36.79
CA GLU D 44 -0.37 -29.64 38.25
C GLU D 44 1.02 -29.63 38.86
N LEU D 45 1.11 -29.17 40.11
CA LEU D 45 2.38 -29.10 40.83
C LEU D 45 2.71 -30.43 41.49
N ILE D 46 3.84 -31.02 41.11
CA ILE D 46 4.26 -32.31 41.64
C ILE D 46 5.36 -32.08 42.68
N ALA D 47 5.33 -32.86 43.76
CA ALA D 47 6.41 -32.87 44.75
C ALA D 47 7.27 -34.12 44.52
N ASP D 48 8.55 -33.91 44.22
CA ASP D 48 9.49 -35.00 43.99
C ASP D 48 10.36 -35.07 45.25
N THR D 49 10.61 -36.30 45.71
CA THR D 49 11.60 -36.56 46.77
C THR D 49 12.50 -37.70 46.27
N GLY D 50 13.79 -37.41 46.21
CA GLY D 50 14.80 -38.26 45.57
C GLY D 50 16.10 -37.52 45.83
N ARG D 51 16.93 -37.29 44.82
CA ARG D 51 18.09 -36.38 44.97
C ARG D 51 17.56 -34.96 45.28
N THR D 52 18.33 -34.17 46.02
CA THR D 52 17.93 -32.79 46.33
C THR D 52 19.11 -31.90 46.66
N ALA D 53 19.12 -30.70 46.10
CA ALA D 53 20.09 -29.66 46.49
C ALA D 53 19.36 -28.52 47.19
N ASP D 54 20.13 -27.51 47.62
CA ASP D 54 19.59 -26.38 48.34
C ASP D 54 19.79 -25.10 47.54
N VAL D 55 18.77 -24.25 47.54
CA VAL D 55 18.88 -22.92 46.94
C VAL D 55 19.28 -21.96 48.05
N PHE D 56 20.41 -21.26 47.87
CA PHE D 56 20.88 -20.28 48.82
C PHE D 56 20.43 -18.89 48.44
N ASN D 57 20.68 -17.95 49.36
CA ASN D 57 20.31 -16.55 49.26
C ASN D 57 21.64 -15.98 49.65
N PRO D 58 22.13 -14.92 49.02
CA PRO D 58 23.29 -14.21 49.58
C PRO D 58 23.24 -13.93 51.09
N SER D 59 22.11 -13.45 51.63
CA SER D 59 21.91 -13.24 53.05
C SER D 59 21.76 -14.49 53.94
N THR D 60 21.53 -15.67 53.37
CA THR D 60 21.42 -16.92 54.17
C THR D 60 22.62 -17.84 54.10
N ARG D 65 15.63 -22.82 50.49
CA ARG D 65 14.72 -23.89 50.03
C ARG D 65 15.46 -25.04 49.38
N LYS D 66 14.70 -26.09 49.02
CA LYS D 66 15.25 -27.29 48.37
C LYS D 66 14.69 -27.49 46.93
N VAL D 67 15.50 -28.14 46.08
CA VAL D 67 15.16 -28.36 44.66
C VAL D 67 15.29 -29.84 44.31
N PRO D 68 14.33 -30.37 43.54
CA PRO D 68 14.41 -31.80 43.19
C PRO D 68 15.18 -32.13 41.92
N LEU D 69 16.32 -32.78 42.04
CA LEU D 69 17.09 -33.18 40.84
C LEU D 69 16.42 -34.41 40.22
N ALA D 70 15.77 -34.26 39.08
CA ALA D 70 14.80 -35.23 38.59
C ALA D 70 15.42 -36.37 37.80
N ASP D 71 14.80 -37.54 37.90
CA ASP D 71 15.22 -38.74 37.18
C ASP D 71 14.61 -38.75 35.79
N ARG D 72 15.06 -39.70 34.98
CA ARG D 72 14.51 -39.90 33.63
C ARG D 72 13.01 -40.18 33.63
N GLU D 73 12.49 -40.81 34.68
CA GLU D 73 11.06 -41.13 34.79
C GLU D 73 10.26 -39.84 34.94
N THR D 74 10.71 -38.97 35.83
CA THR D 74 10.04 -37.69 36.05
C THR D 74 10.08 -36.81 34.80
N MET D 75 11.11 -36.96 33.97
CA MET D 75 11.18 -36.22 32.73
C MET D 75 10.23 -36.82 31.69
N GLN D 76 10.29 -38.14 31.52
CA GLN D 76 9.39 -38.83 30.62
C GLN D 76 7.93 -38.51 30.89
N GLN D 77 7.61 -38.23 32.16
CA GLN D 77 6.29 -37.71 32.49
C GLN D 77 6.01 -36.44 31.70
N ALA D 78 6.90 -35.47 31.80
CA ALA D 78 6.79 -34.16 31.12
C ALA D 78 6.71 -34.35 29.60
N ILE D 79 7.60 -35.16 29.06
CA ILE D 79 7.61 -35.40 27.64
C ILE D 79 6.25 -35.96 27.19
N ASP D 80 5.76 -36.99 27.88
CA ASP D 80 4.44 -37.58 27.56
C ASP D 80 3.33 -36.54 27.68
N ALA D 81 3.38 -35.72 28.74
CA ALA D 81 2.39 -34.65 28.94
C ALA D 81 2.38 -33.69 27.76
N ALA D 82 3.57 -33.31 27.29
CA ALA D 82 3.69 -32.34 26.20
C ALA D 82 3.27 -32.96 24.87
N LYS D 83 3.75 -34.17 24.62
CA LYS D 83 3.34 -34.95 23.44
C LYS D 83 1.81 -35.09 23.35
N ALA D 84 1.16 -35.26 24.50
CA ALA D 84 -0.30 -35.38 24.54
C ALA D 84 -1.00 -34.07 24.25
N ALA D 85 -0.51 -32.97 24.83
CA ALA D 85 -1.12 -31.66 24.63
C ALA D 85 -0.97 -31.11 23.20
N PHE D 86 0.03 -31.58 22.47
CA PHE D 86 0.41 -31.00 21.18
C PHE D 86 -0.67 -30.97 20.12
N PRO D 87 -1.32 -32.11 19.80
CA PRO D 87 -2.30 -32.05 18.69
C PRO D 87 -3.45 -31.07 18.92
N ALA D 88 -3.99 -31.02 20.13
CA ALA D 88 -5.04 -30.03 20.44
C ALA D 88 -4.52 -28.61 20.26
N TRP D 89 -3.32 -28.35 20.80
CA TRP D 89 -2.77 -26.99 20.82
C TRP D 89 -2.41 -26.54 19.44
N ARG D 90 -1.86 -27.47 18.65
CA ARG D 90 -1.49 -27.19 17.27
C ARG D 90 -2.67 -26.68 16.49
N ASN D 91 -3.86 -27.23 16.76
CA ASN D 91 -5.05 -26.83 16.03
C ASN D 91 -5.85 -25.74 16.69
N THR D 92 -5.37 -25.22 17.82
CA THR D 92 -6.00 -24.06 18.40
C THR D 92 -5.88 -22.86 17.44
N PRO D 93 -6.97 -22.10 17.25
CA PRO D 93 -6.89 -20.95 16.37
C PRO D 93 -5.82 -19.94 16.77
N PRO D 94 -5.11 -19.37 15.78
CA PRO D 94 -4.15 -18.32 16.00
C PRO D 94 -4.64 -17.24 16.99
N ALA D 95 -5.85 -16.75 16.77
CA ALA D 95 -6.38 -15.67 17.61
C ALA D 95 -6.61 -16.11 19.05
N LYS D 96 -6.88 -17.38 19.28
CA LYS D 96 -7.06 -17.88 20.65
C LYS D 96 -5.71 -18.00 21.35
N ARG D 97 -4.68 -18.41 20.62
CA ARG D 97 -3.34 -18.46 21.16
C ARG D 97 -2.87 -17.04 21.48
N ALA D 98 -3.08 -16.12 20.55
CA ALA D 98 -2.79 -14.70 20.83
C ALA D 98 -3.51 -14.23 22.09
N GLN D 99 -4.73 -14.68 22.28
CA GLN D 99 -5.57 -14.24 23.41
C GLN D 99 -4.96 -14.65 24.74
N VAL D 100 -4.59 -15.92 24.87
CA VAL D 100 -4.01 -16.42 26.12
C VAL D 100 -2.66 -15.75 26.43
N LEU D 101 -1.88 -15.45 25.40
CA LEU D 101 -0.62 -14.71 25.58
C LEU D 101 -0.87 -13.29 26.09
N PHE D 102 -1.88 -12.62 25.54
CA PHE D 102 -2.20 -11.25 25.94
C PHE D 102 -2.57 -11.18 27.42
N ARG D 103 -3.30 -12.18 27.92
CA ARG D 103 -3.62 -12.21 29.35
C ARG D 103 -2.42 -12.55 30.19
N PHE D 104 -1.54 -13.40 29.65
CA PHE D 104 -0.27 -13.70 30.30
C PHE D 104 0.55 -12.43 30.51
N LYS D 105 0.62 -11.57 29.50
CA LYS D 105 1.30 -10.28 29.62
C LYS D 105 0.69 -9.44 30.74
N GLN D 106 -0.64 -9.42 30.85
CA GLN D 106 -1.32 -8.62 31.88
C GLN D 106 -1.03 -9.16 33.26
N LEU D 107 -1.17 -10.47 33.45
CA LEU D 107 -0.93 -11.08 34.74
C LEU D 107 0.53 -10.94 35.21
N LEU D 108 1.48 -10.74 34.29
CA LEU D 108 2.86 -10.44 34.68
C LEU D 108 2.99 -8.98 35.11
N GLU D 109 2.45 -8.06 34.30
CA GLU D 109 2.42 -6.64 34.69
C GLU D 109 1.61 -6.39 35.97
N ALA D 110 0.75 -7.33 36.36
CA ALA D 110 0.03 -7.27 37.63
C ALA D 110 0.91 -7.69 38.79
N ASN D 111 1.54 -8.86 38.69
CA ASN D 111 2.36 -9.37 39.77
C ASN D 111 3.86 -8.99 39.71
N GLU D 112 4.25 -7.83 39.19
CA GLU D 112 5.72 -7.57 39.04
C GLU D 112 6.44 -7.58 40.39
N GLU D 113 5.94 -6.80 41.34
CA GLU D 113 6.56 -6.69 42.65
C GLU D 113 6.82 -8.07 43.23
N ARG D 114 5.85 -8.94 43.17
CA ARG D 114 6.00 -10.29 43.75
C ARG D 114 7.11 -11.10 43.08
N ILE D 115 7.24 -10.95 41.77
CA ILE D 115 8.22 -11.68 40.97
C ILE D 115 9.61 -11.15 41.27
N VAL D 116 9.76 -9.84 41.09
CA VAL D 116 11.05 -9.19 41.23
C VAL D 116 11.67 -9.58 42.58
N LYS D 117 10.85 -9.56 43.64
CA LYS D 117 11.29 -9.99 44.95
C LYS D 117 11.92 -11.37 44.90
N LEU D 118 11.23 -12.31 44.25
CA LEU D 118 11.73 -13.67 44.12
C LEU D 118 13.00 -13.83 43.28
N ILE D 119 13.27 -12.86 42.41
CA ILE D 119 14.51 -12.84 41.62
C ILE D 119 15.66 -12.39 42.52
N SER D 120 15.54 -11.18 43.07
CA SER D 120 16.55 -10.60 43.97
C SER D 120 16.87 -11.50 45.15
N GLU D 121 15.89 -12.29 45.59
CA GLU D 121 16.08 -13.15 46.73
C GLU D 121 17.00 -14.35 46.44
N GLU D 122 16.85 -15.01 45.30
CA GLU D 122 17.66 -16.20 45.03
C GLU D 122 18.83 -15.98 44.09
N HIS D 123 18.76 -14.94 43.26
CA HIS D 123 19.91 -14.57 42.40
C HIS D 123 20.79 -13.50 43.04
N GLY D 124 20.17 -12.59 43.77
CA GLY D 124 20.90 -11.55 44.48
C GLY D 124 21.25 -10.43 43.55
N LYS D 125 20.33 -9.51 43.32
CA LYS D 125 20.65 -8.35 42.51
C LYS D 125 19.64 -7.27 42.77
N THR D 126 20.09 -6.03 42.58
CA THR D 126 19.26 -4.86 42.78
C THR D 126 17.88 -5.08 42.15
N ILE D 127 16.86 -4.82 42.97
CA ILE D 127 15.48 -4.89 42.56
C ILE D 127 15.24 -4.08 41.28
N GLU D 128 15.92 -2.94 41.14
CA GLU D 128 15.84 -2.12 39.93
C GLU D 128 16.32 -2.88 38.69
N ASP D 129 17.40 -3.64 38.82
CA ASP D 129 17.88 -4.53 37.75
C ASP D 129 16.87 -5.65 37.50
N ALA D 130 16.46 -6.33 38.55
CA ALA D 130 15.48 -7.41 38.41
C ALA D 130 14.17 -6.95 37.73
N ALA D 131 13.70 -5.75 38.05
CA ALA D 131 12.51 -5.20 37.39
C ALA D 131 12.76 -4.88 35.93
N GLY D 132 13.96 -4.40 35.62
CA GLY D 132 14.35 -4.11 34.22
C GLY D 132 14.45 -5.38 33.39
N GLU D 133 14.88 -6.47 34.02
CA GLU D 133 14.90 -7.79 33.38
C GLU D 133 13.48 -8.21 32.99
N LEU D 134 12.57 -8.15 33.94
CA LEU D 134 11.19 -8.57 33.69
C LEU D 134 10.51 -7.70 32.63
N LYS D 135 10.81 -6.41 32.64
CA LYS D 135 10.30 -5.53 31.58
C LYS D 135 10.72 -6.06 30.19
N ARG D 136 11.93 -6.60 30.09
CA ARG D 136 12.41 -7.20 28.85
C ARG D 136 11.65 -8.49 28.56
N GLY D 137 11.51 -9.36 29.56
CA GLY D 137 10.71 -10.59 29.40
C GLY D 137 9.31 -10.30 28.87
N ILE D 138 8.69 -9.25 29.40
CA ILE D 138 7.38 -8.84 28.96
C ILE D 138 7.43 -8.34 27.52
N GLU D 139 8.50 -7.66 27.11
CA GLU D 139 8.62 -7.29 25.69
C GLU D 139 8.63 -8.55 24.81
N ASN D 140 9.28 -9.61 25.29
CA ASN D 140 9.30 -10.87 24.59
C ASN D 140 7.91 -11.47 24.48
N VAL D 141 7.14 -11.38 25.56
CA VAL D 141 5.77 -11.90 25.54
C VAL D 141 4.91 -11.05 24.60
N GLU D 142 5.08 -9.74 24.63
CA GLU D 142 4.34 -8.88 23.73
C GLU D 142 4.67 -9.20 22.26
N TYR D 143 5.91 -9.54 21.95
CA TYR D 143 6.26 -9.89 20.56
C TYR D 143 5.59 -11.20 20.15
N ALA D 144 5.54 -12.15 21.07
CA ALA D 144 4.97 -13.46 20.78
C ALA D 144 3.48 -13.36 20.48
N THR D 145 2.78 -12.41 21.09
CA THR D 145 1.34 -12.30 20.86
C THR D 145 1.03 -12.01 19.40
N ALA D 146 1.94 -11.33 18.69
CA ALA D 146 1.76 -10.99 17.28
C ALA D 146 2.40 -11.96 16.29
N ALA D 147 2.89 -13.11 16.76
CA ALA D 147 3.54 -14.06 15.86
C ALA D 147 2.55 -14.81 14.96
N PRO D 148 1.39 -15.24 15.50
CA PRO D 148 0.33 -15.75 14.62
C PRO D 148 -0.01 -14.97 13.34
N GLU D 149 0.12 -13.63 13.38
CA GLU D 149 -0.12 -12.74 12.24
C GLU D 149 0.84 -12.99 11.07
N ILE D 150 2.14 -12.96 11.37
CA ILE D 150 3.17 -13.12 10.34
C ILE D 150 3.31 -14.57 9.83
N LEU D 151 2.49 -15.48 10.38
CA LEU D 151 2.56 -16.90 10.08
C LEU D 151 1.47 -17.42 9.11
N LYS D 152 0.64 -16.54 8.55
CA LYS D 152 -0.43 -17.04 7.66
C LYS D 152 0.09 -17.27 6.25
N GLY D 153 -0.47 -18.27 5.59
CA GLY D 153 0.00 -18.75 4.28
C GLY D 153 -1.06 -18.65 3.20
N GLU D 154 -0.73 -19.13 2.02
CA GLU D 154 -1.49 -18.88 0.79
C GLU D 154 -2.32 -20.10 0.39
N TYR D 155 -3.42 -19.85 -0.33
CA TYR D 155 -4.27 -20.88 -0.92
C TYR D 155 -4.56 -20.57 -2.35
N SER D 156 -4.56 -21.59 -3.21
CA SER D 156 -4.90 -21.40 -4.61
C SER D 156 -5.75 -22.54 -5.11
N ARG D 157 -7.01 -22.25 -5.45
CA ARG D 157 -7.90 -23.26 -6.01
C ARG D 157 -7.59 -23.44 -7.47
N ASN D 158 -7.61 -24.68 -7.90
CA ASN D 158 -7.30 -25.05 -9.28
C ASN D 158 -6.03 -24.41 -9.85
N VAL D 159 -4.90 -24.64 -9.19
CA VAL D 159 -3.57 -24.30 -9.73
C VAL D 159 -3.29 -25.19 -10.94
N GLY D 160 -3.85 -26.40 -10.89
CA GLY D 160 -4.02 -27.24 -12.06
C GLY D 160 -5.42 -27.84 -12.07
N PRO D 161 -5.78 -28.56 -13.11
CA PRO D 161 -7.13 -29.11 -13.24
C PRO D 161 -7.59 -29.87 -12.02
N ASN D 162 -8.52 -29.32 -11.28
CA ASN D 162 -8.96 -29.86 -9.99
C ASN D 162 -7.87 -30.23 -9.01
N ILE D 163 -6.85 -29.38 -9.00
CA ILE D 163 -5.69 -29.54 -8.10
C ILE D 163 -5.50 -28.25 -7.31
N ASP D 164 -5.74 -28.30 -6.02
CA ASP D 164 -5.50 -27.16 -5.16
C ASP D 164 -4.09 -27.22 -4.63
N ALA D 165 -3.56 -26.06 -4.27
CA ALA D 165 -2.22 -25.96 -3.69
C ALA D 165 -2.26 -24.99 -2.53
N TRP D 166 -1.54 -25.28 -1.47
CA TRP D 166 -1.37 -24.28 -0.44
C TRP D 166 -0.05 -24.44 0.28
N SER D 167 0.30 -23.40 1.04
CA SER D 167 1.53 -23.36 1.80
C SER D 167 1.24 -22.89 3.20
N ASP D 168 1.90 -23.52 4.17
CA ASP D 168 1.60 -23.32 5.58
C ASP D 168 2.89 -23.28 6.37
N PHE D 169 2.85 -22.66 7.54
CA PHE D 169 3.96 -22.70 8.46
C PHE D 169 3.47 -23.42 9.71
N GLN D 170 3.99 -24.61 9.96
CA GLN D 170 3.48 -25.44 11.02
C GLN D 170 4.47 -25.45 12.19
N PRO D 171 3.97 -25.75 13.39
CA PRO D 171 4.88 -26.05 14.50
C PRO D 171 5.56 -27.38 14.30
N ILE D 172 6.65 -27.59 15.02
CA ILE D 172 7.48 -28.79 14.83
C ILE D 172 7.14 -29.92 15.77
N GLY D 173 6.59 -29.58 16.95
CA GLY D 173 6.19 -30.59 17.93
C GLY D 173 6.50 -30.21 19.36
N VAL D 174 7.21 -31.08 20.04
CA VAL D 174 7.55 -30.84 21.44
C VAL D 174 8.98 -30.34 21.50
N VAL D 175 9.21 -29.22 22.19
CA VAL D 175 10.52 -28.59 22.21
C VAL D 175 10.89 -28.25 23.64
N ALA D 176 12.20 -28.12 23.87
CA ALA D 176 12.71 -27.92 25.22
C ALA D 176 13.73 -26.80 25.30
N GLY D 177 13.75 -26.15 26.46
CA GLY D 177 14.63 -25.02 26.71
C GLY D 177 15.34 -25.12 28.05
N ILE D 178 16.65 -24.93 28.04
CA ILE D 178 17.50 -25.08 29.23
C ILE D 178 18.13 -23.72 29.55
N THR D 179 17.78 -23.18 30.71
CA THR D 179 17.99 -21.77 31.04
C THR D 179 19.08 -21.55 32.11
N PRO D 180 19.75 -20.39 32.09
CA PRO D 180 20.85 -20.15 33.02
C PRO D 180 20.45 -19.40 34.29
N PHE D 181 21.45 -19.20 35.16
CA PHE D 181 21.32 -18.58 36.49
C PHE D 181 20.99 -17.08 36.41
N ASN D 182 21.80 -16.33 35.69
CA ASN D 182 21.47 -14.94 35.37
C ASN D 182 20.24 -14.97 34.50
N PHE D 183 19.34 -14.04 34.73
CA PHE D 183 18.06 -14.02 34.03
C PHE D 183 17.18 -15.28 34.16
N PRO D 184 16.64 -15.53 35.36
CA PRO D 184 15.63 -16.60 35.47
C PRO D 184 14.25 -16.16 34.95
N ALA D 185 14.04 -14.85 34.78
CA ALA D 185 12.79 -14.38 34.22
C ALA D 185 12.83 -14.30 32.70
N MET D 186 13.77 -13.51 32.17
CA MET D 186 13.73 -13.10 30.76
C MET D 186 14.13 -14.19 29.79
N VAL D 187 15.16 -14.96 30.09
CA VAL D 187 15.60 -15.98 29.13
C VAL D 187 14.52 -17.04 28.84
N PRO D 188 13.80 -17.51 29.87
CA PRO D 188 12.69 -18.39 29.52
C PRO D 188 11.61 -17.70 28.71
N LEU D 189 11.21 -16.49 29.12
CA LEU D 189 10.23 -15.70 28.37
C LEU D 189 10.68 -15.32 26.96
N TRP D 190 11.97 -15.45 26.69
CA TRP D 190 12.51 -15.28 25.33
C TRP D 190 12.36 -16.56 24.49
N MET D 191 12.26 -17.71 25.14
CA MET D 191 12.07 -18.99 24.47
C MET D 191 10.59 -19.41 24.35
N TYR D 192 9.94 -19.77 25.47
CA TYR D 192 8.70 -20.51 25.38
C TYR D 192 7.46 -19.76 24.86
N PRO D 193 7.29 -18.49 25.21
CA PRO D 193 6.11 -17.79 24.64
C PRO D 193 6.09 -17.78 23.12
N LEU D 194 7.23 -17.50 22.49
CA LEU D 194 7.31 -17.55 21.03
C LEU D 194 7.05 -18.96 20.49
N ALA D 195 7.63 -19.98 21.14
CA ALA D 195 7.48 -21.36 20.69
C ALA D 195 6.05 -21.86 20.82
N ILE D 196 5.39 -21.42 21.88
CA ILE D 196 3.99 -21.78 22.13
C ILE D 196 3.07 -20.99 21.19
N ALA D 197 3.36 -19.72 20.96
CA ALA D 197 2.59 -18.93 20.00
C ALA D 197 2.62 -19.58 18.61
N CYS D 198 3.75 -20.18 18.25
CA CYS D 198 3.87 -20.89 16.98
C CYS D 198 3.13 -22.22 16.98
N GLY D 199 2.71 -22.69 18.15
CA GLY D 199 1.88 -23.88 18.27
C GLY D 199 2.61 -25.13 18.76
N ASN D 200 3.84 -24.98 19.27
CA ASN D 200 4.53 -26.11 19.86
C ASN D 200 4.14 -26.26 21.32
N THR D 201 4.66 -27.31 21.96
CA THR D 201 4.60 -27.48 23.40
C THR D 201 6.01 -27.55 23.96
N PHE D 202 6.13 -27.17 25.23
CA PHE D 202 7.41 -26.80 25.80
C PHE D 202 7.71 -27.49 27.11
N ILE D 203 8.93 -27.99 27.20
CA ILE D 203 9.52 -28.44 28.45
C ILE D 203 10.68 -27.52 28.83
N LEU D 204 10.54 -26.87 29.98
CA LEU D 204 11.52 -25.91 30.47
C LEU D 204 12.26 -26.48 31.66
N LYS D 205 13.56 -26.62 31.52
CA LYS D 205 14.44 -27.09 32.59
C LYS D 205 15.33 -25.90 33.03
N PRO D 206 14.87 -25.13 34.04
CA PRO D 206 15.61 -23.92 34.44
C PRO D 206 16.79 -24.19 35.35
N SER D 207 17.44 -23.14 35.82
CA SER D 207 18.60 -23.27 36.71
C SER D 207 18.18 -23.75 38.09
N GLU D 208 18.97 -24.66 38.66
CA GLU D 208 18.69 -25.14 40.06
C GLU D 208 18.79 -23.95 40.99
N ARG D 209 19.71 -23.04 40.76
CA ARG D 209 20.07 -22.05 41.74
C ARG D 209 19.12 -20.86 42.00
N ASP D 210 18.10 -20.72 41.17
CA ASP D 210 17.12 -19.65 41.39
C ASP D 210 15.78 -19.98 40.75
N PRO D 211 15.36 -21.25 40.85
CA PRO D 211 14.23 -21.70 40.07
C PRO D 211 12.84 -21.27 40.52
N SER D 212 12.69 -20.56 41.64
CA SER D 212 11.35 -20.25 42.13
C SER D 212 10.70 -19.15 41.30
N SER D 213 11.45 -18.11 40.96
CA SER D 213 10.92 -17.02 40.15
C SER D 213 10.43 -17.48 38.76
N THR D 214 11.19 -18.40 38.16
CA THR D 214 10.83 -18.93 36.85
C THR D 214 9.48 -19.67 36.96
N LEU D 215 9.34 -20.51 37.99
CA LEU D 215 8.17 -21.35 38.14
C LEU D 215 6.92 -20.53 38.40
N LEU D 216 7.05 -19.47 39.16
CA LEU D 216 5.91 -18.59 39.38
C LEU D 216 5.36 -18.10 38.04
N ILE D 217 6.24 -17.64 37.17
CA ILE D 217 5.83 -17.09 35.86
C ILE D 217 5.19 -18.18 35.00
N ALA D 218 5.68 -19.41 35.09
CA ALA D 218 5.03 -20.54 34.43
C ALA D 218 3.57 -20.67 34.91
N GLU D 219 3.37 -20.64 36.24
CA GLU D 219 2.04 -20.81 36.82
C GLU D 219 1.11 -19.71 36.37
N LEU D 220 1.58 -18.46 36.38
CA LEU D 220 0.76 -17.38 35.87
C LEU D 220 0.28 -17.61 34.44
N PHE D 221 1.07 -18.31 33.63
CA PHE D 221 0.68 -18.62 32.26
C PHE D 221 -0.51 -19.58 32.27
N HIS D 222 -0.44 -20.62 33.11
CA HIS D 222 -1.57 -21.53 33.33
C HIS D 222 -2.81 -20.77 33.83
N GLU D 223 -2.62 -19.89 34.80
CA GLU D 223 -3.70 -19.01 35.26
C GLU D 223 -4.27 -18.12 34.16
N ALA D 224 -3.47 -17.72 33.18
CA ALA D 224 -3.98 -16.91 32.07
C ALA D 224 -4.90 -17.72 31.12
N GLY D 225 -4.82 -19.04 31.15
CA GLY D 225 -5.66 -19.90 30.33
C GLY D 225 -4.97 -21.02 29.55
N LEU D 226 -3.68 -21.21 29.74
CA LEU D 226 -2.94 -22.14 28.91
C LEU D 226 -3.37 -23.55 29.25
N PRO D 227 -3.75 -24.37 28.24
CA PRO D 227 -4.02 -25.78 28.50
C PRO D 227 -2.91 -26.54 29.24
N LYS D 228 -3.33 -27.60 29.89
CA LYS D 228 -2.43 -28.44 30.68
C LYS D 228 -1.48 -29.15 29.70
N GLY D 229 -0.21 -29.19 30.05
CA GLY D 229 0.80 -29.91 29.27
C GLY D 229 1.53 -29.08 28.21
N VAL D 230 1.02 -27.89 27.91
CA VAL D 230 1.60 -27.05 26.85
C VAL D 230 2.90 -26.45 27.32
N LEU D 231 2.95 -26.02 28.58
CA LEU D 231 4.19 -25.65 29.24
C LEU D 231 4.42 -26.53 30.46
N ASN D 232 5.57 -27.18 30.52
CA ASN D 232 5.97 -27.94 31.70
C ASN D 232 7.34 -27.49 32.22
N VAL D 233 7.46 -27.40 33.54
CA VAL D 233 8.71 -27.01 34.21
C VAL D 233 9.25 -28.16 35.03
N VAL D 234 10.45 -28.62 34.71
CA VAL D 234 11.05 -29.79 35.37
C VAL D 234 12.42 -29.39 35.88
N HIS D 235 12.61 -29.37 37.20
CA HIS D 235 13.90 -29.02 37.79
C HIS D 235 14.84 -30.21 37.80
N GLY D 236 16.15 -29.94 37.77
CA GLY D 236 17.13 -31.03 37.60
C GLY D 236 18.53 -30.53 37.31
N ASP D 237 19.37 -31.40 36.77
CA ASP D 237 20.77 -31.12 36.49
C ASP D 237 21.21 -31.92 35.25
N LYS D 238 22.51 -32.18 35.11
CA LYS D 238 23.04 -32.94 33.95
C LYS D 238 22.20 -34.17 33.58
N GLY D 239 21.65 -34.86 34.58
CA GLY D 239 20.72 -35.96 34.34
C GLY D 239 19.50 -35.53 33.55
N ALA D 240 18.76 -34.57 34.13
CA ALA D 240 17.61 -33.94 33.45
C ALA D 240 17.93 -33.50 32.02
N VAL D 241 19.07 -32.83 31.82
CA VAL D 241 19.43 -32.31 30.52
C VAL D 241 19.74 -33.46 29.56
N ASP D 242 20.55 -34.42 30.01
CA ASP D 242 20.83 -35.60 29.21
C ASP D 242 19.56 -36.33 28.80
N ALA D 243 18.57 -36.33 29.69
CA ALA D 243 17.26 -36.90 29.38
C ALA D 243 16.64 -36.24 28.14
N LEU D 244 16.57 -34.90 28.16
CA LEU D 244 16.07 -34.14 27.02
C LEU D 244 16.91 -34.33 25.76
N ILE D 245 18.24 -34.38 25.90
CA ILE D 245 19.09 -34.60 24.74
C ILE D 245 18.83 -36.00 24.13
N GLU D 246 18.48 -36.98 24.98
CA GLU D 246 18.27 -38.36 24.53
C GLU D 246 16.86 -38.61 23.96
N ALA D 247 15.85 -38.06 24.62
CA ALA D 247 14.43 -38.21 24.21
C ALA D 247 14.19 -37.98 22.71
N PRO D 248 13.76 -39.01 21.95
CA PRO D 248 13.56 -38.78 20.49
C PRO D 248 12.27 -38.03 20.12
N GLU D 249 11.39 -37.82 21.08
CA GLU D 249 10.16 -37.07 20.88
C GLU D 249 10.44 -35.56 20.79
N VAL D 250 11.43 -35.06 21.55
CA VAL D 250 11.73 -33.62 21.58
C VAL D 250 12.48 -33.26 20.28
N LYS D 251 11.98 -32.25 19.59
CA LYS D 251 12.42 -31.96 18.23
C LYS D 251 13.44 -30.80 18.17
N ALA D 252 13.42 -29.93 19.17
CA ALA D 252 14.32 -28.81 19.21
C ALA D 252 14.72 -28.50 20.64
N LEU D 253 15.93 -28.00 20.75
CA LEU D 253 16.60 -27.84 22.01
C LEU D 253 17.25 -26.46 22.00
N SER D 254 16.99 -25.70 23.05
CA SER D 254 17.39 -24.30 23.11
C SER D 254 18.12 -24.04 24.41
N PHE D 255 19.32 -23.47 24.33
CA PHE D 255 20.18 -23.35 25.51
C PHE D 255 20.90 -22.03 25.55
N VAL D 256 20.96 -21.44 26.74
CA VAL D 256 21.84 -20.31 27.01
C VAL D 256 22.57 -20.55 28.34
N GLY D 257 23.89 -20.50 28.31
CA GLY D 257 24.72 -20.66 29.51
C GLY D 257 26.21 -20.58 29.19
N SER D 258 26.98 -21.57 29.64
CA SER D 258 28.43 -21.56 29.47
C SER D 258 28.87 -22.31 28.23
N THR D 259 30.06 -21.97 27.76
CA THR D 259 30.52 -22.45 26.46
C THR D 259 30.79 -23.95 26.38
N PRO D 260 31.27 -24.57 27.47
CA PRO D 260 31.48 -26.02 27.39
C PRO D 260 30.16 -26.79 27.31
N ILE D 261 29.21 -26.40 28.16
CA ILE D 261 27.88 -27.00 28.16
C ILE D 261 27.14 -26.72 26.84
N ALA D 262 27.35 -25.54 26.27
CA ALA D 262 26.73 -25.19 25.00
C ALA D 262 27.24 -26.09 23.89
N GLU D 263 28.56 -26.23 23.79
CA GLU D 263 29.17 -27.11 22.77
C GLU D 263 28.66 -28.55 22.92
N TYR D 264 28.51 -28.97 24.17
CA TYR D 264 27.99 -30.30 24.49
C TYR D 264 26.63 -30.48 23.84
N ILE D 265 25.67 -29.66 24.28
CA ILE D 265 24.29 -29.76 23.85
C ILE D 265 24.17 -29.56 22.35
N TYR D 266 24.97 -28.66 21.79
CA TYR D 266 24.92 -28.46 20.35
C TYR D 266 25.28 -29.72 19.60
N SER D 267 26.49 -30.23 19.83
CA SER D 267 27.00 -31.39 19.08
C SER D 267 26.19 -32.65 19.33
N GLU D 268 25.93 -32.94 20.61
CA GLU D 268 25.20 -34.17 20.97
C GLU D 268 23.73 -34.10 20.55
N GLY D 269 23.14 -32.91 20.59
CA GLY D 269 21.79 -32.70 20.07
C GLY D 269 21.75 -32.86 18.56
N THR D 270 22.58 -32.10 17.85
CA THR D 270 22.58 -32.14 16.38
C THR D 270 22.86 -33.53 15.85
N LYS D 271 23.77 -34.27 16.51
CA LYS D 271 24.08 -35.63 16.09
C LYS D 271 22.86 -36.54 16.15
N ARG D 272 21.88 -36.21 17.00
CA ARG D 272 20.64 -37.02 17.00
C ARG D 272 19.46 -36.36 16.31
N GLY D 273 19.75 -35.62 15.25
CA GLY D 273 18.71 -35.02 14.40
C GLY D 273 17.89 -33.88 14.96
N LYS D 274 18.20 -33.41 16.18
CA LYS D 274 17.46 -32.28 16.78
C LYS D 274 17.94 -30.95 16.25
N ARG D 275 17.05 -29.96 16.30
CA ARG D 275 17.44 -28.58 16.05
C ARG D 275 17.99 -28.00 17.35
N VAL D 276 19.17 -27.39 17.29
CA VAL D 276 19.75 -26.87 18.51
C VAL D 276 20.17 -25.42 18.37
N GLN D 277 19.70 -24.62 19.30
CA GLN D 277 20.03 -23.21 19.37
C GLN D 277 20.79 -23.07 20.69
N ALA D 278 21.97 -22.48 20.61
CA ALA D 278 22.90 -22.47 21.74
C ALA D 278 23.71 -21.19 21.84
N LEU D 279 23.53 -20.48 22.95
CA LEU D 279 24.36 -19.34 23.30
C LEU D 279 25.30 -19.71 24.45
N GLY D 280 26.59 -19.66 24.21
CA GLY D 280 27.60 -19.96 25.22
C GLY D 280 28.41 -18.73 25.58
N GLY D 281 28.65 -18.53 26.88
CA GLY D 281 29.47 -17.41 27.39
C GLY D 281 30.74 -17.10 26.61
N ALA D 282 31.05 -15.82 26.41
CA ALA D 282 32.20 -15.43 25.58
C ALA D 282 32.81 -14.14 26.11
N LYS D 283 33.71 -13.53 25.35
CA LYS D 283 34.29 -12.22 25.69
C LYS D 283 34.12 -11.17 24.62
N ASN D 284 33.52 -10.05 24.97
CA ASN D 284 33.43 -8.94 24.01
C ASN D 284 34.68 -8.08 24.04
N HIS D 285 35.08 -7.66 22.84
CA HIS D 285 36.33 -6.94 22.64
C HIS D 285 36.03 -5.51 22.22
N ALA D 286 36.78 -4.56 22.79
CA ALA D 286 36.84 -3.18 22.27
C ALA D 286 38.17 -2.98 21.56
N VAL D 287 38.17 -2.29 20.44
CA VAL D 287 39.41 -1.94 19.74
C VAL D 287 39.71 -0.46 19.95
N LEU D 288 40.94 -0.12 20.31
CA LEU D 288 41.39 1.27 20.38
C LEU D 288 42.40 1.54 19.27
N MET D 289 42.04 2.44 18.37
CA MET D 289 43.02 2.93 17.42
C MET D 289 43.90 4.01 18.09
N PRO D 290 45.05 4.36 17.46
CA PRO D 290 45.90 5.40 18.04
C PRO D 290 45.22 6.76 18.24
N ASP D 291 44.36 7.11 17.30
CA ASP D 291 43.66 8.40 17.35
C ASP D 291 42.41 8.40 18.23
N ALA D 292 42.18 7.36 19.02
CA ALA D 292 40.98 7.28 19.82
C ALA D 292 40.91 8.44 20.82
N ASP D 293 39.72 8.97 21.04
CA ASP D 293 39.50 9.92 22.10
C ASP D 293 39.52 9.17 23.41
N LEU D 294 40.63 9.28 24.14
CA LEU D 294 40.84 8.43 25.29
C LEU D 294 39.78 8.53 26.37
N ASP D 295 39.30 9.74 26.66
CA ASP D 295 38.31 9.91 27.74
C ASP D 295 37.01 9.22 27.39
N ASN D 296 36.70 9.21 26.10
CA ASN D 296 35.51 8.53 25.59
C ASN D 296 35.66 7.01 25.73
N ALA D 297 36.81 6.47 25.34
CA ALA D 297 37.05 5.02 25.44
C ALA D 297 37.10 4.59 26.89
N VAL D 298 37.80 5.35 27.71
CA VAL D 298 37.93 5.04 29.13
C VAL D 298 36.58 5.06 29.81
N SER D 299 35.72 5.99 29.43
CA SER D 299 34.38 6.05 29.98
C SER D 299 33.61 4.76 29.66
N ALA D 300 33.69 4.28 28.43
CA ALA D 300 33.03 3.04 28.03
C ALA D 300 33.61 1.83 28.77
N LEU D 301 34.94 1.75 28.80
CA LEU D 301 35.61 0.62 29.45
C LEU D 301 35.34 0.59 30.94
N MET D 302 35.30 1.75 31.57
CA MET D 302 35.07 1.85 33.02
C MET D 302 33.64 1.49 33.38
N GLY D 303 32.70 1.85 32.53
CA GLY D 303 31.31 1.44 32.71
C GLY D 303 31.12 -0.04 32.44
N ALA D 304 31.81 -0.56 31.43
CA ALA D 304 31.66 -1.97 30.99
C ALA D 304 32.36 -2.99 31.89
N ALA D 305 33.58 -2.69 32.31
CA ALA D 305 34.40 -3.63 33.08
C ALA D 305 34.29 -3.46 34.59
N TYR D 306 34.05 -2.23 35.07
CA TYR D 306 34.01 -1.94 36.49
C TYR D 306 32.74 -1.21 37.00
N GLY D 307 31.56 -1.41 36.40
CA GLY D 307 30.32 -0.72 36.82
C GLY D 307 29.64 -1.16 38.10
N CYS D 313 24.32 -1.65 31.25
CA CYS D 313 25.59 -1.36 30.66
C CYS D 313 25.99 -2.29 29.49
N MET D 314 27.27 -2.33 29.18
CA MET D 314 27.87 -3.27 28.23
C MET D 314 28.84 -4.21 28.95
N ALA D 315 29.00 -5.40 28.37
CA ALA D 315 30.00 -6.35 28.79
C ALA D 315 31.19 -6.22 27.85
N ILE D 316 32.35 -5.86 28.40
CA ILE D 316 33.61 -5.87 27.65
C ILE D 316 34.67 -6.44 28.56
N SER D 317 35.48 -7.37 28.11
CA SER D 317 36.54 -7.95 28.95
C SER D 317 37.94 -7.85 28.35
N VAL D 318 38.05 -7.35 27.12
CA VAL D 318 39.33 -7.28 26.45
C VAL D 318 39.39 -5.97 25.69
N ALA D 319 40.49 -5.25 25.83
CA ALA D 319 40.73 -4.04 25.09
C ALA D 319 41.94 -4.27 24.18
N VAL D 320 41.67 -4.40 22.88
CA VAL D 320 42.71 -4.61 21.88
C VAL D 320 43.22 -3.24 21.49
N CYS D 321 44.48 -2.94 21.79
CA CYS D 321 45.08 -1.65 21.43
C CYS D 321 45.98 -1.79 20.21
N VAL D 322 45.74 -0.96 19.19
CA VAL D 322 46.62 -0.96 18.03
C VAL D 322 47.75 0.05 18.27
N GLY D 323 48.97 -0.49 18.42
CA GLY D 323 50.14 0.30 18.75
C GLY D 323 50.36 0.39 20.23
N ASP D 324 51.64 0.57 20.62
CA ASP D 324 51.99 0.63 22.04
C ASP D 324 51.64 1.97 22.69
N GLN D 325 51.65 3.06 21.90
CA GLN D 325 51.40 4.39 22.43
C GLN D 325 50.03 4.46 23.13
N ILE D 326 48.99 4.10 22.37
CA ILE D 326 47.62 4.14 22.88
C ILE D 326 47.40 3.20 24.06
N ALA D 327 48.09 2.06 24.05
CA ALA D 327 48.04 1.13 25.17
C ALA D 327 48.67 1.73 26.44
N ASP D 328 49.90 2.26 26.32
CA ASP D 328 50.57 2.92 27.45
C ASP D 328 49.68 4.06 27.99
N ALA D 329 49.15 4.86 27.07
CA ALA D 329 48.24 5.94 27.45
C ALA D 329 46.96 5.46 28.14
N LEU D 330 46.36 4.39 27.62
CA LEU D 330 45.14 3.84 28.22
C LEU D 330 45.38 3.42 29.66
N VAL D 331 46.51 2.72 29.88
CA VAL D 331 46.86 2.22 31.21
C VAL D 331 47.01 3.40 32.19
N GLN D 332 47.71 4.45 31.71
CA GLN D 332 47.89 5.65 32.51
C GLN D 332 46.60 6.26 33.02
N LYS D 333 45.58 6.26 32.18
CA LYS D 333 44.27 6.77 32.58
C LYS D 333 43.45 5.78 33.40
N LEU D 334 43.54 4.49 33.09
CA LEU D 334 42.71 3.50 33.79
C LEU D 334 43.07 3.35 35.28
N VAL D 335 44.37 3.33 35.58
CA VAL D 335 44.85 2.99 36.93
C VAL D 335 44.24 3.88 38.03
N PRO D 336 44.34 5.22 37.89
CA PRO D 336 43.70 6.10 38.89
C PRO D 336 42.21 5.84 39.11
N GLN D 337 41.49 5.60 38.02
CA GLN D 337 40.04 5.43 38.12
C GLN D 337 39.62 4.09 38.70
N ILE D 338 40.48 3.09 38.62
CA ILE D 338 40.20 1.82 39.27
C ILE D 338 40.47 1.92 40.76
N LYS D 339 41.45 2.74 41.20
CA LYS D 339 41.62 3.05 42.60
C LYS D 339 40.45 3.90 43.06
N GLY D 340 39.87 4.71 42.16
CA GLY D 340 38.74 5.58 42.48
C GLY D 340 37.43 4.94 42.92
N LEU D 341 37.25 3.65 42.68
CA LEU D 341 35.94 3.04 42.95
C LEU D 341 35.75 2.74 44.44
N LYS D 342 34.52 2.40 44.83
CA LYS D 342 34.16 2.23 46.25
C LYS D 342 33.02 1.22 46.47
N GLY D 359 34.23 -18.32 48.74
CA GLY D 359 34.91 -19.30 49.59
C GLY D 359 35.72 -20.37 48.87
N ALA D 360 35.05 -21.18 48.04
CA ALA D 360 35.75 -22.13 47.18
C ALA D 360 36.19 -21.40 45.89
N ALA D 361 35.41 -20.40 45.49
CA ALA D 361 35.73 -19.52 44.36
C ALA D 361 36.88 -18.58 44.64
N ARG D 362 37.25 -18.37 45.91
CA ARG D 362 38.52 -17.71 46.33
C ARG D 362 39.74 -18.35 45.68
N ASP D 363 39.81 -19.68 45.71
CA ASP D 363 40.88 -20.42 45.02
C ASP D 363 40.80 -20.31 43.49
N LYS D 364 39.58 -20.17 42.95
CA LYS D 364 39.38 -20.01 41.48
C LYS D 364 40.02 -18.73 40.95
N VAL D 365 39.85 -17.63 41.68
CA VAL D 365 40.29 -16.32 41.26
C VAL D 365 41.81 -16.16 41.42
N THR D 366 42.28 -16.60 42.59
CA THR D 366 43.71 -16.59 42.86
C THR D 366 44.44 -17.40 41.80
N GLY D 367 43.88 -18.57 41.45
CA GLY D 367 44.46 -19.42 40.42
C GLY D 367 44.54 -18.73 39.10
N TYR D 368 43.44 -18.04 38.75
CA TYR D 368 43.37 -17.28 37.49
C TYR D 368 44.45 -16.22 37.41
N ILE D 369 44.54 -15.39 38.44
CA ILE D 369 45.49 -14.28 38.46
C ILE D 369 46.92 -14.83 38.46
N ASP D 370 47.17 -15.81 39.32
CA ASP D 370 48.49 -16.40 39.44
C ASP D 370 48.99 -16.97 38.10
N THR D 371 48.13 -17.70 37.40
CA THR D 371 48.50 -18.20 36.07
C THR D 371 48.89 -17.08 35.13
N GLY D 372 48.17 -15.96 35.21
CA GLY D 372 48.41 -14.81 34.35
C GLY D 372 49.82 -14.30 34.48
N VAL D 373 50.22 -14.09 35.73
CA VAL D 373 51.58 -13.63 36.01
C VAL D 373 52.59 -14.65 35.50
N ALA D 374 52.36 -15.91 35.85
CA ALA D 374 53.22 -17.03 35.43
C ALA D 374 53.50 -17.07 33.93
N GLN D 375 52.50 -16.81 33.11
CA GLN D 375 52.66 -16.92 31.65
C GLN D 375 53.13 -15.61 30.99
N GLY D 376 53.42 -14.57 31.77
CA GLY D 376 54.11 -13.40 31.28
C GLY D 376 53.29 -12.15 31.05
N ALA D 377 52.07 -12.13 31.56
CA ALA D 377 51.25 -10.92 31.52
C ALA D 377 51.70 -9.99 32.61
N GLU D 378 51.47 -8.69 32.40
CA GLU D 378 51.83 -7.66 33.35
C GLU D 378 50.62 -7.37 34.20
N LEU D 379 50.67 -7.71 35.48
CA LEU D 379 49.56 -7.45 36.39
C LEU D 379 49.68 -6.01 36.89
N VAL D 380 48.88 -5.11 36.34
CA VAL D 380 49.04 -3.68 36.58
C VAL D 380 48.26 -3.23 37.82
N VAL D 381 47.06 -3.78 38.03
CA VAL D 381 46.37 -3.53 39.30
C VAL D 381 45.73 -4.83 39.71
N ASP D 382 46.09 -5.29 40.93
CA ASP D 382 45.59 -6.52 41.51
C ASP D 382 44.50 -6.15 42.47
N GLY D 383 43.27 -6.55 42.16
CA GLY D 383 42.09 -6.18 42.90
C GLY D 383 41.74 -7.00 44.11
N ARG D 384 42.61 -7.93 44.54
CA ARG D 384 42.34 -8.72 45.73
C ARG D 384 42.53 -7.91 47.02
N GLY D 385 41.62 -8.14 47.96
CA GLY D 385 41.72 -7.52 49.27
C GLY D 385 40.77 -8.16 50.25
N TYR D 386 40.79 -7.68 51.49
CA TYR D 386 39.85 -8.17 52.49
C TYR D 386 38.89 -7.06 52.83
N LYS D 387 37.61 -7.36 52.67
CA LYS D 387 36.51 -6.43 52.87
C LYS D 387 35.83 -6.82 54.22
N VAL D 388 34.79 -6.10 54.62
CA VAL D 388 34.03 -6.44 55.82
C VAL D 388 32.54 -6.48 55.43
N ALA D 389 31.92 -7.67 55.47
CA ALA D 389 30.46 -7.82 55.26
C ALA D 389 29.83 -8.23 56.59
N GLY D 390 29.34 -7.24 57.35
CA GLY D 390 28.93 -7.41 58.73
C GLY D 390 30.15 -7.22 59.62
N HIS D 391 30.60 -8.30 60.24
CA HIS D 391 31.89 -8.31 60.93
C HIS D 391 32.95 -9.19 60.28
N GLU D 392 32.54 -10.22 59.53
CA GLU D 392 33.47 -11.22 59.00
C GLU D 392 34.33 -10.59 57.90
N ASN D 393 35.66 -10.77 57.99
CA ASN D 393 36.60 -10.25 56.98
C ASN D 393 36.64 -11.19 55.76
N GLY D 394 35.80 -10.89 54.77
CA GLY D 394 35.68 -11.66 53.53
C GLY D 394 36.72 -11.29 52.49
N PHE D 395 36.91 -12.17 51.51
CA PHE D 395 37.85 -11.98 50.41
C PHE D 395 37.00 -11.61 49.22
N PHE D 396 37.21 -10.41 48.72
CA PHE D 396 36.54 -9.86 47.55
C PHE D 396 37.56 -9.69 46.41
N LEU D 397 37.03 -9.49 45.21
CA LEU D 397 37.84 -9.11 44.09
C LEU D 397 37.39 -7.75 43.61
N GLY D 398 38.19 -6.72 43.86
CA GLY D 398 38.09 -5.38 43.25
C GLY D 398 38.61 -5.36 41.82
N GLY D 399 38.64 -4.18 41.25
CA GLY D 399 39.11 -4.01 39.87
C GLY D 399 40.53 -4.51 39.60
N THR D 400 40.64 -5.42 38.64
CA THR D 400 41.90 -5.98 38.25
C THR D 400 42.20 -5.64 36.79
N LEU D 401 43.46 -5.28 36.51
CA LEU D 401 43.88 -4.96 35.16
C LEU D 401 45.13 -5.74 34.79
N PHE D 402 45.07 -6.40 33.63
CA PHE D 402 46.22 -7.10 33.06
C PHE D 402 46.59 -6.43 31.76
N ASP D 403 47.90 -6.27 31.55
CA ASP D 403 48.43 -5.74 30.30
C ASP D 403 49.27 -6.80 29.64
N ARG D 404 49.58 -6.61 28.38
CA ARG D 404 50.51 -7.47 27.63
C ARG D 404 50.03 -8.91 27.55
N VAL D 405 48.72 -9.03 27.34
CA VAL D 405 48.04 -10.30 27.31
C VAL D 405 48.04 -10.77 25.86
N THR D 406 48.09 -12.09 25.68
CA THR D 406 48.18 -12.72 24.39
C THR D 406 47.09 -13.80 24.34
N PRO D 407 46.67 -14.22 23.14
CA PRO D 407 45.60 -15.22 23.10
C PRO D 407 45.98 -16.64 23.56
N GLU D 408 47.28 -16.92 23.70
CA GLU D 408 47.75 -18.23 24.16
C GLU D 408 47.66 -18.35 25.68
N MET D 409 47.56 -17.22 26.38
CA MET D 409 47.44 -17.27 27.83
C MET D 409 46.08 -17.77 28.30
N THR D 410 46.09 -18.36 29.47
CA THR D 410 44.90 -18.87 30.11
C THR D 410 43.97 -17.72 30.50
N ILE D 411 44.52 -16.58 30.91
CA ILE D 411 43.64 -15.47 31.28
C ILE D 411 42.85 -14.89 30.13
N TYR D 412 43.28 -15.13 28.89
CA TYR D 412 42.49 -14.78 27.72
C TYR D 412 41.44 -15.84 27.40
N LYS D 413 41.80 -17.13 27.52
CA LYS D 413 40.94 -18.23 27.12
C LYS D 413 39.83 -18.52 28.11
N GLU D 414 40.11 -18.37 29.40
CA GLU D 414 39.16 -18.70 30.44
C GLU D 414 38.44 -17.45 30.89
N GLU D 415 37.11 -17.53 31.01
CA GLU D 415 36.35 -16.41 31.50
C GLU D 415 36.28 -16.56 33.01
N ILE D 416 36.30 -15.43 33.68
CA ILE D 416 36.38 -15.36 35.12
C ILE D 416 35.29 -14.44 35.61
N PHE D 417 34.66 -14.80 36.71
CA PHE D 417 33.70 -13.90 37.34
C PHE D 417 34.46 -12.67 37.91
N GLY D 418 33.89 -11.49 37.67
CA GLY D 418 34.38 -10.31 38.33
C GLY D 418 34.99 -9.26 37.43
N PRO D 419 35.34 -8.10 38.03
CA PRO D 419 35.85 -6.94 37.32
C PRO D 419 37.27 -7.10 36.81
N VAL D 420 37.43 -7.73 35.66
CA VAL D 420 38.75 -7.98 35.11
C VAL D 420 38.80 -7.53 33.66
N LEU D 421 39.77 -6.67 33.34
CA LEU D 421 40.01 -6.28 31.97
C LEU D 421 41.42 -6.71 31.56
N CYS D 422 41.54 -7.21 30.32
CA CYS D 422 42.83 -7.56 29.75
C CYS D 422 43.10 -6.66 28.58
N ILE D 423 44.30 -6.11 28.53
CA ILE D 423 44.75 -5.33 27.39
C ILE D 423 45.59 -6.22 26.52
N VAL D 424 45.28 -6.24 25.24
CA VAL D 424 46.06 -6.98 24.26
C VAL D 424 46.63 -5.98 23.25
N ARG D 425 47.95 -5.99 23.12
CA ARG D 425 48.66 -5.08 22.24
C ARG D 425 48.84 -5.75 20.90
N VAL D 426 48.59 -5.00 19.85
CA VAL D 426 48.60 -5.53 18.51
C VAL D 426 49.12 -4.42 17.57
N ASN D 427 49.62 -4.79 16.40
CA ASN D 427 50.33 -3.81 15.53
C ASN D 427 49.48 -3.19 14.42
N SER D 428 48.38 -3.83 14.05
CA SER D 428 47.54 -3.33 12.98
C SER D 428 46.08 -3.57 13.27
N LEU D 429 45.22 -2.84 12.58
CA LEU D 429 43.78 -3.09 12.66
C LEU D 429 43.44 -4.49 12.15
N GLU D 430 44.12 -4.91 11.08
CA GLU D 430 43.88 -6.23 10.50
C GLU D 430 44.11 -7.31 11.57
N GLU D 431 45.21 -7.17 12.31
CA GLU D 431 45.53 -8.08 13.38
C GLU D 431 44.45 -8.06 14.47
N ALA D 432 43.96 -6.87 14.82
CA ALA D 432 42.89 -6.77 15.84
C ALA D 432 41.62 -7.46 15.38
N MET D 433 41.25 -7.27 14.12
CA MET D 433 40.04 -7.89 13.58
C MET D 433 40.20 -9.39 13.47
N GLN D 434 41.38 -9.81 13.06
CA GLN D 434 41.67 -11.25 12.96
C GLN D 434 41.64 -11.85 14.36
N LEU D 435 42.20 -11.16 15.36
CA LEU D 435 42.12 -11.65 16.73
C LEU D 435 40.67 -11.89 17.14
N ILE D 436 39.80 -10.90 16.94
CA ILE D 436 38.40 -11.01 17.36
C ILE D 436 37.65 -12.09 16.59
N ASN D 437 37.82 -12.09 15.28
CA ASN D 437 37.13 -13.05 14.39
C ASN D 437 37.55 -14.51 14.59
N ASP D 438 38.82 -14.76 14.90
CA ASP D 438 39.35 -16.12 14.99
C ASP D 438 39.03 -16.86 16.27
N HIS D 439 38.36 -16.23 17.23
CA HIS D 439 37.97 -16.90 18.47
C HIS D 439 36.44 -17.07 18.51
N GLU D 440 35.92 -17.55 19.63
CA GLU D 440 34.48 -17.70 19.75
C GLU D 440 33.90 -16.30 19.97
N TYR D 441 33.69 -15.58 18.85
CA TYR D 441 33.37 -14.17 18.90
C TYR D 441 32.00 -13.91 19.53
N GLY D 442 31.90 -12.79 20.21
CA GLY D 442 30.73 -12.51 21.01
C GLY D 442 29.61 -11.83 20.24
N ASN D 443 28.79 -11.13 21.00
CA ASN D 443 27.57 -10.52 20.48
C ASN D 443 27.64 -9.00 20.48
N GLY D 444 28.80 -8.43 20.76
CA GLY D 444 29.01 -7.00 20.77
C GLY D 444 30.47 -6.65 20.65
N THR D 445 30.76 -5.56 19.99
CA THR D 445 32.12 -5.09 19.88
C THR D 445 32.12 -3.61 19.56
N CYS D 446 33.19 -2.94 19.99
CA CYS D 446 33.36 -1.51 19.78
C CYS D 446 34.67 -1.23 19.11
N ILE D 447 34.72 -0.12 18.39
CA ILE D 447 35.97 0.45 17.92
C ILE D 447 35.99 1.92 18.30
N PHE D 448 37.12 2.38 18.84
CA PHE D 448 37.28 3.77 19.20
C PHE D 448 38.35 4.41 18.31
N THR D 449 37.91 5.41 17.54
CA THR D 449 38.73 6.05 16.52
C THR D 449 38.04 7.29 15.99
N ARG D 450 38.84 8.18 15.41
CA ARG D 450 38.35 9.35 14.71
C ARG D 450 38.35 9.18 13.21
N ASP D 451 39.00 8.12 12.73
CA ASP D 451 39.15 7.87 11.31
C ASP D 451 37.91 7.20 10.73
N GLY D 452 37.35 7.79 9.67
CA GLY D 452 36.18 7.25 8.99
C GLY D 452 36.47 5.95 8.27
N GLU D 453 37.64 5.87 7.64
CA GLU D 453 38.01 4.69 6.86
C GLU D 453 38.23 3.47 7.74
N ALA D 454 38.89 3.66 8.88
CA ALA D 454 39.05 2.60 9.87
C ALA D 454 37.71 2.08 10.33
N ALA D 455 36.84 2.97 10.77
CA ALA D 455 35.52 2.56 11.22
C ALA D 455 34.75 1.80 10.15
N ARG D 456 34.79 2.27 8.91
CA ARG D 456 34.04 1.59 7.85
C ARG D 456 34.57 0.18 7.66
N LEU D 457 35.89 0.05 7.67
CA LEU D 457 36.53 -1.24 7.47
C LEU D 457 36.21 -2.19 8.60
N PHE D 458 36.29 -1.69 9.83
CA PHE D 458 35.95 -2.50 11.00
C PHE D 458 34.53 -3.03 10.90
N CYS D 459 33.59 -2.16 10.58
CA CYS D 459 32.18 -2.56 10.44
C CYS D 459 31.98 -3.56 9.32
N ASP D 460 32.74 -3.43 8.24
CA ASP D 460 32.65 -4.38 7.13
C ASP D 460 33.22 -5.76 7.46
N GLU D 461 34.41 -5.82 8.03
CA GLU D 461 35.12 -7.10 8.16
C GLU D 461 34.98 -7.81 9.49
N ILE D 462 34.58 -7.12 10.55
CA ILE D 462 34.35 -7.80 11.81
C ILE D 462 33.13 -8.72 11.64
N GLU D 463 33.08 -9.84 12.34
CA GLU D 463 31.97 -10.81 12.19
C GLU D 463 30.94 -10.71 13.31
N VAL D 464 31.14 -9.82 14.26
CA VAL D 464 30.23 -9.66 15.36
C VAL D 464 28.99 -8.94 14.85
N GLY D 465 27.84 -9.34 15.35
CA GLY D 465 26.58 -8.86 14.82
C GLY D 465 26.21 -7.45 15.15
N MET D 466 26.54 -6.99 16.35
CA MET D 466 26.30 -5.61 16.78
C MET D 466 27.62 -4.88 16.98
N VAL D 467 27.74 -3.69 16.42
CA VAL D 467 28.96 -2.92 16.46
C VAL D 467 28.71 -1.52 16.95
N GLY D 468 29.61 -1.03 17.80
CA GLY D 468 29.54 0.31 18.33
C GLY D 468 30.76 1.09 17.94
N VAL D 469 30.58 2.22 17.29
CA VAL D 469 31.68 3.08 16.88
C VAL D 469 31.71 4.26 17.81
N ASN D 470 32.75 4.35 18.64
CA ASN D 470 32.88 5.32 19.73
C ASN D 470 31.69 5.35 20.71
N VAL D 471 30.97 4.25 20.78
CA VAL D 471 29.81 4.19 21.64
C VAL D 471 29.60 2.74 22.11
N PRO D 472 29.27 2.54 23.39
CA PRO D 472 29.01 1.20 23.88
C PRO D 472 27.63 0.73 23.47
N LEU D 473 27.36 -0.57 23.59
CA LEU D 473 26.12 -1.18 23.12
C LEU D 473 25.34 -1.76 24.31
N PRO D 474 23.99 -1.84 24.21
CA PRO D 474 23.18 -2.43 25.31
C PRO D 474 23.19 -3.97 25.27
N VAL D 475 24.36 -4.54 25.57
CA VAL D 475 24.62 -5.98 25.52
C VAL D 475 25.31 -6.35 26.83
N PRO D 476 24.56 -6.61 27.90
CA PRO D 476 25.16 -6.74 29.23
C PRO D 476 25.89 -8.04 29.53
N VAL D 477 25.70 -9.09 28.71
CA VAL D 477 26.44 -10.33 28.87
C VAL D 477 26.91 -10.79 27.51
N ALA D 478 28.13 -11.33 27.46
CA ALA D 478 28.71 -11.76 26.19
C ALA D 478 28.37 -13.24 25.91
N TYR D 479 27.87 -13.51 24.72
CA TYR D 479 27.57 -14.87 24.28
C TYR D 479 28.01 -15.07 22.84
N HIS D 480 28.45 -16.29 22.57
CA HIS D 480 28.73 -16.78 21.23
C HIS D 480 27.56 -17.67 20.85
N SER D 481 27.20 -17.66 19.57
CA SER D 481 26.07 -18.42 19.06
C SER D 481 26.60 -19.57 18.23
N PHE D 482 26.17 -20.79 18.51
CA PHE D 482 26.58 -21.98 17.78
C PHE D 482 25.63 -22.36 16.63
N GLY D 483 26.22 -22.99 15.63
CA GLY D 483 25.47 -23.63 14.55
C GLY D 483 24.82 -22.66 13.60
N GLY D 484 23.82 -23.16 12.89
CA GLY D 484 23.04 -22.37 11.91
C GLY D 484 21.70 -21.85 12.42
N TRP D 485 21.21 -22.40 13.54
CA TRP D 485 19.98 -21.91 14.16
C TRP D 485 20.38 -20.83 15.15
N LYS D 486 20.61 -19.62 14.63
CA LYS D 486 21.14 -18.52 15.41
C LYS D 486 20.08 -17.52 15.79
N ARG D 487 20.08 -17.17 17.07
CA ARG D 487 19.17 -16.16 17.61
C ARG D 487 19.96 -15.17 18.45
N SER D 488 19.59 -13.91 18.38
CA SER D 488 20.22 -12.87 19.18
C SER D 488 19.39 -12.69 20.45
N LEU D 489 20.04 -12.53 21.58
CA LEU D 489 19.33 -12.40 22.83
C LEU D 489 19.00 -10.96 23.15
N PHE D 490 19.87 -10.04 22.71
CA PHE D 490 19.76 -8.63 23.11
C PHE D 490 19.43 -7.67 21.96
N GLY D 491 19.35 -8.17 20.73
CA GLY D 491 18.92 -7.35 19.58
C GLY D 491 17.48 -6.84 19.67
N ASP D 492 17.10 -6.00 18.72
CA ASP D 492 15.71 -5.54 18.59
C ASP D 492 14.85 -6.75 18.31
N LEU D 493 13.85 -6.98 19.15
CA LEU D 493 13.00 -8.16 19.00
C LEU D 493 12.35 -8.25 17.63
N HIS D 494 11.87 -7.11 17.13
CA HIS D 494 11.24 -7.06 15.80
C HIS D 494 12.22 -7.36 14.69
N ALA D 495 13.51 -7.15 14.93
CA ALA D 495 14.52 -7.45 13.91
C ALA D 495 14.98 -8.90 13.93
N TYR D 496 15.18 -9.48 15.11
CA TYR D 496 15.69 -10.85 15.23
C TYR D 496 14.62 -11.90 15.60
N GLY D 497 13.38 -11.45 15.81
CA GLY D 497 12.27 -12.34 16.07
C GLY D 497 11.99 -13.39 15.00
N PRO D 498 12.01 -13.00 13.73
CA PRO D 498 11.82 -14.00 12.68
C PRO D 498 12.75 -15.18 12.73
N ASP D 499 13.97 -14.99 13.23
CA ASP D 499 14.88 -16.11 13.40
C ASP D 499 14.32 -17.12 14.42
N GLY D 500 13.72 -16.60 15.50
CA GLY D 500 13.05 -17.42 16.49
C GLY D 500 11.88 -18.19 15.86
N VAL D 501 11.06 -17.45 15.12
CA VAL D 501 9.92 -18.05 14.44
C VAL D 501 10.34 -19.18 13.50
N ARG D 502 11.43 -18.99 12.80
CA ARG D 502 11.89 -20.00 11.87
C ARG D 502 12.44 -21.23 12.60
N PHE D 503 13.05 -21.01 13.76
CA PHE D 503 13.56 -22.11 14.58
C PHE D 503 12.45 -23.00 15.12
N TYR D 504 11.31 -22.40 15.43
CA TYR D 504 10.19 -23.14 16.01
C TYR D 504 9.11 -23.56 15.01
N THR D 505 9.37 -23.38 13.71
CA THR D 505 8.39 -23.78 12.69
C THR D 505 9.04 -24.51 11.53
N LYS D 506 8.20 -25.17 10.75
CA LYS D 506 8.63 -25.87 9.55
C LYS D 506 7.67 -25.46 8.44
N ARG D 507 8.21 -25.23 7.26
CA ARG D 507 7.41 -24.85 6.12
C ARG D 507 6.86 -26.06 5.43
N LYS D 508 5.62 -25.99 4.98
CA LYS D 508 5.04 -27.06 4.19
C LYS D 508 4.34 -26.54 2.94
N ALA D 509 4.50 -27.29 1.85
CA ALA D 509 3.91 -26.98 0.57
C ALA D 509 3.08 -28.17 0.10
N ILE D 510 1.77 -28.00 0.08
CA ILE D 510 0.85 -29.09 -0.20
C ILE D 510 0.19 -28.91 -1.56
N THR D 511 0.11 -29.98 -2.32
CA THR D 511 -0.65 -30.02 -3.56
C THR D 511 -1.67 -31.15 -3.43
N GLN D 512 -2.93 -30.90 -3.77
CA GLN D 512 -4.02 -31.83 -3.46
C GLN D 512 -5.04 -31.99 -4.58
N ARG D 513 -5.44 -33.22 -4.79
CA ARG D 513 -6.47 -33.58 -5.75
C ARG D 513 -7.24 -34.74 -5.16
N TRP D 514 -8.56 -34.71 -5.30
CA TRP D 514 -9.40 -35.84 -4.93
C TRP D 514 -9.89 -36.47 -6.22
N PRO D 515 -9.31 -37.62 -6.59
CA PRO D 515 -9.62 -38.17 -7.89
C PRO D 515 -11.09 -38.59 -7.97
N GLN D 516 -11.69 -38.36 -9.13
CA GLN D 516 -13.14 -38.38 -9.28
C GLN D 516 -13.72 -39.75 -9.48
N ARG D 517 -15.00 -39.88 -9.17
CA ARG D 517 -15.79 -41.05 -9.55
C ARG D 517 -16.78 -40.58 -10.61
N LYS D 518 -17.28 -41.53 -11.39
CA LYS D 518 -18.29 -41.23 -12.40
C LYS D 518 -19.70 -41.06 -11.81
N SER D 519 -19.99 -41.79 -10.74
CA SER D 519 -21.29 -41.76 -10.05
C SER D 519 -21.08 -41.89 -8.53
N HIS D 520 -22.03 -41.37 -7.74
CA HIS D 520 -21.91 -41.36 -6.28
C HIS D 520 -23.10 -42.00 -5.59
N GLU D 521 -23.49 -43.15 -6.09
CA GLU D 521 -24.55 -43.97 -5.49
C GLU D 521 -23.97 -44.66 -4.26
N ALA D 522 -24.84 -44.99 -3.31
CA ALA D 522 -24.41 -45.46 -1.98
C ALA D 522 -23.43 -46.63 -2.01
N ALA D 523 -23.58 -47.49 -3.03
CA ALA D 523 -22.66 -48.63 -3.25
C ALA D 523 -21.16 -48.27 -3.39
N GLN D 524 -20.85 -47.01 -3.66
CA GLN D 524 -19.46 -46.55 -3.82
C GLN D 524 -18.80 -46.11 -2.50
N PHE D 525 -19.47 -46.29 -1.36
CA PHE D 525 -18.92 -45.91 -0.06
C PHE D 525 -19.00 -47.11 0.91
N ALA D 526 -18.61 -46.95 2.18
CA ALA D 526 -18.55 -48.06 3.14
C ALA D 526 -19.65 -48.07 4.23
N PHE D 527 -20.06 -49.24 4.69
CA PHE D 527 -20.98 -49.46 5.79
C PHE D 527 -22.05 -48.35 6.07
N THR E 35 40.65 -32.86 -27.20
CA THR E 35 40.75 -31.53 -26.50
C THR E 35 41.28 -31.70 -25.04
N LEU E 36 41.70 -30.59 -24.43
CA LEU E 36 41.89 -30.54 -22.96
C LEU E 36 41.10 -29.36 -22.38
N ILE E 37 40.40 -29.60 -21.25
CA ILE E 37 39.61 -28.57 -20.60
C ILE E 37 40.47 -27.83 -19.58
N LYS E 38 40.35 -26.50 -19.60
CA LYS E 38 41.19 -25.60 -18.80
C LYS E 38 40.44 -25.15 -17.53
N HIS E 39 41.18 -24.80 -16.48
CA HIS E 39 40.61 -24.13 -15.30
C HIS E 39 40.26 -22.68 -15.65
N LEU E 40 39.44 -22.05 -14.82
CA LEU E 40 39.10 -20.63 -15.02
C LEU E 40 39.41 -19.86 -13.73
N ILE E 41 40.69 -19.75 -13.41
CA ILE E 41 41.15 -19.01 -12.25
C ILE E 41 41.53 -17.58 -12.63
N GLY E 42 41.29 -16.65 -11.70
CA GLY E 42 41.69 -15.25 -11.87
C GLY E 42 41.33 -14.58 -13.20
N GLY E 43 40.24 -15.00 -13.83
CA GLY E 43 39.80 -14.40 -15.09
C GLY E 43 40.40 -14.96 -16.39
N GLU E 44 41.41 -15.82 -16.28
CA GLU E 44 42.04 -16.45 -17.46
C GLU E 44 41.96 -17.95 -17.39
N LEU E 45 42.00 -18.57 -18.57
CA LEU E 45 41.87 -20.05 -18.66
C LEU E 45 43.26 -20.66 -18.54
N ILE E 46 43.49 -21.48 -17.49
CA ILE E 46 44.78 -22.10 -17.29
C ILE E 46 44.76 -23.55 -17.69
N ALA E 47 45.86 -24.07 -18.24
CA ALA E 47 46.04 -25.49 -18.53
C ALA E 47 46.88 -26.13 -17.41
N ASP E 48 46.30 -27.13 -16.76
CA ASP E 48 46.99 -27.91 -15.74
C ASP E 48 47.44 -29.23 -16.35
N THR E 49 48.67 -29.65 -16.06
CA THR E 49 49.13 -31.03 -16.30
C THR E 49 49.70 -31.61 -14.97
N GLY E 50 49.24 -32.83 -14.69
CA GLY E 50 49.56 -33.54 -13.45
C GLY E 50 48.68 -34.75 -13.49
N ARG E 51 47.93 -35.05 -12.42
CA ARG E 51 46.90 -36.11 -12.51
C ARG E 51 45.85 -35.73 -13.55
N THR E 52 45.22 -36.71 -14.19
CA THR E 52 44.20 -36.45 -15.21
C THR E 52 43.31 -37.67 -15.44
N ALA E 53 42.01 -37.44 -15.55
CA ALA E 53 41.05 -38.48 -16.00
C ALA E 53 40.48 -38.09 -17.36
N ASP E 54 39.69 -38.99 -17.93
CA ASP E 54 39.10 -38.81 -19.25
C ASP E 54 37.58 -38.75 -19.14
N VAL E 55 36.99 -37.82 -19.88
CA VAL E 55 35.53 -37.70 -19.92
C VAL E 55 35.06 -38.51 -21.14
N PHE E 56 34.16 -39.47 -20.88
CA PHE E 56 33.55 -40.27 -21.92
C PHE E 56 32.21 -39.67 -22.36
N ASN E 57 31.69 -40.27 -23.43
CA ASN E 57 30.49 -39.82 -24.09
C ASN E 57 29.42 -40.86 -23.85
N PRO E 58 28.50 -40.61 -22.90
CA PRO E 58 27.54 -41.66 -22.54
C PRO E 58 26.82 -42.34 -23.71
N SER E 59 26.31 -41.59 -24.69
CA SER E 59 25.49 -42.17 -25.78
C SER E 59 26.31 -42.85 -26.89
N THR E 60 27.63 -42.62 -26.97
CA THR E 60 28.49 -43.28 -27.96
C THR E 60 29.39 -44.32 -27.28
N GLY E 61 29.98 -43.95 -26.15
CA GLY E 61 30.95 -44.77 -25.42
C GLY E 61 32.37 -44.19 -25.55
N GLU E 62 32.60 -43.39 -26.59
CA GLU E 62 33.94 -42.91 -26.91
C GLU E 62 34.37 -41.87 -25.89
N ALA E 63 35.53 -42.06 -25.25
CA ALA E 63 36.20 -40.96 -24.47
C ALA E 63 36.50 -39.75 -25.36
N VAL E 64 36.08 -38.55 -24.96
CA VAL E 64 36.19 -37.34 -25.80
C VAL E 64 37.36 -36.42 -25.36
N ARG E 65 37.55 -36.23 -24.06
CA ARG E 65 38.56 -35.25 -23.57
C ARG E 65 39.13 -35.57 -22.23
N LYS E 66 40.15 -34.80 -21.79
CA LYS E 66 40.81 -35.00 -20.50
C LYS E 66 40.61 -33.82 -19.51
N VAL E 67 40.58 -34.15 -18.22
CA VAL E 67 40.24 -33.20 -17.14
C VAL E 67 41.30 -33.20 -16.06
N PRO E 68 41.72 -32.02 -15.57
CA PRO E 68 42.84 -31.99 -14.63
C PRO E 68 42.47 -32.07 -13.16
N LEU E 69 42.85 -33.16 -12.50
CA LEU E 69 42.63 -33.29 -11.06
C LEU E 69 43.63 -32.42 -10.30
N ALA E 70 43.17 -31.33 -9.71
CA ALA E 70 44.04 -30.25 -9.24
C ALA E 70 44.65 -30.48 -7.86
N ASP E 71 45.86 -29.97 -7.69
CA ASP E 71 46.59 -30.03 -6.41
C ASP E 71 46.15 -28.88 -5.52
N ARG E 72 46.59 -28.92 -4.26
CA ARG E 72 46.35 -27.83 -3.32
C ARG E 72 46.93 -26.47 -3.79
N GLU E 73 48.02 -26.50 -4.55
CA GLU E 73 48.64 -25.28 -5.06
C GLU E 73 47.73 -24.62 -6.09
N THR E 74 47.22 -25.40 -7.01
CA THR E 74 46.30 -24.91 -8.04
C THR E 74 45.00 -24.35 -7.42
N MET E 75 44.59 -24.91 -6.27
CA MET E 75 43.43 -24.39 -5.58
C MET E 75 43.74 -23.09 -4.86
N GLN E 76 44.84 -23.09 -4.11
CA GLN E 76 45.30 -21.87 -3.43
C GLN E 76 45.41 -20.69 -4.38
N GLN E 77 45.73 -20.96 -5.65
CA GLN E 77 45.66 -19.93 -6.67
C GLN E 77 44.27 -19.30 -6.70
N ALA E 78 43.26 -20.15 -6.88
CA ALA E 78 41.84 -19.74 -6.92
C ALA E 78 41.41 -18.99 -5.66
N ILE E 79 41.74 -19.57 -4.52
CA ILE E 79 41.42 -18.94 -3.25
C ILE E 79 42.00 -17.52 -3.18
N ASP E 80 43.30 -17.39 -3.48
CA ASP E 80 43.95 -16.08 -3.48
C ASP E 80 43.28 -15.13 -4.49
N ALA E 81 42.96 -15.64 -5.67
CA ALA E 81 42.26 -14.83 -6.69
C ALA E 81 40.93 -14.30 -6.15
N ALA E 82 40.17 -15.15 -5.47
CA ALA E 82 38.86 -14.77 -4.97
C ALA E 82 38.99 -13.82 -3.79
N LYS E 83 39.89 -14.14 -2.86
CA LYS E 83 40.21 -13.25 -1.74
C LYS E 83 40.60 -11.83 -2.22
N ALA E 84 41.32 -11.76 -3.34
CA ALA E 84 41.73 -10.47 -3.90
C ALA E 84 40.55 -9.71 -4.50
N ALA E 85 39.70 -10.42 -5.25
CA ALA E 85 38.55 -9.77 -5.91
C ALA E 85 37.48 -9.27 -4.93
N PHE E 86 37.43 -9.85 -3.73
CA PHE E 86 36.32 -9.62 -2.80
C PHE E 86 36.09 -8.16 -2.39
N PRO E 87 37.13 -7.44 -1.91
CA PRO E 87 36.86 -6.06 -1.47
C PRO E 87 36.29 -5.12 -2.55
N ALA E 88 36.81 -5.20 -3.76
CA ALA E 88 36.24 -4.41 -4.86
C ALA E 88 34.80 -4.80 -5.13
N TRP E 89 34.54 -6.11 -5.18
CA TRP E 89 33.22 -6.61 -5.54
C TRP E 89 32.20 -6.30 -4.47
N ARG E 90 32.62 -6.42 -3.22
CA ARG E 90 31.76 -6.11 -2.08
C ARG E 90 31.24 -4.69 -2.19
N ASN E 91 32.08 -3.77 -2.65
CA ASN E 91 31.69 -2.37 -2.76
C ASN E 91 31.11 -1.98 -4.10
N THR E 92 30.98 -2.93 -5.01
CA THR E 92 30.27 -2.65 -6.24
C THR E 92 28.81 -2.32 -5.95
N PRO E 93 28.27 -1.27 -6.58
CA PRO E 93 26.87 -0.93 -6.35
C PRO E 93 25.90 -2.07 -6.65
N PRO E 94 24.86 -2.25 -5.81
CA PRO E 94 23.80 -3.19 -6.06
C PRO E 94 23.31 -3.19 -7.51
N ALA E 95 23.04 -1.99 -8.04
CA ALA E 95 22.52 -1.89 -9.39
C ALA E 95 23.50 -2.36 -10.46
N LYS E 96 24.80 -2.24 -10.20
CA LYS E 96 25.80 -2.71 -11.14
C LYS E 96 25.89 -4.23 -11.12
N ARG E 97 25.77 -4.81 -9.94
CA ARG E 97 25.73 -6.26 -9.80
C ARG E 97 24.49 -6.81 -10.49
N ALA E 98 23.35 -6.19 -10.24
CA ALA E 98 22.13 -6.56 -10.96
C ALA E 98 22.35 -6.49 -12.48
N GLN E 99 23.08 -5.47 -12.93
CA GLN E 99 23.29 -5.24 -14.36
C GLN E 99 24.05 -6.38 -15.01
N VAL E 100 25.17 -6.77 -14.40
CA VAL E 100 26.00 -7.85 -14.95
C VAL E 100 25.24 -9.19 -14.96
N LEU E 101 24.41 -9.44 -13.96
CA LEU E 101 23.57 -10.64 -13.92
C LEU E 101 22.54 -10.64 -15.05
N PHE E 102 21.92 -9.49 -15.31
CA PHE E 102 20.90 -9.39 -16.36
C PHE E 102 21.51 -9.72 -17.73
N ARG E 103 22.74 -9.30 -17.99
CA ARG E 103 23.39 -9.64 -19.25
C ARG E 103 23.79 -11.10 -19.29
N PHE E 104 24.17 -11.64 -18.14
CA PHE E 104 24.45 -13.06 -18.02
C PHE E 104 23.24 -13.89 -18.41
N LYS E 105 22.05 -13.50 -17.95
CA LYS E 105 20.81 -14.17 -18.35
C LYS E 105 20.62 -14.14 -19.86
N GLN E 106 20.89 -12.99 -20.49
CA GLN E 106 20.71 -12.86 -21.95
C GLN E 106 21.69 -13.73 -22.70
N LEU E 107 22.96 -13.66 -22.32
CA LEU E 107 23.98 -14.46 -22.99
C LEU E 107 23.78 -15.97 -22.84
N LEU E 108 23.05 -16.41 -21.81
CA LEU E 108 22.67 -17.82 -21.71
C LEU E 108 21.51 -18.14 -22.64
N GLU E 109 20.46 -17.32 -22.63
CA GLU E 109 19.36 -17.46 -23.58
C GLU E 109 19.82 -17.32 -25.05
N ALA E 110 20.97 -16.71 -25.28
CA ALA E 110 21.57 -16.62 -26.60
C ALA E 110 22.25 -17.91 -27.00
N ASN E 111 23.13 -18.43 -26.15
CA ASN E 111 23.86 -19.67 -26.44
C ASN E 111 23.18 -20.98 -25.98
N GLU E 112 21.84 -21.08 -25.94
CA GLU E 112 21.24 -22.30 -25.36
C GLU E 112 21.63 -23.56 -26.12
N GLU E 113 21.41 -23.53 -27.44
CA GLU E 113 21.68 -24.69 -28.28
C GLU E 113 23.09 -25.22 -28.02
N ARG E 114 24.07 -24.32 -27.98
CA ARG E 114 25.45 -24.73 -27.79
C ARG E 114 25.70 -25.42 -26.45
N ILE E 115 25.03 -24.92 -25.41
CA ILE E 115 25.16 -25.43 -24.05
C ILE E 115 24.52 -26.80 -23.96
N VAL E 116 23.25 -26.85 -24.33
CA VAL E 116 22.46 -28.07 -24.21
C VAL E 116 23.21 -29.23 -24.87
N LYS E 117 23.77 -28.98 -26.06
CA LYS E 117 24.58 -29.98 -26.75
C LYS E 117 25.68 -30.50 -25.85
N LEU E 118 26.39 -29.61 -25.20
CA LEU E 118 27.48 -29.98 -24.28
C LEU E 118 27.04 -30.76 -23.04
N ILE E 119 25.77 -30.60 -22.64
CA ILE E 119 25.20 -31.35 -21.53
C ILE E 119 24.91 -32.78 -21.99
N SER E 120 24.06 -32.91 -23.01
CA SER E 120 23.70 -34.23 -23.58
C SER E 120 24.90 -35.03 -24.00
N GLU E 121 25.98 -34.36 -24.40
CA GLU E 121 27.17 -35.04 -24.87
C GLU E 121 27.95 -35.74 -23.75
N GLU E 122 28.13 -35.09 -22.59
CA GLU E 122 28.94 -35.70 -21.53
C GLU E 122 28.13 -36.34 -20.41
N HIS E 123 26.87 -35.91 -20.23
CA HIS E 123 25.99 -36.55 -19.25
C HIS E 123 25.12 -37.62 -19.87
N GLY E 124 24.69 -37.39 -21.11
CA GLY E 124 23.84 -38.33 -21.82
C GLY E 124 22.41 -38.17 -21.37
N LYS E 125 21.70 -37.23 -21.97
CA LYS E 125 20.28 -37.11 -21.73
C LYS E 125 19.61 -36.48 -22.94
N THR E 126 18.35 -36.78 -23.11
CA THR E 126 17.53 -36.13 -24.11
C THR E 126 17.78 -34.61 -24.09
N ILE E 127 18.06 -34.08 -25.28
CA ILE E 127 18.29 -32.67 -25.47
C ILE E 127 17.16 -31.82 -24.89
N GLU E 128 15.94 -32.34 -25.02
CA GLU E 128 14.76 -31.67 -24.46
C GLU E 128 14.83 -31.57 -22.93
N ASP E 129 15.32 -32.62 -22.27
CA ASP E 129 15.55 -32.60 -20.82
C ASP E 129 16.68 -31.63 -20.48
N ALA E 130 17.81 -31.76 -21.19
CA ALA E 130 18.91 -30.82 -20.97
C ALA E 130 18.48 -29.34 -21.14
N ALA E 131 17.62 -29.05 -22.10
CA ALA E 131 17.08 -27.71 -22.30
C ALA E 131 16.18 -27.27 -21.14
N GLY E 132 15.39 -28.19 -20.61
CA GLY E 132 14.53 -27.92 -19.46
C GLY E 132 15.32 -27.66 -18.20
N GLU E 133 16.48 -28.33 -18.05
CA GLU E 133 17.40 -28.05 -16.96
C GLU E 133 17.91 -26.60 -17.02
N LEU E 134 18.40 -26.20 -18.20
CA LEU E 134 18.94 -24.86 -18.37
C LEU E 134 17.88 -23.78 -18.17
N LYS E 135 16.65 -24.06 -18.60
CA LYS E 135 15.55 -23.14 -18.34
C LYS E 135 15.40 -22.90 -16.84
N ARG E 136 15.63 -23.93 -16.02
CA ARG E 136 15.59 -23.81 -14.57
C ARG E 136 16.79 -22.98 -14.08
N GLY E 137 17.98 -23.30 -14.56
CA GLY E 137 19.17 -22.50 -14.22
C GLY E 137 18.97 -21.01 -14.49
N ILE E 138 18.34 -20.71 -15.62
CA ILE E 138 18.05 -19.34 -15.97
C ILE E 138 17.02 -18.75 -15.02
N GLU E 139 16.05 -19.53 -14.55
CA GLU E 139 15.13 -19.01 -13.54
C GLU E 139 15.91 -18.61 -12.27
N ASN E 140 16.93 -19.40 -11.93
CA ASN E 140 17.78 -19.09 -10.79
C ASN E 140 18.56 -17.79 -11.02
N VAL E 141 19.04 -17.58 -12.24
CA VAL E 141 19.75 -16.34 -12.56
C VAL E 141 18.78 -15.16 -12.53
N GLU E 142 17.58 -15.34 -13.05
CA GLU E 142 16.58 -14.27 -13.00
C GLU E 142 16.26 -13.90 -11.53
N TYR E 143 16.19 -14.88 -10.63
CA TYR E 143 15.91 -14.57 -9.22
C TYR E 143 17.07 -13.77 -8.59
N ALA E 144 18.29 -14.15 -8.94
CA ALA E 144 19.47 -13.51 -8.38
C ALA E 144 19.56 -12.04 -8.78
N THR E 145 19.08 -11.68 -9.96
CA THR E 145 19.17 -10.30 -10.41
C THR E 145 18.40 -9.37 -9.47
N ALA E 146 17.34 -9.86 -8.84
CA ALA E 146 16.53 -9.06 -7.93
C ALA E 146 16.89 -9.20 -6.45
N ALA E 147 18.01 -9.84 -6.12
CA ALA E 147 18.40 -10.02 -4.73
C ALA E 147 18.94 -8.74 -4.08
N PRO E 148 19.76 -7.95 -4.81
CA PRO E 148 20.12 -6.62 -4.28
C PRO E 148 18.97 -5.74 -3.73
N GLU E 149 17.76 -5.85 -4.29
CA GLU E 149 16.65 -5.03 -3.79
C GLU E 149 16.16 -5.45 -2.40
N ILE E 150 15.98 -6.73 -2.16
CA ILE E 150 15.52 -7.22 -0.85
C ILE E 150 16.61 -7.17 0.24
N LEU E 151 17.79 -6.69 -0.12
CA LEU E 151 18.93 -6.62 0.77
C LEU E 151 19.25 -5.22 1.33
N LYS E 152 18.39 -4.24 1.08
CA LYS E 152 18.57 -2.90 1.62
C LYS E 152 18.10 -2.84 3.07
N GLY E 153 18.79 -1.99 3.83
CA GLY E 153 18.51 -1.84 5.26
C GLY E 153 18.16 -0.42 5.64
N GLU E 154 18.14 -0.15 6.93
CA GLU E 154 17.60 1.11 7.45
C GLU E 154 18.71 2.05 7.89
N TYR E 155 18.42 3.36 7.87
CA TYR E 155 19.29 4.40 8.44
C TYR E 155 18.48 5.31 9.32
N SER E 156 19.05 5.71 10.43
CA SER E 156 18.40 6.67 11.33
C SER E 156 19.39 7.66 11.86
N ARG E 157 19.25 8.94 11.45
CA ARG E 157 20.12 9.99 11.97
C ARG E 157 19.60 10.41 13.31
N ASN E 158 20.52 10.64 14.23
CA ASN E 158 20.19 10.99 15.61
C ASN E 158 19.10 10.11 16.26
N VAL E 159 19.34 8.80 16.30
CA VAL E 159 18.51 7.86 17.06
C VAL E 159 18.72 8.13 18.55
N GLY E 160 19.92 8.59 18.89
CA GLY E 160 20.21 9.26 20.14
C GLY E 160 21.02 10.52 19.88
N PRO E 161 21.25 11.32 20.91
CA PRO E 161 21.95 12.61 20.73
C PRO E 161 23.28 12.46 19.99
N ASN E 162 23.31 12.95 18.75
CA ASN E 162 24.50 12.83 17.93
C ASN E 162 24.97 11.38 17.69
N ILE E 163 24.01 10.45 17.68
CA ILE E 163 24.29 9.04 17.48
C ILE E 163 23.45 8.50 16.32
N ASP E 164 24.10 8.14 15.24
CA ASP E 164 23.41 7.51 14.12
C ASP E 164 23.39 6.01 14.30
N ALA E 165 22.43 5.36 13.67
CA ALA E 165 22.29 3.90 13.73
C ALA E 165 21.90 3.39 12.38
N TRP E 166 22.43 2.26 11.96
CA TRP E 166 21.94 1.63 10.76
C TRP E 166 22.11 0.14 10.79
N SER E 167 21.44 -0.52 9.84
CA SER E 167 21.44 -1.97 9.73
C SER E 167 21.67 -2.35 8.28
N ASP E 168 22.47 -3.38 8.08
CA ASP E 168 22.90 -3.77 6.75
C ASP E 168 22.91 -5.29 6.64
N PHE E 169 22.86 -5.79 5.41
CA PHE E 169 23.08 -7.20 5.15
C PHE E 169 24.34 -7.28 4.29
N GLN E 170 25.41 -7.83 4.84
CA GLN E 170 26.68 -7.85 4.16
C GLN E 170 26.99 -9.24 3.64
N PRO E 171 27.83 -9.33 2.60
CA PRO E 171 28.35 -10.62 2.20
C PRO E 171 29.35 -11.15 3.22
N ILE E 172 29.61 -12.45 3.16
CA ILE E 172 30.45 -13.09 4.18
C ILE E 172 31.90 -13.21 3.76
N GLY E 173 32.17 -13.24 2.46
CA GLY E 173 33.53 -13.31 1.95
C GLY E 173 33.70 -14.21 0.74
N VAL E 174 34.62 -15.14 0.84
CA VAL E 174 34.88 -16.08 -0.24
C VAL E 174 34.16 -17.40 0.08
N VAL E 175 33.38 -17.90 -0.88
CA VAL E 175 32.58 -19.09 -0.65
C VAL E 175 32.78 -20.06 -1.79
N ALA E 176 32.49 -21.34 -1.52
CA ALA E 176 32.73 -22.40 -2.49
C ALA E 176 31.54 -23.33 -2.64
N GLY E 177 31.41 -23.88 -3.84
CA GLY E 177 30.32 -24.78 -4.18
C GLY E 177 30.79 -26.00 -4.93
N ILE E 178 30.37 -27.17 -4.48
CA ILE E 178 30.78 -28.44 -5.04
C ILE E 178 29.57 -29.16 -5.64
N THR E 179 29.57 -29.35 -6.94
CA THR E 179 28.36 -29.71 -7.69
C THR E 179 28.41 -31.13 -8.25
N PRO E 180 27.24 -31.80 -8.45
CA PRO E 180 27.20 -33.18 -8.86
C PRO E 180 27.10 -33.39 -10.39
N PHE E 181 27.07 -34.67 -10.76
CA PHE E 181 27.05 -35.15 -12.16
C PHE E 181 25.75 -34.81 -12.88
N ASN E 182 24.63 -35.21 -12.31
CA ASN E 182 23.31 -34.77 -12.78
C ASN E 182 23.25 -33.29 -12.57
N PHE E 183 22.68 -32.58 -13.52
CA PHE E 183 22.63 -31.12 -13.47
C PHE E 183 23.99 -30.40 -13.40
N PRO E 184 24.80 -30.45 -14.47
CA PRO E 184 26.00 -29.58 -14.49
C PRO E 184 25.66 -28.12 -14.83
N ALA E 185 24.47 -27.85 -15.34
CA ALA E 185 24.07 -26.49 -15.62
C ALA E 185 23.38 -25.85 -14.41
N MET E 186 22.28 -26.46 -13.95
CA MET E 186 21.39 -25.79 -13.02
C MET E 186 21.90 -25.71 -11.59
N VAL E 187 22.51 -26.77 -11.08
CA VAL E 187 22.95 -26.73 -9.69
C VAL E 187 24.01 -25.63 -9.43
N PRO E 188 24.97 -25.44 -10.34
CA PRO E 188 25.85 -24.29 -10.11
C PRO E 188 25.11 -22.96 -10.20
N LEU E 189 24.27 -22.79 -11.22
CA LEU E 189 23.45 -21.57 -11.35
C LEU E 189 22.46 -21.36 -10.21
N TRP E 190 22.23 -22.39 -9.41
CA TRP E 190 21.44 -22.27 -8.18
C TRP E 190 22.28 -21.76 -7.01
N MET E 191 23.59 -21.97 -7.06
CA MET E 191 24.52 -21.48 -6.04
C MET E 191 25.14 -20.11 -6.34
N TYR E 192 26.02 -20.02 -7.35
CA TYR E 192 26.90 -18.86 -7.46
C TYR E 192 26.25 -17.53 -7.86
N PRO E 193 25.30 -17.54 -8.78
CA PRO E 193 24.67 -16.24 -9.10
C PRO E 193 24.08 -15.54 -7.88
N LEU E 194 23.34 -16.27 -7.05
CA LEU E 194 22.81 -15.68 -5.83
C LEU E 194 23.92 -15.22 -4.87
N ALA E 195 24.96 -16.02 -4.71
CA ALA E 195 26.07 -15.69 -3.79
C ALA E 195 26.84 -14.47 -4.25
N ILE E 196 27.00 -14.35 -5.57
CA ILE E 196 27.69 -13.21 -6.16
C ILE E 196 26.80 -11.97 -6.13
N ALA E 197 25.51 -12.14 -6.40
CA ALA E 197 24.58 -11.01 -6.27
C ALA E 197 24.60 -10.43 -4.87
N CYS E 198 24.77 -11.28 -3.86
CA CYS E 198 24.88 -10.81 -2.48
C CYS E 198 26.23 -10.15 -2.19
N GLY E 199 27.19 -10.31 -3.08
CA GLY E 199 28.47 -9.62 -2.98
C GLY E 199 29.64 -10.48 -2.53
N ASN E 200 29.47 -11.80 -2.53
CA ASN E 200 30.60 -12.69 -2.22
C ASN E 200 31.39 -12.98 -3.50
N THR E 201 32.47 -13.73 -3.33
CA THR E 201 33.21 -14.32 -4.46
C THR E 201 33.20 -15.84 -4.31
N PHE E 202 33.34 -16.51 -5.46
CA PHE E 202 32.98 -17.90 -5.57
C PHE E 202 34.06 -18.76 -6.21
N ILE E 203 34.31 -19.91 -5.57
CA ILE E 203 35.07 -20.98 -6.16
C ILE E 203 34.17 -22.18 -6.39
N LEU E 204 34.06 -22.57 -7.66
CA LEU E 204 33.19 -23.66 -8.08
C LEU E 204 34.01 -24.84 -8.50
N LYS E 205 33.82 -25.96 -7.80
CA LYS E 205 34.49 -27.23 -8.11
C LYS E 205 33.42 -28.21 -8.64
N PRO E 206 33.21 -28.25 -9.97
CA PRO E 206 32.18 -29.08 -10.53
C PRO E 206 32.54 -30.56 -10.66
N SER E 207 31.61 -31.33 -11.25
CA SER E 207 31.83 -32.76 -11.44
C SER E 207 32.91 -33.02 -12.52
N GLU E 208 33.81 -33.96 -12.25
CA GLU E 208 34.83 -34.40 -13.22
C GLU E 208 34.22 -35.03 -14.46
N ARG E 209 33.01 -35.58 -14.33
CA ARG E 209 32.42 -36.40 -15.37
C ARG E 209 31.67 -35.65 -16.47
N ASP E 210 31.42 -34.35 -16.29
CA ASP E 210 30.72 -33.58 -17.35
C ASP E 210 31.02 -32.10 -17.24
N PRO E 211 32.30 -31.77 -16.96
CA PRO E 211 32.63 -30.41 -16.58
C PRO E 211 32.69 -29.37 -17.70
N SER E 212 32.49 -29.74 -18.95
CA SER E 212 32.62 -28.78 -20.04
C SER E 212 31.45 -27.80 -20.09
N SER E 213 30.24 -28.30 -19.93
CA SER E 213 29.06 -27.44 -19.98
C SER E 213 29.05 -26.40 -18.85
N THR E 214 29.50 -26.81 -17.67
CA THR E 214 29.57 -25.92 -16.53
C THR E 214 30.54 -24.77 -16.84
N LEU E 215 31.71 -25.10 -17.37
CA LEU E 215 32.75 -24.12 -17.62
C LEU E 215 32.34 -23.11 -18.67
N LEU E 216 31.65 -23.56 -19.70
CA LEU E 216 31.16 -22.65 -20.70
C LEU E 216 30.32 -21.55 -20.05
N ILE E 217 29.38 -21.95 -19.18
CA ILE E 217 28.46 -21.00 -18.54
C ILE E 217 29.23 -20.04 -17.63
N ALA E 218 30.28 -20.53 -16.97
CA ALA E 218 31.18 -19.65 -16.22
C ALA E 218 31.76 -18.56 -17.15
N GLU E 219 32.29 -18.96 -18.29
CA GLU E 219 32.93 -18.04 -19.24
C GLU E 219 31.94 -17.00 -19.72
N LEU E 220 30.73 -17.43 -20.08
CA LEU E 220 29.72 -16.46 -20.48
C LEU E 220 29.47 -15.38 -19.42
N PHE E 221 29.63 -15.73 -18.15
CA PHE E 221 29.46 -14.77 -17.06
C PHE E 221 30.57 -13.71 -17.12
N HIS E 222 31.81 -14.15 -17.32
CA HIS E 222 32.94 -13.24 -17.56
C HIS E 222 32.69 -12.35 -18.79
N GLU E 223 32.23 -12.96 -19.87
CA GLU E 223 31.83 -12.21 -21.06
C GLU E 223 30.72 -11.18 -20.79
N ALA E 224 29.82 -11.48 -19.85
CA ALA E 224 28.75 -10.52 -19.52
C ALA E 224 29.27 -9.27 -18.77
N GLY E 225 30.47 -9.37 -18.19
CA GLY E 225 31.08 -8.25 -17.48
C GLY E 225 31.64 -8.51 -16.10
N LEU E 226 31.64 -9.76 -15.65
CA LEU E 226 32.02 -10.04 -14.27
C LEU E 226 33.51 -9.80 -14.10
N PRO E 227 33.92 -9.01 -13.10
CA PRO E 227 35.34 -8.89 -12.79
C PRO E 227 36.10 -10.19 -12.60
N LYS E 228 37.40 -10.11 -12.83
CA LYS E 228 38.29 -11.25 -12.71
C LYS E 228 38.35 -11.67 -11.26
N GLY E 229 38.27 -12.97 -11.01
CA GLY E 229 38.43 -13.52 -9.66
C GLY E 229 37.13 -13.71 -8.88
N VAL E 230 36.03 -13.12 -9.35
CA VAL E 230 34.77 -13.16 -8.63
C VAL E 230 34.14 -14.55 -8.74
N LEU E 231 34.23 -15.14 -9.94
CA LEU E 231 33.91 -16.56 -10.13
C LEU E 231 35.13 -17.29 -10.65
N ASN E 232 35.52 -18.36 -9.96
CA ASN E 232 36.58 -19.25 -10.42
C ASN E 232 36.11 -20.69 -10.49
N VAL E 233 36.53 -21.40 -11.54
CA VAL E 233 36.21 -22.81 -11.73
C VAL E 233 37.48 -23.66 -11.66
N VAL E 234 37.51 -24.59 -10.71
CA VAL E 234 38.67 -25.44 -10.50
C VAL E 234 38.22 -26.89 -10.57
N HIS E 235 38.70 -27.64 -11.58
CA HIS E 235 38.35 -29.06 -11.71
C HIS E 235 39.23 -29.92 -10.81
N GLY E 236 38.71 -31.08 -10.39
CA GLY E 236 39.41 -31.91 -9.42
C GLY E 236 38.57 -33.02 -8.84
N ASP E 237 38.98 -33.54 -7.69
CA ASP E 237 38.30 -34.65 -7.03
C ASP E 237 38.46 -34.50 -5.50
N LYS E 238 38.36 -35.61 -4.76
CA LYS E 238 38.49 -35.58 -3.28
C LYS E 238 39.62 -34.67 -2.77
N GLY E 239 40.73 -34.65 -3.48
CA GLY E 239 41.83 -33.73 -3.19
C GLY E 239 41.41 -32.27 -3.25
N ALA E 240 40.92 -31.85 -4.41
CA ALA E 240 40.36 -30.51 -4.61
C ALA E 240 39.33 -30.13 -3.54
N VAL E 241 38.42 -31.05 -3.21
CA VAL E 241 37.38 -30.76 -2.23
C VAL E 241 37.99 -30.63 -0.83
N ASP E 242 38.85 -31.57 -0.48
CA ASP E 242 39.56 -31.50 0.81
C ASP E 242 40.33 -30.19 0.94
N ALA E 243 40.87 -29.70 -0.17
CA ALA E 243 41.53 -28.39 -0.19
C ALA E 243 40.59 -27.27 0.28
N LEU E 244 39.41 -27.20 -0.34
CA LEU E 244 38.38 -26.24 0.07
C LEU E 244 37.89 -26.46 1.51
N ILE E 245 37.74 -27.70 1.93
CA ILE E 245 37.33 -27.97 3.31
C ILE E 245 38.41 -27.46 4.30
N GLU E 246 39.68 -27.53 3.89
CA GLU E 246 40.81 -27.14 4.76
C GLU E 246 41.08 -25.63 4.77
N ALA E 247 41.02 -25.00 3.59
CA ALA E 247 41.27 -23.56 3.43
C ALA E 247 40.51 -22.68 4.47
N PRO E 248 41.24 -21.97 5.35
CA PRO E 248 40.53 -21.11 6.32
C PRO E 248 39.95 -19.80 5.76
N GLU E 249 40.34 -19.44 4.52
CA GLU E 249 39.78 -18.26 3.89
C GLU E 249 38.34 -18.45 3.44
N VAL E 250 37.99 -19.68 3.00
CA VAL E 250 36.62 -19.92 2.48
C VAL E 250 35.66 -20.02 3.67
N LYS E 251 34.58 -19.27 3.63
CA LYS E 251 33.72 -19.06 4.79
C LYS E 251 32.45 -19.93 4.76
N ALA E 252 32.04 -20.33 3.56
CA ALA E 252 30.88 -21.16 3.40
C ALA E 252 31.09 -22.16 2.27
N LEU E 253 30.45 -23.30 2.45
CA LEU E 253 30.66 -24.45 1.63
C LEU E 253 29.29 -25.02 1.30
N SER E 254 29.06 -25.27 0.02
CA SER E 254 27.75 -25.65 -0.48
C SER E 254 27.88 -26.89 -1.35
N PHE E 255 27.10 -27.93 -1.05
CA PHE E 255 27.28 -29.22 -1.70
C PHE E 255 25.96 -29.88 -2.01
N VAL E 256 25.88 -30.46 -3.21
CA VAL E 256 24.80 -31.38 -3.56
C VAL E 256 25.38 -32.60 -4.24
N GLY E 257 25.07 -33.78 -3.70
CA GLY E 257 25.52 -35.06 -4.28
C GLY E 257 25.05 -36.25 -3.47
N SER E 258 25.96 -37.15 -3.10
CA SER E 258 25.60 -38.37 -2.38
C SER E 258 25.71 -38.23 -0.88
N THR E 259 25.00 -39.07 -0.16
CA THR E 259 24.83 -38.90 1.28
C THR E 259 26.11 -39.10 2.10
N PRO E 260 26.99 -40.03 1.66
CA PRO E 260 28.23 -40.19 2.44
C PRO E 260 29.15 -38.96 2.30
N ILE E 261 29.32 -38.49 1.07
CA ILE E 261 30.11 -37.30 0.80
C ILE E 261 29.49 -36.05 1.46
N ALA E 262 28.16 -35.98 1.48
CA ALA E 262 27.48 -34.87 2.10
C ALA E 262 27.75 -34.82 3.59
N GLU E 263 27.59 -35.96 4.27
CA GLU E 263 27.85 -36.00 5.72
C GLU E 263 29.30 -35.67 6.02
N TYR E 264 30.20 -36.10 5.14
CA TYR E 264 31.63 -35.77 5.26
C TYR E 264 31.80 -34.27 5.30
N ILE E 265 31.42 -33.60 4.21
CA ILE E 265 31.63 -32.17 4.04
C ILE E 265 30.88 -31.40 5.12
N TYR E 266 29.68 -31.86 5.50
CA TYR E 266 28.96 -31.18 6.55
C TYR E 266 29.74 -31.18 7.86
N SER E 267 30.05 -32.36 8.38
CA SER E 267 30.71 -32.48 9.69
C SER E 267 32.12 -31.87 9.69
N GLU E 268 32.92 -32.19 8.69
CA GLU E 268 34.30 -31.71 8.61
C GLU E 268 34.36 -30.21 8.32
N GLY E 269 33.41 -29.69 7.55
CA GLY E 269 33.27 -28.26 7.34
C GLY E 269 32.85 -27.54 8.61
N THR E 270 31.73 -27.97 9.19
CA THR E 270 31.20 -27.30 10.40
C THR E 270 32.22 -27.33 11.54
N LYS E 271 32.96 -28.43 11.69
CA LYS E 271 33.99 -28.52 12.73
C LYS E 271 35.08 -27.46 12.55
N ARG E 272 35.27 -26.97 11.34
CA ARG E 272 36.25 -25.89 11.09
C ARG E 272 35.61 -24.50 10.94
N GLY E 273 34.49 -24.28 11.64
CA GLY E 273 33.84 -22.97 11.67
C GLY E 273 33.14 -22.48 10.41
N LYS E 274 33.10 -23.29 9.34
CA LYS E 274 32.46 -22.90 8.10
C LYS E 274 30.94 -23.08 8.17
N ARG E 275 30.24 -22.31 7.34
CA ARG E 275 28.83 -22.55 7.09
C ARG E 275 28.72 -23.63 6.01
N VAL E 276 27.92 -24.67 6.27
CA VAL E 276 27.80 -25.73 5.29
C VAL E 276 26.37 -26.03 4.94
N GLN E 277 26.09 -26.02 3.64
CA GLN E 277 24.79 -26.35 3.10
C GLN E 277 25.04 -27.62 2.31
N ALA E 278 24.27 -28.67 2.61
CA ALA E 278 24.52 -29.99 2.06
C ALA E 278 23.22 -30.74 1.75
N LEU E 279 23.05 -31.07 0.46
CA LEU E 279 21.99 -31.97 0.02
C LEU E 279 22.59 -33.31 -0.36
N GLY E 280 22.18 -34.37 0.32
CA GLY E 280 22.67 -35.72 0.04
C GLY E 280 21.55 -36.61 -0.45
N GLY E 281 21.83 -37.40 -1.49
CA GLY E 281 20.87 -38.37 -2.06
C GLY E 281 20.05 -39.16 -1.04
N ALA E 282 18.76 -39.34 -1.31
CA ALA E 282 17.86 -40.00 -0.36
C ALA E 282 16.79 -40.77 -1.11
N LYS E 283 15.76 -41.24 -0.38
CA LYS E 283 14.63 -41.95 -0.99
C LYS E 283 13.30 -41.30 -0.67
N ASN E 284 12.56 -40.92 -1.70
CA ASN E 284 11.21 -40.41 -1.48
C ASN E 284 10.20 -41.54 -1.38
N HIS E 285 9.25 -41.37 -0.46
CA HIS E 285 8.29 -42.40 -0.14
C HIS E 285 6.90 -41.97 -0.59
N ALA E 286 6.16 -42.90 -1.17
CA ALA E 286 4.70 -42.73 -1.37
C ALA E 286 3.96 -43.61 -0.38
N VAL E 287 2.88 -43.12 0.20
CA VAL E 287 2.04 -43.93 1.07
C VAL E 287 0.76 -44.29 0.34
N LEU E 288 0.36 -45.57 0.39
CA LEU E 288 -0.93 -46.01 -0.15
C LEU E 288 -1.81 -46.44 1.01
N MET E 289 -2.93 -45.74 1.19
CA MET E 289 -3.94 -46.21 2.12
C MET E 289 -4.78 -47.31 1.47
N PRO E 290 -5.59 -48.05 2.26
CA PRO E 290 -6.42 -49.11 1.65
C PRO E 290 -7.43 -48.58 0.62
N ASP E 291 -7.98 -47.39 0.87
CA ASP E 291 -8.94 -46.79 -0.02
C ASP E 291 -8.35 -46.07 -1.23
N ALA E 292 -7.05 -46.20 -1.47
CA ALA E 292 -6.42 -45.48 -2.56
C ALA E 292 -7.02 -45.86 -3.91
N ASP E 293 -7.18 -44.90 -4.80
CA ASP E 293 -7.53 -45.20 -6.18
C ASP E 293 -6.29 -45.76 -6.84
N LEU E 294 -6.25 -47.08 -7.01
CA LEU E 294 -5.07 -47.75 -7.46
C LEU E 294 -4.55 -47.29 -8.82
N ASP E 295 -5.40 -47.01 -9.78
CA ASP E 295 -4.95 -46.59 -11.09
C ASP E 295 -4.20 -45.26 -11.03
N ASN E 296 -4.66 -44.41 -10.13
CA ASN E 296 -4.05 -43.12 -9.88
C ASN E 296 -2.67 -43.29 -9.24
N ALA E 297 -2.57 -44.15 -8.22
CA ALA E 297 -1.28 -44.40 -7.55
C ALA E 297 -0.30 -45.07 -8.50
N VAL E 298 -0.79 -46.08 -9.23
CA VAL E 298 0.06 -46.81 -10.16
C VAL E 298 0.59 -45.89 -11.24
N SER E 299 -0.23 -44.97 -11.70
CA SER E 299 0.20 -43.99 -12.68
C SER E 299 1.36 -43.16 -12.15
N ALA E 300 1.26 -42.69 -10.92
CA ALA E 300 2.34 -41.91 -10.30
C ALA E 300 3.59 -42.74 -10.11
N LEU E 301 3.43 -43.94 -9.57
CA LEU E 301 4.58 -44.81 -9.31
C LEU E 301 5.28 -45.23 -10.59
N MET E 302 4.51 -45.47 -11.64
CA MET E 302 5.08 -45.91 -12.92
C MET E 302 5.81 -44.79 -13.62
N GLY E 303 5.31 -43.57 -13.49
CA GLY E 303 6.01 -42.38 -14.00
C GLY E 303 7.26 -42.09 -13.18
N ALA E 304 7.17 -42.27 -11.86
CA ALA E 304 8.27 -41.94 -10.93
C ALA E 304 9.42 -42.94 -10.91
N ALA E 305 9.10 -44.24 -10.91
CA ALA E 305 10.10 -45.29 -10.77
C ALA E 305 10.60 -45.83 -12.11
N TYR E 306 9.73 -45.85 -13.14
CA TYR E 306 10.09 -46.43 -14.43
C TYR E 306 9.88 -45.56 -15.69
N GLY E 307 9.61 -44.26 -15.60
CA GLY E 307 9.44 -43.41 -16.79
C GLY E 307 10.31 -42.16 -16.75
N ARG E 312 5.56 -32.39 -13.89
CA ARG E 312 5.53 -33.12 -12.63
C ARG E 312 6.08 -34.57 -12.67
N CYS E 313 7.30 -34.77 -13.22
CA CYS E 313 8.01 -36.10 -13.12
C CYS E 313 8.78 -36.22 -11.80
N MET E 314 8.55 -37.29 -11.05
CA MET E 314 8.94 -37.36 -9.63
C MET E 314 9.89 -38.50 -9.37
N ALA E 315 10.68 -38.38 -8.32
CA ALA E 315 11.52 -39.46 -7.83
C ALA E 315 10.80 -40.12 -6.66
N ILE E 316 10.48 -41.41 -6.80
CA ILE E 316 9.93 -42.20 -5.70
C ILE E 316 10.63 -43.54 -5.77
N SER E 317 11.14 -44.02 -4.64
CA SER E 317 11.78 -45.34 -4.62
C SER E 317 11.19 -46.34 -3.63
N VAL E 318 10.22 -45.91 -2.84
CA VAL E 318 9.60 -46.77 -1.84
C VAL E 318 8.11 -46.48 -1.82
N ALA E 319 7.32 -47.54 -1.85
CA ALA E 319 5.88 -47.45 -1.72
C ALA E 319 5.47 -48.13 -0.42
N VAL E 320 5.10 -47.33 0.57
CA VAL E 320 4.66 -47.82 1.86
C VAL E 320 3.18 -48.11 1.76
N CYS E 321 2.79 -49.38 1.87
CA CYS E 321 1.38 -49.77 1.79
C CYS E 321 0.81 -50.05 3.17
N VAL E 322 -0.30 -49.41 3.51
CA VAL E 322 -0.98 -49.69 4.78
C VAL E 322 -1.95 -50.85 4.54
N GLY E 323 -1.64 -51.99 5.16
CA GLY E 323 -2.42 -53.21 5.00
C GLY E 323 -1.95 -54.04 3.83
N ASP E 324 -2.23 -55.35 3.93
CA ASP E 324 -1.75 -56.28 2.91
C ASP E 324 -2.58 -56.24 1.63
N GLN E 325 -3.87 -55.93 1.75
CA GLN E 325 -4.79 -55.95 0.60
C GLN E 325 -4.29 -55.02 -0.50
N ILE E 326 -4.08 -53.75 -0.13
CA ILE E 326 -3.63 -52.74 -1.08
C ILE E 326 -2.27 -53.05 -1.68
N ALA E 327 -1.39 -53.65 -0.87
CA ALA E 327 -0.09 -54.08 -1.36
C ALA E 327 -0.21 -55.22 -2.40
N ASP E 328 -0.97 -56.27 -2.07
CA ASP E 328 -1.20 -57.38 -3.02
C ASP E 328 -1.81 -56.83 -4.32
N ALA E 329 -2.80 -55.94 -4.17
CA ALA E 329 -3.41 -55.31 -5.33
C ALA E 329 -2.45 -54.46 -6.16
N LEU E 330 -1.61 -53.68 -5.48
CA LEU E 330 -0.63 -52.84 -6.17
C LEU E 330 0.32 -53.69 -7.02
N VAL E 331 0.80 -54.80 -6.43
CA VAL E 331 1.74 -55.69 -7.12
C VAL E 331 1.09 -56.25 -8.38
N GLN E 332 -0.16 -56.69 -8.23
CA GLN E 332 -0.94 -57.22 -9.35
C GLN E 332 -0.97 -56.28 -10.56
N LYS E 333 -1.12 -54.98 -10.28
CA LYS E 333 -1.15 -53.99 -11.35
C LYS E 333 0.25 -53.60 -11.85
N LEU E 334 1.23 -53.53 -10.95
CA LEU E 334 2.57 -53.07 -11.35
C LEU E 334 3.27 -54.05 -12.33
N VAL E 335 3.16 -55.35 -12.05
CA VAL E 335 3.96 -56.35 -12.74
C VAL E 335 3.78 -56.32 -14.27
N PRO E 336 2.51 -56.38 -14.78
CA PRO E 336 2.30 -56.27 -16.23
C PRO E 336 2.93 -55.03 -16.86
N GLN E 337 2.80 -53.88 -16.19
CA GLN E 337 3.26 -52.64 -16.76
C GLN E 337 4.78 -52.49 -16.74
N ILE E 338 5.49 -53.21 -15.87
CA ILE E 338 6.94 -53.34 -16.08
C ILE E 338 7.20 -54.33 -17.28
N LYS E 339 6.84 -53.85 -18.44
CA LYS E 339 7.26 -54.50 -19.69
C LYS E 339 7.95 -53.47 -20.60
N ARG E 362 29.57 -52.56 -12.71
CA ARG E 362 28.55 -53.42 -13.31
C ARG E 362 27.94 -54.36 -12.25
N ASP E 363 28.82 -55.02 -11.52
CA ASP E 363 28.43 -56.05 -10.53
C ASP E 363 27.64 -55.49 -9.34
N LYS E 364 27.88 -54.22 -8.97
CA LYS E 364 27.18 -53.48 -7.93
C LYS E 364 25.67 -53.63 -7.85
N VAL E 365 25.01 -53.78 -9.00
CA VAL E 365 23.55 -53.99 -9.00
C VAL E 365 23.20 -55.43 -8.67
N THR E 366 23.95 -56.36 -9.24
CA THR E 366 23.75 -57.76 -8.93
C THR E 366 23.93 -57.98 -7.43
N GLY E 367 24.94 -57.34 -6.85
CA GLY E 367 25.20 -57.44 -5.42
C GLY E 367 24.02 -56.91 -4.61
N TYR E 368 23.48 -55.77 -5.04
CA TYR E 368 22.34 -55.16 -4.40
C TYR E 368 21.13 -56.10 -4.40
N ILE E 369 20.78 -56.61 -5.58
CA ILE E 369 19.62 -57.47 -5.72
C ILE E 369 19.83 -58.77 -4.92
N ASP E 370 21.01 -59.37 -5.09
CA ASP E 370 21.33 -60.61 -4.38
C ASP E 370 21.19 -60.48 -2.87
N THR E 371 21.72 -59.40 -2.30
CA THR E 371 21.54 -59.15 -0.87
C THR E 371 20.06 -59.10 -0.48
N GLY E 372 19.25 -58.50 -1.34
CA GLY E 372 17.82 -58.36 -1.07
C GLY E 372 17.15 -59.69 -0.90
N VAL E 373 17.41 -60.57 -1.85
CA VAL E 373 16.85 -61.93 -1.79
C VAL E 373 17.35 -62.63 -0.52
N ALA E 374 18.65 -62.56 -0.28
CA ALA E 374 19.29 -63.16 0.89
C ALA E 374 18.64 -62.78 2.21
N GLN E 375 18.25 -61.52 2.37
CA GLN E 375 17.68 -61.06 3.64
C GLN E 375 16.16 -61.21 3.74
N GLY E 376 15.53 -61.81 2.73
CA GLY E 376 14.13 -62.24 2.83
C GLY E 376 13.10 -61.38 2.14
N ALA E 377 13.54 -60.48 1.25
CA ALA E 377 12.62 -59.71 0.43
C ALA E 377 12.17 -60.58 -0.72
N GLU E 378 10.98 -60.29 -1.24
CA GLU E 378 10.41 -61.03 -2.35
C GLU E 378 10.76 -60.29 -3.63
N LEU E 379 11.59 -60.89 -4.47
CA LEU E 379 11.98 -60.28 -5.74
C LEU E 379 10.89 -60.60 -6.75
N VAL E 380 10.03 -59.64 -7.04
CA VAL E 380 8.83 -59.87 -7.84
C VAL E 380 9.10 -59.71 -9.32
N VAL E 381 9.92 -58.74 -9.69
CA VAL E 381 10.34 -58.55 -11.08
C VAL E 381 11.83 -58.24 -11.05
N ASP E 382 12.60 -59.08 -11.72
CA ASP E 382 14.04 -58.97 -11.78
C ASP E 382 14.35 -58.38 -13.14
N GLY E 383 14.90 -57.16 -13.13
CA GLY E 383 15.11 -56.42 -14.35
C GLY E 383 16.41 -56.66 -15.09
N ARG E 384 17.20 -57.66 -14.69
CA ARG E 384 18.45 -57.97 -15.38
C ARG E 384 18.11 -58.83 -16.57
N LEU E 397 20.16 -52.62 -16.39
CA LEU E 397 19.06 -53.15 -15.62
C LEU E 397 17.72 -52.52 -16.06
N GLY E 398 16.75 -53.37 -16.43
CA GLY E 398 15.35 -53.00 -16.58
C GLY E 398 14.62 -52.85 -15.27
N GLY E 399 13.33 -52.64 -15.34
CA GLY E 399 12.50 -52.45 -14.15
C GLY E 399 12.55 -53.59 -13.14
N THR E 400 12.93 -53.24 -11.91
CA THR E 400 13.02 -54.21 -10.83
C THR E 400 12.03 -53.83 -9.73
N LEU E 401 11.36 -54.83 -9.16
CA LEU E 401 10.40 -54.64 -8.09
C LEU E 401 10.67 -55.59 -6.95
N PHE E 402 10.75 -55.03 -5.74
CA PHE E 402 10.90 -55.81 -4.50
C PHE E 402 9.67 -55.61 -3.65
N ASP E 403 9.19 -56.69 -3.05
CA ASP E 403 8.08 -56.63 -2.12
C ASP E 403 8.58 -57.11 -0.77
N ARG E 404 7.80 -56.85 0.28
CA ARG E 404 8.07 -57.36 1.62
C ARG E 404 9.40 -56.88 2.18
N VAL E 405 9.68 -55.61 1.90
CA VAL E 405 10.92 -54.96 2.26
C VAL E 405 10.72 -54.34 3.63
N THR E 406 11.79 -54.30 4.41
CA THR E 406 11.78 -53.84 5.79
C THR E 406 12.93 -52.85 5.91
N PRO E 407 12.89 -51.95 6.92
CA PRO E 407 13.97 -50.96 7.00
C PRO E 407 15.33 -51.50 7.46
N GLU E 408 15.37 -52.75 7.94
CA GLU E 408 16.59 -53.40 8.39
C GLU E 408 17.37 -53.96 7.21
N MET E 409 16.72 -54.16 6.06
CA MET E 409 17.40 -54.69 4.89
C MET E 409 18.33 -53.67 4.27
N THR E 410 19.35 -54.19 3.61
CA THR E 410 20.32 -53.41 2.90
C THR E 410 19.67 -52.72 1.69
N ILE E 411 18.73 -53.39 1.04
CA ILE E 411 18.09 -52.75 -0.13
C ILE E 411 17.24 -51.53 0.23
N TYR E 412 16.85 -51.39 1.49
CA TYR E 412 16.22 -50.16 1.96
C TYR E 412 17.24 -49.09 2.31
N LYS E 413 18.34 -49.47 2.96
CA LYS E 413 19.34 -48.53 3.48
C LYS E 413 20.25 -47.97 2.40
N GLU E 414 20.60 -48.77 1.40
CA GLU E 414 21.48 -48.34 0.33
C GLU E 414 20.70 -47.88 -0.87
N GLU E 415 21.02 -46.72 -1.42
CA GLU E 415 20.29 -46.25 -2.61
C GLU E 415 21.11 -46.77 -3.79
N ILE E 416 20.42 -47.12 -4.84
CA ILE E 416 20.97 -47.79 -5.99
C ILE E 416 20.58 -47.04 -7.24
N PHE E 417 21.51 -46.94 -8.19
CA PHE E 417 21.17 -46.38 -9.50
C PHE E 417 20.21 -47.31 -10.24
N GLY E 418 19.19 -46.75 -10.85
CA GLY E 418 18.35 -47.48 -11.77
C GLY E 418 16.90 -47.61 -11.34
N PRO E 419 16.07 -48.20 -12.21
CA PRO E 419 14.62 -48.32 -12.01
C PRO E 419 14.27 -49.38 -10.97
N VAL E 420 14.31 -49.01 -9.69
CA VAL E 420 14.02 -49.95 -8.64
C VAL E 420 13.00 -49.39 -7.68
N LEU E 421 11.93 -50.13 -7.43
CA LEU E 421 10.94 -49.77 -6.44
C LEU E 421 10.88 -50.85 -5.36
N CYS E 422 10.75 -50.43 -4.10
CA CYS E 422 10.54 -51.34 -2.99
C CYS E 422 9.20 -51.07 -2.40
N ILE E 423 8.46 -52.14 -2.13
CA ILE E 423 7.20 -52.06 -1.42
C ILE E 423 7.46 -52.44 0.03
N VAL E 424 7.00 -51.60 0.94
CA VAL E 424 7.10 -51.86 2.37
C VAL E 424 5.69 -51.94 2.92
N ARG E 425 5.37 -53.09 3.53
CA ARG E 425 4.05 -53.34 4.10
C ARG E 425 4.06 -52.91 5.54
N VAL E 426 3.02 -52.23 5.95
CA VAL E 426 2.94 -51.64 7.26
C VAL E 426 1.47 -51.69 7.71
N ASN E 427 1.21 -51.60 9.01
CA ASN E 427 -0.14 -51.86 9.54
C ASN E 427 -1.01 -50.63 9.81
N SER E 428 -0.39 -49.46 9.95
CA SER E 428 -1.13 -48.25 10.25
C SER E 428 -0.49 -47.06 9.54
N LEU E 429 -1.25 -45.99 9.43
CA LEU E 429 -0.71 -44.74 8.90
C LEU E 429 0.38 -44.19 9.81
N GLU E 430 0.19 -44.32 11.12
CA GLU E 430 1.19 -43.86 12.10
C GLU E 430 2.52 -44.53 11.84
N GLU E 431 2.49 -45.83 11.62
CA GLU E 431 3.69 -46.59 11.31
C GLU E 431 4.32 -46.09 10.01
N ALA E 432 3.52 -45.82 8.98
CA ALA E 432 4.04 -45.29 7.71
C ALA E 432 4.72 -43.94 7.91
N MET E 433 4.09 -43.05 8.67
CA MET E 433 4.65 -41.72 8.90
C MET E 433 5.92 -41.81 9.73
N GLN E 434 5.89 -42.69 10.74
CA GLN E 434 7.07 -42.89 11.57
C GLN E 434 8.19 -43.48 10.74
N LEU E 435 7.88 -44.42 9.85
CA LEU E 435 8.90 -44.94 8.94
C LEU E 435 9.57 -43.82 8.17
N ILE E 436 8.77 -42.96 7.53
CA ILE E 436 9.34 -41.90 6.68
C ILE E 436 10.11 -40.87 7.49
N ASN E 437 9.54 -40.44 8.62
CA ASN E 437 10.15 -39.43 9.47
C ASN E 437 11.44 -39.86 10.16
N ASP E 438 11.54 -41.14 10.53
CA ASP E 438 12.69 -41.63 11.31
C ASP E 438 13.95 -41.90 10.51
N HIS E 439 13.92 -41.74 9.20
CA HIS E 439 15.11 -41.94 8.38
C HIS E 439 15.56 -40.59 7.79
N GLU E 440 16.56 -40.60 6.91
CA GLU E 440 17.04 -39.36 6.31
C GLU E 440 16.00 -38.95 5.27
N TYR E 441 14.95 -38.26 5.74
CA TYR E 441 13.77 -38.01 4.92
C TYR E 441 14.08 -37.09 3.75
N GLY E 442 13.37 -37.31 2.66
CA GLY E 442 13.67 -36.62 1.42
C GLY E 442 12.98 -35.28 1.28
N ASN E 443 12.82 -34.89 0.03
CA ASN E 443 12.31 -33.59 -0.33
C ASN E 443 10.92 -33.66 -0.98
N GLY E 444 10.32 -34.83 -0.99
CA GLY E 444 8.99 -35.02 -1.56
C GLY E 444 8.36 -36.29 -1.03
N THR E 445 7.06 -36.25 -0.87
CA THR E 445 6.33 -37.43 -0.48
C THR E 445 4.88 -37.31 -0.92
N CYS E 446 4.25 -38.46 -1.12
CA CYS E 446 2.85 -38.53 -1.53
C CYS E 446 2.06 -39.41 -0.60
N ILE E 447 0.78 -39.13 -0.51
CA ILE E 447 -0.16 -40.08 0.08
C ILE E 447 -1.32 -40.26 -0.89
N PHE E 448 -1.73 -41.50 -1.08
CA PHE E 448 -2.86 -41.83 -1.94
C PHE E 448 -3.99 -42.40 -1.10
N THR E 449 -5.12 -41.69 -1.12
CA THR E 449 -6.26 -41.97 -0.27
C THR E 449 -7.45 -41.15 -0.69
N ARG E 450 -8.63 -41.61 -0.30
CA ARG E 450 -9.88 -40.88 -0.48
C ARG E 450 -10.33 -40.21 0.80
N ASP E 451 -9.70 -40.54 1.92
CA ASP E 451 -10.10 -40.06 3.23
C ASP E 451 -9.51 -38.66 3.50
N GLY E 452 -10.36 -37.71 3.85
CA GLY E 452 -9.94 -36.36 4.17
C GLY E 452 -9.14 -36.29 5.46
N GLU E 453 -9.55 -37.06 6.46
CA GLU E 453 -8.88 -37.04 7.77
C GLU E 453 -7.49 -37.60 7.70
N ALA E 454 -7.31 -38.70 6.97
CA ALA E 454 -6.00 -39.28 6.72
C ALA E 454 -5.07 -38.26 6.07
N ALA E 455 -5.52 -37.68 4.96
CA ALA E 455 -4.72 -36.70 4.26
C ALA E 455 -4.33 -35.52 5.16
N ARG E 456 -5.27 -35.01 5.95
CA ARG E 456 -4.95 -33.87 6.80
C ARG E 456 -3.88 -34.24 7.80
N LEU E 457 -4.02 -35.42 8.38
CA LEU E 457 -3.08 -35.89 9.38
C LEU E 457 -1.70 -36.09 8.79
N PHE E 458 -1.65 -36.72 7.62
CA PHE E 458 -0.39 -36.93 6.92
C PHE E 458 0.32 -35.61 6.68
N CYS E 459 -0.41 -34.63 6.16
CA CYS E 459 0.17 -33.31 5.88
C CYS E 459 0.63 -32.61 7.15
N ASP E 460 -0.07 -32.82 8.26
CA ASP E 460 0.33 -32.23 9.54
C ASP E 460 1.58 -32.87 10.12
N GLU E 461 1.65 -34.20 10.17
CA GLU E 461 2.70 -34.87 10.93
C GLU E 461 3.92 -35.34 10.15
N ILE E 462 3.81 -35.45 8.82
CA ILE E 462 4.97 -35.81 8.03
C ILE E 462 5.95 -34.64 8.11
N GLU E 463 7.26 -34.91 8.04
CA GLU E 463 8.27 -33.84 8.15
C GLU E 463 8.85 -33.39 6.82
N VAL E 464 8.41 -34.02 5.73
CA VAL E 464 8.89 -33.68 4.41
C VAL E 464 8.26 -32.35 4.01
N GLY E 465 9.05 -31.53 3.34
CA GLY E 465 8.65 -30.16 3.05
C GLY E 465 7.60 -30.00 1.97
N MET E 466 7.63 -30.84 0.94
CA MET E 466 6.62 -30.86 -0.09
C MET E 466 5.81 -32.14 -0.06
N VAL E 467 4.49 -32.00 -0.11
CA VAL E 467 3.59 -33.12 -0.01
C VAL E 467 2.59 -33.12 -1.15
N GLY E 468 2.34 -34.31 -1.69
CA GLY E 468 1.37 -34.50 -2.75
C GLY E 468 0.27 -35.42 -2.29
N VAL E 469 -0.98 -34.96 -2.36
CA VAL E 469 -2.11 -35.78 -1.98
C VAL E 469 -2.80 -36.23 -3.27
N ASN E 470 -2.74 -37.52 -3.54
CA ASN E 470 -3.17 -38.13 -4.80
C ASN E 470 -2.57 -37.51 -6.06
N VAL E 471 -1.41 -36.88 -5.90
CA VAL E 471 -0.77 -36.23 -7.03
C VAL E 471 0.74 -36.25 -6.82
N PRO E 472 1.49 -36.52 -7.90
CA PRO E 472 2.95 -36.49 -7.78
C PRO E 472 3.47 -35.07 -7.79
N LEU E 473 4.73 -34.89 -7.39
CA LEU E 473 5.33 -33.55 -7.24
C LEU E 473 6.48 -33.38 -8.23
N PRO E 474 6.77 -32.14 -8.68
CA PRO E 474 7.91 -31.87 -9.57
C PRO E 474 9.24 -31.84 -8.81
N VAL E 475 9.66 -33.03 -8.34
CA VAL E 475 10.89 -33.20 -7.58
C VAL E 475 11.61 -34.40 -8.17
N PRO E 476 12.42 -34.20 -9.23
CA PRO E 476 12.95 -35.33 -9.98
C PRO E 476 14.09 -36.12 -9.34
N VAL E 477 14.73 -35.57 -8.31
CA VAL E 477 15.77 -36.30 -7.57
C VAL E 477 15.54 -36.11 -6.09
N ALA E 478 15.75 -37.17 -5.32
CA ALA E 478 15.51 -37.13 -3.88
C ALA E 478 16.77 -36.73 -3.14
N TYR E 479 16.64 -35.74 -2.25
CA TYR E 479 17.74 -35.27 -1.42
C TYR E 479 17.26 -35.04 -0.01
N HIS E 480 18.16 -35.32 0.92
CA HIS E 480 18.01 -34.96 2.33
C HIS E 480 18.90 -33.74 2.55
N SER E 481 18.46 -32.83 3.41
CA SER E 481 19.14 -31.60 3.71
C SER E 481 19.75 -31.68 5.10
N PHE E 482 21.05 -31.41 5.22
CA PHE E 482 21.74 -31.46 6.51
C PHE E 482 21.84 -30.13 7.22
N GLY E 483 21.93 -30.21 8.55
CA GLY E 483 22.25 -29.07 9.40
C GLY E 483 21.12 -28.07 9.50
N GLY E 484 21.49 -26.84 9.87
CA GLY E 484 20.54 -25.72 9.97
C GLY E 484 20.54 -24.75 8.79
N TRP E 485 21.56 -24.83 7.93
CA TRP E 485 21.61 -24.02 6.73
C TRP E 485 20.93 -24.79 5.61
N LYS E 486 19.60 -24.71 5.59
CA LYS E 486 18.78 -25.54 4.73
C LYS E 486 18.25 -24.80 3.53
N ARG E 487 18.42 -25.39 2.37
CA ARG E 487 17.95 -24.83 1.10
C ARG E 487 17.21 -25.91 0.32
N SER E 488 16.13 -25.55 -0.34
CA SER E 488 15.37 -26.46 -1.17
C SER E 488 15.87 -26.27 -2.61
N LEU E 489 16.04 -27.35 -3.33
CA LEU E 489 16.55 -27.29 -4.69
C LEU E 489 15.43 -27.12 -5.70
N PHE E 490 14.26 -27.70 -5.41
CA PHE E 490 13.18 -27.77 -6.39
C PHE E 490 11.94 -26.96 -6.02
N GLY E 491 11.93 -26.32 -4.84
CA GLY E 491 10.85 -25.42 -4.46
C GLY E 491 10.65 -24.19 -5.34
N ASP E 492 9.59 -23.43 -5.07
CA ASP E 492 9.38 -22.13 -5.72
C ASP E 492 10.52 -21.23 -5.32
N LEU E 493 11.25 -20.70 -6.31
CA LEU E 493 12.41 -19.87 -6.02
C LEU E 493 12.09 -18.69 -5.12
N HIS E 494 10.97 -18.03 -5.40
CA HIS E 494 10.53 -16.89 -4.59
C HIS E 494 10.21 -17.27 -3.17
N ALA E 495 9.85 -18.53 -2.93
CA ALA E 495 9.55 -18.98 -1.58
C ALA E 495 10.78 -19.41 -0.79
N TYR E 496 11.71 -20.12 -1.42
CA TYR E 496 12.90 -20.64 -0.72
C TYR E 496 14.18 -19.84 -1.00
N GLY E 497 14.10 -18.84 -1.87
CA GLY E 497 15.23 -17.96 -2.15
C GLY E 497 15.82 -17.24 -0.94
N PRO E 498 14.96 -16.68 -0.07
CA PRO E 498 15.48 -16.03 1.14
C PRO E 498 16.39 -16.90 1.98
N ASP E 499 16.17 -18.21 1.99
CA ASP E 499 17.08 -19.10 2.72
C ASP E 499 18.48 -19.06 2.11
N GLY E 500 18.55 -19.01 0.78
CA GLY E 500 19.83 -18.84 0.07
C GLY E 500 20.49 -17.52 0.44
N VAL E 501 19.70 -16.45 0.38
CA VAL E 501 20.21 -15.13 0.72
C VAL E 501 20.76 -15.09 2.13
N ARG E 502 20.09 -15.76 3.07
CA ARG E 502 20.54 -15.74 4.44
C ARG E 502 21.82 -16.58 4.63
N PHE E 503 21.98 -17.62 3.83
CA PHE E 503 23.18 -18.45 3.88
C PHE E 503 24.41 -17.69 3.38
N TYR E 504 24.23 -16.80 2.42
CA TYR E 504 25.33 -16.06 1.82
C TYR E 504 25.51 -14.65 2.38
N THR E 505 24.79 -14.30 3.46
CA THR E 505 24.92 -12.98 4.06
C THR E 505 24.97 -13.03 5.57
N LYS E 506 25.42 -11.93 6.15
CA LYS E 506 25.43 -11.77 7.60
C LYS E 506 24.77 -10.43 7.90
N ARG E 507 24.00 -10.39 8.95
CA ARG E 507 23.33 -9.17 9.35
C ARG E 507 24.27 -8.35 10.24
N LYS E 508 24.21 -7.05 10.08
CA LYS E 508 24.96 -6.16 10.95
C LYS E 508 24.17 -4.98 11.43
N ALA E 509 24.37 -4.60 12.68
CA ALA E 509 23.71 -3.47 13.31
C ALA E 509 24.76 -2.54 13.86
N ILE E 510 24.88 -1.35 13.27
CA ILE E 510 25.89 -0.39 13.64
C ILE E 510 25.29 0.80 14.37
N THR E 511 25.94 1.24 15.43
CA THR E 511 25.61 2.49 16.12
C THR E 511 26.87 3.33 16.13
N GLN E 512 26.77 4.62 15.81
CA GLN E 512 27.95 5.46 15.57
C GLN E 512 27.81 6.87 16.11
N ARG E 513 28.91 7.36 16.68
CA ARG E 513 29.02 8.73 17.17
C ARG E 513 30.44 9.17 16.89
N TRP E 514 30.61 10.40 16.45
CA TRP E 514 31.92 11.01 16.32
C TRP E 514 32.07 12.03 17.43
N PRO E 515 32.84 11.69 18.47
CA PRO E 515 32.85 12.53 19.64
C PRO E 515 33.46 13.90 19.31
N GLN E 516 32.89 14.95 19.90
CA GLN E 516 33.15 16.31 19.48
C GLN E 516 34.42 16.90 20.05
N ARG E 517 34.91 17.93 19.37
CA ARG E 517 35.98 18.77 19.84
C ARG E 517 35.36 20.14 20.11
N LYS E 518 36.07 20.92 20.94
CA LYS E 518 35.64 22.29 21.25
C LYS E 518 35.96 23.28 20.11
N SER E 519 37.05 23.04 19.39
CA SER E 519 37.55 23.91 18.32
C SER E 519 38.16 23.05 17.19
N HIS E 520 38.16 23.57 15.96
CA HIS E 520 38.62 22.80 14.79
C HIS E 520 39.73 23.46 13.99
N GLU E 521 40.67 24.04 14.72
CA GLU E 521 41.85 24.66 14.12
C GLU E 521 42.79 23.58 13.62
N ALA E 522 43.62 23.92 12.65
CA ALA E 522 44.59 22.98 12.06
C ALA E 522 45.43 22.19 13.05
N ALA E 523 45.74 22.81 14.20
CA ALA E 523 46.48 22.13 15.29
C ALA E 523 45.84 20.83 15.82
N GLN E 524 44.55 20.62 15.58
CA GLN E 524 43.85 19.44 16.06
C GLN E 524 43.90 18.24 15.10
N PHE E 525 44.64 18.34 14.00
CA PHE E 525 44.73 17.26 13.01
C PHE E 525 46.21 16.90 12.76
N ALA E 526 46.44 15.83 11.99
CA ALA E 526 47.81 15.30 11.80
C ALA E 526 48.36 15.54 10.38
N PHE E 527 49.68 15.69 10.23
CA PHE E 527 50.31 15.72 8.90
C PHE E 527 51.31 14.60 8.70
N MET F 34 -0.07 47.76 39.80
CA MET F 34 0.68 47.62 38.52
C MET F 34 1.94 46.74 38.73
N THR F 35 1.79 45.44 38.52
CA THR F 35 2.90 44.47 38.36
C THR F 35 3.67 44.62 37.02
N LEU F 36 4.78 43.89 36.84
CA LEU F 36 5.60 44.01 35.62
C LEU F 36 5.85 42.66 34.96
N ILE F 37 5.74 42.62 33.64
CA ILE F 37 5.89 41.38 32.86
C ILE F 37 7.36 41.23 32.45
N LYS F 38 7.87 40.01 32.62
CA LYS F 38 9.28 39.69 32.44
C LYS F 38 9.57 39.10 31.04
N HIS F 39 10.80 39.25 30.56
CA HIS F 39 11.28 38.53 29.37
C HIS F 39 11.52 37.07 29.71
N LEU F 40 11.60 36.21 28.70
CA LEU F 40 11.94 34.79 28.91
C LEU F 40 13.16 34.44 28.05
N ILE F 41 14.31 34.98 28.43
CA ILE F 41 15.58 34.67 27.75
C ILE F 41 16.32 33.53 28.47
N GLY F 42 17.02 32.71 27.71
CA GLY F 42 17.87 31.65 28.26
C GLY F 42 17.24 30.75 29.32
N GLY F 43 15.94 30.54 29.24
CA GLY F 43 15.25 29.65 30.18
C GLY F 43 14.74 30.27 31.48
N GLU F 44 15.13 31.51 31.78
CA GLU F 44 14.68 32.20 32.99
C GLU F 44 14.06 33.52 32.70
N LEU F 45 13.16 33.98 33.60
CA LEU F 45 12.49 35.24 33.49
C LEU F 45 13.34 36.43 33.91
N ILE F 46 13.56 37.36 33.00
CA ILE F 46 14.36 38.55 33.29
C ILE F 46 13.42 39.75 33.49
N ALA F 47 13.77 40.62 34.43
CA ALA F 47 13.08 41.90 34.62
C ALA F 47 13.92 43.01 34.00
N ASP F 48 13.35 43.71 33.02
CA ASP F 48 14.01 44.86 32.37
C ASP F 48 13.34 46.11 32.95
N THR F 49 14.16 47.11 33.27
CA THR F 49 13.66 48.46 33.61
C THR F 49 14.48 49.46 32.79
N GLY F 50 13.78 50.25 31.99
CA GLY F 50 14.39 51.16 31.02
C GLY F 50 13.19 51.82 30.36
N ARG F 51 13.13 51.87 29.03
CA ARG F 51 11.90 52.30 28.33
C ARG F 51 10.75 51.36 28.67
N THR F 52 9.52 51.85 28.68
CA THR F 52 8.40 50.98 29.24
C THR F 52 7.05 51.57 28.95
N ALA F 53 6.14 50.77 28.37
CA ALA F 53 4.77 51.21 28.04
C ALA F 53 3.77 50.43 28.87
N ASP F 54 2.49 50.76 28.71
CA ASP F 54 1.44 50.21 29.57
C ASP F 54 0.46 49.37 28.77
N VAL F 55 0.09 48.22 29.33
CA VAL F 55 -0.94 47.37 28.74
C VAL F 55 -2.26 47.78 29.41
N PHE F 56 -3.24 48.17 28.59
CA PHE F 56 -4.57 48.54 29.11
C PHE F 56 -5.50 47.33 28.99
N ASN F 57 -6.63 47.42 29.67
CA ASN F 57 -7.69 46.45 29.57
C ASN F 57 -8.86 47.01 28.72
N PRO F 58 -8.87 46.74 27.42
CA PRO F 58 -9.72 47.53 26.52
C PRO F 58 -11.16 47.78 26.93
N SER F 59 -11.86 46.77 27.47
CA SER F 59 -13.21 46.96 28.03
C SER F 59 -13.28 47.68 29.40
N THR F 60 -12.18 47.80 30.13
CA THR F 60 -12.08 48.63 31.34
C THR F 60 -11.36 49.96 31.12
N GLY F 61 -10.78 50.21 29.93
CA GLY F 61 -10.12 51.46 29.61
C GLY F 61 -8.97 51.79 30.52
N GLU F 62 -8.60 50.85 31.43
CA GLU F 62 -7.69 51.12 32.57
C GLU F 62 -6.40 50.31 32.39
N ALA F 63 -5.25 50.99 32.40
CA ALA F 63 -3.92 50.34 32.38
C ALA F 63 -3.71 49.34 33.53
N VAL F 64 -3.35 48.10 33.20
CA VAL F 64 -3.21 47.04 34.22
C VAL F 64 -1.73 46.74 34.53
N ARG F 65 -0.86 46.69 33.51
CA ARG F 65 0.54 46.28 33.66
C ARG F 65 1.49 47.07 32.76
N LYS F 66 2.78 46.87 33.01
CA LYS F 66 3.86 47.53 32.25
C LYS F 66 4.73 46.52 31.49
N VAL F 67 5.20 46.94 30.30
CA VAL F 67 5.93 46.07 29.37
C VAL F 67 7.26 46.70 28.95
N PRO F 68 8.35 45.92 28.95
CA PRO F 68 9.67 46.52 28.72
C PRO F 68 10.11 46.60 27.25
N LEU F 69 10.24 47.80 26.73
CA LEU F 69 10.75 48.01 25.38
C LEU F 69 12.26 47.79 25.37
N ALA F 70 12.71 46.68 24.77
CA ALA F 70 14.09 46.20 24.96
C ALA F 70 15.10 46.86 24.04
N ASP F 71 16.31 47.00 24.54
CA ASP F 71 17.45 47.56 23.76
C ASP F 71 18.11 46.46 22.98
N ARG F 72 19.06 46.82 22.12
CA ARG F 72 19.84 45.85 21.37
C ARG F 72 20.63 44.87 22.26
N GLU F 73 21.04 45.32 23.46
CA GLU F 73 21.79 44.46 24.38
C GLU F 73 20.89 43.35 24.90
N THR F 74 19.68 43.72 25.32
CA THR F 74 18.74 42.73 25.82
C THR F 74 18.33 41.72 24.73
N MET F 75 18.37 42.14 23.47
CA MET F 75 18.09 41.22 22.37
C MET F 75 19.27 40.31 22.11
N GLN F 76 20.45 40.90 22.01
CA GLN F 76 21.68 40.12 21.85
C GLN F 76 21.82 39.04 22.89
N GLN F 77 21.29 39.27 24.09
CA GLN F 77 21.19 38.21 25.09
C GLN F 77 20.44 37.02 24.52
N ALA F 78 19.22 37.27 24.03
CA ALA F 78 18.35 36.23 23.43
C ALA F 78 19.02 35.54 22.25
N ILE F 79 19.59 36.33 21.35
CA ILE F 79 20.27 35.78 20.20
C ILE F 79 21.39 34.82 20.64
N ASP F 80 22.24 35.27 21.55
CA ASP F 80 23.32 34.43 22.07
C ASP F 80 22.76 33.17 22.73
N ALA F 81 21.69 33.31 23.51
CA ALA F 81 21.04 32.17 24.15
C ALA F 81 20.58 31.14 23.11
N ALA F 82 19.98 31.62 22.03
CA ALA F 82 19.43 30.73 21.00
C ALA F 82 20.55 30.11 20.19
N LYS F 83 21.54 30.91 19.80
CA LYS F 83 22.74 30.42 19.13
C LYS F 83 23.43 29.31 19.92
N ALA F 84 23.45 29.44 21.25
CA ALA F 84 24.05 28.42 22.12
C ALA F 84 23.23 27.15 22.18
N ALA F 85 21.91 27.28 22.28
CA ALA F 85 21.03 26.10 22.37
C ALA F 85 20.96 25.27 21.10
N PHE F 86 21.25 25.90 19.95
CA PHE F 86 21.01 25.29 18.64
C PHE F 86 21.71 23.95 18.39
N PRO F 87 23.05 23.86 18.59
CA PRO F 87 23.70 22.59 18.25
C PRO F 87 23.19 21.39 19.04
N ALA F 88 22.94 21.54 20.34
CA ALA F 88 22.35 20.45 21.11
C ALA F 88 20.97 20.07 20.58
N TRP F 89 20.14 21.09 20.32
CA TRP F 89 18.75 20.87 19.92
C TRP F 89 18.68 20.25 18.56
N ARG F 90 19.55 20.70 17.65
CA ARG F 90 19.59 20.18 16.31
C ARG F 90 19.84 18.68 16.32
N ASN F 91 20.65 18.21 17.26
CA ASN F 91 20.96 16.79 17.35
C ASN F 91 20.06 16.01 18.27
N THR F 92 19.07 16.67 18.88
CA THR F 92 18.09 15.94 19.65
C THR F 92 17.30 14.99 18.72
N PRO F 93 17.07 13.75 19.15
CA PRO F 93 16.31 12.84 18.32
C PRO F 93 14.91 13.33 17.97
N PRO F 94 14.49 13.11 16.71
CA PRO F 94 13.12 13.41 16.28
C PRO F 94 12.06 13.01 17.29
N ALA F 95 12.14 11.78 17.79
CA ALA F 95 11.13 11.27 18.71
C ALA F 95 11.12 12.02 20.04
N LYS F 96 12.26 12.55 20.47
CA LYS F 96 12.31 13.32 21.71
C LYS F 96 11.70 14.70 21.51
N ARG F 97 11.93 15.30 20.35
CA ARG F 97 11.31 16.56 20.01
C ARG F 97 9.81 16.39 19.92
N ALA F 98 9.37 15.34 19.22
CA ALA F 98 7.94 15.02 19.19
C ALA F 98 7.38 14.87 20.61
N GLN F 99 8.15 14.28 21.50
CA GLN F 99 7.69 13.99 22.87
C GLN F 99 7.41 15.29 23.63
N VAL F 100 8.35 16.22 23.60
CA VAL F 100 8.19 17.48 24.32
C VAL F 100 7.02 18.31 23.76
N LEU F 101 6.80 18.24 22.45
CA LEU F 101 5.64 18.92 21.84
C LEU F 101 4.33 18.30 22.30
N PHE F 102 4.28 16.97 22.39
CA PHE F 102 3.06 16.30 22.80
C PHE F 102 2.65 16.69 24.21
N ARG F 103 3.62 16.86 25.11
CA ARG F 103 3.31 17.32 26.46
C ARG F 103 2.91 18.77 26.48
N PHE F 104 3.52 19.56 25.61
CA PHE F 104 3.13 20.96 25.44
C PHE F 104 1.66 21.07 25.05
N LYS F 105 1.20 20.22 24.13
CA LYS F 105 -0.21 20.17 23.77
C LYS F 105 -1.10 19.86 24.98
N GLN F 106 -0.67 18.92 25.82
CA GLN F 106 -1.46 18.54 27.00
C GLN F 106 -1.52 19.68 28.01
N LEU F 107 -0.37 20.27 28.30
CA LEU F 107 -0.33 21.38 29.26
C LEU F 107 -1.11 22.61 28.79
N LEU F 108 -1.34 22.78 27.49
CA LEU F 108 -2.23 23.83 27.00
C LEU F 108 -3.69 23.45 27.20
N GLU F 109 -4.07 22.24 26.80
CA GLU F 109 -5.42 21.74 27.05
C GLU F 109 -5.75 21.65 28.55
N ALA F 110 -4.72 21.65 29.40
CA ALA F 110 -4.91 21.69 30.86
C ALA F 110 -5.20 23.09 31.34
N ASN F 111 -4.38 24.06 30.96
CA ASN F 111 -4.56 25.45 31.37
C ASN F 111 -5.44 26.32 30.44
N GLU F 112 -6.45 25.78 29.76
CA GLU F 112 -7.21 26.61 28.79
C GLU F 112 -7.88 27.80 29.46
N GLU F 113 -8.67 27.52 30.51
CA GLU F 113 -9.41 28.56 31.22
C GLU F 113 -8.47 29.72 31.59
N ARG F 114 -7.32 29.39 32.13
CA ARG F 114 -6.36 30.40 32.58
C ARG F 114 -5.85 31.27 31.42
N ILE F 115 -5.63 30.63 30.27
CA ILE F 115 -5.06 31.25 29.09
C ILE F 115 -6.11 32.18 28.51
N VAL F 116 -7.30 31.64 28.21
CA VAL F 116 -8.30 32.40 27.53
C VAL F 116 -8.59 33.66 28.31
N LYS F 117 -8.71 33.55 29.64
CA LYS F 117 -8.93 34.72 30.50
C LYS F 117 -7.90 35.83 30.17
N LEU F 118 -6.63 35.41 30.04
CA LEU F 118 -5.58 36.31 29.71
C LEU F 118 -5.63 36.96 28.34
N ILE F 119 -6.30 36.31 27.40
CA ILE F 119 -6.47 36.88 26.05
C ILE F 119 -7.58 37.94 26.11
N SER F 120 -8.79 37.52 26.57
CA SER F 120 -9.93 38.43 26.69
C SER F 120 -9.62 39.65 27.53
N GLU F 121 -8.72 39.50 28.50
CA GLU F 121 -8.38 40.60 29.37
C GLU F 121 -7.57 41.71 28.69
N GLU F 122 -6.57 41.37 27.91
CA GLU F 122 -5.71 42.40 27.29
C GLU F 122 -6.04 42.74 25.84
N HIS F 123 -6.67 41.80 25.12
CA HIS F 123 -7.14 42.08 23.76
C HIS F 123 -8.59 42.55 23.73
N GLY F 124 -9.42 41.99 24.63
CA GLY F 124 -10.81 42.35 24.70
C GLY F 124 -11.59 41.63 23.64
N LYS F 125 -12.01 40.42 23.95
CA LYS F 125 -12.77 39.62 23.01
C LYS F 125 -13.55 38.59 23.75
N THR F 126 -14.70 38.25 23.17
CA THR F 126 -15.53 37.14 23.60
C THR F 126 -14.69 35.98 24.10
N ILE F 127 -14.91 35.51 25.31
CA ILE F 127 -14.20 34.34 25.83
C ILE F 127 -14.38 33.13 24.88
N GLU F 128 -15.57 33.02 24.28
CA GLU F 128 -15.85 31.97 23.30
C GLU F 128 -14.97 32.10 22.06
N ASP F 129 -14.73 33.33 21.60
CA ASP F 129 -13.78 33.59 20.51
C ASP F 129 -12.35 33.26 20.95
N ALA F 130 -11.95 33.78 22.09
CA ALA F 130 -10.61 33.52 22.63
C ALA F 130 -10.33 32.01 22.79
N ALA F 131 -11.31 31.24 23.24
CA ALA F 131 -11.16 29.79 23.34
C ALA F 131 -11.04 29.12 21.99
N GLY F 132 -11.80 29.62 21.00
CA GLY F 132 -11.73 29.11 19.63
C GLY F 132 -10.38 29.40 18.98
N GLU F 133 -9.78 30.53 19.32
CA GLU F 133 -8.43 30.86 18.87
C GLU F 133 -7.42 29.84 19.39
N LEU F 134 -7.45 29.60 20.69
CA LEU F 134 -6.52 28.66 21.31
C LEU F 134 -6.70 27.25 20.78
N LYS F 135 -7.94 26.84 20.52
CA LYS F 135 -8.19 25.55 19.90
C LYS F 135 -7.43 25.45 18.56
N ARG F 136 -7.36 26.54 17.82
CA ARG F 136 -6.60 26.59 16.56
C ARG F 136 -5.11 26.49 16.84
N GLY F 137 -4.61 27.28 17.79
CA GLY F 137 -3.20 27.19 18.20
C GLY F 137 -2.78 25.77 18.55
N ILE F 138 -3.66 25.08 19.27
CA ILE F 138 -3.42 23.71 19.63
C ILE F 138 -3.42 22.82 18.39
N GLU F 139 -4.26 23.09 17.41
CA GLU F 139 -4.19 22.31 16.15
C GLU F 139 -2.81 22.50 15.50
N ASN F 140 -2.26 23.71 15.58
CA ASN F 140 -0.93 23.98 15.07
C ASN F 140 0.13 23.19 15.84
N VAL F 141 -0.02 23.09 17.16
CA VAL F 141 0.91 22.31 17.96
C VAL F 141 0.76 20.82 17.63
N GLU F 142 -0.46 20.35 17.47
CA GLU F 142 -0.69 18.95 17.08
C GLU F 142 -0.04 18.65 15.72
N TYR F 143 -0.08 19.58 14.77
CA TYR F 143 0.56 19.34 13.47
C TYR F 143 2.08 19.25 13.61
N ALA F 144 2.65 20.12 14.46
CA ALA F 144 4.09 20.16 14.65
C ALA F 144 4.61 18.87 15.27
N THR F 145 3.83 18.21 16.10
CA THR F 145 4.30 16.98 16.75
C THR F 145 4.61 15.91 15.71
N ALA F 146 3.92 15.92 14.58
CA ALA F 146 4.13 14.94 13.51
C ALA F 146 5.06 15.40 12.40
N ALA F 147 5.76 16.51 12.57
CA ALA F 147 6.67 17.02 11.55
C ALA F 147 7.94 16.22 11.45
N PRO F 148 8.55 15.80 12.58
CA PRO F 148 9.66 14.82 12.49
C PRO F 148 9.47 13.60 11.59
N GLU F 149 8.25 13.10 11.45
CA GLU F 149 8.00 11.94 10.57
C GLU F 149 8.18 12.24 9.09
N ILE F 150 7.60 13.32 8.62
CA ILE F 150 7.69 13.72 7.20
C ILE F 150 9.07 14.30 6.81
N LEU F 151 9.98 14.35 7.79
CA LEU F 151 11.31 14.92 7.60
C LEU F 151 12.44 13.88 7.50
N LYS F 152 12.11 12.58 7.41
CA LYS F 152 13.08 11.54 7.29
C LYS F 152 13.50 11.43 5.82
N GLY F 153 14.79 11.07 5.66
CA GLY F 153 15.38 11.00 4.34
C GLY F 153 15.94 9.64 4.04
N GLU F 154 16.61 9.54 2.90
CA GLU F 154 17.00 8.25 2.32
C GLU F 154 18.49 8.00 2.53
N TYR F 155 18.86 6.73 2.57
CA TYR F 155 20.26 6.29 2.63
C TYR F 155 20.51 5.23 1.60
N SER F 156 21.67 5.29 0.96
CA SER F 156 22.05 4.28 -0.02
C SER F 156 23.51 3.93 0.13
N ARG F 157 23.81 2.69 0.53
CA ARG F 157 25.19 2.22 0.57
C ARG F 157 25.63 1.87 -0.84
N ASN F 158 26.87 2.22 -1.15
CA ASN F 158 27.46 1.99 -2.44
C ASN F 158 26.59 2.39 -3.64
N VAL F 159 26.19 3.66 -3.71
CA VAL F 159 25.58 4.25 -4.93
C VAL F 159 26.62 4.28 -6.04
N GLY F 160 27.87 4.42 -5.64
CA GLY F 160 29.01 4.13 -6.48
C GLY F 160 30.04 3.34 -5.68
N PRO F 161 31.12 2.89 -6.34
CA PRO F 161 32.12 2.08 -5.67
C PRO F 161 32.63 2.68 -4.37
N ASN F 162 32.28 2.10 -3.24
CA ASN F 162 32.64 2.63 -1.94
C ASN F 162 32.19 4.07 -1.71
N ILE F 163 31.07 4.45 -2.30
CA ILE F 163 30.53 5.80 -2.18
C ILE F 163 29.09 5.73 -1.69
N ASP F 164 28.86 6.20 -0.47
CA ASP F 164 27.52 6.26 0.07
C ASP F 164 26.90 7.59 -0.27
N ALA F 165 25.57 7.61 -0.29
CA ALA F 165 24.82 8.83 -0.57
C ALA F 165 23.65 8.91 0.36
N TRP F 166 23.34 10.09 0.85
CA TRP F 166 22.09 10.27 1.55
C TRP F 166 21.55 11.67 1.42
N SER F 167 20.29 11.81 1.79
CA SER F 167 19.58 13.09 1.69
C SER F 167 18.84 13.35 2.98
N ASP F 168 18.89 14.58 3.43
CA ASP F 168 18.44 14.96 4.76
C ASP F 168 17.73 16.29 4.69
N PHE F 169 16.88 16.56 5.67
CA PHE F 169 16.25 17.87 5.80
C PHE F 169 16.74 18.46 7.10
N GLN F 170 17.54 19.50 7.04
CA GLN F 170 18.16 20.05 8.23
C GLN F 170 17.50 21.36 8.63
N PRO F 171 17.58 21.70 9.91
CA PRO F 171 17.17 23.05 10.32
C PRO F 171 18.16 24.09 9.84
N ILE F 172 17.73 25.34 9.82
CA ILE F 172 18.56 26.41 9.27
C ILE F 172 19.36 27.15 10.31
N GLY F 173 18.91 27.15 11.57
CA GLY F 173 19.63 27.79 12.66
C GLY F 173 18.74 28.52 13.65
N VAL F 174 19.02 29.79 13.87
CA VAL F 174 18.25 30.60 14.81
C VAL F 174 17.28 31.43 13.98
N VAL F 175 16.01 31.40 14.35
CA VAL F 175 14.97 32.08 13.59
C VAL F 175 14.11 32.91 14.53
N ALA F 176 13.45 33.91 13.97
CA ALA F 176 12.67 34.85 14.77
C ALA F 176 11.30 35.10 14.17
N GLY F 177 10.35 35.36 15.07
CA GLY F 177 8.98 35.61 14.69
C GLY F 177 8.38 36.81 15.38
N ILE F 178 7.75 37.69 14.62
CA ILE F 178 7.19 38.94 15.11
C ILE F 178 5.68 38.92 14.93
N THR F 179 4.93 38.93 16.03
CA THR F 179 3.51 38.60 16.01
C THR F 179 2.61 39.82 16.30
N PRO F 180 1.36 39.82 15.79
CA PRO F 180 0.48 40.96 15.93
C PRO F 180 -0.46 40.91 17.16
N PHE F 181 -1.26 41.97 17.29
CA PHE F 181 -2.18 42.20 18.41
C PHE F 181 -3.35 41.23 18.43
N ASN F 182 -4.07 41.12 17.33
CA ASN F 182 -5.07 40.07 17.14
C ASN F 182 -4.33 38.76 17.13
N PHE F 183 -4.91 37.77 17.77
CA PHE F 183 -4.24 36.47 17.92
C PHE F 183 -2.89 36.48 18.64
N PRO F 184 -2.87 36.77 19.94
CA PRO F 184 -1.61 36.56 20.69
C PRO F 184 -1.35 35.08 21.03
N ALA F 185 -2.36 34.23 20.91
CA ALA F 185 -2.16 32.80 21.15
C ALA F 185 -1.76 32.08 19.86
N MET F 186 -2.60 32.16 18.83
CA MET F 186 -2.49 31.26 17.68
C MET F 186 -1.36 31.62 16.73
N VAL F 187 -1.14 32.90 16.45
CA VAL F 187 -0.09 33.23 15.49
C VAL F 187 1.32 32.79 15.95
N PRO F 188 1.65 32.97 17.23
CA PRO F 188 2.94 32.40 17.64
C PRO F 188 2.95 30.88 17.55
N LEU F 189 1.90 30.21 18.03
CA LEU F 189 1.79 28.76 17.93
C LEU F 189 1.75 28.24 16.49
N TRP F 190 1.50 29.12 15.54
CA TRP F 190 1.60 28.79 14.12
C TRP F 190 3.03 28.88 13.59
N MET F 191 3.87 29.67 14.25
CA MET F 191 5.28 29.80 13.90
C MET F 191 6.21 28.85 14.69
N TYR F 192 6.40 29.07 15.99
CA TYR F 192 7.52 28.44 16.68
C TYR F 192 7.45 26.93 16.92
N PRO F 193 6.27 26.38 17.22
CA PRO F 193 6.26 24.91 17.39
C PRO F 193 6.76 24.16 16.16
N LEU F 194 6.30 24.56 14.97
CA LEU F 194 6.78 23.94 13.74
C LEU F 194 8.29 24.16 13.53
N ALA F 195 8.76 25.38 13.79
CA ALA F 195 10.18 25.71 13.60
C ALA F 195 11.09 24.94 14.56
N ILE F 196 10.60 24.77 15.78
CA ILE F 196 11.33 24.02 16.79
C ILE F 196 11.27 22.51 16.51
N ALA F 197 10.12 22.03 16.08
CA ALA F 197 10.01 20.62 15.69
C ALA F 197 11.00 20.27 14.57
N CYS F 198 11.23 21.23 13.67
CA CYS F 198 12.22 21.03 12.61
C CYS F 198 13.65 21.13 13.10
N GLY F 199 13.85 21.61 14.32
CA GLY F 199 15.16 21.61 14.97
C GLY F 199 15.83 22.96 15.03
N ASN F 200 15.11 24.05 14.75
CA ASN F 200 15.68 25.39 14.92
C ASN F 200 15.49 25.85 16.35
N THR F 201 16.03 27.03 16.64
CA THR F 201 15.74 27.76 17.87
C THR F 201 15.10 29.11 17.53
N PHE F 202 14.33 29.62 18.48
CA PHE F 202 13.37 30.66 18.19
C PHE F 202 13.45 31.83 19.14
N ILE F 203 13.43 33.02 18.55
CA ILE F 203 13.22 34.26 19.28
C ILE F 203 11.88 34.87 18.86
N LEU F 204 10.98 35.01 19.83
CA LEU F 204 9.64 35.51 19.61
C LEU F 204 9.50 36.89 20.19
N LYS F 205 9.19 37.85 19.34
CA LYS F 205 8.95 39.24 19.74
C LYS F 205 7.46 39.54 19.52
N PRO F 206 6.63 39.32 20.58
CA PRO F 206 5.18 39.48 20.41
C PRO F 206 4.71 40.94 20.47
N SER F 207 3.38 41.12 20.42
CA SER F 207 2.80 42.46 20.49
C SER F 207 2.93 43.04 21.89
N GLU F 208 3.29 44.33 21.98
CA GLU F 208 3.34 45.04 23.25
C GLU F 208 1.98 45.16 23.93
N ARG F 209 0.91 45.11 23.14
CA ARG F 209 -0.41 45.41 23.63
C ARG F 209 -1.16 44.27 24.30
N ASP F 210 -0.69 43.04 24.21
CA ASP F 210 -1.35 41.91 24.87
C ASP F 210 -0.40 40.76 25.14
N PRO F 211 0.82 41.10 25.58
CA PRO F 211 1.87 40.10 25.61
C PRO F 211 1.82 39.09 26.76
N SER F 212 0.88 39.19 27.70
CA SER F 212 0.87 38.27 28.83
C SER F 212 0.43 36.87 28.44
N SER F 213 -0.62 36.76 27.65
CA SER F 213 -1.11 35.44 27.22
C SER F 213 -0.07 34.65 26.41
N THR F 214 0.67 35.36 25.57
CA THR F 214 1.70 34.74 24.74
C THR F 214 2.78 34.16 25.67
N LEU F 215 3.22 34.95 26.64
CA LEU F 215 4.32 34.56 27.51
C LEU F 215 3.97 33.37 28.38
N LEU F 216 2.73 33.31 28.84
CA LEU F 216 2.29 32.16 29.61
C LEU F 216 2.51 30.88 28.80
N ILE F 217 2.07 30.89 27.53
CA ILE F 217 2.16 29.71 26.66
C ILE F 217 3.64 29.34 26.43
N ALA F 218 4.51 30.35 26.30
CA ALA F 218 5.94 30.08 26.23
C ALA F 218 6.42 29.30 27.47
N GLU F 219 6.03 29.77 28.66
CA GLU F 219 6.45 29.13 29.91
C GLU F 219 5.98 27.71 30.00
N LEU F 220 4.72 27.47 29.65
CA LEU F 220 4.21 26.11 29.64
C LEU F 220 5.05 25.18 28.76
N PHE F 221 5.63 25.71 27.69
CA PHE F 221 6.49 24.91 26.81
C PHE F 221 7.75 24.49 27.57
N HIS F 222 8.37 25.45 28.27
CA HIS F 222 9.52 25.15 29.14
C HIS F 222 9.14 24.11 30.22
N GLU F 223 7.98 24.30 30.85
CA GLU F 223 7.46 23.31 31.78
C GLU F 223 7.24 21.93 31.16
N ALA F 224 6.90 21.87 29.88
CA ALA F 224 6.72 20.57 29.21
C ALA F 224 8.04 19.83 29.00
N GLY F 225 9.18 20.54 29.06
CA GLY F 225 10.49 19.92 28.92
C GLY F 225 11.47 20.57 27.98
N LEU F 226 11.13 21.72 27.40
CA LEU F 226 11.95 22.30 26.36
C LEU F 226 13.25 22.80 26.97
N PRO F 227 14.41 22.41 26.42
CA PRO F 227 15.67 22.99 26.84
C PRO F 227 15.73 24.51 26.87
N LYS F 228 16.64 25.01 27.70
CA LYS F 228 16.81 26.44 27.88
C LYS F 228 17.37 27.03 26.59
N GLY F 229 16.82 28.16 26.17
CA GLY F 229 17.35 28.89 25.00
C GLY F 229 16.69 28.54 23.67
N VAL F 230 15.92 27.44 23.62
CA VAL F 230 15.33 26.98 22.39
C VAL F 230 14.17 27.88 21.98
N LEU F 231 13.38 28.32 22.97
CA LEU F 231 12.41 29.37 22.77
C LEU F 231 12.70 30.53 23.71
N ASN F 232 12.84 31.72 23.14
CA ASN F 232 12.99 32.95 23.92
C ASN F 232 11.95 33.99 23.53
N VAL F 233 11.43 34.68 24.54
CA VAL F 233 10.43 35.75 24.35
C VAL F 233 11.02 37.08 24.78
N VAL F 234 11.10 38.04 23.85
CA VAL F 234 11.67 39.35 24.13
C VAL F 234 10.63 40.41 23.73
N HIS F 235 10.15 41.16 24.70
CA HIS F 235 9.17 42.23 24.44
C HIS F 235 9.87 43.49 23.98
N GLY F 236 9.18 44.32 23.20
CA GLY F 236 9.81 45.50 22.59
C GLY F 236 8.97 46.14 21.50
N ASP F 237 9.62 46.92 20.62
CA ASP F 237 8.95 47.69 19.58
C ASP F 237 9.92 47.81 18.38
N LYS F 238 9.74 48.84 17.54
CA LYS F 238 10.57 49.06 16.35
C LYS F 238 12.08 48.83 16.61
N GLY F 239 12.56 49.22 17.80
CA GLY F 239 13.92 48.95 18.21
C GLY F 239 14.23 47.47 18.23
N ALA F 240 13.48 46.73 19.05
CA ALA F 240 13.56 45.28 19.11
C ALA F 240 13.52 44.60 17.74
N VAL F 241 12.60 45.04 16.88
CA VAL F 241 12.44 44.43 15.57
C VAL F 241 13.64 44.74 14.69
N ASP F 242 14.06 46.02 14.67
CA ASP F 242 15.25 46.40 13.93
C ASP F 242 16.47 45.61 14.37
N ALA F 243 16.53 45.29 15.67
CA ALA F 243 17.59 44.45 16.20
C ALA F 243 17.64 43.08 15.50
N LEU F 244 16.49 42.41 15.46
CA LEU F 244 16.36 41.12 14.77
C LEU F 244 16.62 41.24 13.28
N ILE F 245 16.16 42.32 12.63
CA ILE F 245 16.43 42.49 11.20
C ILE F 245 17.94 42.66 10.95
N GLU F 246 18.65 43.27 11.91
CA GLU F 246 20.09 43.53 11.76
C GLU F 246 20.98 42.33 12.12
N ALA F 247 20.63 41.64 13.21
CA ALA F 247 21.39 40.47 13.71
C ALA F 247 21.75 39.46 12.61
N PRO F 248 23.05 39.27 12.32
CA PRO F 248 23.42 38.29 11.26
C PRO F 248 23.32 36.82 11.66
N GLU F 249 23.14 36.54 12.94
CA GLU F 249 22.95 35.15 13.38
C GLU F 249 21.56 34.61 13.01
N VAL F 250 20.54 35.47 13.02
CA VAL F 250 19.16 35.05 12.74
C VAL F 250 19.01 34.83 11.23
N LYS F 251 18.52 33.65 10.86
CA LYS F 251 18.54 33.20 9.47
C LYS F 251 17.20 33.35 8.77
N ALA F 252 16.12 33.42 9.52
CA ALA F 252 14.80 33.58 8.97
C ALA F 252 13.95 34.41 9.90
N LEU F 253 13.05 35.15 9.27
CA LEU F 253 12.26 36.17 9.91
C LEU F 253 10.84 36.00 9.43
N SER F 254 9.92 35.95 10.38
CA SER F 254 8.53 35.62 10.11
C SER F 254 7.64 36.66 10.75
N PHE F 255 6.74 37.25 9.96
CA PHE F 255 5.95 38.38 10.41
C PHE F 255 4.52 38.32 9.94
N VAL F 256 3.61 38.66 10.84
CA VAL F 256 2.22 38.90 10.49
C VAL F 256 1.75 40.19 11.16
N GLY F 257 1.25 41.13 10.37
CA GLY F 257 0.72 42.39 10.89
C GLY F 257 0.22 43.30 9.76
N SER F 258 0.68 44.54 9.74
CA SER F 258 0.19 45.53 8.78
C SER F 258 1.11 45.62 7.56
N THR F 259 0.55 46.11 6.46
CA THR F 259 1.24 46.05 5.18
C THR F 259 2.48 46.92 5.08
N PRO F 260 2.50 48.10 5.73
CA PRO F 260 3.72 48.91 5.65
C PRO F 260 4.89 48.25 6.41
N ILE F 261 4.61 47.77 7.61
CA ILE F 261 5.61 47.07 8.41
C ILE F 261 6.04 45.76 7.74
N ALA F 262 5.11 45.08 7.07
CA ALA F 262 5.44 43.85 6.37
C ALA F 262 6.40 44.13 5.22
N GLU F 263 6.10 45.12 4.39
CA GLU F 263 6.99 45.50 3.29
C GLU F 263 8.37 45.87 3.79
N TYR F 264 8.40 46.56 4.92
CA TYR F 264 9.65 46.94 5.56
C TYR F 264 10.49 45.71 5.83
N ILE F 265 9.97 44.83 6.68
CA ILE F 265 10.67 43.64 7.13
C ILE F 265 11.01 42.73 5.95
N TYR F 266 10.12 42.64 4.98
CA TYR F 266 10.43 41.82 3.80
C TYR F 266 11.65 42.33 3.08
N SER F 267 11.59 43.58 2.62
CA SER F 267 12.69 44.14 1.80
C SER F 267 14.00 44.25 2.56
N GLU F 268 13.95 44.79 3.77
CA GLU F 268 15.15 44.99 4.58
C GLU F 268 15.73 43.67 5.09
N GLY F 269 14.87 42.70 5.36
CA GLY F 269 15.32 41.35 5.69
C GLY F 269 15.96 40.67 4.50
N THR F 270 15.25 40.59 3.38
CA THR F 270 15.77 39.91 2.19
C THR F 270 17.07 40.53 1.71
N LYS F 271 17.18 41.85 1.78
CA LYS F 271 18.43 42.54 1.40
C LYS F 271 19.61 42.10 2.24
N ARG F 272 19.37 41.59 3.45
CA ARG F 272 20.46 41.08 4.30
C ARG F 272 20.56 39.55 4.29
N GLY F 273 20.19 38.91 3.17
CA GLY F 273 20.30 37.47 3.03
C GLY F 273 19.38 36.57 3.85
N LYS F 274 18.46 37.15 4.64
CA LYS F 274 17.55 36.37 5.46
C LYS F 274 16.38 35.83 4.64
N ARG F 275 15.79 34.74 5.11
CA ARG F 275 14.51 34.26 4.60
C ARG F 275 13.41 35.03 5.31
N VAL F 276 12.46 35.59 4.54
CA VAL F 276 11.40 36.36 5.16
C VAL F 276 10.04 35.90 4.72
N GLN F 277 9.20 35.62 5.70
CA GLN F 277 7.82 35.24 5.50
C GLN F 277 7.03 36.38 6.12
N ALA F 278 6.15 36.99 5.33
CA ALA F 278 5.46 38.19 5.74
C ALA F 278 4.00 38.19 5.25
N LEU F 279 3.08 38.27 6.21
CA LEU F 279 1.68 38.50 5.94
C LEU F 279 1.32 39.91 6.36
N GLY F 280 0.88 40.73 5.41
CA GLY F 280 0.48 42.10 5.68
C GLY F 280 -0.98 42.30 5.41
N GLY F 281 -1.67 43.00 6.31
CA GLY F 281 -3.10 43.34 6.16
C GLY F 281 -3.54 43.75 4.75
N ALA F 282 -4.70 43.28 4.33
CA ALA F 282 -5.15 43.53 2.95
C ALA F 282 -6.66 43.61 2.94
N LYS F 283 -7.26 43.62 1.74
CA LYS F 283 -8.70 43.67 1.56
C LYS F 283 -9.20 42.50 0.74
N ASN F 284 -10.13 41.73 1.33
CA ASN F 284 -10.80 40.69 0.56
C ASN F 284 -11.97 41.25 -0.21
N HIS F 285 -12.13 40.75 -1.43
CA HIS F 285 -13.12 41.27 -2.36
C HIS F 285 -14.19 40.20 -2.58
N ALA F 286 -15.45 40.63 -2.61
CA ALA F 286 -16.55 39.81 -3.13
C ALA F 286 -16.95 40.34 -4.51
N VAL F 287 -17.23 39.45 -5.45
CA VAL F 287 -17.74 39.86 -6.75
C VAL F 287 -19.23 39.55 -6.84
N LEU F 288 -20.03 40.51 -7.30
CA LEU F 288 -21.46 40.28 -7.55
C LEU F 288 -21.70 40.33 -9.05
N MET F 289 -22.15 39.23 -9.62
CA MET F 289 -22.64 39.24 -10.98
C MET F 289 -24.08 39.80 -11.01
N PRO F 290 -24.59 40.16 -12.20
CA PRO F 290 -25.97 40.66 -12.28
C PRO F 290 -27.03 39.65 -11.78
N ASP F 291 -26.80 38.38 -12.05
CA ASP F 291 -27.71 37.31 -11.63
C ASP F 291 -27.60 36.87 -10.18
N ALA F 292 -26.77 37.54 -9.39
CA ALA F 292 -26.55 37.14 -7.99
C ALA F 292 -27.80 37.08 -7.19
N ASP F 293 -27.93 36.07 -6.35
CA ASP F 293 -29.03 36.04 -5.38
C ASP F 293 -28.70 37.05 -4.30
N LEU F 294 -29.37 38.19 -4.35
CA LEU F 294 -28.99 39.32 -3.52
C LEU F 294 -29.08 39.05 -2.03
N ASP F 295 -30.10 38.33 -1.58
CA ASP F 295 -30.25 38.08 -0.14
C ASP F 295 -29.11 37.22 0.37
N ASN F 296 -28.63 36.32 -0.48
CA ASN F 296 -27.48 35.48 -0.16
C ASN F 296 -26.19 36.31 -0.06
N ALA F 297 -25.97 37.20 -1.03
CA ALA F 297 -24.77 38.08 -1.02
C ALA F 297 -24.83 39.03 0.17
N VAL F 298 -25.99 39.64 0.38
CA VAL F 298 -26.16 40.60 1.47
C VAL F 298 -25.94 39.92 2.81
N SER F 299 -26.39 38.69 2.95
CA SER F 299 -26.15 37.93 4.16
C SER F 299 -24.66 37.77 4.42
N ALA F 300 -23.89 37.41 3.39
CA ALA F 300 -22.43 37.28 3.53
C ALA F 300 -21.77 38.61 3.85
N LEU F 301 -22.14 39.65 3.11
CA LEU F 301 -21.54 40.97 3.30
C LEU F 301 -21.85 41.54 4.67
N MET F 302 -23.07 41.31 5.15
CA MET F 302 -23.51 41.84 6.45
C MET F 302 -22.82 41.12 7.59
N GLY F 303 -22.60 39.82 7.44
CA GLY F 303 -21.84 39.04 8.42
C GLY F 303 -20.37 39.41 8.39
N ALA F 304 -19.82 39.64 7.19
CA ALA F 304 -18.40 39.92 6.98
C ALA F 304 -17.94 41.31 7.34
N ALA F 305 -18.74 42.33 6.98
CA ALA F 305 -18.36 43.73 7.20
C ALA F 305 -18.88 44.30 8.52
N TYR F 306 -20.05 43.83 8.97
CA TYR F 306 -20.68 44.34 10.19
C TYR F 306 -21.06 43.24 11.22
N CYS F 313 -16.80 33.89 11.04
CA CYS F 313 -17.16 34.61 9.85
C CYS F 313 -15.95 34.95 8.94
N MET F 314 -16.21 35.82 7.98
CA MET F 314 -15.24 36.20 6.94
C MET F 314 -14.93 37.69 6.99
N ALA F 315 -13.75 38.05 6.51
CA ALA F 315 -13.36 39.43 6.31
C ALA F 315 -13.59 39.78 4.85
N ILE F 316 -14.45 40.74 4.58
CA ILE F 316 -14.64 41.31 3.23
C ILE F 316 -14.76 42.81 3.40
N SER F 317 -14.04 43.58 2.61
CA SER F 317 -14.14 45.06 2.70
C SER F 317 -14.47 45.75 1.39
N VAL F 318 -14.60 45.01 0.31
CA VAL F 318 -14.91 45.56 -0.99
C VAL F 318 -15.88 44.64 -1.71
N ALA F 319 -16.93 45.23 -2.27
CA ALA F 319 -17.87 44.51 -3.10
C ALA F 319 -17.77 45.04 -4.53
N VAL F 320 -17.19 44.23 -5.41
CA VAL F 320 -17.05 44.59 -6.82
C VAL F 320 -18.33 44.16 -7.51
N CYS F 321 -19.09 45.12 -8.02
CA CYS F 321 -20.36 44.81 -8.72
C CYS F 321 -20.18 44.93 -10.22
N VAL F 322 -20.55 43.87 -10.94
CA VAL F 322 -20.52 43.93 -12.40
C VAL F 322 -21.86 44.45 -12.90
N GLY F 323 -21.81 45.66 -13.48
CA GLY F 323 -23.00 46.37 -13.93
C GLY F 323 -23.61 47.23 -12.85
N ASP F 324 -24.30 48.28 -13.28
CA ASP F 324 -24.89 49.24 -12.35
C ASP F 324 -26.16 48.73 -11.68
N GLN F 325 -26.91 47.85 -12.35
CA GLN F 325 -28.19 47.37 -11.83
C GLN F 325 -27.99 46.69 -10.46
N ILE F 326 -27.10 45.70 -10.46
CA ILE F 326 -26.82 44.93 -9.25
C ILE F 326 -26.23 45.78 -8.13
N ALA F 327 -25.44 46.79 -8.50
CA ALA F 327 -24.91 47.73 -7.53
C ALA F 327 -26.01 48.58 -6.88
N ASP F 328 -26.86 49.19 -7.72
CA ASP F 328 -28.00 49.99 -7.22
C ASP F 328 -28.88 49.13 -6.31
N ALA F 329 -29.16 47.91 -6.77
CA ALA F 329 -29.95 46.97 -5.97
C ALA F 329 -29.29 46.57 -4.64
N LEU F 330 -27.97 46.32 -4.68
CA LEU F 330 -27.25 45.97 -3.47
C LEU F 330 -27.35 47.07 -2.42
N VAL F 331 -27.15 48.32 -2.87
CA VAL F 331 -27.21 49.48 -1.97
C VAL F 331 -28.59 49.57 -1.31
N GLN F 332 -29.63 49.41 -2.13
CA GLN F 332 -31.01 49.43 -1.67
C GLN F 332 -31.26 48.47 -0.50
N LYS F 333 -30.68 47.28 -0.58
CA LYS F 333 -30.83 46.29 0.48
C LYS F 333 -29.90 46.53 1.66
N LEU F 334 -28.67 46.99 1.40
CA LEU F 334 -27.71 47.17 2.50
C LEU F 334 -28.10 48.26 3.50
N VAL F 335 -28.61 49.39 2.98
CA VAL F 335 -28.82 50.59 3.79
C VAL F 335 -29.72 50.35 5.01
N PRO F 336 -30.93 49.77 4.81
CA PRO F 336 -31.78 49.45 5.98
C PRO F 336 -31.10 48.61 7.04
N GLN F 337 -30.35 47.58 6.60
CA GLN F 337 -29.73 46.67 7.57
C GLN F 337 -28.54 47.24 8.29
N ILE F 338 -27.89 48.26 7.73
CA ILE F 338 -26.81 48.96 8.43
C ILE F 338 -27.39 49.92 9.46
N LYS F 339 -28.17 49.36 10.36
CA LYS F 339 -28.85 50.14 11.44
C LYS F 339 -28.85 49.21 12.65
N GLY F 340 -27.80 49.31 13.48
CA GLY F 340 -27.66 48.51 14.70
C GLY F 340 -27.28 49.41 15.86
N ARG F 362 -11.08 56.09 16.84
CA ARG F 362 -9.93 56.97 16.77
C ARG F 362 -10.25 58.15 15.83
N ASP F 363 -9.39 59.18 15.86
CA ASP F 363 -9.41 60.26 14.88
C ASP F 363 -9.07 59.78 13.44
N LYS F 364 -8.35 58.68 13.28
CA LYS F 364 -8.18 57.92 12.02
C LYS F 364 -9.42 57.82 11.10
N VAL F 365 -10.57 57.60 11.67
CA VAL F 365 -11.74 57.17 10.91
C VAL F 365 -12.41 58.37 10.22
N THR F 366 -12.55 59.47 10.96
CA THR F 366 -13.08 60.68 10.37
C THR F 366 -12.22 61.13 9.20
N GLY F 367 -10.91 61.03 9.35
CA GLY F 367 -9.98 61.38 8.28
C GLY F 367 -10.18 60.51 7.06
N TYR F 368 -10.35 59.22 7.32
CA TYR F 368 -10.60 58.23 6.26
C TYR F 368 -11.86 58.56 5.47
N ILE F 369 -12.97 58.76 6.17
CA ILE F 369 -14.25 59.07 5.56
C ILE F 369 -14.17 60.39 4.79
N ASP F 370 -13.63 61.41 5.45
CA ASP F 370 -13.50 62.74 4.84
C ASP F 370 -12.71 62.69 3.51
N THR F 371 -11.58 61.99 3.50
CA THR F 371 -10.83 61.83 2.26
C THR F 371 -11.70 61.20 1.15
N GLY F 372 -12.53 60.23 1.54
CA GLY F 372 -13.35 59.53 0.59
C GLY F 372 -14.30 60.44 -0.12
N VAL F 373 -14.99 61.27 0.66
CA VAL F 373 -15.91 62.26 0.09
C VAL F 373 -15.14 63.20 -0.82
N ALA F 374 -14.02 63.72 -0.32
CA ALA F 374 -13.17 64.64 -1.08
C ALA F 374 -12.79 64.14 -2.46
N GLN F 375 -12.48 62.84 -2.59
CA GLN F 375 -12.03 62.31 -3.88
C GLN F 375 -13.16 61.78 -4.77
N GLY F 376 -14.41 61.97 -4.36
CA GLY F 376 -15.56 61.74 -5.23
C GLY F 376 -16.35 60.46 -5.03
N ALA F 377 -16.12 59.78 -3.93
CA ALA F 377 -16.93 58.59 -3.60
C ALA F 377 -18.24 59.08 -3.01
N GLU F 378 -19.26 58.25 -3.12
CA GLU F 378 -20.58 58.54 -2.60
C GLU F 378 -20.68 57.92 -1.21
N LEU F 379 -20.75 58.75 -0.18
CA LEU F 379 -20.90 58.27 1.18
C LEU F 379 -22.38 57.99 1.42
N VAL F 380 -22.78 56.73 1.40
CA VAL F 380 -24.18 56.35 1.44
C VAL F 380 -24.68 56.20 2.87
N VAL F 381 -23.85 55.66 3.76
CA VAL F 381 -24.19 55.56 5.17
C VAL F 381 -22.96 55.96 5.97
N ASP F 382 -23.11 56.98 6.80
CA ASP F 382 -22.02 57.52 7.60
C ASP F 382 -22.25 57.02 9.01
N GLY F 383 -21.34 56.18 9.50
CA GLY F 383 -21.46 55.52 10.80
C GLY F 383 -21.02 56.34 12.03
N ARG F 384 -20.70 57.61 11.88
CA ARG F 384 -20.12 58.37 13.00
C ARG F 384 -21.20 58.78 14.02
N GLY F 398 -20.61 52.25 14.77
CA GLY F 398 -20.27 52.57 13.40
C GLY F 398 -21.25 52.03 12.36
N GLY F 399 -20.81 52.00 11.14
CA GLY F 399 -21.44 51.16 10.07
C GLY F 399 -21.41 52.08 8.89
N THR F 400 -20.34 52.04 8.12
CA THR F 400 -20.12 53.01 7.05
C THR F 400 -20.10 52.32 5.69
N LEU F 401 -20.77 52.94 4.74
CA LEU F 401 -20.91 52.37 3.36
C LEU F 401 -20.55 53.41 2.33
N PHE F 402 -19.64 53.05 1.44
CA PHE F 402 -19.19 53.92 0.34
C PHE F 402 -19.55 53.28 -0.98
N ASP F 403 -20.05 54.08 -1.91
CA ASP F 403 -20.35 53.62 -3.25
C ASP F 403 -19.46 54.38 -4.22
N ARG F 404 -19.38 53.89 -5.44
CA ARG F 404 -18.69 54.58 -6.55
C ARG F 404 -17.22 54.80 -6.24
N VAL F 405 -16.62 53.77 -5.65
CA VAL F 405 -15.24 53.80 -5.23
C VAL F 405 -14.41 53.27 -6.38
N THR F 406 -13.20 53.79 -6.49
CA THR F 406 -12.30 53.53 -7.60
C THR F 406 -10.96 53.16 -7.01
N PRO F 407 -10.11 52.43 -7.75
CA PRO F 407 -8.83 52.04 -7.15
C PRO F 407 -7.81 53.17 -6.96
N GLU F 408 -8.05 54.34 -7.55
CA GLU F 408 -7.16 55.50 -7.40
C GLU F 408 -7.43 56.24 -6.12
N MET F 409 -8.59 56.02 -5.49
CA MET F 409 -8.89 56.69 -4.23
C MET F 409 -8.07 56.12 -3.08
N THR F 410 -7.84 56.97 -2.10
CA THR F 410 -7.17 56.59 -0.87
C THR F 410 -8.00 55.61 -0.08
N ILE F 411 -9.32 55.73 -0.08
CA ILE F 411 -10.15 54.76 0.69
C ILE F 411 -10.06 53.34 0.16
N TYR F 412 -9.66 53.16 -1.09
CA TYR F 412 -9.35 51.83 -1.62
C TYR F 412 -7.96 51.35 -1.25
N LYS F 413 -6.97 52.24 -1.31
CA LYS F 413 -5.56 51.88 -1.09
C LYS F 413 -5.21 51.68 0.37
N GLU F 414 -5.79 52.47 1.25
CA GLU F 414 -5.43 52.47 2.68
C GLU F 414 -6.44 51.63 3.45
N GLU F 415 -5.96 50.75 4.29
CA GLU F 415 -6.87 49.86 5.00
C GLU F 415 -7.23 50.51 6.30
N ILE F 416 -8.47 50.31 6.73
CA ILE F 416 -9.00 51.01 7.87
C ILE F 416 -9.57 50.03 8.86
N PHE F 417 -9.29 50.24 10.13
CA PHE F 417 -9.97 49.48 11.18
C PHE F 417 -11.45 49.87 11.23
N GLY F 418 -12.33 48.89 11.31
CA GLY F 418 -13.73 49.15 11.57
C GLY F 418 -14.67 48.74 10.47
N PRO F 419 -15.99 48.84 10.74
CA PRO F 419 -17.03 48.37 9.84
C PRO F 419 -17.24 49.28 8.63
N VAL F 420 -16.41 49.09 7.61
CA VAL F 420 -16.47 49.91 6.42
C VAL F 420 -16.46 49.02 5.20
N LEU F 421 -17.46 49.20 4.32
CA LEU F 421 -17.56 48.47 3.08
C LEU F 421 -17.54 49.46 1.92
N CYS F 422 -16.82 49.13 0.86
CA CYS F 422 -16.73 49.95 -0.34
C CYS F 422 -17.28 49.17 -1.49
N ILE F 423 -18.15 49.80 -2.27
CA ILE F 423 -18.67 49.23 -3.50
C ILE F 423 -17.90 49.79 -4.66
N VAL F 424 -17.40 48.93 -5.52
CA VAL F 424 -16.71 49.34 -6.74
C VAL F 424 -17.51 48.81 -7.92
N ARG F 425 -17.90 49.72 -8.80
CA ARG F 425 -18.70 49.40 -9.98
C ARG F 425 -17.76 49.15 -11.13
N VAL F 426 -18.04 48.10 -11.88
CA VAL F 426 -17.18 47.67 -12.96
C VAL F 426 -18.07 47.06 -14.06
N ASN F 427 -17.56 46.98 -15.28
CA ASN F 427 -18.43 46.64 -16.44
C ASN F 427 -18.39 45.18 -16.89
N SER F 428 -17.36 44.44 -16.51
CA SER F 428 -17.23 43.06 -16.90
C SER F 428 -16.59 42.24 -15.80
N LEU F 429 -16.78 40.93 -15.87
CA LEU F 429 -16.11 40.01 -14.97
C LEU F 429 -14.59 40.09 -15.11
N GLU F 430 -14.13 40.23 -16.34
CA GLU F 430 -12.70 40.33 -16.63
C GLU F 430 -12.11 41.50 -15.86
N GLU F 431 -12.79 42.64 -15.92
CA GLU F 431 -12.38 43.82 -15.20
C GLU F 431 -12.35 43.57 -13.70
N ALA F 432 -13.36 42.90 -13.16
CA ALA F 432 -13.41 42.59 -11.72
C ALA F 432 -12.24 41.71 -11.32
N MET F 433 -11.95 40.69 -12.10
CA MET F 433 -10.85 39.78 -11.78
C MET F 433 -9.51 40.49 -11.90
N GLN F 434 -9.38 41.33 -12.92
CA GLN F 434 -8.16 42.11 -13.09
C GLN F 434 -8.01 43.08 -11.94
N LEU F 435 -9.08 43.71 -11.51
CA LEU F 435 -9.03 44.58 -10.34
C LEU F 435 -8.47 43.83 -9.14
N ILE F 436 -9.02 42.66 -8.82
CA ILE F 436 -8.59 41.91 -7.64
C ILE F 436 -7.14 41.41 -7.76
N ASN F 437 -6.81 40.86 -8.93
CA ASN F 437 -5.47 40.31 -9.18
C ASN F 437 -4.35 41.34 -9.22
N ASP F 438 -4.63 42.54 -9.71
CA ASP F 438 -3.59 43.57 -9.91
C ASP F 438 -3.18 44.32 -8.66
N HIS F 439 -3.84 44.07 -7.53
CA HIS F 439 -3.47 44.74 -6.28
C HIS F 439 -2.89 43.72 -5.30
N GLU F 440 -2.64 44.13 -4.03
CA GLU F 440 -2.11 43.25 -3.06
C GLU F 440 -3.21 42.30 -2.62
N TYR F 441 -3.44 41.24 -3.41
CA TYR F 441 -4.61 40.40 -3.24
C TYR F 441 -4.56 39.62 -1.94
N GLY F 442 -5.73 39.40 -1.37
CA GLY F 442 -5.83 38.80 -0.06
C GLY F 442 -5.82 37.29 -0.07
N ASN F 443 -6.39 36.74 0.99
CA ASN F 443 -6.37 35.32 1.25
C ASN F 443 -7.74 34.66 1.13
N GLY F 444 -8.73 35.42 0.65
CA GLY F 444 -10.08 34.91 0.46
C GLY F 444 -10.83 35.79 -0.53
N THR F 445 -11.71 35.19 -1.29
CA THR F 445 -12.57 35.93 -2.19
C THR F 445 -13.81 35.12 -2.50
N CYS F 446 -14.88 35.83 -2.83
CA CYS F 446 -16.16 35.23 -3.17
C CYS F 446 -16.64 35.72 -4.49
N ILE F 447 -17.45 34.90 -5.16
CA ILE F 447 -18.24 35.36 -6.29
C ILE F 447 -19.67 34.92 -6.07
N PHE F 448 -20.61 35.82 -6.32
CA PHE F 448 -22.02 35.54 -6.18
C PHE F 448 -22.69 35.60 -7.55
N THR F 449 -23.23 34.44 -7.96
CA THR F 449 -23.76 34.24 -9.30
C THR F 449 -24.53 32.93 -9.37
N ARG F 450 -25.41 32.85 -10.36
CA ARG F 450 -26.11 31.60 -10.67
C ARG F 450 -25.51 30.89 -11.87
N ASP F 451 -24.62 31.57 -12.59
CA ASP F 451 -24.04 31.06 -13.83
C ASP F 451 -22.85 30.14 -13.53
N GLY F 452 -22.90 28.93 -14.09
CA GLY F 452 -21.83 27.96 -13.92
C GLY F 452 -20.55 28.37 -14.62
N GLU F 453 -20.68 28.95 -15.81
CA GLU F 453 -19.53 29.34 -16.61
C GLU F 453 -18.74 30.48 -15.97
N ALA F 454 -19.47 31.47 -15.45
CA ALA F 454 -18.86 32.55 -14.69
C ALA F 454 -18.07 32.03 -13.50
N ALA F 455 -18.72 31.23 -12.68
CA ALA F 455 -18.04 30.66 -11.52
C ALA F 455 -16.80 29.88 -11.91
N ARG F 456 -16.87 29.06 -12.96
CA ARG F 456 -15.71 28.26 -13.34
C ARG F 456 -14.56 29.18 -13.72
N LEU F 457 -14.87 30.21 -14.50
CA LEU F 457 -13.87 31.14 -14.98
C LEU F 457 -13.23 31.89 -13.82
N PHE F 458 -14.07 32.37 -12.90
CA PHE F 458 -13.58 33.08 -11.73
C PHE F 458 -12.60 32.21 -10.95
N CYS F 459 -12.98 30.97 -10.69
CA CYS F 459 -12.12 30.05 -9.95
C CYS F 459 -10.83 29.75 -10.67
N ASP F 460 -10.87 29.70 -12.00
CA ASP F 460 -9.67 29.46 -12.79
C ASP F 460 -8.71 30.66 -12.80
N GLU F 461 -9.21 31.86 -13.05
CA GLU F 461 -8.32 33.00 -13.29
C GLU F 461 -8.03 33.91 -12.11
N ILE F 462 -8.84 33.86 -11.06
CA ILE F 462 -8.53 34.63 -9.86
C ILE F 462 -7.25 34.05 -9.25
N GLU F 463 -6.43 34.87 -8.59
CA GLU F 463 -5.16 34.40 -8.00
C GLU F 463 -5.23 34.19 -6.50
N VAL F 464 -6.38 34.44 -5.90
CA VAL F 464 -6.54 34.25 -4.47
C VAL F 464 -6.62 32.75 -4.21
N GLY F 465 -6.03 32.32 -3.11
CA GLY F 465 -5.86 30.91 -2.83
C GLY F 465 -7.11 30.17 -2.41
N MET F 466 -7.99 30.83 -1.65
CA MET F 466 -9.27 30.29 -1.24
C MET F 466 -10.42 31.04 -1.89
N VAL F 467 -11.37 30.32 -2.48
CA VAL F 467 -12.46 30.91 -3.20
C VAL F 467 -13.80 30.36 -2.73
N GLY F 468 -14.77 31.25 -2.59
CA GLY F 468 -16.12 30.87 -2.17
C GLY F 468 -17.11 31.23 -3.25
N VAL F 469 -17.88 30.27 -3.72
CA VAL F 469 -18.88 30.50 -4.73
C VAL F 469 -20.24 30.48 -4.04
N ASN F 470 -20.89 31.64 -3.99
CA ASN F 470 -22.12 31.86 -3.23
C ASN F 470 -22.05 31.47 -1.75
N VAL F 471 -20.84 31.45 -1.21
CA VAL F 471 -20.66 31.07 0.17
C VAL F 471 -19.42 31.78 0.73
N PRO F 472 -19.52 32.27 1.98
CA PRO F 472 -18.35 32.90 2.58
C PRO F 472 -17.36 31.86 3.09
N LEU F 473 -16.14 32.29 3.40
CA LEU F 473 -15.04 31.39 3.78
C LEU F 473 -14.61 31.68 5.22
N PRO F 474 -14.08 30.66 5.96
CA PRO F 474 -13.58 30.89 7.32
C PRO F 474 -12.19 31.54 7.34
N VAL F 475 -12.16 32.81 6.94
CA VAL F 475 -10.94 33.60 6.81
C VAL F 475 -11.23 34.96 7.48
N PRO F 476 -11.06 35.04 8.81
CA PRO F 476 -11.55 36.21 9.54
C PRO F 476 -10.75 37.49 9.42
N VAL F 477 -9.49 37.41 8.93
CA VAL F 477 -8.69 38.59 8.71
C VAL F 477 -8.03 38.46 7.36
N ALA F 478 -7.94 39.56 6.63
CA ALA F 478 -7.39 39.57 5.29
C ALA F 478 -5.90 39.86 5.33
N TYR F 479 -5.11 39.03 4.65
CA TYR F 479 -3.67 39.22 4.56
C TYR F 479 -3.21 38.94 3.16
N HIS F 480 -2.19 39.70 2.76
CA HIS F 480 -1.43 39.46 1.55
C HIS F 480 -0.11 38.83 1.99
N SER F 481 0.42 37.93 1.19
CA SER F 481 1.63 37.21 1.47
C SER F 481 2.74 37.71 0.55
N PHE F 482 3.87 38.14 1.10
CA PHE F 482 4.98 38.67 0.33
C PHE F 482 6.04 37.64 -0.07
N GLY F 483 6.69 37.93 -1.19
CA GLY F 483 7.86 37.18 -1.63
C GLY F 483 7.56 35.78 -2.11
N GLY F 484 8.58 34.92 -2.05
CA GLY F 484 8.44 33.50 -2.40
C GLY F 484 8.23 32.53 -1.25
N TRP F 485 8.53 32.98 -0.02
CA TRP F 485 8.33 32.14 1.17
C TRP F 485 6.92 32.38 1.67
N LYS F 486 5.95 31.74 1.04
CA LYS F 486 4.54 31.98 1.29
C LYS F 486 3.91 30.91 2.12
N ARG F 487 3.19 31.35 3.14
CA ARG F 487 2.43 30.47 4.03
C ARG F 487 1.00 30.99 4.17
N SER F 488 0.05 30.09 4.25
CA SER F 488 -1.34 30.44 4.51
C SER F 488 -1.60 30.34 6.00
N LEU F 489 -2.32 31.29 6.54
CA LEU F 489 -2.59 31.31 7.98
C LEU F 489 -3.85 30.54 8.33
N PHE F 490 -4.83 30.54 7.42
CA PHE F 490 -6.15 29.99 7.74
C PHE F 490 -6.52 28.74 6.92
N GLY F 491 -5.66 28.34 5.98
CA GLY F 491 -5.87 27.07 5.25
C GLY F 491 -5.82 25.80 6.11
N ASP F 492 -6.11 24.67 5.48
CA ASP F 492 -6.00 23.36 6.13
C ASP F 492 -4.54 23.15 6.48
N LEU F 493 -4.26 22.92 7.77
CA LEU F 493 -2.88 22.76 8.22
C LEU F 493 -2.13 21.68 7.46
N HIS F 494 -2.79 20.54 7.25
CA HIS F 494 -2.19 19.42 6.52
C HIS F 494 -1.90 19.77 5.07
N ALA F 495 -2.62 20.73 4.51
CA ALA F 495 -2.38 21.15 3.12
C ALA F 495 -1.28 22.17 2.98
N TYR F 496 -1.23 23.17 3.87
CA TYR F 496 -0.25 24.25 3.78
C TYR F 496 0.93 24.12 4.76
N GLY F 497 0.91 23.09 5.62
CA GLY F 497 2.01 22.81 6.52
C GLY F 497 3.36 22.60 5.87
N PRO F 498 3.42 21.81 4.80
CA PRO F 498 4.69 21.64 4.10
C PRO F 498 5.39 22.92 3.68
N ASP F 499 4.62 23.96 3.38
CA ASP F 499 5.24 25.25 3.07
C ASP F 499 6.00 25.81 4.28
N GLY F 500 5.42 25.63 5.47
CA GLY F 500 6.08 26.00 6.73
C GLY F 500 7.34 25.20 6.93
N VAL F 501 7.23 23.88 6.75
CA VAL F 501 8.37 22.99 6.88
C VAL F 501 9.49 23.39 5.95
N ARG F 502 9.18 23.78 4.73
CA ARG F 502 10.19 24.15 3.77
C ARG F 502 10.85 25.49 4.14
N PHE F 503 10.08 26.39 4.74
CA PHE F 503 10.60 27.68 5.17
C PHE F 503 11.61 27.53 6.32
N TYR F 504 11.40 26.55 7.18
CA TYR F 504 12.25 26.35 8.35
C TYR F 504 13.31 25.26 8.17
N THR F 505 13.48 24.74 6.95
CA THR F 505 14.49 23.72 6.69
C THR F 505 15.25 23.98 5.43
N LYS F 506 16.37 23.29 5.30
CA LYS F 506 17.19 23.32 4.10
C LYS F 506 17.43 21.86 3.73
N ARG F 507 17.34 21.59 2.44
CA ARG F 507 17.55 20.24 1.94
C ARG F 507 19.05 20.04 1.72
N LYS F 508 19.56 18.86 2.07
CA LYS F 508 20.92 18.54 1.80
C LYS F 508 21.08 17.18 1.18
N ALA F 509 22.00 17.09 0.22
CA ALA F 509 22.35 15.88 -0.49
C ALA F 509 23.83 15.62 -0.31
N ILE F 510 24.14 14.56 0.42
CA ILE F 510 25.51 14.22 0.75
C ILE F 510 25.97 12.99 -0.02
N THR F 511 27.18 13.08 -0.55
CA THR F 511 27.83 11.95 -1.18
C THR F 511 29.17 11.79 -0.46
N GLN F 512 29.50 10.57 -0.05
CA GLN F 512 30.61 10.33 0.86
C GLN F 512 31.45 9.11 0.48
N ARG F 513 32.76 9.26 0.60
CA ARG F 513 33.71 8.20 0.42
C ARG F 513 34.84 8.41 1.39
N TRP F 514 35.31 7.33 2.00
CA TRP F 514 36.50 7.39 2.84
C TRP F 514 37.62 6.71 2.08
N PRO F 515 38.53 7.48 1.50
CA PRO F 515 39.51 6.87 0.62
C PRO F 515 40.43 5.93 1.39
N GLN F 516 40.77 4.81 0.76
CA GLN F 516 41.39 3.69 1.44
C GLN F 516 42.89 3.83 1.62
N ARG F 517 43.40 3.08 2.57
CA ARG F 517 44.83 2.86 2.74
C ARG F 517 45.11 1.41 2.37
N LYS F 518 46.37 1.14 2.05
CA LYS F 518 46.80 -0.22 1.73
C LYS F 518 46.99 -1.09 3.00
N SER F 519 47.41 -0.46 4.10
CA SER F 519 47.69 -1.14 5.37
C SER F 519 47.28 -0.23 6.53
N HIS F 520 46.97 -0.80 7.69
CA HIS F 520 46.47 -0.02 8.84
C HIS F 520 47.28 -0.25 10.12
N GLU F 521 48.59 -0.17 9.96
CA GLU F 521 49.52 -0.21 11.09
C GLU F 521 49.43 1.07 11.89
N ALA F 522 49.77 1.00 13.18
CA ALA F 522 49.67 2.15 14.08
C ALA F 522 50.36 3.42 13.57
N ALA F 523 51.44 3.24 12.79
CA ALA F 523 52.15 4.35 12.14
C ALA F 523 51.29 5.26 11.23
N GLN F 524 50.13 4.78 10.79
CA GLN F 524 49.26 5.53 9.90
C GLN F 524 48.25 6.43 10.62
N PHE F 525 48.30 6.50 11.95
CA PHE F 525 47.35 7.30 12.73
C PHE F 525 48.13 8.27 13.65
N ALA F 526 47.43 9.10 14.43
CA ALA F 526 48.02 10.25 15.13
C ALA F 526 48.12 10.10 16.67
N PHE F 527 49.09 10.78 17.28
CA PHE F 527 49.04 10.91 18.78
C PHE F 527 48.95 12.26 19.37
#